data_8DP1
#
_entry.id   8DP1
#
_cell.length_a   1.00
_cell.length_b   1.00
_cell.length_c   1.00
_cell.angle_alpha   90.00
_cell.angle_beta   90.00
_cell.angle_gamma   90.00
#
_symmetry.space_group_name_H-M   'P 1'
#
loop_
_entity.id
_entity.type
_entity.pdbx_description
1 polymer 'DH1030.1 Fab light chain'
2 polymer 'DH1030.1 Fab Heavy chain'
3 polymer 'Envelope glycoprotein gp41'
4 polymer 'Envelope glycoprotein gp120'
5 branched alpha-D-mannopyranose-(1-2)-alpha-D-mannopyranose-(1-2)-alpha-D-mannopyranose-(1-3)-[alpha-D-mannopyranose-(1-2)-alpha-D-mannopyranose-(1-6)-[alpha-D-mannopyranose-(1-3)]alpha-D-mannopyranose-(1-6)]beta-D-mannopyranose-(1-4)-2-acetamido-2-deoxy-beta-D-glucopyranose-(1-4)-2-acetamido-2-deoxy-beta-D-glucopyranose
6 branched beta-D-mannopyranose-(1-4)-2-acetamido-2-deoxy-beta-D-glucopyranose-(1-4)-2-acetamido-2-deoxy-beta-D-glucopyranose
7 branched 2-acetamido-2-deoxy-beta-D-glucopyranose-(1-4)-2-acetamido-2-deoxy-beta-D-glucopyranose
8 branched alpha-D-mannopyranose-(1-3)-[alpha-D-mannopyranose-(1-6)]beta-D-mannopyranose-(1-4)-2-acetamido-2-deoxy-beta-D-glucopyranose-(1-4)-2-acetamido-2-deoxy-beta-D-glucopyranose
9 non-polymer 2-acetamido-2-deoxy-beta-D-glucopyranose
#
loop_
_entity_poly.entity_id
_entity_poly.type
_entity_poly.pdbx_seq_one_letter_code
_entity_poly.pdbx_strand_id
1 'polypeptide(L)'
;YVVMTQSPLSLPITPGQPASISCRSSQRLLHSDGNTYLAWYQQRPGQPPRRLIYEVSKLDSGVPDRFSGSGAGTDFTLKI
SRVEAEDVGVYYCGQNTYLPYSFGQGSKVEIKRAVAAPSVFIFPPSEDQVKSGTVSVVCLLNNFYPREASVKWKVDGVLK
TGNSQESVTEQDSKDNTYSLSSTLTLSNTDYQSHNVYACEVTHQGLSSPVTKSFNRGEC
;
M,F,O
2 'polypeptide(L)'
;EVQLAESGGGLTKPGGSLRLSCAASGFTFSDFYMDWVRQTPGKGLEWVSRINNDGRNKWYADSVRGRFTVSRENAKNTLY
LQMDSLRAEDTAVYYCARDRPVYRYWSGGYHLDPWGQGVVVTVSSASTKGPSVFPLAPSSRSTSESTAALGCLVKDYFPE
PVTVSWNSGSLTSGVHTFPAVLQSSGLYSLSSVVTVPSSSLGTQTYVCNVNHKPSNTKVDKRVEIKTCGG
;
R,E,N
3 'polypeptide(L)'
;AVGIGAVFLGFLGAAGSTMGAASMTLTVQARNLLSGIVQQQSNLLRAPEAQQHLLKLTVWGIKQLQARVLAVERYLRDQQ
LLGIWGCSGKLICCTNVPWNSSWSNRNLSEIWDNMTWLQWDKEISNYTQIIYGLLEESQNQQEKNEQDLLALD
;
S,H,Q
4 'polypeptide(L)'
;AENLWVTVYYGVPVWKDAETTLFCASDAKAYETEKHNVWATHACVPTDPNPQEIHLENVTEEFNMWKNNMVEQMHTDIIS
LWDQSLKPCVKLTPLCVTLQCTNVTNAITDDMRGELKNCSFNMTTELRDKKQKVYSLFYRLDVVQINENQGNRSNNSNKE
YRLINCNTSAITQACPKVSFEPIPIHYCAPAGFAILKCKDKKFNGTGPCPSVSTVQCTHGIKPVVSTQLLLNGSLAEEEV
MIRSENITNNAKNILVQFNTPVQINCTRPNNNTRKSIRIGPGQAFYATGDIIGDIRQAHCNVSKATWNETLGKVVKQLRK
HFGNNTIIRFANSSGGDLEVTTHSFNCGGEFFYCNTSGLFNSTWISNTSVQGSNSTGSNDSITLPCRIKQIINMWQRIGQ
AMYAPPIQGVIRCVSNITGLILTRDGGSTNSTTETFRPGGGDMRDNWRSELYKYKVVKIEPLGVAPTRCKRRVVGRRRRR
R
;
W,B,J
#
loop_
_chem_comp.id
_chem_comp.type
_chem_comp.name
_chem_comp.formula
BMA D-saccharide, beta linking beta-D-mannopyranose 'C6 H12 O6'
MAN D-saccharide, alpha linking alpha-D-mannopyranose 'C6 H12 O6'
NAG D-saccharide, beta linking 2-acetamido-2-deoxy-beta-D-glucopyranose 'C8 H15 N O6'
#
# COMPACT_ATOMS: atom_id res chain seq x y z
N TYR A 1 -4.66 12.16 -55.37
CA TYR A 1 -3.79 11.63 -56.44
C TYR A 1 -3.00 12.76 -57.09
N VAL A 2 -1.78 12.52 -57.58
CA VAL A 2 -0.99 13.51 -58.34
C VAL A 2 -0.84 13.08 -59.79
N VAL A 3 -1.37 13.89 -60.70
CA VAL A 3 -1.32 13.65 -62.15
C VAL A 3 0.05 14.01 -62.70
N MET A 4 0.55 13.25 -63.67
CA MET A 4 1.79 13.51 -64.41
C MET A 4 1.46 13.55 -65.90
N THR A 5 2.04 14.44 -66.70
CA THR A 5 1.88 14.42 -68.17
C THR A 5 3.10 14.96 -68.91
N GLN A 6 3.41 14.38 -70.07
CA GLN A 6 4.49 14.80 -70.96
C GLN A 6 3.95 15.49 -72.21
N SER A 7 4.55 16.61 -72.62
CA SER A 7 3.94 17.46 -73.66
C SER A 7 4.05 16.89 -75.09
N PRO A 8 5.24 16.49 -75.61
CA PRO A 8 5.32 15.80 -76.89
C PRO A 8 4.94 14.33 -76.73
N LEU A 9 3.96 13.86 -77.50
CA LEU A 9 3.50 12.47 -77.48
C LEU A 9 4.33 11.55 -78.38
N SER A 10 4.77 12.05 -79.53
CA SER A 10 5.67 11.33 -80.41
C SER A 10 6.69 12.26 -81.05
N LEU A 11 7.92 11.77 -81.18
CA LEU A 11 9.06 12.51 -81.70
C LEU A 11 9.73 11.70 -82.81
N PRO A 12 9.39 11.94 -84.09
CA PRO A 12 10.20 11.47 -85.19
C PRO A 12 11.51 12.27 -85.19
N ILE A 13 12.63 11.62 -84.89
CA ILE A 13 13.93 12.29 -84.74
C ILE A 13 14.94 11.63 -85.67
N THR A 14 15.80 12.40 -86.32
CA THR A 14 16.87 11.84 -87.16
C THR A 14 18.03 11.36 -86.28
N PRO A 15 18.66 10.20 -86.54
CA PRO A 15 19.84 9.76 -85.81
C PRO A 15 20.93 10.84 -85.76
N GLY A 16 21.48 11.08 -84.57
CA GLY A 16 22.44 12.18 -84.32
C GLY A 16 21.81 13.49 -83.82
N GLN A 17 20.51 13.71 -83.97
CA GLN A 17 19.88 14.97 -83.54
C GLN A 17 19.47 15.00 -82.05
N PRO A 18 19.46 16.17 -81.39
CA PRO A 18 18.95 16.31 -80.04
C PRO A 18 17.43 16.12 -79.98
N ALA A 19 16.94 15.67 -78.83
CA ALA A 19 15.52 15.62 -78.51
C ALA A 19 15.28 15.97 -77.04
N SER A 20 14.13 16.57 -76.72
CA SER A 20 13.77 16.95 -75.36
C SER A 20 12.30 16.72 -75.06
N ILE A 21 11.99 16.37 -73.82
CA ILE A 21 10.67 15.91 -73.40
C ILE A 21 10.33 16.62 -72.09
N SER A 22 9.44 17.60 -72.14
CA SER A 22 8.88 18.21 -70.94
C SER A 22 7.89 17.27 -70.25
N CYS A 23 7.89 17.29 -68.92
CA CYS A 23 6.99 16.60 -68.02
C CYS A 23 6.49 17.59 -66.96
N ARG A 24 5.19 17.54 -66.65
CA ARG A 24 4.57 18.41 -65.64
C ARG A 24 3.64 17.66 -64.71
N SER A 25 3.62 18.05 -63.45
CA SER A 25 2.78 17.44 -62.41
C SER A 25 1.61 18.34 -62.02
N SER A 26 0.58 17.78 -61.38
CA SER A 26 -0.50 18.57 -60.75
C SER A 26 -0.06 19.28 -59.46
N GLN A 27 1.01 18.84 -58.82
CA GLN A 27 1.47 19.33 -57.52
C GLN A 27 2.99 19.24 -57.41
N ARG A 28 3.63 20.07 -56.57
CA ARG A 28 5.09 20.07 -56.36
C ARG A 28 5.60 18.72 -55.85
N LEU A 29 6.66 18.21 -56.47
CA LEU A 29 7.23 16.90 -56.14
C LEU A 29 8.37 16.97 -55.12
N LEU A 30 8.73 18.15 -54.60
CA LEU A 30 9.71 18.27 -53.53
C LEU A 30 9.12 17.73 -52.21
N HIS A 31 9.75 16.70 -51.65
CA HIS A 31 9.32 15.97 -50.47
C HIS A 31 9.82 16.59 -49.17
N SER A 32 9.24 16.17 -48.05
CA SER A 32 9.53 16.64 -46.70
C SER A 32 10.95 16.31 -46.17
N ASP A 33 11.75 15.53 -46.90
CA ASP A 33 13.18 15.33 -46.59
C ASP A 33 14.10 16.27 -47.39
N GLY A 34 13.55 17.08 -48.29
CA GLY A 34 14.26 18.06 -49.11
C GLY A 34 14.69 17.57 -50.50
N ASN A 35 14.46 16.31 -50.86
CA ASN A 35 14.67 15.81 -52.23
C ASN A 35 13.42 16.00 -53.10
N THR A 36 13.58 15.91 -54.42
CA THR A 36 12.44 15.83 -55.34
C THR A 36 12.43 14.50 -56.07
N TYR A 37 11.62 13.53 -55.65
CA TYR A 37 11.64 12.18 -56.20
C TYR A 37 10.86 12.06 -57.51
N LEU A 38 11.24 12.83 -58.52
CA LEU A 38 10.94 12.53 -59.91
C LEU A 38 11.98 11.56 -60.48
N ALA A 39 11.59 10.74 -61.45
CA ALA A 39 12.49 9.88 -62.21
C ALA A 39 12.02 9.74 -63.66
N TRP A 40 12.91 9.31 -64.55
CA TRP A 40 12.59 8.98 -65.94
C TRP A 40 12.94 7.53 -66.24
N TYR A 41 12.06 6.80 -66.90
CA TYR A 41 12.28 5.44 -67.39
C TYR A 41 12.16 5.39 -68.90
N GLN A 42 12.85 4.47 -69.56
CA GLN A 42 12.56 4.13 -70.95
C GLN A 42 12.23 2.65 -71.12
N GLN A 43 11.42 2.36 -72.12
CA GLN A 43 10.96 1.04 -72.47
C GLN A 43 11.15 0.84 -73.96
N ARG A 44 12.23 0.17 -74.33
CA ARG A 44 12.41 -0.29 -75.72
C ARG A 44 11.33 -1.35 -76.05
N PRO A 45 11.04 -1.61 -77.32
CA PRO A 45 9.99 -2.56 -77.70
C PRO A 45 10.25 -3.95 -77.12
N GLY A 46 9.25 -4.56 -76.48
CA GLY A 46 9.33 -5.93 -75.96
C GLY A 46 10.21 -6.11 -74.72
N GLN A 47 10.34 -5.08 -73.87
CA GLN A 47 11.23 -5.06 -72.71
C GLN A 47 10.57 -4.38 -71.50
N PRO A 48 10.99 -4.67 -70.25
CA PRO A 48 10.46 -3.99 -69.07
C PRO A 48 10.93 -2.53 -69.03
N PRO A 49 10.25 -1.63 -68.31
CA PRO A 49 10.74 -0.28 -68.09
C PRO A 49 12.09 -0.28 -67.35
N ARG A 50 13.06 0.47 -67.89
CA ARG A 50 14.43 0.64 -67.39
C ARG A 50 14.57 2.05 -66.84
N ARG A 51 14.94 2.26 -65.58
CA ARG A 51 15.15 3.64 -65.06
C ARG A 51 16.44 4.23 -65.64
N LEU A 52 16.41 5.52 -65.99
CA LEU A 52 17.57 6.27 -66.47
C LEU A 52 18.01 7.37 -65.50
N ILE A 53 17.06 8.18 -65.01
CA ILE A 53 17.32 9.40 -64.26
C ILE A 53 16.48 9.38 -62.99
N TYR A 54 17.01 9.87 -61.87
CA TYR A 54 16.28 9.90 -60.60
C TYR A 54 16.65 11.09 -59.73
N GLU A 55 15.78 11.41 -58.77
CA GLU A 55 15.91 12.62 -57.95
C GLU A 55 16.12 13.85 -58.84
N VAL A 56 15.32 13.96 -59.91
CA VAL A 56 15.40 14.94 -61.01
C VAL A 56 16.61 14.84 -61.93
N SER A 57 17.83 14.63 -61.42
CA SER A 57 19.04 14.84 -62.23
C SER A 57 20.16 13.79 -62.10
N LYS A 58 20.12 12.88 -61.12
CA LYS A 58 21.15 11.84 -60.97
C LYS A 58 20.99 10.76 -62.04
N LEU A 59 22.08 10.18 -62.53
CA LEU A 59 22.04 9.08 -63.51
C LEU A 59 22.07 7.70 -62.84
N ASP A 60 21.30 6.76 -63.36
CA ASP A 60 21.50 5.36 -63.06
C ASP A 60 22.82 4.83 -63.62
N SER A 61 23.32 3.76 -62.99
CA SER A 61 24.58 3.11 -63.32
C SER A 61 24.59 2.60 -64.76
N GLY A 62 25.65 2.89 -65.50
CA GLY A 62 25.81 2.47 -66.90
C GLY A 62 24.92 3.20 -67.92
N VAL A 63 24.16 4.21 -67.51
CA VAL A 63 23.39 5.07 -68.44
C VAL A 63 24.35 5.90 -69.30
N PRO A 64 24.19 5.94 -70.63
CA PRO A 64 25.00 6.78 -71.51
C PRO A 64 24.93 8.26 -71.17
N ASP A 65 26.07 8.95 -71.16
CA ASP A 65 26.16 10.33 -70.67
C ASP A 65 25.43 11.35 -71.58
N ARG A 66 25.03 10.96 -72.80
CA ARG A 66 24.19 11.77 -73.68
C ARG A 66 22.79 12.06 -73.10
N PHE A 67 22.33 11.26 -72.15
CA PHE A 67 21.12 11.56 -71.36
C PHE A 67 21.40 12.65 -70.33
N SER A 68 20.40 13.48 -70.07
CA SER A 68 20.46 14.54 -69.06
C SER A 68 19.05 14.83 -68.55
N GLY A 69 18.95 15.37 -67.34
CA GLY A 69 17.66 15.68 -66.72
C GLY A 69 17.72 16.87 -65.78
N SER A 70 16.64 17.65 -65.77
CA SER A 70 16.57 18.96 -65.13
C SER A 70 15.12 19.37 -64.89
N GLY A 71 14.90 20.38 -64.05
CA GLY A 71 13.56 20.88 -63.70
C GLY A 71 13.46 21.38 -62.27
N ALA A 72 12.31 21.96 -61.93
CA ALA A 72 11.99 22.34 -60.55
C ALA A 72 10.48 22.49 -60.32
N GLY A 73 10.07 22.36 -59.05
CA GLY A 73 8.71 22.59 -58.58
C GLY A 73 7.73 21.56 -59.15
N THR A 74 7.08 21.91 -60.26
CA THR A 74 6.19 21.03 -61.03
C THR A 74 6.67 20.73 -62.44
N ASP A 75 7.69 21.44 -62.96
CA ASP A 75 8.04 21.41 -64.39
C ASP A 75 9.46 20.87 -64.63
N PHE A 76 9.57 19.86 -65.49
CA PHE A 76 10.78 19.04 -65.64
C PHE A 76 11.05 18.67 -67.10
N THR A 77 12.29 18.41 -67.46
CA THR A 77 12.68 17.98 -68.81
C THR A 77 13.72 16.87 -68.77
N LEU A 78 13.49 15.81 -69.54
CA LEU A 78 14.58 15.00 -70.10
C LEU A 78 15.18 15.77 -71.28
N LYS A 79 16.47 15.60 -71.55
CA LYS A 79 17.05 15.91 -72.86
C LYS A 79 18.12 14.90 -73.24
N ILE A 80 18.12 14.50 -74.50
CA ILE A 80 19.16 13.69 -75.12
C ILE A 80 19.89 14.57 -76.12
N SER A 81 21.22 14.71 -76.00
CA SER A 81 22.00 15.64 -76.84
C SER A 81 22.14 15.16 -78.28
N ARG A 82 22.11 13.84 -78.52
CA ARG A 82 21.99 13.18 -79.83
C ARG A 82 21.25 11.85 -79.69
N VAL A 83 20.24 11.51 -80.49
CA VAL A 83 19.65 10.16 -80.39
C VAL A 83 20.45 9.12 -81.15
N GLU A 84 20.61 7.95 -80.54
CA GLU A 84 21.12 6.71 -81.15
C GLU A 84 19.99 5.72 -81.48
N ALA A 85 20.30 4.66 -82.22
CA ALA A 85 19.33 3.58 -82.49
C ALA A 85 18.81 2.92 -81.20
N GLU A 86 19.66 2.76 -80.18
CA GLU A 86 19.26 2.26 -78.86
C GLU A 86 18.43 3.24 -78.01
N ASP A 87 18.13 4.43 -78.54
CA ASP A 87 17.22 5.41 -77.91
C ASP A 87 15.79 5.33 -78.44
N VAL A 88 15.55 4.51 -79.49
CA VAL A 88 14.22 4.21 -80.03
C VAL A 88 13.40 3.37 -79.05
N GLY A 89 12.26 3.90 -78.59
CA GLY A 89 11.44 3.29 -77.54
C GLY A 89 10.40 4.27 -76.97
N VAL A 90 9.82 3.97 -75.81
CA VAL A 90 8.85 4.84 -75.11
C VAL A 90 9.41 5.34 -73.79
N TYR A 91 9.33 6.64 -73.52
CA TYR A 91 9.87 7.28 -72.31
C TYR A 91 8.76 7.73 -71.37
N TYR A 92 8.81 7.39 -70.08
CA TYR A 92 7.85 7.84 -69.07
C TYR A 92 8.56 8.61 -67.97
N CYS A 93 8.09 9.81 -67.63
CA CYS A 93 8.42 10.40 -66.33
C CYS A 93 7.53 9.77 -65.25
N GLY A 94 7.98 9.73 -64.01
CA GLY A 94 7.16 9.32 -62.88
C GLY A 94 7.64 9.92 -61.58
N GLN A 95 6.81 9.84 -60.54
CA GLN A 95 7.09 10.42 -59.24
C GLN A 95 6.90 9.39 -58.13
N ASN A 96 7.76 9.46 -57.11
CA ASN A 96 7.71 8.58 -55.94
C ASN A 96 7.47 9.34 -54.63
N THR A 97 7.34 10.67 -54.69
CA THR A 97 7.15 11.52 -53.51
C THR A 97 5.83 11.26 -52.78
N TYR A 98 4.73 11.08 -53.51
CA TYR A 98 3.40 10.91 -52.93
C TYR A 98 2.72 9.63 -53.40
N LEU A 99 2.14 8.86 -52.47
CA LEU A 99 1.35 7.68 -52.80
C LEU A 99 -0.04 8.07 -53.35
N PRO A 100 -0.59 7.32 -54.31
CA PRO A 100 0.11 6.31 -55.09
C PRO A 100 1.16 6.93 -56.01
N TYR A 101 2.29 6.24 -56.21
CA TYR A 101 3.24 6.61 -57.24
C TYR A 101 2.53 6.68 -58.59
N SER A 102 2.94 7.60 -59.44
CA SER A 102 2.23 7.89 -60.69
C SER A 102 3.18 8.21 -61.82
N PHE A 103 2.75 7.94 -63.04
CA PHE A 103 3.55 8.01 -64.25
C PHE A 103 2.87 8.89 -65.29
N GLY A 104 3.65 9.57 -66.12
CA GLY A 104 3.16 10.21 -67.34
C GLY A 104 2.57 9.18 -68.30
N GLN A 105 1.85 9.68 -69.30
CA GLN A 105 1.31 8.85 -70.39
C GLN A 105 2.42 8.37 -71.34
N GLY A 106 3.58 9.02 -71.30
CA GLY A 106 4.79 8.63 -71.99
C GLY A 106 4.88 9.15 -73.42
N SER A 107 6.10 9.22 -73.94
CA SER A 107 6.42 9.78 -75.25
C SER A 107 7.14 8.75 -76.11
N LYS A 108 6.76 8.61 -77.38
CA LYS A 108 7.40 7.69 -78.34
C LYS A 108 8.60 8.37 -79.02
N VAL A 109 9.67 7.61 -79.24
CA VAL A 109 10.78 7.99 -80.14
C VAL A 109 10.79 7.06 -81.34
N GLU A 110 10.92 7.62 -82.54
CA GLU A 110 10.96 6.87 -83.80
C GLU A 110 11.97 7.50 -84.76
N ILE A 111 12.48 6.70 -85.69
CA ILE A 111 13.52 7.13 -86.63
C ILE A 111 12.85 7.94 -87.74
N LYS A 112 13.08 9.26 -87.77
CA LYS A 112 12.56 10.08 -88.88
C LYS A 112 13.23 9.68 -90.19
N ARG A 113 12.41 9.40 -91.21
CA ARG A 113 12.83 8.93 -92.53
C ARG A 113 11.90 9.48 -93.62
N ALA A 114 12.29 9.32 -94.88
CA ALA A 114 11.55 9.86 -96.03
C ALA A 114 10.08 9.42 -96.04
N VAL A 115 9.18 10.40 -96.20
CA VAL A 115 7.74 10.18 -96.43
C VAL A 115 7.58 9.29 -97.67
N ALA A 116 6.85 8.19 -97.52
CA ALA A 116 6.69 7.17 -98.55
C ALA A 116 5.24 6.69 -98.60
N ALA A 117 4.71 6.52 -99.80
CA ALA A 117 3.33 6.06 -100.02
C ALA A 117 3.15 4.56 -99.75
N PRO A 118 1.99 4.12 -99.23
CA PRO A 118 1.65 2.71 -99.15
C PRO A 118 1.42 2.12 -100.53
N SER A 119 2.12 1.02 -100.83
CA SER A 119 1.65 0.08 -101.84
C SER A 119 0.38 -0.60 -101.31
N VAL A 120 -0.72 -0.49 -102.05
CA VAL A 120 -2.08 -0.84 -101.59
C VAL A 120 -2.53 -2.16 -102.18
N PHE A 121 -3.09 -3.02 -101.34
CA PHE A 121 -3.61 -4.34 -101.73
C PHE A 121 -4.95 -4.64 -101.04
N ILE A 122 -5.72 -5.55 -101.63
CA ILE A 122 -7.06 -5.95 -101.17
C ILE A 122 -7.28 -7.43 -101.48
N PHE A 123 -8.10 -8.10 -100.66
CA PHE A 123 -8.17 -9.56 -100.66
C PHE A 123 -9.62 -10.07 -100.72
N PRO A 124 -10.07 -10.74 -101.80
CA PRO A 124 -11.37 -11.41 -101.82
C PRO A 124 -11.50 -12.43 -100.67
N PRO A 125 -12.61 -12.40 -99.91
CA PRO A 125 -12.88 -13.35 -98.83
C PRO A 125 -12.90 -14.81 -99.30
N SER A 126 -12.42 -15.72 -98.45
CA SER A 126 -12.36 -17.16 -98.75
C SER A 126 -13.73 -17.84 -98.77
N GLU A 127 -13.77 -19.05 -99.33
CA GLU A 127 -14.91 -19.94 -99.43
C GLU A 127 -15.59 -20.25 -98.08
N ASP A 128 -14.86 -20.20 -96.96
CA ASP A 128 -15.41 -20.30 -95.62
C ASP A 128 -15.79 -18.93 -95.02
N GLN A 129 -15.09 -17.83 -95.33
CA GLN A 129 -15.59 -16.49 -95.00
C GLN A 129 -16.95 -16.25 -95.65
N VAL A 130 -17.10 -16.57 -96.94
CA VAL A 130 -18.32 -16.35 -97.74
C VAL A 130 -19.60 -16.89 -97.07
N LYS A 131 -19.49 -17.95 -96.25
CA LYS A 131 -20.57 -18.54 -95.45
C LYS A 131 -20.49 -18.30 -93.93
N SER A 132 -19.42 -17.70 -93.43
CA SER A 132 -19.27 -17.34 -92.00
C SER A 132 -20.23 -16.21 -91.63
N GLY A 133 -20.79 -16.21 -90.42
CA GLY A 133 -21.83 -15.26 -90.01
C GLY A 133 -21.43 -13.77 -90.11
N THR A 134 -20.12 -13.50 -90.11
CA THR A 134 -19.54 -12.22 -90.56
C THR A 134 -18.40 -12.44 -91.56
N VAL A 135 -18.24 -11.47 -92.48
CA VAL A 135 -17.22 -11.46 -93.53
C VAL A 135 -16.30 -10.27 -93.33
N SER A 136 -15.08 -10.56 -92.89
CA SER A 136 -13.97 -9.63 -92.82
C SER A 136 -13.35 -9.46 -94.21
N VAL A 137 -13.75 -8.41 -94.92
CA VAL A 137 -13.07 -7.90 -96.11
C VAL A 137 -11.80 -7.16 -95.69
N VAL A 138 -10.64 -7.45 -96.29
CA VAL A 138 -9.36 -6.92 -95.80
C VAL A 138 -8.56 -6.16 -96.88
N CYS A 139 -7.92 -5.08 -96.43
CA CYS A 139 -7.06 -4.19 -97.19
C CYS A 139 -5.70 -4.06 -96.48
N LEU A 140 -4.63 -3.84 -97.24
CA LEU A 140 -3.25 -3.73 -96.76
C LEU A 140 -2.57 -2.49 -97.33
N LEU A 141 -1.89 -1.76 -96.46
CA LEU A 141 -0.92 -0.73 -96.78
C LEU A 141 0.47 -1.27 -96.45
N ASN A 142 1.36 -1.34 -97.43
CA ASN A 142 2.66 -1.95 -97.27
C ASN A 142 3.80 -0.92 -97.36
N ASN A 143 4.70 -0.93 -96.37
CA ASN A 143 5.97 -0.17 -96.30
C ASN A 143 5.86 1.32 -96.67
N PHE A 144 5.15 2.09 -95.85
CA PHE A 144 4.94 3.53 -96.02
C PHE A 144 5.52 4.35 -94.85
N TYR A 145 5.49 5.67 -94.93
CA TYR A 145 5.82 6.58 -93.82
C TYR A 145 5.12 7.93 -94.01
N PRO A 146 4.80 8.71 -92.97
CA PRO A 146 4.82 8.38 -91.53
C PRO A 146 3.71 7.38 -91.17
N ARG A 147 3.48 7.14 -89.88
CA ARG A 147 2.53 6.13 -89.35
C ARG A 147 1.07 6.43 -89.73
N GLU A 148 0.74 7.71 -89.90
CA GLU A 148 -0.62 8.24 -90.05
C GLU A 148 -1.31 7.80 -91.33
N ALA A 149 -2.24 6.85 -91.20
CA ALA A 149 -3.08 6.32 -92.26
C ALA A 149 -4.37 5.65 -91.73
N SER A 150 -5.38 5.48 -92.59
CA SER A 150 -6.59 4.68 -92.37
C SER A 150 -7.29 4.39 -93.72
N VAL A 151 -8.21 3.42 -93.76
CA VAL A 151 -8.85 2.99 -95.03
C VAL A 151 -10.36 3.25 -95.04
N LYS A 152 -10.83 3.94 -96.07
CA LYS A 152 -12.26 4.05 -96.40
C LYS A 152 -12.71 2.81 -97.15
N TRP A 153 -13.98 2.46 -97.01
CA TRP A 153 -14.52 1.22 -97.53
C TRP A 153 -15.75 1.46 -98.38
N LYS A 154 -15.78 0.80 -99.53
CA LYS A 154 -16.79 0.94 -100.58
C LYS A 154 -17.07 -0.42 -101.23
N VAL A 155 -18.25 -0.59 -101.80
CA VAL A 155 -18.61 -1.77 -102.60
C VAL A 155 -19.73 -1.41 -103.56
N ASP A 156 -19.62 -1.78 -104.84
CA ASP A 156 -20.59 -1.39 -105.87
C ASP A 156 -20.88 0.14 -105.90
N GLY A 157 -19.86 0.95 -105.58
CA GLY A 157 -19.98 2.40 -105.38
C GLY A 157 -20.54 2.85 -104.02
N VAL A 158 -21.26 1.99 -103.30
CA VAL A 158 -21.84 2.27 -101.98
C VAL A 158 -20.74 2.44 -100.93
N LEU A 159 -20.68 3.61 -100.30
CA LEU A 159 -19.84 3.86 -99.12
C LEU A 159 -20.31 2.98 -97.95
N LYS A 160 -19.40 2.12 -97.46
CA LYS A 160 -19.66 1.00 -96.55
C LYS A 160 -18.97 1.17 -95.18
N THR A 161 -18.53 2.39 -94.85
CA THR A 161 -17.86 2.73 -93.59
C THR A 161 -18.75 2.50 -92.34
N GLY A 162 -18.12 2.40 -91.16
CA GLY A 162 -18.77 2.09 -89.88
C GLY A 162 -18.65 0.63 -89.41
N ASN A 163 -18.06 -0.26 -90.21
CA ASN A 163 -17.86 -1.69 -89.90
C ASN A 163 -16.37 -2.13 -89.86
N SER A 164 -15.41 -1.20 -89.81
CA SER A 164 -14.00 -1.49 -90.11
C SER A 164 -13.05 -1.40 -88.91
N GLN A 165 -12.35 -2.50 -88.64
CA GLN A 165 -11.30 -2.68 -87.62
C GLN A 165 -9.90 -2.54 -88.25
N GLU A 166 -8.92 -1.96 -87.54
CA GLU A 166 -7.58 -1.71 -88.11
C GLU A 166 -6.46 -2.12 -87.15
N SER A 167 -5.31 -2.53 -87.69
CA SER A 167 -4.13 -2.93 -86.91
C SER A 167 -2.83 -2.62 -87.68
N VAL A 168 -1.75 -2.32 -86.97
CA VAL A 168 -0.57 -1.62 -87.52
C VAL A 168 0.72 -2.23 -86.99
N THR A 169 1.77 -2.32 -87.82
CA THR A 169 3.12 -2.67 -87.35
C THR A 169 3.69 -1.52 -86.53
N GLU A 170 4.69 -1.81 -85.69
CA GLU A 170 5.63 -0.75 -85.31
C GLU A 170 6.54 -0.38 -86.48
N GLN A 171 7.42 0.59 -86.29
CA GLN A 171 8.35 1.02 -87.33
C GLN A 171 9.28 -0.13 -87.72
N ASP A 172 9.44 -0.38 -89.01
CA ASP A 172 10.30 -1.43 -89.56
C ASP A 172 11.76 -1.25 -89.12
N SER A 173 12.40 -2.30 -88.63
CA SER A 173 13.77 -2.18 -88.09
C SER A 173 14.86 -2.01 -89.16
N LYS A 174 14.56 -2.23 -90.45
CA LYS A 174 15.55 -2.33 -91.55
C LYS A 174 15.44 -1.18 -92.55
N ASP A 175 14.24 -0.73 -92.89
CA ASP A 175 13.99 0.43 -93.77
C ASP A 175 13.18 1.56 -93.10
N ASN A 176 12.69 1.32 -91.89
CA ASN A 176 11.99 2.29 -91.05
C ASN A 176 10.64 2.79 -91.58
N THR A 177 10.00 2.04 -92.47
CA THR A 177 8.60 2.23 -92.86
C THR A 177 7.59 1.59 -91.88
N TYR A 178 6.30 1.68 -92.18
CA TYR A 178 5.18 1.04 -91.49
C TYR A 178 4.38 0.19 -92.48
N SER A 179 3.68 -0.82 -91.95
CA SER A 179 2.57 -1.46 -92.65
C SER A 179 1.31 -1.43 -91.78
N LEU A 180 0.14 -1.41 -92.42
CA LEU A 180 -1.17 -1.28 -91.78
C LEU A 180 -2.15 -2.21 -92.48
N SER A 181 -3.10 -2.78 -91.75
CA SER A 181 -4.25 -3.46 -92.32
C SER A 181 -5.55 -2.81 -91.85
N SER A 182 -6.55 -2.87 -92.73
CA SER A 182 -7.93 -2.51 -92.42
C SER A 182 -8.85 -3.66 -92.77
N THR A 183 -9.86 -3.88 -91.94
CA THR A 183 -10.64 -5.11 -91.87
C THR A 183 -12.11 -4.72 -91.73
N LEU A 184 -12.79 -4.52 -92.85
CA LEU A 184 -14.23 -4.27 -92.90
C LEU A 184 -14.97 -5.58 -92.62
N THR A 185 -15.41 -5.78 -91.39
CA THR A 185 -16.16 -6.98 -91.00
C THR A 185 -17.66 -6.69 -91.03
N LEU A 186 -18.31 -7.09 -92.12
CA LEU A 186 -19.77 -7.02 -92.30
C LEU A 186 -20.46 -8.29 -91.77
N SER A 187 -21.76 -8.23 -91.48
CA SER A 187 -22.58 -9.44 -91.35
C SER A 187 -22.72 -10.17 -92.70
N ASN A 188 -22.96 -11.48 -92.68
CA ASN A 188 -22.95 -12.29 -93.90
C ASN A 188 -23.92 -11.73 -94.95
N THR A 189 -25.17 -11.45 -94.57
CA THR A 189 -26.17 -10.90 -95.48
C THR A 189 -25.77 -9.51 -96.01
N ASP A 190 -25.22 -8.64 -95.16
CA ASP A 190 -24.79 -7.30 -95.59
C ASP A 190 -23.55 -7.30 -96.49
N TYR A 191 -22.68 -8.31 -96.36
CA TYR A 191 -21.63 -8.59 -97.34
C TYR A 191 -22.22 -9.15 -98.65
N GLN A 192 -23.06 -10.17 -98.55
CA GLN A 192 -23.66 -10.89 -99.67
C GLN A 192 -24.45 -9.97 -100.60
N SER A 193 -25.06 -8.94 -100.02
CA SER A 193 -25.79 -7.86 -100.70
C SER A 193 -25.00 -7.15 -101.82
N HIS A 194 -23.66 -7.14 -101.79
CA HIS A 194 -22.86 -6.34 -102.72
C HIS A 194 -21.59 -7.07 -103.23
N ASN A 195 -21.05 -6.63 -104.37
CA ASN A 195 -20.29 -7.50 -105.29
C ASN A 195 -18.81 -7.10 -105.47
N VAL A 196 -18.56 -5.87 -105.91
CA VAL A 196 -17.22 -5.34 -106.25
C VAL A 196 -16.72 -4.47 -105.10
N TYR A 197 -15.98 -5.06 -104.17
CA TYR A 197 -15.42 -4.33 -103.04
C TYR A 197 -14.25 -3.46 -103.49
N ALA A 198 -14.11 -2.29 -102.87
CA ALA A 198 -13.00 -1.38 -103.09
C ALA A 198 -12.56 -0.74 -101.77
N CYS A 199 -11.27 -0.83 -101.46
CA CYS A 199 -10.66 -0.25 -100.28
C CYS A 199 -9.86 0.98 -100.69
N GLU A 200 -10.16 2.11 -100.06
CA GLU A 200 -9.78 3.45 -100.50
C GLU A 200 -8.89 4.11 -99.45
N VAL A 201 -7.58 4.01 -99.66
CA VAL A 201 -6.58 4.34 -98.66
C VAL A 201 -6.42 5.85 -98.48
N THR A 202 -6.47 6.31 -97.23
CA THR A 202 -6.03 7.65 -96.82
C THR A 202 -4.74 7.53 -96.02
N HIS A 203 -3.70 8.29 -96.39
CA HIS A 203 -2.39 8.31 -95.71
C HIS A 203 -1.76 9.69 -95.84
N GLN A 204 -0.95 10.08 -94.85
CA GLN A 204 -0.40 11.44 -94.77
C GLN A 204 0.52 11.83 -95.94
N GLY A 205 1.18 10.86 -96.57
CA GLY A 205 2.10 11.06 -97.71
C GLY A 205 1.51 10.78 -99.09
N LEU A 206 0.27 10.28 -99.21
CA LEU A 206 -0.40 10.09 -100.50
C LEU A 206 -0.79 11.44 -101.13
N SER A 207 -0.60 11.57 -102.45
CA SER A 207 -0.99 12.77 -103.22
C SER A 207 -2.49 12.84 -103.53
N SER A 208 -3.19 11.70 -103.52
CA SER A 208 -4.64 11.52 -103.47
C SER A 208 -4.92 10.15 -102.86
N PRO A 209 -6.04 9.91 -102.18
CA PRO A 209 -6.34 8.59 -101.65
C PRO A 209 -6.46 7.54 -102.77
N VAL A 210 -5.88 6.36 -102.56
CA VAL A 210 -5.67 5.34 -103.60
C VAL A 210 -6.62 4.17 -103.38
N THR A 211 -7.39 3.82 -104.41
CA THR A 211 -8.47 2.82 -104.30
C THR A 211 -8.14 1.56 -105.08
N LYS A 212 -8.15 0.40 -104.40
CA LYS A 212 -7.91 -0.92 -105.00
C LYS A 212 -9.11 -1.83 -104.78
N SER A 213 -9.39 -2.75 -105.71
CA SER A 213 -10.68 -3.45 -105.79
C SER A 213 -10.55 -4.97 -106.00
N PHE A 214 -11.65 -5.68 -105.79
CA PHE A 214 -11.86 -7.04 -106.33
C PHE A 214 -13.33 -7.25 -106.72
N ASN A 215 -13.55 -8.16 -107.67
CA ASN A 215 -14.89 -8.56 -108.14
C ASN A 215 -15.23 -9.95 -107.58
N ARG A 216 -16.38 -10.11 -106.92
CA ARG A 216 -16.86 -11.44 -106.51
C ARG A 216 -17.18 -12.34 -107.71
N GLY A 217 -16.81 -13.61 -107.60
CA GLY A 217 -17.05 -14.66 -108.61
C GLY A 217 -16.28 -15.96 -108.35
N GLU B 1 25.79 -8.94 -60.03
CA GLU B 1 24.97 -7.73 -60.26
C GLU B 1 23.51 -8.02 -59.90
N VAL B 2 22.78 -7.03 -59.36
CA VAL B 2 21.38 -7.17 -58.88
C VAL B 2 20.43 -7.64 -60.00
N GLN B 3 19.54 -8.58 -59.67
CA GLN B 3 18.51 -9.09 -60.57
C GLN B 3 17.24 -9.48 -59.80
N LEU B 4 16.07 -9.28 -60.39
CA LEU B 4 14.78 -9.79 -59.94
C LEU B 4 14.17 -10.68 -61.03
N ALA B 5 13.44 -11.74 -60.66
CA ALA B 5 12.71 -12.58 -61.61
C ALA B 5 11.35 -13.00 -61.05
N GLU B 6 10.34 -13.16 -61.91
CA GLU B 6 8.96 -13.44 -61.50
C GLU B 6 8.38 -14.70 -62.13
N SER B 7 7.48 -15.38 -61.42
CA SER B 7 6.81 -16.60 -61.85
C SER B 7 5.35 -16.68 -61.34
N GLY B 8 4.53 -17.50 -62.01
CA GLY B 8 3.14 -17.77 -61.61
C GLY B 8 2.04 -17.01 -62.35
N GLY B 9 2.38 -16.18 -63.35
CA GLY B 9 1.38 -15.53 -64.20
C GLY B 9 0.72 -16.47 -65.22
N GLY B 10 -0.54 -16.21 -65.57
CA GLY B 10 -1.29 -17.00 -66.55
C GLY B 10 -2.73 -16.52 -66.76
N LEU B 11 -3.58 -17.42 -67.27
CA LEU B 11 -5.02 -17.20 -67.50
C LEU B 11 -5.86 -17.55 -66.27
N THR B 12 -6.93 -16.79 -66.04
CA THR B 12 -8.04 -17.17 -65.14
C THR B 12 -9.38 -16.63 -65.62
N LYS B 13 -10.48 -17.29 -65.23
CA LYS B 13 -11.83 -16.71 -65.26
C LYS B 13 -11.99 -15.58 -64.21
N PRO B 14 -12.98 -14.69 -64.36
CA PRO B 14 -13.27 -13.64 -63.38
C PRO B 14 -13.68 -14.19 -62.01
N GLY B 15 -13.63 -13.35 -60.97
CA GLY B 15 -13.98 -13.71 -59.59
C GLY B 15 -12.97 -14.62 -58.88
N GLY B 16 -12.10 -15.31 -59.62
CA GLY B 16 -11.04 -16.17 -59.09
C GLY B 16 -9.84 -15.43 -58.50
N SER B 17 -8.83 -16.24 -58.16
CA SER B 17 -7.59 -15.83 -57.49
C SER B 17 -6.36 -16.33 -58.23
N LEU B 18 -5.27 -15.56 -58.21
CA LEU B 18 -3.91 -15.97 -58.64
C LEU B 18 -2.88 -15.46 -57.64
N ARG B 19 -1.80 -16.24 -57.40
CA ARG B 19 -0.65 -15.81 -56.60
C ARG B 19 0.59 -15.68 -57.48
N LEU B 20 1.22 -14.51 -57.50
CA LEU B 20 2.48 -14.24 -58.21
C LEU B 20 3.65 -14.36 -57.23
N SER B 21 4.81 -14.81 -57.71
CA SER B 21 6.07 -14.73 -56.97
C SER B 21 7.10 -13.90 -57.71
N CYS B 22 7.87 -13.11 -56.98
CA CYS B 22 9.09 -12.43 -57.41
C CYS B 22 10.22 -12.87 -56.47
N ALA B 23 11.33 -13.34 -56.99
CA ALA B 23 12.50 -13.74 -56.20
C ALA B 23 13.70 -12.81 -56.45
N ALA B 24 14.35 -12.42 -55.37
CA ALA B 24 15.43 -11.43 -55.36
C ALA B 24 16.83 -12.08 -55.36
N SER B 25 17.80 -11.45 -56.02
CA SER B 25 19.17 -11.97 -56.12
C SER B 25 20.20 -10.87 -56.27
N GLY B 26 21.38 -11.06 -55.68
CA GLY B 26 22.47 -10.08 -55.72
C GLY B 26 22.41 -8.95 -54.68
N PHE B 27 21.56 -9.04 -53.66
CA PHE B 27 21.49 -8.07 -52.56
C PHE B 27 20.87 -8.67 -51.28
N THR B 28 21.05 -7.99 -50.15
CA THR B 28 20.39 -8.39 -48.89
C THR B 28 18.93 -7.97 -48.95
N PHE B 29 18.05 -8.85 -49.41
CA PHE B 29 16.66 -8.53 -49.68
C PHE B 29 15.90 -7.96 -48.48
N SER B 30 16.24 -8.33 -47.25
CA SER B 30 15.63 -7.77 -46.04
C SER B 30 16.09 -6.36 -45.66
N ASP B 31 16.96 -5.71 -46.44
CA ASP B 31 17.26 -4.26 -46.34
C ASP B 31 16.37 -3.37 -47.20
N PHE B 32 15.45 -3.89 -48.00
CA PHE B 32 14.74 -3.09 -49.00
C PHE B 32 13.22 -3.19 -48.89
N TYR B 33 12.54 -2.07 -49.06
CA TYR B 33 11.14 -2.05 -49.48
C TYR B 33 11.01 -2.64 -50.88
N MET B 34 9.83 -3.16 -51.22
CA MET B 34 9.54 -3.69 -52.55
C MET B 34 8.15 -3.30 -53.03
N ASP B 35 7.97 -3.25 -54.34
CA ASP B 35 6.76 -2.80 -55.01
C ASP B 35 6.33 -3.77 -56.09
N TRP B 36 5.02 -3.84 -56.34
CA TRP B 36 4.42 -4.38 -57.55
C TRP B 36 3.87 -3.24 -58.39
N VAL B 37 4.15 -3.25 -59.68
CA VAL B 37 3.73 -2.24 -60.65
C VAL B 37 3.26 -2.97 -61.90
N ARG B 38 2.14 -2.57 -62.50
CA ARG B 38 1.57 -3.28 -63.66
C ARG B 38 1.48 -2.40 -64.87
N GLN B 39 1.60 -3.01 -66.03
CA GLN B 39 1.41 -2.33 -67.30
C GLN B 39 0.21 -2.89 -68.02
N THR B 40 -0.74 -2.02 -68.34
CA THR B 40 -1.89 -2.35 -69.19
C THR B 40 -1.60 -1.79 -70.59
N PRO B 41 -1.83 -2.55 -71.68
CA PRO B 41 -1.56 -2.06 -73.04
C PRO B 41 -2.27 -0.74 -73.38
N GLY B 42 -3.43 -0.48 -72.77
CA GLY B 42 -4.15 0.79 -72.88
C GLY B 42 -3.53 1.89 -72.01
N LYS B 43 -3.90 1.96 -70.73
CA LYS B 43 -3.54 3.03 -69.79
C LYS B 43 -2.02 3.17 -69.52
N GLY B 44 -1.22 2.16 -69.83
CA GLY B 44 0.22 2.17 -69.56
C GLY B 44 0.52 1.75 -68.13
N LEU B 45 1.48 2.42 -67.51
CA LEU B 45 2.01 2.05 -66.20
C LEU B 45 1.09 2.48 -65.06
N GLU B 46 0.85 1.57 -64.12
CA GLU B 46 -0.01 1.78 -62.96
C GLU B 46 0.62 1.14 -61.72
N TRP B 47 0.75 1.89 -60.64
CA TRP B 47 1.24 1.34 -59.37
C TRP B 47 0.19 0.43 -58.73
N VAL B 48 0.59 -0.70 -58.11
CA VAL B 48 -0.35 -1.68 -57.54
C VAL B 48 -0.23 -1.79 -56.03
N SER B 49 0.96 -2.09 -55.49
CA SER B 49 1.15 -2.21 -54.05
C SER B 49 2.62 -2.07 -53.62
N ARG B 50 2.87 -1.67 -52.36
CA ARG B 50 4.19 -1.57 -51.72
C ARG B 50 4.22 -2.27 -50.37
N ILE B 51 5.36 -2.83 -49.99
CA ILE B 51 5.62 -3.43 -48.67
C ILE B 51 6.97 -2.99 -48.11
N ASN B 52 7.06 -2.71 -46.81
CA ASN B 52 8.34 -2.37 -46.18
C ASN B 52 9.23 -3.60 -45.96
N ASN B 53 10.40 -3.44 -45.37
CA ASN B 53 11.42 -4.49 -45.37
C ASN B 53 11.12 -5.64 -44.39
N ASP B 54 10.68 -5.35 -43.17
CA ASP B 54 10.26 -6.40 -42.21
C ASP B 54 8.83 -6.91 -42.45
N GLY B 55 8.08 -6.29 -43.36
CA GLY B 55 6.72 -6.70 -43.73
C GLY B 55 5.62 -6.20 -42.79
N ARG B 56 5.92 -5.38 -41.78
CA ARG B 56 4.90 -4.81 -40.88
C ARG B 56 3.93 -3.86 -41.57
N ASN B 57 4.32 -3.22 -42.68
CA ASN B 57 3.58 -2.12 -43.28
C ASN B 57 3.36 -2.36 -44.77
N LYS B 58 2.15 -2.10 -45.25
CA LYS B 58 1.71 -2.39 -46.62
C LYS B 58 0.81 -1.27 -47.15
N TRP B 59 0.86 -1.03 -48.46
CA TRP B 59 0.06 0.00 -49.13
C TRP B 59 -0.45 -0.48 -50.49
N TYR B 60 -1.57 0.07 -50.96
CA TYR B 60 -2.26 -0.37 -52.18
C TYR B 60 -2.85 0.79 -52.98
N ALA B 61 -2.98 0.60 -54.29
CA ALA B 61 -3.78 1.48 -55.13
C ALA B 61 -5.28 1.21 -54.92
N ASP B 62 -6.14 2.20 -55.14
CA ASP B 62 -7.58 2.07 -54.89
C ASP B 62 -8.24 0.95 -55.71
N SER B 63 -7.76 0.73 -56.93
CA SER B 63 -8.26 -0.30 -57.85
C SER B 63 -8.05 -1.73 -57.34
N VAL B 64 -7.18 -1.95 -56.34
CA VAL B 64 -6.83 -3.31 -55.85
C VAL B 64 -6.94 -3.47 -54.33
N ARG B 65 -7.12 -2.39 -53.56
CA ARG B 65 -7.16 -2.44 -52.10
C ARG B 65 -8.22 -3.44 -51.64
N GLY B 66 -7.85 -4.33 -50.72
CA GLY B 66 -8.71 -5.40 -50.20
C GLY B 66 -8.90 -6.59 -51.14
N ARG B 67 -8.88 -6.41 -52.47
CA ARG B 67 -8.86 -7.54 -53.43
C ARG B 67 -7.53 -8.27 -53.41
N PHE B 68 -6.42 -7.54 -53.29
CA PHE B 68 -5.06 -8.08 -53.30
C PHE B 68 -4.43 -7.96 -51.91
N THR B 69 -3.57 -8.91 -51.55
CA THR B 69 -2.59 -8.74 -50.48
C THR B 69 -1.18 -9.02 -50.96
N VAL B 70 -0.24 -8.12 -50.66
CA VAL B 70 1.20 -8.34 -50.85
C VAL B 70 1.82 -8.96 -49.59
N SER B 71 2.79 -9.86 -49.72
CA SER B 71 3.49 -10.48 -48.61
C SER B 71 4.93 -10.85 -49.00
N ARG B 72 5.83 -11.07 -48.04
CA ARG B 72 7.24 -11.40 -48.32
C ARG B 72 7.80 -12.44 -47.37
N GLU B 73 8.76 -13.22 -47.86
CA GLU B 73 9.53 -14.16 -47.07
C GLU B 73 11.01 -13.84 -47.21
N ASN B 74 11.52 -13.07 -46.24
CA ASN B 74 12.89 -12.61 -46.18
C ASN B 74 13.89 -13.76 -46.07
N ALA B 75 13.54 -14.84 -45.37
CA ALA B 75 14.38 -16.04 -45.28
C ALA B 75 14.60 -16.73 -46.63
N LYS B 76 13.67 -16.54 -47.59
CA LYS B 76 13.72 -17.10 -48.94
C LYS B 76 14.07 -16.05 -50.01
N ASN B 77 14.42 -14.82 -49.62
CA ASN B 77 14.65 -13.70 -50.54
C ASN B 77 13.51 -13.52 -51.56
N THR B 78 12.24 -13.59 -51.12
CA THR B 78 11.10 -13.72 -52.04
C THR B 78 9.88 -12.88 -51.64
N LEU B 79 9.12 -12.41 -52.63
CA LEU B 79 7.96 -11.52 -52.53
C LEU B 79 6.76 -12.15 -53.26
N TYR B 80 5.56 -12.11 -52.68
CA TYR B 80 4.33 -12.60 -53.29
C TYR B 80 3.26 -11.53 -53.41
N LEU B 81 2.48 -11.56 -54.49
CA LEU B 81 1.21 -10.88 -54.58
C LEU B 81 0.13 -11.94 -54.66
N GLN B 82 -0.75 -11.98 -53.66
CA GLN B 82 -1.96 -12.80 -53.68
C GLN B 82 -3.11 -11.93 -54.18
N MET B 83 -3.59 -12.21 -55.38
CA MET B 83 -4.73 -11.52 -55.98
C MET B 83 -5.97 -12.38 -55.83
N ASP B 84 -7.06 -11.77 -55.37
CA ASP B 84 -8.38 -12.39 -55.26
C ASP B 84 -9.44 -11.48 -55.89
N SER B 85 -10.61 -12.03 -56.22
CA SER B 85 -11.70 -11.28 -56.88
C SER B 85 -11.26 -10.57 -58.18
N LEU B 86 -10.51 -11.28 -59.03
CA LEU B 86 -10.01 -10.73 -60.28
C LEU B 86 -11.11 -10.32 -61.26
N ARG B 87 -10.85 -9.29 -62.06
CA ARG B 87 -11.74 -8.76 -63.12
C ARG B 87 -10.96 -8.60 -64.43
N ALA B 88 -11.64 -8.41 -65.55
CA ALA B 88 -10.97 -8.20 -66.84
C ALA B 88 -9.95 -7.06 -66.81
N GLU B 89 -10.21 -5.99 -66.06
CA GLU B 89 -9.29 -4.86 -65.82
C GLU B 89 -7.93 -5.26 -65.27
N ASP B 90 -7.84 -6.34 -64.49
CA ASP B 90 -6.56 -6.80 -63.95
C ASP B 90 -5.65 -7.43 -65.01
N THR B 91 -6.13 -7.63 -66.24
CA THR B 91 -5.30 -8.09 -67.36
C THR B 91 -4.22 -7.06 -67.66
N ALA B 92 -2.98 -7.49 -67.52
CA ALA B 92 -1.79 -6.65 -67.53
C ALA B 92 -0.54 -7.53 -67.59
N VAL B 93 0.63 -6.93 -67.75
CA VAL B 93 1.87 -7.54 -67.28
C VAL B 93 2.13 -6.99 -65.87
N TYR B 94 2.51 -7.82 -64.90
CA TYR B 94 2.92 -7.38 -63.58
C TYR B 94 4.44 -7.47 -63.45
N TYR B 95 5.07 -6.37 -63.04
CA TYR B 95 6.49 -6.25 -62.74
C TYR B 95 6.67 -6.05 -61.23
N CYS B 96 7.63 -6.69 -60.60
CA CYS B 96 8.10 -6.26 -59.28
C CYS B 96 9.25 -5.26 -59.41
N ALA B 97 9.47 -4.40 -58.43
CA ALA B 97 10.61 -3.50 -58.41
C ALA B 97 11.09 -3.18 -56.99
N ARG B 98 12.34 -2.77 -56.83
CA ARG B 98 12.99 -2.52 -55.54
C ARG B 98 12.95 -1.04 -55.16
N ASP B 99 12.63 -0.72 -53.91
CA ASP B 99 12.35 0.64 -53.46
C ASP B 99 13.33 1.08 -52.34
N ARG B 100 12.87 1.76 -51.30
CA ARG B 100 13.66 2.38 -50.24
C ARG B 100 14.64 1.40 -49.61
N PRO B 101 15.95 1.66 -49.55
CA PRO B 101 16.85 0.93 -48.68
C PRO B 101 16.70 1.37 -47.22
N VAL B 102 16.88 0.45 -46.29
CA VAL B 102 16.98 0.69 -44.86
C VAL B 102 18.26 0.04 -44.33
N TYR B 103 19.38 0.77 -44.44
CA TYR B 103 20.67 0.36 -43.88
C TYR B 103 20.67 0.56 -42.37
N ARG B 104 21.59 -0.09 -41.64
CA ARG B 104 21.43 -0.30 -40.18
C ARG B 104 21.20 0.95 -39.33
N TYR B 105 21.76 2.10 -39.73
CA TYR B 105 21.57 3.39 -39.05
C TYR B 105 20.73 4.40 -39.83
N TRP B 106 20.31 4.12 -41.08
CA TRP B 106 19.82 5.16 -41.99
C TRP B 106 18.90 4.64 -43.10
N SER B 107 17.83 5.37 -43.38
CA SER B 107 16.83 5.07 -44.43
C SER B 107 16.97 6.00 -45.62
N GLY B 108 17.03 5.44 -46.82
CA GLY B 108 17.17 6.20 -48.06
C GLY B 108 15.87 6.77 -48.62
N GLY B 109 15.95 7.39 -49.79
CA GLY B 109 14.77 7.85 -50.53
C GLY B 109 14.01 6.74 -51.21
N TYR B 110 12.86 7.05 -51.79
CA TYR B 110 12.01 6.12 -52.54
C TYR B 110 12.47 5.93 -53.99
N HIS B 111 12.29 4.74 -54.56
CA HIS B 111 12.79 4.33 -55.88
C HIS B 111 11.90 3.24 -56.49
N LEU B 112 12.00 3.02 -57.81
CA LEU B 112 11.59 1.77 -58.45
C LEU B 112 12.75 1.31 -59.33
N ASP B 113 13.76 0.65 -58.76
CA ASP B 113 14.94 0.24 -59.52
C ASP B 113 15.78 -0.84 -58.84
N PRO B 114 16.11 -1.95 -59.51
CA PRO B 114 15.63 -2.36 -60.84
C PRO B 114 14.24 -3.00 -60.81
N TRP B 115 13.70 -3.19 -62.01
CA TRP B 115 12.42 -3.85 -62.28
C TRP B 115 12.65 -5.29 -62.72
N GLY B 116 11.68 -6.16 -62.46
CA GLY B 116 11.74 -7.57 -62.86
C GLY B 116 11.65 -7.80 -64.37
N GLN B 117 11.63 -9.07 -64.77
CA GLN B 117 11.41 -9.45 -66.17
C GLN B 117 9.93 -9.34 -66.56
N GLY B 118 9.03 -9.43 -65.58
CA GLY B 118 7.58 -9.32 -65.72
C GLY B 118 6.88 -10.65 -65.97
N VAL B 119 5.63 -10.76 -65.50
CA VAL B 119 4.75 -11.93 -65.69
C VAL B 119 3.45 -11.47 -66.33
N VAL B 120 2.97 -12.19 -67.35
CA VAL B 120 1.68 -11.90 -67.99
C VAL B 120 0.53 -12.42 -67.11
N VAL B 121 -0.52 -11.63 -66.92
CA VAL B 121 -1.75 -12.05 -66.25
C VAL B 121 -2.93 -11.72 -67.14
N THR B 122 -3.84 -12.66 -67.35
CA THR B 122 -5.03 -12.49 -68.20
C THR B 122 -6.27 -12.96 -67.48
N VAL B 123 -7.33 -12.14 -67.50
CA VAL B 123 -8.59 -12.45 -66.83
C VAL B 123 -9.72 -12.42 -67.84
N SER B 124 -10.22 -13.59 -68.26
CA SER B 124 -11.39 -13.72 -69.13
C SER B 124 -12.03 -15.11 -68.99
N SER B 125 -13.33 -15.20 -69.24
CA SER B 125 -14.10 -16.44 -69.13
C SER B 125 -14.10 -17.32 -70.40
N ALA B 126 -13.49 -16.87 -71.50
CA ALA B 126 -13.52 -17.58 -72.77
C ALA B 126 -12.83 -18.95 -72.71
N SER B 127 -13.26 -19.86 -73.59
CA SER B 127 -12.71 -21.21 -73.70
C SER B 127 -11.31 -21.22 -74.32
N THR B 128 -10.48 -22.21 -73.98
CA THR B 128 -9.25 -22.47 -74.75
C THR B 128 -9.65 -23.02 -76.12
N LYS B 129 -9.51 -22.22 -77.17
CA LYS B 129 -10.11 -22.44 -78.49
C LYS B 129 -9.11 -22.26 -79.61
N GLY B 130 -9.09 -23.22 -80.53
CA GLY B 130 -8.21 -23.20 -81.70
C GLY B 130 -8.70 -22.27 -82.81
N PRO B 131 -7.79 -21.76 -83.65
CA PRO B 131 -8.09 -20.73 -84.63
C PRO B 131 -8.89 -21.25 -85.82
N SER B 132 -9.83 -20.43 -86.28
CA SER B 132 -10.25 -20.46 -87.69
C SER B 132 -9.10 -19.91 -88.52
N VAL B 133 -8.89 -20.40 -89.75
CA VAL B 133 -7.80 -19.97 -90.61
C VAL B 133 -8.36 -19.58 -91.97
N PHE B 134 -8.65 -18.29 -92.15
CA PHE B 134 -9.28 -17.76 -93.36
C PHE B 134 -8.24 -17.19 -94.33
N PRO B 135 -8.08 -17.73 -95.54
CA PRO B 135 -7.27 -17.12 -96.58
C PRO B 135 -7.76 -15.70 -96.93
N LEU B 136 -6.83 -14.76 -97.02
CA LEU B 136 -7.03 -13.46 -97.64
C LEU B 136 -6.36 -13.54 -99.02
N ALA B 137 -7.02 -14.24 -99.94
CA ALA B 137 -6.43 -14.56 -101.24
C ALA B 137 -6.08 -13.28 -102.03
N PRO B 138 -5.04 -13.29 -102.89
CA PRO B 138 -4.70 -12.12 -103.70
C PRO B 138 -5.86 -11.75 -104.63
N SER B 139 -6.30 -10.48 -104.64
CA SER B 139 -7.28 -9.97 -105.62
C SER B 139 -6.85 -10.23 -107.08
N SER B 140 -7.80 -10.28 -108.02
CA SER B 140 -7.52 -10.22 -109.46
C SER B 140 -6.65 -9.00 -109.78
N ARG B 141 -6.94 -7.85 -109.16
CA ARG B 141 -6.15 -6.62 -109.23
C ARG B 141 -4.73 -6.85 -108.69
N SER B 142 -4.62 -7.39 -107.47
CA SER B 142 -3.34 -7.79 -106.84
C SER B 142 -2.49 -8.67 -107.80
N THR B 143 -3.14 -9.62 -108.47
CA THR B 143 -2.50 -10.58 -109.39
C THR B 143 -2.05 -9.92 -110.70
N SER B 144 -2.65 -8.79 -111.10
CA SER B 144 -2.21 -7.98 -112.25
C SER B 144 -1.04 -7.03 -111.95
N GLU B 145 -0.77 -6.73 -110.68
CA GLU B 145 0.36 -5.86 -110.30
C GLU B 145 1.71 -6.51 -110.63
N SER B 146 2.80 -5.73 -110.66
CA SER B 146 4.15 -6.28 -110.75
C SER B 146 4.53 -7.05 -109.47
N THR B 147 4.24 -6.46 -108.31
CA THR B 147 4.25 -7.15 -107.00
C THR B 147 2.82 -7.25 -106.47
N ALA B 148 2.31 -8.47 -106.32
CA ALA B 148 1.07 -8.80 -105.64
C ALA B 148 1.24 -8.77 -104.11
N ALA B 149 0.13 -8.85 -103.38
CA ALA B 149 0.11 -9.28 -102.00
C ALA B 149 -1.10 -10.18 -101.68
N LEU B 150 -1.03 -10.89 -100.56
CA LEU B 150 -2.02 -11.82 -100.03
C LEU B 150 -1.82 -12.02 -98.53
N GLY B 151 -2.77 -12.63 -97.83
CA GLY B 151 -2.68 -12.82 -96.39
C GLY B 151 -3.56 -13.92 -95.82
N CYS B 152 -3.70 -13.96 -94.51
CA CYS B 152 -4.41 -15.02 -93.81
C CYS B 152 -4.89 -14.52 -92.44
N LEU B 153 -6.21 -14.38 -92.31
CA LEU B 153 -6.91 -13.93 -91.12
C LEU B 153 -7.15 -15.12 -90.19
N VAL B 154 -6.17 -15.39 -89.34
CA VAL B 154 -6.29 -16.34 -88.24
C VAL B 154 -7.24 -15.73 -87.20
N LYS B 155 -8.30 -16.45 -86.80
CA LYS B 155 -9.46 -15.81 -86.17
C LYS B 155 -10.13 -16.65 -85.10
N ASP B 156 -10.72 -15.96 -84.12
CA ASP B 156 -11.55 -16.50 -83.03
C ASP B 156 -10.84 -17.55 -82.16
N TYR B 157 -9.51 -17.46 -82.04
CA TYR B 157 -8.78 -18.24 -81.04
C TYR B 157 -8.77 -17.50 -79.70
N PHE B 158 -8.59 -18.26 -78.62
CA PHE B 158 -8.27 -17.74 -77.28
C PHE B 158 -7.54 -18.80 -76.46
N PRO B 159 -6.67 -18.45 -75.51
CA PRO B 159 -5.98 -17.16 -75.36
C PRO B 159 -4.98 -16.92 -76.50
N GLU B 160 -4.26 -15.80 -76.52
CA GLU B 160 -3.01 -15.66 -77.30
C GLU B 160 -1.92 -16.65 -76.81
N PRO B 161 -0.91 -17.01 -77.63
CA PRO B 161 -0.65 -16.50 -78.97
C PRO B 161 -1.04 -17.46 -80.09
N VAL B 162 -1.12 -16.93 -81.32
CA VAL B 162 -0.87 -17.71 -82.54
C VAL B 162 0.46 -17.29 -83.14
N THR B 163 1.28 -18.26 -83.52
CA THR B 163 2.57 -18.05 -84.20
C THR B 163 2.41 -18.43 -85.67
N VAL B 164 2.76 -17.54 -86.60
CA VAL B 164 2.35 -17.63 -88.01
C VAL B 164 3.53 -17.38 -88.95
N SER B 165 3.57 -18.11 -90.07
CA SER B 165 4.64 -18.06 -91.06
C SER B 165 4.15 -18.48 -92.44
N TRP B 166 4.92 -18.15 -93.49
CA TRP B 166 4.53 -18.38 -94.87
C TRP B 166 5.30 -19.52 -95.54
N ASN B 167 4.58 -20.31 -96.34
CA ASN B 167 5.08 -21.25 -97.33
C ASN B 167 6.01 -22.32 -96.72
N SER B 168 5.39 -23.27 -96.01
CA SER B 168 6.04 -24.28 -95.16
C SER B 168 6.99 -23.68 -94.11
N GLY B 169 6.72 -22.46 -93.66
CA GLY B 169 7.58 -21.68 -92.76
C GLY B 169 8.87 -21.15 -93.40
N SER B 170 9.05 -21.28 -94.72
CA SER B 170 10.28 -20.90 -95.42
C SER B 170 10.38 -19.41 -95.79
N LEU B 171 9.25 -18.71 -95.93
CA LEU B 171 9.21 -17.35 -96.48
C LEU B 171 9.09 -16.29 -95.37
N THR B 172 10.01 -15.33 -95.36
CA THR B 172 10.03 -14.14 -94.48
C THR B 172 10.18 -12.81 -95.24
N SER B 173 10.65 -12.85 -96.49
CA SER B 173 10.74 -11.71 -97.39
C SER B 173 9.36 -11.10 -97.69
N GLY B 174 9.22 -9.79 -97.49
CA GLY B 174 7.95 -9.08 -97.71
C GLY B 174 6.80 -9.51 -96.80
N VAL B 175 7.09 -10.16 -95.66
CA VAL B 175 6.08 -10.63 -94.70
C VAL B 175 5.85 -9.60 -93.60
N HIS B 176 4.59 -9.36 -93.26
CA HIS B 176 4.18 -8.68 -92.01
C HIS B 176 3.15 -9.56 -91.30
N THR B 177 3.16 -9.63 -89.98
CA THR B 177 2.04 -10.20 -89.22
C THR B 177 1.57 -9.18 -88.19
N PHE B 178 0.32 -8.75 -88.29
CA PHE B 178 -0.20 -7.67 -87.46
C PHE B 178 -0.36 -8.08 -85.98
N PRO B 179 -0.29 -7.13 -85.04
CA PRO B 179 -0.72 -7.36 -83.66
C PRO B 179 -2.20 -7.76 -83.61
N ALA B 180 -2.56 -8.67 -82.72
CA ALA B 180 -3.91 -9.23 -82.70
C ALA B 180 -4.97 -8.23 -82.25
N VAL B 181 -6.10 -8.22 -82.97
CA VAL B 181 -7.33 -7.54 -82.57
C VAL B 181 -8.03 -8.37 -81.50
N LEU B 182 -8.30 -7.79 -80.33
CA LEU B 182 -9.24 -8.37 -79.39
C LEU B 182 -10.65 -7.97 -79.81
N GLN B 183 -11.40 -8.94 -80.30
CA GLN B 183 -12.73 -8.74 -80.85
C GLN B 183 -13.78 -8.70 -79.72
N SER B 184 -14.94 -8.08 -79.95
CA SER B 184 -16.01 -7.94 -78.94
C SER B 184 -16.64 -9.28 -78.48
N SER B 185 -16.24 -10.40 -79.08
CA SER B 185 -16.53 -11.77 -78.64
C SER B 185 -15.65 -12.25 -77.47
N GLY B 186 -14.62 -11.49 -77.08
CA GLY B 186 -13.63 -11.94 -76.10
C GLY B 186 -12.60 -12.92 -76.67
N LEU B 187 -12.53 -13.05 -78.00
CA LEU B 187 -11.61 -13.91 -78.74
C LEU B 187 -10.71 -13.06 -79.65
N TYR B 188 -9.49 -13.50 -79.87
CA TYR B 188 -8.50 -12.77 -80.68
C TYR B 188 -8.53 -13.19 -82.15
N SER B 189 -8.07 -12.28 -83.02
CA SER B 189 -7.80 -12.54 -84.43
C SER B 189 -6.62 -11.69 -84.93
N LEU B 190 -5.88 -12.17 -85.93
CA LEU B 190 -4.84 -11.40 -86.60
C LEU B 190 -4.72 -11.76 -88.07
N SER B 191 -4.18 -10.83 -88.87
CA SER B 191 -3.79 -11.10 -90.25
C SER B 191 -2.27 -11.24 -90.37
N SER B 192 -1.81 -12.35 -90.93
CA SER B 192 -0.50 -12.38 -91.59
C SER B 192 -0.66 -11.92 -93.04
N VAL B 193 0.35 -11.28 -93.62
CA VAL B 193 0.35 -10.87 -95.03
C VAL B 193 1.75 -11.02 -95.63
N VAL B 194 1.80 -11.25 -96.95
CA VAL B 194 3.05 -11.33 -97.71
C VAL B 194 2.94 -10.67 -99.08
N THR B 195 3.98 -9.93 -99.46
CA THR B 195 4.09 -9.20 -100.72
C THR B 195 5.11 -9.85 -101.65
N VAL B 196 4.75 -10.15 -102.90
CA VAL B 196 5.54 -11.01 -103.80
C VAL B 196 5.50 -10.55 -105.25
N PRO B 197 6.57 -10.70 -106.05
CA PRO B 197 6.49 -10.56 -107.50
C PRO B 197 5.44 -11.53 -108.07
N SER B 198 4.48 -11.05 -108.85
CA SER B 198 3.23 -11.78 -109.14
C SER B 198 3.42 -13.10 -109.90
N SER B 199 4.52 -13.26 -110.65
CA SER B 199 4.93 -14.53 -111.27
C SER B 199 5.20 -15.66 -110.24
N SER B 200 5.56 -15.29 -109.01
CA SER B 200 5.83 -16.22 -107.90
C SER B 200 4.60 -17.04 -107.50
N LEU B 201 3.39 -16.49 -107.68
CA LEU B 201 2.14 -17.13 -107.29
C LEU B 201 1.91 -18.44 -108.08
N GLY B 202 1.70 -19.55 -107.38
CA GLY B 202 1.54 -20.88 -108.00
C GLY B 202 2.89 -21.50 -108.43
N THR B 203 3.84 -20.70 -108.89
CA THR B 203 5.27 -21.09 -109.02
C THR B 203 5.85 -21.52 -107.67
N GLN B 204 5.38 -20.90 -106.58
CA GLN B 204 5.40 -21.45 -105.23
C GLN B 204 3.97 -21.45 -104.67
N THR B 205 3.60 -22.49 -103.92
CA THR B 205 2.27 -22.59 -103.27
C THR B 205 2.19 -21.68 -102.04
N TYR B 206 1.28 -20.71 -102.06
CA TYR B 206 1.13 -19.75 -100.96
C TYR B 206 0.31 -20.33 -99.82
N VAL B 207 0.91 -20.47 -98.65
CA VAL B 207 0.32 -21.14 -97.48
C VAL B 207 0.60 -20.32 -96.22
N CYS B 208 -0.43 -20.06 -95.41
CA CYS B 208 -0.21 -19.68 -94.02
C CYS B 208 -0.09 -20.93 -93.15
N ASN B 209 1.09 -21.11 -92.57
CA ASN B 209 1.36 -22.09 -91.52
C ASN B 209 1.08 -21.43 -90.16
N VAL B 210 0.29 -22.09 -89.32
CA VAL B 210 -0.25 -21.52 -88.06
C VAL B 210 -0.16 -22.55 -86.94
N ASN B 211 0.19 -22.13 -85.72
CA ASN B 211 -0.02 -22.92 -84.50
C ASN B 211 -0.60 -22.05 -83.37
N HIS B 212 -1.60 -22.57 -82.66
CA HIS B 212 -2.15 -22.04 -81.41
C HIS B 212 -1.66 -22.88 -80.22
N LYS B 213 -0.49 -22.53 -79.71
CA LYS B 213 0.25 -23.30 -78.69
C LYS B 213 -0.48 -23.58 -77.36
N PRO B 214 -1.48 -22.81 -76.89
CA PRO B 214 -2.28 -23.18 -75.70
C PRO B 214 -3.09 -24.48 -75.87
N SER B 215 -3.36 -24.89 -77.12
CA SER B 215 -4.01 -26.16 -77.48
C SER B 215 -3.16 -27.04 -78.42
N ASN B 216 -2.02 -26.52 -78.92
CA ASN B 216 -1.21 -27.08 -80.01
C ASN B 216 -2.02 -27.48 -81.26
N THR B 217 -3.12 -26.76 -81.51
CA THR B 217 -3.86 -26.83 -82.79
C THR B 217 -3.04 -26.13 -83.87
N LYS B 218 -2.68 -26.83 -84.95
CA LYS B 218 -1.94 -26.25 -86.07
C LYS B 218 -2.55 -26.58 -87.42
N VAL B 219 -2.42 -25.64 -88.36
CA VAL B 219 -3.07 -25.63 -89.68
C VAL B 219 -2.08 -25.09 -90.71
N ASP B 220 -2.08 -25.67 -91.91
CA ASP B 220 -1.23 -25.26 -93.04
C ASP B 220 -2.11 -25.03 -94.28
N LYS B 221 -2.73 -23.85 -94.37
CA LYS B 221 -3.84 -23.55 -95.30
C LYS B 221 -3.37 -22.70 -96.49
N ARG B 222 -3.68 -23.15 -97.72
CA ARG B 222 -3.31 -22.47 -98.97
C ARG B 222 -4.14 -21.20 -99.23
N VAL B 223 -3.55 -20.22 -99.93
CA VAL B 223 -4.02 -18.82 -100.04
C VAL B 223 -3.82 -18.31 -101.47
N GLU B 224 -4.66 -18.76 -102.40
CA GLU B 224 -4.58 -18.42 -103.83
C GLU B 224 -5.98 -18.27 -104.46
N ILE B 225 -6.08 -17.70 -105.67
CA ILE B 225 -7.34 -17.59 -106.40
C ILE B 225 -7.86 -18.97 -106.79
N ALA C 6 36.15 54.78 1.39
CA ALA C 6 37.21 53.78 1.64
C ALA C 6 37.71 53.18 0.32
N VAL C 7 38.92 52.58 0.33
CA VAL C 7 39.55 51.95 -0.85
C VAL C 7 38.84 50.65 -1.26
N PHE C 8 38.31 49.91 -0.28
CA PHE C 8 37.57 48.66 -0.43
C PHE C 8 38.30 47.60 -1.25
N LEU C 9 39.27 46.94 -0.58
CA LEU C 9 39.95 45.76 -1.11
C LEU C 9 39.03 44.54 -1.24
N GLY C 10 37.85 44.57 -0.59
CA GLY C 10 36.89 43.48 -0.57
C GLY C 10 37.08 42.52 0.61
N PHE C 11 36.09 41.67 0.84
CA PHE C 11 36.13 40.64 1.87
C PHE C 11 37.41 39.79 1.75
N LEU C 12 38.23 39.75 2.80
CA LEU C 12 39.55 39.11 2.83
C LEU C 12 40.59 39.68 1.87
N GLY C 13 40.33 40.77 1.14
CA GLY C 13 41.28 41.33 0.17
C GLY C 13 42.68 41.61 0.74
N ALA C 14 42.76 41.94 2.03
CA ALA C 14 44.00 42.19 2.75
C ALA C 14 44.72 40.93 3.27
N ALA C 15 44.27 39.70 2.96
CA ALA C 15 44.80 38.49 3.58
C ALA C 15 46.30 38.25 3.37
N GLY C 16 46.88 38.82 2.32
CA GLY C 16 48.32 38.79 2.05
C GLY C 16 49.12 40.00 2.54
N SER C 17 48.46 41.06 3.05
CA SER C 17 49.10 42.28 3.53
C SER C 17 49.62 42.12 4.96
N THR C 18 50.60 42.94 5.35
CA THR C 18 51.20 42.82 6.69
C THR C 18 50.21 43.20 7.81
N MET C 19 50.43 42.76 9.04
CA MET C 19 49.44 42.92 10.11
C MET C 19 49.05 44.38 10.38
N GLY C 20 49.98 45.33 10.23
CA GLY C 20 49.69 46.76 10.35
C GLY C 20 48.94 47.36 9.16
N ALA C 21 49.04 46.74 7.99
CA ALA C 21 48.25 47.10 6.82
C ALA C 21 46.83 46.52 6.90
N ALA C 22 46.68 45.25 7.31
CA ALA C 22 45.37 44.62 7.48
C ALA C 22 44.56 45.23 8.64
N SER C 23 45.24 45.82 9.63
CA SER C 23 44.61 46.54 10.75
C SER C 23 43.73 47.73 10.31
N MET C 24 43.84 48.19 9.06
CA MET C 24 43.04 49.29 8.53
C MET C 24 41.67 48.85 7.98
N THR C 25 41.44 47.55 7.77
CA THR C 25 40.30 47.04 7.00
C THR C 25 39.48 46.01 7.76
N LEU C 26 39.33 46.18 9.07
CA LEU C 26 38.63 45.21 9.92
C LEU C 26 37.13 45.17 9.65
N THR C 27 36.48 46.31 9.36
CA THR C 27 35.02 46.35 9.22
C THR C 27 34.51 45.54 8.04
N VAL C 28 35.33 45.33 7.01
CA VAL C 28 34.96 44.59 5.80
C VAL C 28 34.76 43.09 6.05
N GLN C 29 35.56 42.45 6.91
CA GLN C 29 35.23 41.11 7.40
C GLN C 29 34.04 41.20 8.35
N ALA C 30 34.05 42.10 9.32
CA ALA C 30 33.05 42.13 10.38
C ALA C 30 31.62 42.20 9.84
N ARG C 31 31.34 43.08 8.88
CA ARG C 31 29.99 43.24 8.30
C ARG C 31 29.52 42.07 7.43
N ASN C 32 30.39 41.10 7.15
CA ASN C 32 30.10 39.88 6.40
C ASN C 32 30.02 38.62 7.27
N LEU C 33 30.34 38.68 8.58
CA LEU C 33 30.31 37.52 9.47
C LEU C 33 28.90 36.99 9.79
N LEU C 34 27.85 37.80 9.62
CA LEU C 34 26.51 37.48 10.09
C LEU C 34 25.49 37.18 8.98
N SER C 35 25.41 38.02 7.95
CA SER C 35 24.23 38.09 7.07
C SER C 35 24.19 37.00 5.99
N GLY C 36 25.11 37.05 5.01
CA GLY C 36 25.10 36.20 3.82
C GLY C 36 23.90 36.44 2.88
N ILE C 37 23.79 35.64 1.81
CA ILE C 37 22.66 35.70 0.87
C ILE C 37 21.42 34.93 1.35
N VAL C 38 21.54 34.08 2.36
CA VAL C 38 20.39 33.38 2.98
C VAL C 38 19.43 34.38 3.63
N HIS C 53 13.22 29.52 -1.96
CA HIS C 53 12.40 30.69 -1.65
C HIS C 53 10.93 30.34 -1.32
N LEU C 54 10.61 29.05 -1.18
CA LEU C 54 9.33 28.53 -0.71
C LEU C 54 9.51 27.70 0.57
N LEU C 55 8.75 27.99 1.63
CA LEU C 55 8.79 27.21 2.89
C LEU C 55 8.18 25.80 2.71
N LYS C 56 9.03 24.78 2.60
CA LYS C 56 8.67 23.35 2.65
C LYS C 56 9.88 22.52 3.11
N LEU C 57 9.65 21.35 3.70
CA LEU C 57 10.71 20.44 4.17
C LEU C 57 11.34 19.60 3.04
N THR C 58 11.64 20.22 1.90
CA THR C 58 12.52 19.63 0.89
C THR C 58 13.98 19.70 1.33
N VAL C 59 14.87 18.92 0.72
CA VAL C 59 16.27 18.84 1.19
C VAL C 59 16.97 20.20 1.19
N TRP C 60 16.80 21.03 0.17
CA TRP C 60 17.36 22.39 0.16
C TRP C 60 16.79 23.32 1.24
N GLY C 61 15.54 23.11 1.67
CA GLY C 61 14.94 23.86 2.77
C GLY C 61 15.48 23.43 4.14
N ILE C 62 15.76 22.14 4.31
CA ILE C 62 16.32 21.58 5.55
C ILE C 62 17.78 22.02 5.73
N LYS C 63 18.57 21.99 4.66
CA LYS C 63 19.97 22.47 4.68
C LYS C 63 20.08 23.98 4.90
N GLN C 64 19.21 24.77 4.27
CA GLN C 64 19.21 26.21 4.47
C GLN C 64 18.86 26.61 5.91
N LEU C 65 17.82 26.02 6.52
CA LEU C 65 17.50 26.33 7.92
C LEU C 65 18.65 25.93 8.83
N GLN C 66 19.28 24.78 8.60
CA GLN C 66 20.44 24.35 9.40
C GLN C 66 21.61 25.33 9.29
N ALA C 67 21.89 25.87 8.10
CA ALA C 67 22.96 26.83 7.88
C ALA C 67 22.72 28.15 8.62
N ARG C 68 21.47 28.64 8.64
CA ARG C 68 21.09 29.91 9.26
C ARG C 68 21.34 29.92 10.76
N VAL C 69 21.02 28.85 11.49
CA VAL C 69 21.32 28.78 12.93
C VAL C 69 22.81 28.85 13.20
N LEU C 70 23.61 28.08 12.47
CA LEU C 70 25.06 28.01 12.69
C LEU C 70 25.74 29.37 12.56
N ALA C 71 25.32 30.22 11.63
CA ALA C 71 25.86 31.56 11.49
C ALA C 71 25.64 32.41 12.75
N VAL C 72 24.44 32.41 13.34
CA VAL C 72 24.17 33.23 14.53
C VAL C 72 24.77 32.64 15.79
N GLU C 73 24.93 31.33 15.91
CA GLU C 73 25.67 30.74 17.04
C GLU C 73 27.13 31.17 17.01
N ARG C 74 27.80 30.98 15.87
CA ARG C 74 29.22 31.31 15.72
C ARG C 74 29.46 32.80 15.95
N TYR C 75 28.60 33.66 15.42
CA TYR C 75 28.70 35.10 15.66
C TYR C 75 28.55 35.43 17.14
N LEU C 76 27.49 34.96 17.81
CA LEU C 76 27.27 35.30 19.21
C LEU C 76 28.41 34.84 20.10
N ARG C 77 28.99 33.66 19.86
CA ARG C 77 30.08 33.18 20.71
C ARG C 77 31.29 34.10 20.63
N ASP C 78 31.71 34.52 19.43
CA ASP C 78 32.81 35.48 19.32
C ASP C 78 32.45 36.86 19.86
N GLN C 79 31.18 37.29 19.83
CA GLN C 79 30.78 38.54 20.50
C GLN C 79 30.86 38.43 22.02
N GLN C 80 30.47 37.31 22.61
CA GLN C 80 30.51 37.12 24.06
C GLN C 80 31.91 37.27 24.64
N LEU C 81 32.94 36.73 23.98
CA LEU C 81 34.32 36.87 24.44
C LEU C 81 34.77 38.33 24.48
N LEU C 82 34.39 39.15 23.49
CA LEU C 82 34.68 40.59 23.56
C LEU C 82 33.90 41.25 24.71
N GLY C 83 32.76 40.72 25.10
CA GLY C 83 32.03 41.13 26.30
C GLY C 83 32.85 40.92 27.57
N ILE C 84 33.15 39.67 27.91
CA ILE C 84 33.82 39.35 29.17
C ILE C 84 35.29 39.77 29.26
N TRP C 85 35.92 40.28 28.21
CA TRP C 85 37.24 40.94 28.30
C TRP C 85 37.16 42.46 28.38
N GLY C 86 35.96 43.05 28.27
CA GLY C 86 35.73 44.50 28.29
C GLY C 86 35.85 45.21 26.94
N CYS C 87 36.05 44.48 25.85
CA CYS C 87 36.19 45.00 24.49
C CYS C 87 34.86 45.16 23.74
N SER C 88 33.70 45.09 24.38
CA SER C 88 32.42 45.04 23.66
C SER C 88 32.21 46.27 22.78
N GLY C 89 32.01 46.06 21.47
CA GLY C 89 31.84 47.13 20.48
C GLY C 89 33.13 47.78 19.98
N LYS C 90 34.31 47.26 20.33
CA LYS C 90 35.61 47.75 19.89
C LYS C 90 36.19 46.83 18.80
N LEU C 91 36.62 47.37 17.67
CA LEU C 91 37.32 46.61 16.63
C LEU C 91 38.78 46.40 17.02
N ILE C 92 39.40 47.46 17.54
CA ILE C 92 40.74 47.43 18.14
C ILE C 92 40.59 47.69 19.63
N CYS C 93 41.04 46.78 20.48
CA CYS C 93 40.90 46.88 21.94
C CYS C 93 42.22 46.57 22.63
N CYS C 94 42.63 47.34 23.63
CA CYS C 94 43.88 47.12 24.32
C CYS C 94 43.71 47.00 25.84
N THR C 95 44.62 46.27 26.52
CA THR C 95 44.28 45.58 27.77
C THR C 95 45.30 45.79 28.88
N ASN C 96 44.95 45.38 30.11
CA ASN C 96 45.88 45.41 31.25
C ASN C 96 46.83 44.20 31.30
N VAL C 97 46.57 43.10 30.59
CA VAL C 97 47.36 41.86 30.73
C VAL C 97 48.72 42.00 30.04
N PRO C 98 49.86 41.97 30.77
CA PRO C 98 51.17 42.18 30.17
C PRO C 98 51.63 40.98 29.33
N TRP C 99 52.39 41.26 28.27
CA TRP C 99 52.86 40.24 27.34
C TRP C 99 53.91 39.33 27.98
N ASN C 100 53.93 38.04 27.61
CA ASN C 100 54.93 37.07 28.04
C ASN C 100 55.73 36.61 26.82
N SER C 101 57.03 36.89 26.81
CA SER C 101 57.88 36.67 25.63
C SER C 101 57.99 35.21 25.20
N SER C 102 57.62 34.24 26.03
CA SER C 102 57.53 32.83 25.61
C SER C 102 56.41 32.58 24.58
N TRP C 103 55.42 33.46 24.46
CA TRP C 103 54.38 33.36 23.43
C TRP C 103 54.93 33.71 22.05
N SER C 104 55.69 34.80 21.93
CA SER C 104 56.66 35.01 20.85
C SER C 104 57.64 36.11 21.22
N ASN C 105 58.94 35.85 21.11
CA ASN C 105 60.00 36.77 21.48
C ASN C 105 60.45 37.58 20.27
N ARG C 106 59.81 38.74 20.06
CA ARG C 106 59.99 39.57 18.86
C ARG C 106 60.06 41.05 19.17
N ASN C 107 60.74 41.78 18.29
CA ASN C 107 60.57 43.21 18.09
C ASN C 107 59.16 43.50 17.50
N LEU C 108 58.65 44.73 17.59
CA LEU C 108 57.32 45.02 17.05
C LEU C 108 57.29 45.11 15.52
N SER C 109 58.29 45.73 14.87
CA SER C 109 58.29 45.86 13.40
C SER C 109 58.31 44.49 12.71
N GLU C 110 59.11 43.55 13.23
CA GLU C 110 59.19 42.20 12.68
C GLU C 110 57.86 41.42 12.79
N ILE C 111 56.88 41.91 13.56
CA ILE C 111 55.49 41.49 13.46
C ILE C 111 54.74 42.41 12.49
N TRP C 112 54.50 43.66 12.90
CA TRP C 112 53.49 44.53 12.30
C TRP C 112 53.78 44.93 10.86
N ASP C 113 55.05 45.13 10.53
CA ASP C 113 55.49 45.56 9.21
C ASP C 113 55.87 44.39 8.28
N ASN C 114 55.59 43.15 8.68
CA ASN C 114 56.20 41.97 8.04
C ASN C 114 55.24 40.78 7.87
N MET C 115 54.72 40.22 8.96
CA MET C 115 53.86 39.03 8.88
C MET C 115 52.47 39.36 8.36
N THR C 116 51.80 38.41 7.70
CA THR C 116 50.34 38.39 7.57
C THR C 116 49.69 37.76 8.80
N TRP C 117 48.41 38.05 9.08
CA TRP C 117 47.69 37.48 10.23
C TRP C 117 47.65 35.95 10.22
N LEU C 118 47.56 35.33 9.04
CA LEU C 118 47.60 33.88 8.84
C LEU C 118 48.81 33.24 9.52
N GLN C 119 50.01 33.75 9.24
CA GLN C 119 51.21 33.12 9.78
C GLN C 119 51.49 33.56 11.23
N TRP C 120 50.94 34.69 11.68
CA TRP C 120 50.94 35.00 13.10
C TRP C 120 50.06 34.04 13.90
N ASP C 121 48.82 33.85 13.46
CA ASP C 121 47.90 32.88 14.06
C ASP C 121 48.52 31.48 14.12
N LYS C 122 49.32 31.11 13.13
CA LYS C 122 50.10 29.88 13.16
C LYS C 122 51.15 29.90 14.28
N GLU C 123 52.07 30.86 14.28
CA GLU C 123 53.18 30.83 15.25
C GLU C 123 52.77 31.08 16.71
N ILE C 124 51.63 31.72 16.99
CA ILE C 124 51.08 31.84 18.35
C ILE C 124 50.18 30.65 18.76
N SER C 125 49.78 29.79 17.83
CA SER C 125 48.54 28.99 17.93
C SER C 125 48.35 28.18 19.22
N ASN C 126 49.42 27.72 19.87
CA ASN C 126 49.31 26.89 21.09
C ASN C 126 48.87 27.67 22.33
N TYR C 127 49.16 28.97 22.44
CA TYR C 127 49.02 29.69 23.71
C TYR C 127 47.63 30.29 23.97
N THR C 128 46.72 30.27 22.99
CA THR C 128 45.54 31.15 23.04
C THR C 128 44.64 30.93 24.25
N GLN C 129 44.49 29.70 24.76
CA GLN C 129 43.62 29.45 25.91
C GLN C 129 44.15 30.03 27.22
N ILE C 130 45.47 30.26 27.32
CA ILE C 130 46.09 30.98 28.43
C ILE C 130 45.62 32.42 28.40
N ILE C 131 45.79 33.04 27.23
CA ILE C 131 45.55 34.46 27.01
C ILE C 131 44.09 34.80 27.30
N TYR C 132 43.15 33.98 26.83
CA TYR C 132 41.73 34.19 27.07
C TYR C 132 41.38 34.07 28.55
N GLY C 133 42.04 33.17 29.29
CA GLY C 133 41.84 33.02 30.72
C GLY C 133 42.33 34.23 31.51
N LEU C 134 43.55 34.70 31.23
CA LEU C 134 44.14 35.87 31.85
C LEU C 134 43.25 37.11 31.61
N LEU C 135 42.78 37.31 30.38
CA LEU C 135 41.93 38.44 30.02
C LEU C 135 40.62 38.42 30.81
N GLU C 136 39.93 37.29 30.87
CA GLU C 136 38.64 37.17 31.54
C GLU C 136 38.70 37.58 33.02
N GLU C 137 39.64 37.04 33.79
CA GLU C 137 39.76 37.40 35.21
C GLU C 137 40.18 38.86 35.38
N SER C 138 41.07 39.36 34.52
CA SER C 138 41.54 40.74 34.59
C SER C 138 40.43 41.75 34.31
N GLN C 139 39.42 41.39 33.51
CA GLN C 139 38.25 42.24 33.34
C GLN C 139 37.47 42.35 34.64
N ASN C 140 37.11 41.22 35.24
CA ASN C 140 36.25 41.22 36.43
C ASN C 140 36.93 41.91 37.62
N GLN C 141 38.25 41.76 37.75
CA GLN C 141 39.03 42.48 38.73
C GLN C 141 38.86 44.01 38.58
N GLN C 142 38.92 44.53 37.36
CA GLN C 142 38.71 45.95 37.10
C GLN C 142 37.29 46.41 37.43
N GLU C 143 36.27 45.56 37.27
CA GLU C 143 34.87 45.94 37.56
C GLU C 143 34.54 45.94 39.05
N LYS C 144 35.16 45.11 39.90
CA LYS C 144 35.12 45.32 41.35
C LYS C 144 35.63 46.72 41.67
N ASN C 145 36.80 47.06 41.13
CA ASN C 145 37.50 48.29 41.47
C ASN C 145 36.74 49.54 41.02
N GLU C 146 36.03 49.50 39.90
CA GLU C 146 35.14 50.58 39.48
C GLU C 146 34.00 50.79 40.48
N GLN C 147 33.28 49.75 40.87
CA GLN C 147 32.20 49.85 41.86
C GLN C 147 32.71 50.32 43.23
N ASP C 148 33.83 49.77 43.68
CA ASP C 148 34.45 50.08 44.96
C ASP C 148 35.03 51.51 45.02
N LEU C 149 35.34 52.12 43.88
CA LEU C 149 35.71 53.53 43.75
C LEU C 149 34.46 54.41 43.73
N LEU C 150 33.47 54.10 42.90
CA LEU C 150 32.24 54.89 42.79
C LEU C 150 31.43 54.93 44.10
N ALA C 151 31.57 53.91 44.95
CA ALA C 151 30.94 53.87 46.28
C ALA C 151 31.36 55.03 47.21
N LEU C 152 32.48 55.70 46.96
CA LEU C 152 33.00 56.77 47.82
C LEU C 152 32.20 58.06 47.66
N GLU D 2 61.29 45.81 26.60
CA GLU D 2 60.13 46.70 26.37
C GLU D 2 58.95 46.33 27.27
N ASN D 3 58.03 47.28 27.50
CA ASN D 3 56.72 46.99 28.08
C ASN D 3 55.71 46.82 26.95
N LEU D 4 54.99 45.70 26.96
CA LEU D 4 54.07 45.29 25.91
C LEU D 4 52.86 44.63 26.55
N TRP D 5 51.68 44.78 25.94
CA TRP D 5 50.46 44.17 26.44
C TRP D 5 49.74 43.40 25.36
N VAL D 6 49.04 42.36 25.78
CA VAL D 6 48.06 41.72 24.91
C VAL D 6 47.09 42.77 24.41
N THR D 7 46.84 42.76 23.11
CA THR D 7 45.88 43.63 22.43
C THR D 7 45.03 42.77 21.53
N VAL D 8 43.76 43.07 21.46
CA VAL D 8 42.73 42.25 20.83
C VAL D 8 42.19 42.96 19.60
N TYR D 9 42.18 42.27 18.46
CA TYR D 9 41.68 42.76 17.19
C TYR D 9 40.56 41.86 16.71
N TYR D 10 39.51 42.43 16.12
CA TYR D 10 38.35 41.68 15.65
C TYR D 10 38.03 41.96 14.19
N GLY D 11 37.68 40.91 13.44
CA GLY D 11 37.51 41.01 11.99
C GLY D 11 38.82 40.93 11.23
N VAL D 12 39.86 40.29 11.77
CA VAL D 12 41.13 40.09 11.07
C VAL D 12 41.00 39.01 9.99
N PRO D 13 41.65 39.14 8.82
CA PRO D 13 41.59 38.12 7.78
C PRO D 13 42.46 36.90 8.11
N VAL D 14 41.84 35.84 8.62
CA VAL D 14 42.46 34.54 8.90
C VAL D 14 41.38 33.45 8.93
N TRP D 15 41.72 32.23 8.53
CA TRP D 15 40.77 31.14 8.35
C TRP D 15 41.37 29.78 8.69
N LYS D 16 40.51 28.79 8.94
CA LYS D 16 40.86 27.38 9.16
C LYS D 16 40.05 26.47 8.26
N ASP D 17 40.66 25.41 7.76
CA ASP D 17 40.03 24.43 6.88
C ASP D 17 38.86 23.74 7.60
N ALA D 18 37.72 23.57 6.95
CA ALA D 18 36.49 23.18 7.64
C ALA D 18 35.50 22.40 6.78
N GLU D 19 34.53 21.77 7.45
CA GLU D 19 33.40 21.06 6.85
C GLU D 19 32.08 21.67 7.37
N THR D 20 31.15 22.00 6.49
CA THR D 20 29.92 22.72 6.84
C THR D 20 28.80 22.43 5.85
N THR D 21 27.53 22.53 6.22
CA THR D 21 26.41 22.29 5.30
C THR D 21 26.32 23.41 4.27
N LEU D 22 26.74 23.15 3.04
CA LEU D 22 26.59 24.07 1.91
C LEU D 22 25.15 24.04 1.41
N PHE D 23 24.69 25.13 0.81
CA PHE D 23 23.32 25.24 0.28
C PHE D 23 23.31 25.54 -1.22
N CYS D 24 22.30 25.05 -1.93
CA CYS D 24 22.10 25.33 -3.35
C CYS D 24 21.66 26.76 -3.60
N ALA D 25 22.20 27.38 -4.65
CA ALA D 25 21.56 28.50 -5.34
C ALA D 25 21.39 28.18 -6.83
N SER D 26 20.28 28.59 -7.45
CA SER D 26 20.02 28.39 -8.88
C SER D 26 18.90 29.31 -9.36
N ASP D 27 18.76 29.55 -10.67
CA ASP D 27 17.88 30.58 -11.23
C ASP D 27 16.73 30.01 -12.09
N ALA D 28 15.56 30.65 -12.04
CA ALA D 28 14.41 30.29 -12.85
C ALA D 28 14.63 30.59 -14.35
N LYS D 35 7.99 23.24 -16.06
CA LYS D 35 8.07 21.93 -15.42
C LYS D 35 8.96 21.98 -14.18
N HIS D 36 8.68 21.13 -13.20
CA HIS D 36 9.66 20.78 -12.16
C HIS D 36 10.75 19.88 -12.74
N ASN D 37 11.89 19.79 -12.05
CA ASN D 37 12.94 18.83 -12.38
C ASN D 37 13.36 18.05 -11.15
N VAL D 38 13.96 16.88 -11.37
CA VAL D 38 14.33 15.92 -10.31
C VAL D 38 15.29 16.52 -9.26
N TRP D 39 16.04 17.56 -9.60
CA TRP D 39 16.97 18.29 -8.72
C TRP D 39 16.29 19.36 -7.86
N ALA D 40 14.98 19.56 -8.03
CA ALA D 40 14.13 20.45 -7.25
C ALA D 40 14.63 21.91 -7.18
N THR D 41 15.30 22.40 -8.23
CA THR D 41 15.93 23.73 -8.23
C THR D 41 14.94 24.88 -8.01
N HIS D 42 13.64 24.66 -8.21
CA HIS D 42 12.58 25.62 -7.84
C HIS D 42 12.60 25.96 -6.34
N ALA D 43 13.08 25.05 -5.49
CA ALA D 43 13.21 25.24 -4.04
C ALA D 43 14.58 25.80 -3.58
N CYS D 44 15.59 25.90 -4.43
CA CYS D 44 16.85 26.58 -4.11
C CYS D 44 16.63 28.09 -3.91
N VAL D 45 17.58 28.78 -3.27
CA VAL D 45 17.60 30.26 -3.29
C VAL D 45 18.02 30.76 -4.69
N PRO D 46 17.52 31.89 -5.21
CA PRO D 46 18.07 32.49 -6.41
C PRO D 46 19.54 32.88 -6.23
N THR D 47 20.35 32.65 -7.26
CA THR D 47 21.77 33.02 -7.29
C THR D 47 21.93 34.53 -7.24
N ASP D 48 23.03 35.02 -6.68
CA ASP D 48 23.44 36.42 -6.85
C ASP D 48 23.54 36.75 -8.35
N PRO D 49 22.88 37.83 -8.85
CA PRO D 49 22.94 38.21 -10.27
C PRO D 49 24.35 38.59 -10.75
N ASN D 50 25.28 38.93 -9.84
CA ASN D 50 26.66 39.27 -10.16
C ASN D 50 27.58 38.80 -9.00
N PRO D 51 27.88 37.50 -8.90
CA PRO D 51 28.63 36.96 -7.78
C PRO D 51 30.05 37.54 -7.78
N GLN D 52 30.52 37.99 -6.62
CA GLN D 52 31.82 38.63 -6.49
C GLN D 52 32.94 37.60 -6.36
N GLU D 53 34.04 37.81 -7.08
CA GLU D 53 35.29 37.11 -6.86
C GLU D 53 36.36 38.13 -6.44
N ILE D 54 36.91 37.98 -5.23
CA ILE D 54 37.94 38.88 -4.71
C ILE D 54 39.30 38.19 -4.86
N HIS D 55 40.26 38.80 -5.56
CA HIS D 55 41.59 38.21 -5.72
C HIS D 55 42.40 38.33 -4.43
N LEU D 56 42.87 37.22 -3.88
CA LEU D 56 43.60 37.23 -2.61
C LEU D 56 45.11 37.29 -2.88
N GLU D 57 45.62 38.51 -3.06
CA GLU D 57 47.01 38.75 -3.41
C GLU D 57 47.99 38.13 -2.39
N ASN D 58 49.19 37.74 -2.83
CA ASN D 58 50.22 37.00 -2.08
C ASN D 58 49.81 35.63 -1.49
N VAL D 59 48.54 35.26 -1.40
CA VAL D 59 48.09 34.02 -0.74
C VAL D 59 48.61 32.75 -1.42
N THR D 60 48.97 31.76 -0.61
CA THR D 60 49.21 30.37 -1.03
C THR D 60 48.43 29.41 -0.14
N GLU D 61 47.77 28.42 -0.72
CA GLU D 61 46.96 27.43 0.00
C GLU D 61 47.20 26.03 -0.58
N GLU D 62 47.28 25.01 0.28
CA GLU D 62 47.26 23.62 -0.19
C GLU D 62 45.84 23.17 -0.50
N PHE D 63 45.49 23.01 -1.77
CA PHE D 63 44.26 22.36 -2.18
C PHE D 63 44.49 20.84 -2.26
N ASN D 64 43.43 20.04 -2.15
CA ASN D 64 43.44 18.62 -2.44
C ASN D 64 42.06 18.21 -2.97
N MET D 65 41.96 17.77 -4.23
CA MET D 65 40.69 17.39 -4.84
C MET D 65 40.19 16.01 -4.42
N TRP D 66 41.04 15.14 -3.88
CA TRP D 66 40.71 13.73 -3.70
C TRP D 66 39.98 13.46 -2.39
N LYS D 67 40.42 14.07 -1.29
CA LYS D 67 39.76 14.01 0.03
C LYS D 67 39.00 15.28 0.40
N ASN D 68 38.61 16.05 -0.61
CA ASN D 68 37.68 17.17 -0.53
C ASN D 68 36.31 16.73 0.02
N ASN D 69 35.69 17.50 0.91
CA ASN D 69 34.37 17.16 1.45
C ASN D 69 33.20 17.43 0.49
N MET D 70 33.30 18.46 -0.36
CA MET D 70 32.18 18.95 -1.16
C MET D 70 31.57 17.87 -2.05
N VAL D 71 32.39 16.93 -2.53
CA VAL D 71 31.95 15.83 -3.40
C VAL D 71 31.02 14.87 -2.67
N GLU D 72 31.21 14.64 -1.37
CA GLU D 72 30.38 13.75 -0.56
C GLU D 72 29.05 14.42 -0.19
N GLN D 73 29.06 15.73 0.05
CA GLN D 73 27.81 16.48 0.15
C GLN D 73 27.06 16.41 -1.16
N MET D 74 27.71 16.64 -2.30
CA MET D 74 27.01 16.59 -3.58
C MET D 74 26.44 15.20 -3.86
N HIS D 75 27.23 14.14 -3.71
CA HIS D 75 26.76 12.77 -3.97
C HIS D 75 25.54 12.41 -3.12
N THR D 76 25.52 12.79 -1.84
CA THR D 76 24.38 12.48 -0.97
C THR D 76 23.20 13.43 -1.15
N ASP D 77 23.39 14.70 -1.55
CA ASP D 77 22.27 15.56 -1.95
C ASP D 77 21.56 14.98 -3.18
N ILE D 78 22.31 14.61 -4.20
CA ILE D 78 21.78 14.04 -5.45
C ILE D 78 21.01 12.75 -5.19
N ILE D 79 21.54 11.81 -4.40
CA ILE D 79 20.80 10.61 -3.99
C ILE D 79 19.52 10.99 -3.25
N SER D 80 19.58 11.94 -2.32
CA SER D 80 18.38 12.36 -1.57
C SER D 80 17.32 12.97 -2.47
N LEU D 81 17.73 13.68 -3.54
CA LEU D 81 16.82 14.30 -4.49
C LEU D 81 16.10 13.31 -5.38
N TRP D 82 16.74 12.25 -5.88
CA TRP D 82 16.02 11.19 -6.58
C TRP D 82 14.92 10.60 -5.69
N ASP D 83 15.23 10.25 -4.44
CA ASP D 83 14.24 9.65 -3.55
C ASP D 83 13.09 10.59 -3.27
N GLN D 84 13.38 11.85 -2.90
CA GLN D 84 12.35 12.87 -2.69
C GLN D 84 11.47 13.04 -3.93
N SER D 85 12.05 13.01 -5.14
CA SER D 85 11.29 13.18 -6.38
C SER D 85 10.44 11.97 -6.74
N LEU D 86 10.83 10.75 -6.36
CA LEU D 86 10.05 9.55 -6.68
C LEU D 86 8.89 9.29 -5.73
N LYS D 87 8.90 9.76 -4.47
CA LYS D 87 7.87 9.38 -3.48
C LYS D 87 6.41 9.42 -3.97
N PRO D 88 5.91 10.47 -4.65
CA PRO D 88 4.50 10.53 -5.03
C PRO D 88 4.14 9.73 -6.30
N CYS D 89 5.12 9.19 -7.05
CA CYS D 89 4.88 8.58 -8.35
C CYS D 89 4.30 7.16 -8.27
N VAL D 90 3.66 6.72 -9.35
CA VAL D 90 2.94 5.44 -9.45
C VAL D 90 3.83 4.25 -9.12
N LYS D 91 3.40 3.35 -8.24
CA LYS D 91 4.13 2.12 -7.91
C LYS D 91 3.64 1.00 -8.83
N LEU D 92 4.54 0.34 -9.57
CA LEU D 92 4.17 -0.62 -10.63
C LEU D 92 4.21 -2.09 -10.19
N THR D 93 3.99 -2.36 -8.90
CA THR D 93 3.88 -3.75 -8.40
C THR D 93 2.98 -4.69 -9.20
N PRO D 94 1.80 -4.29 -9.75
CA PRO D 94 0.97 -5.21 -10.53
C PRO D 94 1.54 -5.61 -11.90
N LEU D 95 2.69 -5.06 -12.34
CA LEU D 95 3.40 -5.57 -13.52
C LEU D 95 4.21 -6.83 -13.26
N CYS D 96 4.53 -7.20 -12.01
CA CYS D 96 5.15 -8.50 -11.77
C CYS D 96 4.10 -9.59 -11.97
N VAL D 97 3.89 -9.97 -13.22
CA VAL D 97 2.93 -10.96 -13.71
C VAL D 97 3.56 -11.69 -14.88
N THR D 98 3.19 -12.94 -15.12
CA THR D 98 3.71 -13.66 -16.29
C THR D 98 3.33 -12.98 -17.60
N LEU D 99 4.30 -12.70 -18.46
CA LEU D 99 4.12 -12.12 -19.79
C LEU D 99 4.22 -13.22 -20.86
N GLN D 100 3.39 -13.19 -21.88
CA GLN D 100 3.60 -13.98 -23.11
C GLN D 100 4.21 -13.04 -24.15
N CYS D 101 5.39 -13.33 -24.69
CA CYS D 101 6.08 -12.41 -25.61
C CYS D 101 6.45 -13.06 -26.93
N THR D 102 6.06 -12.47 -28.05
CA THR D 102 6.72 -12.71 -29.35
C THR D 102 7.87 -11.73 -29.53
N ASN D 103 8.76 -11.94 -30.50
CA ASN D 103 9.58 -10.84 -31.01
C ASN D 103 8.67 -9.82 -31.71
N VAL D 104 9.09 -8.56 -31.83
CA VAL D 104 8.52 -7.72 -32.91
C VAL D 104 8.96 -8.32 -34.24
N THR D 105 8.24 -8.04 -35.33
CA THR D 105 8.31 -8.81 -36.60
C THR D 105 9.66 -8.74 -37.34
N ASN D 106 10.66 -8.09 -36.76
CA ASN D 106 12.03 -7.98 -37.26
C ASN D 106 12.64 -9.35 -37.65
N ALA D 107 13.27 -9.40 -38.84
CA ALA D 107 13.82 -10.60 -39.46
C ALA D 107 15.33 -10.52 -39.79
N ILE D 108 16.05 -9.58 -39.15
CA ILE D 108 17.49 -9.32 -39.33
C ILE D 108 18.40 -10.45 -38.80
N THR D 109 19.69 -10.20 -38.60
CA THR D 109 20.65 -11.14 -37.98
C THR D 109 20.15 -11.69 -36.63
N ASP D 110 20.51 -12.93 -36.31
CA ASP D 110 20.01 -13.62 -35.11
C ASP D 110 20.38 -12.89 -33.80
N ASP D 111 19.59 -13.14 -32.76
CA ASP D 111 19.51 -12.42 -31.49
C ASP D 111 19.12 -10.93 -31.62
N MET D 112 19.59 -10.21 -32.65
CA MET D 112 19.18 -8.83 -32.92
C MET D 112 17.69 -8.73 -33.31
N ARG D 113 17.10 -9.81 -33.86
CA ARG D 113 15.64 -9.93 -34.02
C ARG D 113 14.90 -9.75 -32.70
N GLY D 114 15.44 -10.34 -31.63
CA GLY D 114 14.85 -10.34 -30.29
C GLY D 114 15.15 -9.09 -29.45
N GLU D 115 15.79 -8.05 -30.00
CA GLU D 115 16.23 -6.89 -29.19
C GLU D 115 15.08 -6.07 -28.61
N LEU D 116 13.89 -6.16 -29.20
CA LEU D 116 12.65 -5.72 -28.55
C LEU D 116 11.51 -6.71 -28.77
N LYS D 117 10.70 -6.88 -27.74
CA LYS D 117 9.72 -7.94 -27.55
C LYS D 117 8.34 -7.30 -27.51
N ASN D 118 7.34 -8.00 -28.02
CA ASN D 118 5.95 -7.58 -27.97
C ASN D 118 5.21 -8.46 -26.98
N CYS D 119 5.04 -7.98 -25.74
CA CYS D 119 4.54 -8.80 -24.64
C CYS D 119 3.09 -8.47 -24.30
N SER D 120 2.27 -9.49 -24.12
CA SER D 120 0.88 -9.35 -23.67
C SER D 120 0.61 -10.11 -22.38
N PHE D 121 -0.30 -9.59 -21.56
CA PHE D 121 -0.55 -10.03 -20.18
C PHE D 121 -1.90 -9.54 -19.67
N ASN D 122 -2.40 -10.13 -18.57
CA ASN D 122 -3.59 -9.64 -17.88
C ASN D 122 -3.20 -8.62 -16.81
N MET D 123 -4.04 -7.62 -16.59
CA MET D 123 -3.76 -6.50 -15.70
C MET D 123 -5.05 -6.06 -15.01
N THR D 124 -4.96 -5.49 -13.81
CA THR D 124 -6.12 -4.97 -13.06
C THR D 124 -6.73 -3.75 -13.75
N THR D 125 -8.03 -3.52 -13.59
CA THR D 125 -8.72 -2.32 -14.09
C THR D 125 -9.00 -1.34 -12.95
N GLU D 126 -9.77 -0.28 -13.21
CA GLU D 126 -10.34 0.58 -12.18
C GLU D 126 -11.20 -0.20 -11.17
N LEU D 127 -11.79 -1.33 -11.55
CA LEU D 127 -12.69 -2.15 -10.72
C LEU D 127 -11.99 -3.42 -10.23
N ARG D 128 -12.02 -3.70 -8.91
CA ARG D 128 -11.31 -4.80 -8.25
C ARG D 128 -11.62 -6.16 -8.87
N ASP D 129 -12.88 -6.36 -9.25
CA ASP D 129 -13.41 -7.61 -9.75
C ASP D 129 -13.17 -7.83 -11.25
N LYS D 130 -12.50 -6.93 -11.97
CA LYS D 130 -12.31 -7.03 -13.43
C LYS D 130 -10.88 -6.86 -13.88
N LYS D 131 -10.39 -7.82 -14.65
CA LYS D 131 -9.08 -7.80 -15.33
C LYS D 131 -9.25 -7.38 -16.80
N GLN D 132 -8.19 -6.90 -17.40
CA GLN D 132 -8.10 -6.53 -18.81
C GLN D 132 -6.88 -7.21 -19.44
N LYS D 133 -6.96 -7.61 -20.70
CA LYS D 133 -5.80 -8.11 -21.45
C LYS D 133 -5.19 -6.98 -22.25
N VAL D 134 -3.89 -6.78 -22.12
CA VAL D 134 -3.16 -5.61 -22.64
C VAL D 134 -1.83 -6.06 -23.25
N TYR D 135 -1.18 -5.19 -24.03
CA TYR D 135 0.14 -5.48 -24.60
C TYR D 135 1.03 -4.23 -24.65
N SER D 136 2.34 -4.43 -24.64
CA SER D 136 3.35 -3.39 -24.79
C SER D 136 4.59 -3.91 -25.50
N LEU D 137 5.28 -3.06 -26.24
CA LEU D 137 6.66 -3.33 -26.60
C LEU D 137 7.55 -3.16 -25.34
N PHE D 138 8.59 -3.98 -25.21
CA PHE D 138 9.62 -3.91 -24.17
C PHE D 138 10.99 -4.20 -24.78
N TYR D 139 12.05 -3.52 -24.36
CA TYR D 139 13.40 -3.84 -24.81
C TYR D 139 13.87 -5.14 -24.17
N ARG D 140 14.75 -5.90 -24.82
CA ARG D 140 15.17 -7.22 -24.34
C ARG D 140 15.72 -7.19 -22.92
N LEU D 141 16.42 -6.12 -22.54
CA LEU D 141 17.05 -5.95 -21.22
C LEU D 141 16.08 -5.59 -20.10
N ASP D 142 14.82 -5.29 -20.38
CA ASP D 142 13.80 -5.09 -19.33
C ASP D 142 13.20 -6.41 -18.84
N VAL D 143 13.47 -7.56 -19.48
CA VAL D 143 12.78 -8.84 -19.23
C VAL D 143 13.72 -10.04 -19.12
N VAL D 144 13.26 -11.13 -18.51
CA VAL D 144 13.96 -12.43 -18.43
C VAL D 144 12.97 -13.59 -18.63
N GLN D 145 13.43 -14.70 -19.18
CA GLN D 145 12.58 -15.86 -19.50
C GLN D 145 12.37 -16.78 -18.30
N ILE D 146 11.20 -17.40 -18.17
CA ILE D 146 10.86 -18.26 -17.02
C ILE D 146 11.27 -19.74 -17.21
N ASN D 147 11.19 -20.26 -18.44
CA ASN D 147 11.20 -21.70 -18.75
C ASN D 147 10.06 -22.46 -18.03
N ASN D 158 10.48 -21.54 -22.85
CA ASN D 158 9.23 -21.21 -23.53
C ASN D 158 9.08 -19.68 -23.73
N LYS D 159 8.04 -19.23 -24.42
CA LYS D 159 7.75 -17.81 -24.65
C LYS D 159 7.23 -17.02 -23.44
N GLU D 160 7.50 -17.47 -22.22
CA GLU D 160 7.02 -16.85 -20.98
C GLU D 160 8.11 -16.04 -20.30
N TYR D 161 7.80 -14.81 -19.91
CA TYR D 161 8.78 -13.85 -19.41
C TYR D 161 8.27 -13.10 -18.17
N ARG D 162 9.17 -12.45 -17.44
CA ARG D 162 8.88 -11.56 -16.31
C ARG D 162 9.84 -10.38 -16.31
N LEU D 163 9.49 -9.26 -15.70
CA LEU D 163 10.38 -8.09 -15.63
C LEU D 163 11.69 -8.42 -14.91
N ILE D 164 12.76 -7.71 -15.28
CA ILE D 164 14.10 -7.94 -14.74
C ILE D 164 14.17 -7.84 -13.21
N ASN D 165 13.33 -7.01 -12.58
CA ASN D 165 13.44 -6.68 -11.16
C ASN D 165 12.61 -7.54 -10.19
N CYS D 166 11.64 -8.36 -10.63
CA CYS D 166 10.65 -8.92 -9.70
C CYS D 166 11.27 -9.79 -8.58
N ASN D 167 12.38 -10.46 -8.81
CA ASN D 167 13.05 -11.27 -7.78
C ASN D 167 14.03 -10.47 -6.89
N THR D 168 14.03 -9.13 -6.94
CA THR D 168 14.95 -8.29 -6.17
C THR D 168 14.35 -7.00 -5.64
N SER D 169 13.45 -6.31 -6.36
CA SER D 169 13.09 -4.92 -6.04
C SER D 169 11.63 -4.62 -6.32
N ALA D 170 11.00 -3.81 -5.48
CA ALA D 170 9.86 -3.00 -5.87
C ALA D 170 10.26 -2.00 -6.97
N ILE D 171 9.28 -1.48 -7.70
CA ILE D 171 9.52 -0.60 -8.86
C ILE D 171 8.58 0.60 -8.91
N THR D 172 9.11 1.78 -9.19
CA THR D 172 8.34 3.03 -9.28
C THR D 172 8.42 3.60 -10.69
N GLN D 173 7.28 3.95 -11.31
CA GLN D 173 7.28 4.70 -12.55
C GLN D 173 7.78 6.11 -12.29
N ALA D 174 8.77 6.61 -13.00
CA ALA D 174 9.15 8.01 -12.85
C ALA D 174 8.04 8.91 -13.40
N CYS D 175 7.53 9.85 -12.60
CA CYS D 175 6.43 10.72 -13.00
C CYS D 175 6.70 11.40 -14.35
N PRO D 176 5.74 11.45 -15.29
CA PRO D 176 5.99 11.95 -16.64
C PRO D 176 6.33 13.45 -16.70
N LYS D 177 5.85 14.25 -15.74
CA LYS D 177 6.02 15.71 -15.75
C LYS D 177 7.40 16.17 -15.28
N VAL D 178 8.02 15.50 -14.31
CA VAL D 178 9.32 15.94 -13.78
C VAL D 178 10.42 15.68 -14.79
N SER D 179 11.17 16.72 -15.12
CA SER D 179 12.28 16.65 -16.06
C SER D 179 13.54 16.03 -15.43
N PHE D 180 14.32 15.30 -16.21
CA PHE D 180 15.67 14.85 -15.82
C PHE D 180 16.77 15.82 -16.27
N GLU D 181 16.44 16.94 -16.93
CA GLU D 181 17.46 17.86 -17.45
C GLU D 181 18.41 18.34 -16.34
N PRO D 182 19.73 18.24 -16.50
CA PRO D 182 20.71 18.71 -15.54
C PRO D 182 20.82 20.25 -15.53
N ILE D 183 19.86 20.91 -14.88
CA ILE D 183 19.88 22.34 -14.59
C ILE D 183 21.07 22.71 -13.69
N PRO D 184 21.83 23.78 -13.95
CA PRO D 184 22.99 24.14 -13.14
C PRO D 184 22.66 24.46 -11.68
N ILE D 185 23.45 23.91 -10.77
CA ILE D 185 23.43 24.19 -9.34
C ILE D 185 24.70 24.97 -8.99
N HIS D 186 24.57 26.04 -8.22
CA HIS D 186 25.68 26.67 -7.53
C HIS D 186 25.69 26.18 -6.09
N TYR D 187 26.83 25.75 -5.56
CA TYR D 187 26.97 25.45 -4.13
C TYR D 187 27.55 26.66 -3.42
N CYS D 188 26.93 27.08 -2.32
CA CYS D 188 27.28 28.29 -1.58
C CYS D 188 27.58 27.98 -0.11
N ALA D 189 28.47 28.76 0.50
CA ALA D 189 28.82 28.59 1.92
C ALA D 189 28.02 29.53 2.85
N PRO D 190 27.64 29.07 4.06
CA PRO D 190 26.97 29.90 5.08
C PRO D 190 27.80 31.13 5.48
N ALA D 191 27.18 32.17 6.04
CA ALA D 191 27.94 33.34 6.49
C ALA D 191 28.98 32.95 7.56
N GLY D 192 30.16 33.57 7.53
CA GLY D 192 31.28 33.16 8.39
C GLY D 192 32.11 31.99 7.85
N PHE D 193 31.77 31.48 6.67
CA PHE D 193 32.57 30.54 5.89
C PHE D 193 32.82 31.13 4.50
N ALA D 194 33.83 30.65 3.79
CA ALA D 194 34.19 31.14 2.47
C ALA D 194 34.59 29.99 1.55
N ILE D 195 34.32 30.12 0.25
CA ILE D 195 34.88 29.25 -0.78
C ILE D 195 36.14 29.92 -1.31
N LEU D 196 37.24 29.17 -1.39
CA LEU D 196 38.45 29.58 -2.07
C LEU D 196 38.55 28.85 -3.41
N LYS D 197 38.93 29.56 -4.48
CA LYS D 197 39.08 29.04 -5.84
C LYS D 197 40.56 29.07 -6.21
N CYS D 198 41.15 27.94 -6.56
CA CYS D 198 42.49 27.92 -7.15
C CYS D 198 42.48 28.50 -8.56
N LYS D 199 43.37 29.46 -8.85
CA LYS D 199 43.48 30.13 -10.15
C LYS D 199 44.64 29.63 -11.01
N ASP D 200 45.54 28.82 -10.47
CA ASP D 200 46.71 28.32 -11.19
C ASP D 200 46.30 27.41 -12.36
N LYS D 201 46.54 27.84 -13.61
CA LYS D 201 46.10 27.10 -14.81
C LYS D 201 46.73 25.71 -14.92
N LYS D 202 47.92 25.53 -14.37
CA LYS D 202 48.64 24.25 -14.34
C LYS D 202 48.63 23.59 -12.95
N PHE D 203 47.63 23.90 -12.13
CA PHE D 203 47.31 23.11 -10.95
C PHE D 203 46.94 21.68 -11.35
N ASN D 204 47.35 20.70 -10.55
CA ASN D 204 47.27 19.28 -10.82
C ASN D 204 46.57 18.50 -9.70
N GLY D 205 45.64 19.14 -8.99
CA GLY D 205 44.71 18.47 -8.07
C GLY D 205 45.18 18.35 -6.62
N THR D 206 46.46 18.53 -6.31
CA THR D 206 46.99 18.55 -4.93
C THR D 206 48.13 19.55 -4.75
N GLY D 207 48.42 19.89 -3.50
CA GLY D 207 49.54 20.73 -3.12
C GLY D 207 49.31 22.24 -3.31
N PRO D 208 50.35 23.06 -3.07
CA PRO D 208 50.22 24.51 -3.02
C PRO D 208 49.77 25.13 -4.34
N CYS D 209 48.57 25.73 -4.36
CA CYS D 209 48.13 26.59 -5.45
C CYS D 209 48.58 28.04 -5.17
N PRO D 210 49.57 28.60 -5.89
CA PRO D 210 50.16 29.91 -5.61
C PRO D 210 49.30 31.13 -5.98
N SER D 211 48.08 30.92 -6.49
CA SER D 211 47.21 32.02 -6.94
C SER D 211 45.76 31.67 -6.63
N VAL D 212 45.07 32.55 -5.90
CA VAL D 212 43.79 32.22 -5.25
C VAL D 212 42.86 33.41 -5.25
N SER D 213 41.57 33.15 -5.30
CA SER D 213 40.53 34.15 -5.07
C SER D 213 39.40 33.54 -4.25
N THR D 214 38.52 34.37 -3.72
CA THR D 214 37.41 33.91 -2.88
C THR D 214 36.07 34.35 -3.44
N VAL D 215 35.05 33.51 -3.26
CA VAL D 215 33.70 33.68 -3.80
C VAL D 215 32.62 33.23 -2.80
N GLN D 216 31.38 33.65 -3.01
CA GLN D 216 30.23 33.18 -2.23
C GLN D 216 29.85 31.74 -2.59
N CYS D 217 29.91 31.41 -3.89
CA CYS D 217 29.37 30.19 -4.48
C CYS D 217 30.25 29.69 -5.62
N THR D 218 30.19 28.39 -5.92
CA THR D 218 30.80 27.83 -7.14
C THR D 218 30.19 28.41 -8.41
N HIS D 219 30.85 28.23 -9.56
CA HIS D 219 30.23 28.35 -10.88
C HIS D 219 29.06 27.34 -11.03
N GLY D 220 28.29 27.47 -12.10
CA GLY D 220 27.17 26.59 -12.37
C GLY D 220 27.61 25.17 -12.70
N ILE D 221 27.39 24.22 -11.79
CA ILE D 221 27.75 22.82 -11.97
C ILE D 221 26.51 22.06 -12.45
N LYS D 222 26.63 21.29 -13.53
CA LYS D 222 25.54 20.47 -14.05
C LYS D 222 25.67 19.06 -13.47
N PRO D 223 24.64 18.49 -12.81
CA PRO D 223 24.68 17.14 -12.29
C PRO D 223 24.51 16.07 -13.39
N VAL D 224 25.31 16.15 -14.45
CA VAL D 224 25.30 15.19 -15.57
C VAL D 224 25.89 13.87 -15.09
N VAL D 225 25.15 12.77 -15.24
CA VAL D 225 25.60 11.43 -14.86
C VAL D 225 25.96 10.64 -16.11
N SER D 226 27.18 10.13 -16.20
CA SER D 226 27.66 9.36 -17.35
C SER D 226 28.91 8.57 -17.00
N THR D 227 28.95 7.29 -17.35
CA THR D 227 30.12 6.42 -17.15
C THR D 227 31.11 6.57 -18.31
N GLN D 228 32.38 6.18 -18.11
CA GLN D 228 33.51 6.18 -19.06
C GLN D 228 33.95 7.54 -19.59
N LEU D 229 33.02 8.36 -20.09
CA LEU D 229 33.26 9.68 -20.66
C LEU D 229 32.50 10.72 -19.84
N LEU D 230 33.05 11.93 -19.74
CA LEU D 230 32.47 13.05 -19.03
C LEU D 230 31.85 14.00 -20.05
N LEU D 231 30.56 14.33 -19.90
CA LEU D 231 29.81 15.12 -20.86
C LEU D 231 29.46 16.51 -20.31
N ASN D 232 29.50 17.50 -21.19
CA ASN D 232 29.23 18.93 -20.96
C ASN D 232 30.04 19.64 -19.86
N GLY D 233 30.85 18.94 -19.07
CA GLY D 233 31.62 19.52 -17.96
C GLY D 233 32.79 20.40 -18.41
N SER D 234 33.34 21.19 -17.48
CA SER D 234 34.30 22.26 -17.77
C SER D 234 35.62 21.79 -18.39
N LEU D 235 36.08 22.50 -19.43
CA LEU D 235 37.35 22.28 -20.11
C LEU D 235 38.55 22.65 -19.22
N ALA D 236 39.72 22.09 -19.50
CA ALA D 236 40.98 22.50 -18.87
C ALA D 236 41.43 23.89 -19.35
N GLU D 237 42.16 24.62 -18.52
CA GLU D 237 42.47 26.04 -18.76
C GLU D 237 43.47 26.21 -19.92
N GLU D 238 44.54 25.42 -19.93
CA GLU D 238 45.32 25.07 -21.12
C GLU D 238 45.98 23.69 -20.96
N GLU D 239 46.28 23.03 -22.08
CA GLU D 239 46.67 21.61 -22.20
C GLU D 239 45.62 20.60 -21.71
N VAL D 240 45.65 19.38 -22.24
CA VAL D 240 44.77 18.30 -21.77
C VAL D 240 45.29 17.72 -20.45
N MET D 241 44.97 18.40 -19.35
CA MET D 241 45.49 18.10 -18.02
C MET D 241 45.04 16.72 -17.54
N ILE D 242 45.92 16.00 -16.85
CA ILE D 242 45.67 14.66 -16.30
C ILE D 242 45.76 14.72 -14.78
N ARG D 243 44.86 14.03 -14.07
CA ARG D 243 44.78 14.04 -12.61
C ARG D 243 44.55 12.63 -12.07
N SER D 244 45.29 12.24 -11.04
CA SER D 244 44.97 11.08 -10.19
C SER D 244 45.62 11.27 -8.82
N GLU D 245 45.18 10.56 -7.78
CA GLU D 245 45.77 10.72 -6.46
C GLU D 245 47.13 10.00 -6.31
N ASN D 246 47.36 8.93 -7.08
CA ASN D 246 48.64 8.22 -7.15
C ASN D 246 48.79 7.52 -8.52
N ILE D 247 49.33 8.23 -9.51
CA ILE D 247 49.51 7.69 -10.89
C ILE D 247 50.36 6.41 -10.90
N THR D 248 51.35 6.31 -10.02
CA THR D 248 52.26 5.15 -9.94
C THR D 248 51.60 3.88 -9.43
N ASN D 249 50.36 3.95 -8.94
CA ASN D 249 49.53 2.79 -8.65
C ASN D 249 48.48 2.59 -9.78
N ASN D 250 48.40 1.39 -10.36
CA ASN D 250 47.45 1.08 -11.44
C ASN D 250 45.99 1.01 -10.97
N ALA D 251 45.74 0.74 -9.68
CA ALA D 251 44.38 0.59 -9.14
C ALA D 251 43.56 1.89 -9.10
N LYS D 252 44.20 3.05 -9.22
CA LYS D 252 43.56 4.37 -9.22
C LYS D 252 43.01 4.75 -10.59
N ASN D 253 41.80 5.29 -10.63
CA ASN D 253 41.27 5.93 -11.85
C ASN D 253 42.14 7.12 -12.24
N ILE D 254 42.13 7.50 -13.51
CA ILE D 254 42.90 8.64 -14.02
C ILE D 254 41.96 9.50 -14.83
N LEU D 255 41.57 10.66 -14.29
CA LEU D 255 40.77 11.62 -15.03
C LEU D 255 41.68 12.33 -16.02
N VAL D 256 41.21 12.54 -17.24
CA VAL D 256 41.82 13.50 -18.17
C VAL D 256 40.78 14.53 -18.55
N GLN D 257 41.19 15.79 -18.74
CA GLN D 257 40.28 16.89 -18.99
C GLN D 257 40.74 17.68 -20.21
N PHE D 258 39.96 17.70 -21.29
CA PHE D 258 40.39 18.28 -22.55
C PHE D 258 40.38 19.81 -22.47
N ASN D 259 41.32 20.49 -23.15
CA ASN D 259 41.26 21.95 -23.29
C ASN D 259 40.27 22.40 -24.38
N THR D 260 39.72 21.48 -25.16
CA THR D 260 38.75 21.74 -26.24
C THR D 260 37.77 20.56 -26.37
N PRO D 261 36.48 20.78 -26.65
CA PRO D 261 35.51 19.70 -26.67
C PRO D 261 35.59 18.87 -27.94
N VAL D 262 35.31 17.57 -27.86
CA VAL D 262 35.02 16.72 -29.03
C VAL D 262 33.55 16.31 -29.00
N GLN D 263 32.83 16.48 -30.09
CA GLN D 263 31.37 16.55 -30.09
C GLN D 263 30.75 15.21 -30.43
N ILE D 264 29.80 14.74 -29.62
CA ILE D 264 29.11 13.47 -29.81
C ILE D 264 27.63 13.72 -30.12
N ASN D 265 27.10 13.09 -31.17
CA ASN D 265 25.69 13.19 -31.56
C ASN D 265 25.01 11.86 -31.34
N CYS D 266 24.03 11.81 -30.45
CA CYS D 266 23.34 10.57 -30.10
C CYS D 266 21.89 10.62 -30.54
N THR D 267 21.34 9.49 -30.94
CA THR D 267 19.98 9.41 -31.44
C THR D 267 19.33 8.07 -31.16
N ARG D 268 18.01 8.06 -30.97
CA ARG D 268 17.17 6.87 -31.11
C ARG D 268 16.27 7.11 -32.32
N PRO D 269 16.48 6.47 -33.46
CA PRO D 269 15.76 6.81 -34.69
C PRO D 269 14.41 6.11 -34.84
N ASN D 270 14.07 5.11 -34.01
CA ASN D 270 12.72 4.57 -33.96
C ASN D 270 11.75 5.62 -33.42
N ASN D 271 10.60 5.77 -34.06
CA ASN D 271 9.54 6.65 -33.62
C ASN D 271 8.50 5.86 -32.82
N ASN D 272 8.76 5.69 -31.52
CA ASN D 272 7.85 5.02 -30.59
C ASN D 272 6.63 5.88 -30.30
N THR D 273 5.49 5.25 -30.02
CA THR D 273 4.30 5.91 -29.48
C THR D 273 4.12 5.63 -27.99
N ARG D 274 3.73 6.67 -27.25
CA ARG D 274 3.25 6.56 -25.87
C ARG D 274 1.85 5.94 -25.89
N LYS D 275 1.51 5.10 -24.91
CA LYS D 275 0.13 4.63 -24.66
C LYS D 275 -0.14 4.60 -23.17
N SER D 276 -1.30 5.05 -22.71
CA SER D 276 -1.69 5.01 -21.30
C SER D 276 -2.67 3.88 -21.01
N ILE D 277 -2.37 3.07 -20.01
CA ILE D 277 -3.21 2.01 -19.46
C ILE D 277 -3.58 2.40 -18.02
N ARG D 278 -4.85 2.50 -17.62
CA ARG D 278 -5.18 2.60 -16.18
C ARG D 278 -4.98 1.24 -15.54
N ILE D 279 -4.22 1.18 -14.45
CA ILE D 279 -3.96 -0.07 -13.69
C ILE D 279 -4.69 -0.11 -12.35
N GLY D 280 -5.20 1.04 -11.90
CA GLY D 280 -5.85 1.23 -10.61
C GLY D 280 -6.68 2.52 -10.65
N PRO D 281 -7.53 2.80 -9.64
CA PRO D 281 -8.37 3.99 -9.66
C PRO D 281 -7.52 5.26 -9.55
N GLY D 282 -7.36 5.97 -10.66
CA GLY D 282 -6.53 7.18 -10.73
C GLY D 282 -5.03 6.93 -10.94
N GLN D 283 -4.61 5.72 -11.31
CA GLN D 283 -3.20 5.38 -11.56
C GLN D 283 -3.01 4.82 -12.97
N ALA D 284 -2.07 5.37 -13.73
CA ALA D 284 -1.79 4.97 -15.10
C ALA D 284 -0.37 4.46 -15.28
N PHE D 285 -0.21 3.47 -16.15
CA PHE D 285 1.05 2.92 -16.61
C PHE D 285 1.25 3.34 -18.06
N TYR D 286 2.40 3.91 -18.40
CA TYR D 286 2.70 4.28 -19.78
C TYR D 286 3.49 3.18 -20.50
N ALA D 287 2.81 2.47 -21.38
CA ALA D 287 3.38 1.46 -22.25
C ALA D 287 3.86 2.07 -23.56
N THR D 288 4.72 1.36 -24.29
CA THR D 288 5.00 1.69 -25.69
C THR D 288 3.95 1.05 -26.57
N GLY D 289 3.17 1.85 -27.29
CA GLY D 289 2.06 1.35 -28.10
C GLY D 289 2.52 0.57 -29.31
N ASP D 290 3.27 1.24 -30.19
CA ASP D 290 3.87 0.69 -31.42
C ASP D 290 4.97 1.62 -31.93
N ILE D 291 5.54 1.31 -33.09
CA ILE D 291 6.59 2.07 -33.76
C ILE D 291 6.10 2.48 -35.15
N ILE D 292 6.26 3.75 -35.53
CA ILE D 292 5.96 4.21 -36.89
C ILE D 292 7.15 3.92 -37.80
N GLY D 293 6.88 3.30 -38.96
CA GLY D 293 7.85 3.21 -40.04
C GLY D 293 9.01 2.26 -39.75
N ASP D 294 10.18 2.58 -40.31
CA ASP D 294 11.36 1.72 -40.29
C ASP D 294 11.96 1.57 -38.89
N ILE D 295 12.44 0.36 -38.57
CA ILE D 295 13.27 0.11 -37.39
C ILE D 295 14.75 0.28 -37.77
N ARG D 296 15.50 1.12 -37.05
CA ARG D 296 16.96 1.31 -37.19
C ARG D 296 17.60 1.41 -35.81
N GLN D 297 18.88 1.12 -35.67
CA GLN D 297 19.51 1.03 -34.35
C GLN D 297 19.77 2.39 -33.71
N ALA D 298 19.58 2.52 -32.40
CA ALA D 298 20.02 3.68 -31.63
C ALA D 298 21.55 3.74 -31.57
N HIS D 299 22.15 4.91 -31.75
CA HIS D 299 23.60 5.03 -31.89
C HIS D 299 24.11 6.43 -31.56
N CYS D 300 25.42 6.56 -31.42
CA CYS D 300 26.12 7.83 -31.20
C CYS D 300 27.30 7.98 -32.16
N ASN D 301 27.54 9.16 -32.71
CA ASN D 301 28.65 9.41 -33.63
C ASN D 301 29.61 10.44 -33.07
N VAL D 302 30.91 10.27 -33.31
CA VAL D 302 31.96 11.23 -32.95
C VAL D 302 32.95 11.36 -34.11
N SER D 303 33.45 12.55 -34.42
CA SER D 303 34.24 12.73 -35.65
C SER D 303 35.63 12.11 -35.52
N LYS D 304 36.07 11.33 -36.51
CA LYS D 304 37.28 10.52 -36.37
C LYS D 304 38.53 11.37 -36.33
N ALA D 305 38.68 12.38 -37.19
CA ALA D 305 39.85 13.27 -37.14
C ALA D 305 40.02 13.92 -35.75
N THR D 306 38.99 14.57 -35.22
CA THR D 306 39.05 15.22 -33.91
C THR D 306 39.29 14.23 -32.77
N TRP D 307 38.69 13.04 -32.81
CA TRP D 307 38.97 12.03 -31.80
C TRP D 307 40.38 11.46 -31.90
N ASN D 308 40.88 11.19 -33.11
CA ASN D 308 42.24 10.74 -33.34
C ASN D 308 43.27 11.77 -32.85
N GLU D 309 43.08 13.04 -33.21
CA GLU D 309 43.91 14.16 -32.74
C GLU D 309 43.89 14.29 -31.22
N THR D 310 42.70 14.31 -30.63
CA THR D 310 42.53 14.43 -29.17
C THR D 310 43.17 13.27 -28.44
N LEU D 311 43.08 12.06 -28.96
CA LEU D 311 43.78 10.92 -28.38
C LEU D 311 45.29 11.07 -28.52
N GLY D 312 45.78 11.66 -29.62
CA GLY D 312 47.19 12.07 -29.77
C GLY D 312 47.65 13.01 -28.66
N LYS D 313 46.87 14.04 -28.35
CA LYS D 313 47.16 14.99 -27.26
C LYS D 313 47.21 14.32 -25.90
N VAL D 314 46.28 13.43 -25.58
CA VAL D 314 46.32 12.66 -24.32
C VAL D 314 47.58 11.79 -24.23
N VAL D 315 48.05 11.21 -25.33
CA VAL D 315 49.30 10.44 -25.32
C VAL D 315 50.48 11.35 -25.01
N LYS D 316 50.57 12.51 -25.66
CA LYS D 316 51.67 13.46 -25.44
C LYS D 316 51.71 14.04 -24.03
N GLN D 317 50.61 14.00 -23.27
CA GLN D 317 50.61 14.29 -21.84
C GLN D 317 50.95 13.07 -20.98
N LEU D 318 50.46 11.86 -21.28
CA LEU D 318 50.92 10.64 -20.59
C LEU D 318 52.42 10.44 -20.77
N ARG D 319 53.00 10.89 -21.88
CA ARG D 319 54.45 10.86 -22.13
C ARG D 319 55.27 11.68 -21.11
N LYS D 320 54.68 12.66 -20.41
CA LYS D 320 55.35 13.33 -19.28
C LYS D 320 55.49 12.38 -18.08
N HIS D 321 54.40 11.73 -17.67
CA HIS D 321 54.37 10.87 -16.49
C HIS D 321 54.99 9.49 -16.71
N PHE D 322 55.07 9.00 -17.94
CA PHE D 322 55.59 7.66 -18.30
C PHE D 322 56.87 7.67 -19.16
N GLY D 323 57.36 8.84 -19.60
CA GLY D 323 58.59 8.99 -20.37
C GLY D 323 58.43 8.76 -21.89
N ASN D 324 59.40 9.22 -22.69
CA ASN D 324 59.29 9.24 -24.17
C ASN D 324 59.49 7.88 -24.86
N ASN D 325 60.20 6.93 -24.24
CA ASN D 325 60.47 5.64 -24.87
C ASN D 325 59.21 4.78 -25.07
N THR D 326 58.17 4.96 -24.24
CA THR D 326 57.04 4.02 -24.20
C THR D 326 56.03 4.25 -25.32
N ILE D 327 55.85 3.24 -26.17
CA ILE D 327 54.65 3.06 -26.99
C ILE D 327 53.50 2.77 -26.03
N ILE D 328 52.41 3.51 -26.14
CA ILE D 328 51.25 3.31 -25.27
C ILE D 328 49.98 3.06 -26.06
N ARG D 329 49.11 2.28 -25.43
CA ARG D 329 48.01 1.59 -26.07
C ARG D 329 46.71 1.93 -25.38
N PHE D 330 45.63 1.91 -26.13
CA PHE D 330 44.28 1.94 -25.61
C PHE D 330 43.57 0.63 -25.92
N ALA D 331 42.69 0.22 -25.03
CA ALA D 331 41.88 -0.97 -25.16
C ALA D 331 40.46 -0.71 -24.66
N ASN D 332 39.49 -1.54 -25.04
CA ASN D 332 38.15 -1.48 -24.46
C ASN D 332 38.12 -1.99 -23.01
N SER D 333 37.04 -1.75 -22.29
CA SER D 333 36.86 -2.27 -20.93
C SER D 333 36.78 -3.80 -20.96
N SER D 334 37.33 -4.48 -19.95
CA SER D 334 37.52 -5.94 -19.99
C SER D 334 36.27 -6.75 -19.62
N GLY D 335 35.39 -6.22 -18.78
CA GLY D 335 34.21 -6.93 -18.26
C GLY D 335 33.59 -6.27 -17.05
N GLY D 336 32.48 -6.81 -16.55
CA GLY D 336 31.65 -6.22 -15.49
C GLY D 336 30.19 -6.05 -15.89
N ASP D 337 29.46 -5.23 -15.15
CA ASP D 337 28.06 -4.90 -15.46
C ASP D 337 27.94 -4.03 -16.73
N LEU D 338 26.74 -4.01 -17.33
CA LEU D 338 26.45 -3.16 -18.49
C LEU D 338 26.66 -1.67 -18.17
N GLU D 339 26.32 -1.24 -16.95
CA GLU D 339 26.53 0.14 -16.51
C GLU D 339 27.97 0.63 -16.66
N VAL D 340 28.96 -0.24 -16.44
CA VAL D 340 30.38 0.13 -16.42
C VAL D 340 31.18 -0.32 -17.64
N THR D 341 30.81 -1.44 -18.27
CA THR D 341 31.42 -1.89 -19.54
C THR D 341 31.04 -1.02 -20.75
N THR D 342 30.12 -0.06 -20.60
CA THR D 342 29.62 0.80 -21.67
C THR D 342 29.62 2.26 -21.25
N HIS D 343 29.55 3.19 -22.20
CA HIS D 343 29.33 4.61 -21.90
C HIS D 343 27.88 4.87 -21.50
N SER D 344 27.46 4.35 -20.36
CA SER D 344 26.06 4.47 -19.94
C SER D 344 25.72 5.90 -19.57
N PHE D 345 24.64 6.44 -20.10
CA PHE D 345 24.25 7.85 -19.92
C PHE D 345 22.79 8.11 -20.30
N ASN D 346 22.27 9.29 -19.97
CA ASN D 346 20.90 9.71 -20.28
C ASN D 346 20.87 10.74 -21.41
N CYS D 347 20.01 10.59 -22.43
CA CYS D 347 19.77 11.59 -23.47
C CYS D 347 18.28 11.66 -23.78
N GLY D 348 17.72 12.87 -23.86
CA GLY D 348 16.28 13.05 -24.08
C GLY D 348 15.35 12.47 -23.00
N GLY D 349 15.90 11.97 -21.88
CA GLY D 349 15.17 11.18 -20.90
C GLY D 349 15.09 9.66 -21.18
N GLU D 350 15.72 9.16 -22.24
CA GLU D 350 16.03 7.74 -22.43
C GLU D 350 17.42 7.40 -21.89
N PHE D 351 17.63 6.14 -21.47
CA PHE D 351 18.92 5.66 -20.97
C PHE D 351 19.61 4.78 -21.99
N PHE D 352 20.83 5.15 -22.36
CA PHE D 352 21.63 4.55 -23.42
C PHE D 352 22.84 3.84 -22.85
N TYR D 353 23.33 2.80 -23.52
CA TYR D 353 24.44 1.96 -23.06
C TYR D 353 25.43 1.67 -24.19
N CYS D 354 26.07 2.69 -24.74
CA CYS D 354 26.85 2.57 -25.98
C CYS D 354 28.14 1.74 -25.83
N ASN D 355 28.39 0.85 -26.77
CA ASN D 355 29.62 0.06 -26.85
C ASN D 355 30.78 0.92 -27.34
N THR D 356 31.67 1.32 -26.45
CA THR D 356 32.81 2.22 -26.73
C THR D 356 34.01 1.56 -27.40
N SER D 357 33.98 0.28 -27.77
CA SER D 357 35.16 -0.40 -28.34
C SER D 357 35.67 0.20 -29.65
N GLY D 358 34.87 1.03 -30.33
CA GLY D 358 35.31 1.80 -31.49
C GLY D 358 36.18 3.02 -31.18
N LEU D 359 36.14 3.56 -29.95
CA LEU D 359 36.94 4.72 -29.52
C LEU D 359 38.35 4.34 -29.07
N PHE D 360 38.43 3.35 -28.17
CA PHE D 360 39.64 2.93 -27.48
C PHE D 360 40.23 1.65 -28.09
N ASN D 361 40.89 1.80 -29.24
CA ASN D 361 41.43 0.69 -30.01
C ASN D 361 42.62 1.14 -30.87
N SER D 362 43.70 1.60 -30.23
CA SER D 362 44.86 2.18 -30.92
C SER D 362 46.16 2.02 -30.14
N THR D 363 47.30 2.01 -30.82
CA THR D 363 48.65 1.85 -30.25
C THR D 363 49.59 2.89 -30.84
N TRP D 364 50.23 3.70 -29.98
CA TRP D 364 50.86 4.96 -30.38
C TRP D 364 52.38 4.91 -30.31
N ILE D 365 53.03 5.17 -31.46
CA ILE D 365 54.47 5.14 -31.65
C ILE D 365 55.16 6.17 -30.74
N SER D 366 56.43 5.95 -30.39
CA SER D 366 57.33 6.94 -29.77
C SER D 366 57.60 8.17 -30.68
N ASN D 367 57.25 8.10 -31.97
CA ASN D 367 57.28 9.18 -32.95
C ASN D 367 56.07 10.13 -32.80
N GLY D 377 38.50 12.84 -47.73
CA GLY D 377 38.70 11.89 -46.62
C GLY D 377 38.72 12.52 -45.23
N SER D 378 39.06 11.71 -44.22
CA SER D 378 38.98 12.00 -42.76
C SER D 378 37.60 12.35 -42.20
N ASN D 379 36.64 12.73 -43.05
CA ASN D 379 35.27 13.09 -42.66
C ASN D 379 34.42 11.90 -42.14
N ASP D 380 34.90 10.67 -42.29
CA ASP D 380 34.25 9.44 -41.87
C ASP D 380 34.18 9.31 -40.34
N SER D 381 33.12 9.83 -39.72
CA SER D 381 32.89 9.73 -38.28
C SER D 381 32.63 8.30 -37.83
N ILE D 382 33.28 7.84 -36.76
CA ILE D 382 32.99 6.55 -36.14
C ILE D 382 31.68 6.59 -35.40
N THR D 383 30.99 5.46 -35.37
CA THR D 383 29.66 5.31 -34.79
C THR D 383 29.63 4.15 -33.81
N LEU D 384 29.02 4.36 -32.65
CA LEU D 384 28.93 3.41 -31.57
C LEU D 384 27.49 2.92 -31.47
N PRO D 385 27.21 1.62 -31.53
CA PRO D 385 25.87 1.13 -31.34
C PRO D 385 25.49 1.22 -29.87
N CYS D 386 24.23 1.50 -29.56
CA CYS D 386 23.78 1.59 -28.17
C CYS D 386 22.53 0.75 -27.93
N ARG D 387 22.54 -0.04 -26.86
CA ARG D 387 21.33 -0.65 -26.32
C ARG D 387 20.64 0.34 -25.40
N ILE D 388 19.37 0.13 -25.12
CA ILE D 388 18.52 1.01 -24.30
C ILE D 388 17.83 0.18 -23.21
N LYS D 389 17.53 0.78 -22.07
CA LYS D 389 16.75 0.17 -20.98
C LYS D 389 15.66 1.10 -20.51
N GLN D 390 14.58 0.55 -19.96
CA GLN D 390 13.58 1.30 -19.23
C GLN D 390 13.63 1.01 -17.74
N ILE D 391 13.94 -0.21 -17.30
CA ILE D 391 14.01 -0.54 -15.87
C ILE D 391 15.44 -0.41 -15.38
N ILE D 392 15.70 0.49 -14.44
CA ILE D 392 17.05 0.89 -14.01
C ILE D 392 17.17 1.08 -12.50
N ASN D 393 18.41 1.11 -11.99
CA ASN D 393 18.77 1.36 -10.60
C ASN D 393 19.82 2.50 -10.56
N MET D 394 19.78 3.41 -9.59
CA MET D 394 20.91 4.32 -9.36
C MET D 394 22.16 3.50 -9.02
N TRP D 395 23.28 3.74 -9.69
CA TRP D 395 24.38 2.75 -9.76
C TRP D 395 25.02 2.40 -8.41
N GLN D 396 24.97 3.32 -7.46
CA GLN D 396 25.40 3.10 -6.08
C GLN D 396 24.33 2.44 -5.19
N ARG D 397 23.30 1.80 -5.76
CA ARG D 397 22.15 1.21 -5.05
C ARG D 397 21.67 -0.12 -5.66
N ILE D 398 20.97 -0.91 -4.84
CA ILE D 398 20.05 -1.99 -5.22
C ILE D 398 18.82 -1.97 -4.28
N GLY D 399 17.73 -2.64 -4.64
CA GLY D 399 16.53 -2.81 -3.80
C GLY D 399 15.38 -1.83 -4.07
N GLN D 400 15.60 -0.82 -4.91
CA GLN D 400 14.57 0.11 -5.40
C GLN D 400 14.86 0.42 -6.87
N ALA D 401 14.05 -0.13 -7.78
CA ALA D 401 14.20 0.12 -9.21
C ALA D 401 13.27 1.23 -9.68
N MET D 402 13.53 1.77 -10.85
CA MET D 402 12.73 2.79 -11.50
C MET D 402 12.36 2.36 -12.91
N TYR D 403 11.15 2.67 -13.36
CA TYR D 403 10.76 2.48 -14.76
C TYR D 403 10.70 3.86 -15.41
N ALA D 404 11.52 4.09 -16.43
CA ALA D 404 11.52 5.33 -17.17
C ALA D 404 10.45 5.28 -18.29
N PRO D 405 9.43 6.16 -18.29
CA PRO D 405 8.35 6.10 -19.27
C PRO D 405 8.85 6.34 -20.70
N PRO D 406 8.21 5.78 -21.73
CA PRO D 406 8.66 5.92 -23.10
C PRO D 406 8.42 7.32 -23.67
N ILE D 407 9.29 7.76 -24.57
CA ILE D 407 9.30 9.10 -25.16
C ILE D 407 8.79 9.05 -26.60
N GLN D 408 7.86 9.92 -26.97
CA GLN D 408 7.33 10.01 -28.32
C GLN D 408 8.35 10.57 -29.33
N GLY D 409 8.21 10.19 -30.59
CA GLY D 409 9.00 10.76 -31.68
C GLY D 409 10.44 10.26 -31.73
N VAL D 410 11.23 10.82 -32.64
CA VAL D 410 12.68 10.57 -32.70
C VAL D 410 13.39 11.39 -31.62
N ILE D 411 14.43 10.82 -31.00
CA ILE D 411 15.30 11.52 -30.05
C ILE D 411 16.60 11.89 -30.76
N ARG D 412 17.05 13.11 -30.55
CA ARG D 412 18.42 13.55 -30.81
C ARG D 412 18.92 14.39 -29.64
N CYS D 413 20.18 14.26 -29.28
CA CYS D 413 20.88 15.28 -28.51
C CYS D 413 22.35 15.38 -28.94
N VAL D 414 22.87 16.59 -28.86
CA VAL D 414 24.25 16.97 -29.18
C VAL D 414 24.95 17.34 -27.90
N SER D 415 26.16 16.86 -27.66
CA SER D 415 26.88 17.18 -26.43
C SER D 415 28.39 17.22 -26.62
N ASN D 416 29.09 17.86 -25.69
CA ASN D 416 30.54 17.89 -25.69
C ASN D 416 31.04 16.75 -24.82
N ILE D 417 31.90 15.88 -25.33
CA ILE D 417 32.79 15.12 -24.46
C ILE D 417 33.91 16.08 -24.07
N THR D 418 34.22 16.17 -22.79
CA THR D 418 35.29 17.05 -22.28
C THR D 418 36.27 16.37 -21.34
N GLY D 419 36.09 15.08 -21.06
CA GLY D 419 37.04 14.33 -20.25
C GLY D 419 36.73 12.85 -20.22
N LEU D 420 37.64 12.07 -19.65
CA LEU D 420 37.61 10.60 -19.66
C LEU D 420 37.91 10.07 -18.27
N ILE D 421 37.34 8.94 -17.90
CA ILE D 421 37.74 8.18 -16.71
C ILE D 421 38.53 6.96 -17.15
N LEU D 422 39.84 7.10 -17.32
CA LEU D 422 40.71 6.01 -17.69
C LEU D 422 41.16 5.17 -16.49
N THR D 423 41.70 4.00 -16.79
CA THR D 423 42.36 3.04 -15.91
C THR D 423 43.57 2.50 -16.67
N ARG D 424 44.54 1.91 -15.98
CA ARG D 424 45.77 1.37 -16.54
C ARG D 424 45.91 -0.11 -16.19
N ASP D 425 46.46 -0.94 -17.08
CA ASP D 425 46.75 -2.34 -16.74
C ASP D 425 47.99 -2.49 -15.83
N GLY D 426 49.15 -1.99 -16.28
CA GLY D 426 50.43 -2.15 -15.57
C GLY D 426 51.64 -2.08 -16.51
N THR D 433 56.01 -0.96 -22.75
CA THR D 433 54.72 -0.44 -23.21
C THR D 433 53.66 -0.43 -22.10
N GLU D 434 52.73 0.51 -22.15
CA GLU D 434 51.58 0.60 -21.23
C GLU D 434 50.26 0.58 -21.97
N THR D 435 49.20 0.10 -21.31
CA THR D 435 47.85 0.09 -21.91
C THR D 435 46.78 0.64 -20.97
N PHE D 436 45.92 1.47 -21.54
CA PHE D 436 44.90 2.26 -20.88
C PHE D 436 43.51 1.93 -21.38
N ARG D 437 42.50 1.97 -20.52
CA ARG D 437 41.12 1.63 -20.89
C ARG D 437 40.11 2.35 -20.02
N PRO D 438 38.87 2.57 -20.46
CA PRO D 438 37.90 3.30 -19.68
C PRO D 438 37.38 2.47 -18.50
N GLY D 439 36.90 3.16 -17.45
CA GLY D 439 36.24 2.55 -16.29
C GLY D 439 35.19 3.49 -15.71
N GLY D 440 35.13 3.59 -14.37
CA GLY D 440 34.55 4.76 -13.70
C GLY D 440 33.16 4.59 -13.09
N GLY D 441 32.82 3.41 -12.59
CA GLY D 441 31.46 3.10 -12.11
C GLY D 441 30.96 3.91 -10.89
N ASP D 442 31.83 4.55 -10.11
CA ASP D 442 31.42 5.47 -9.05
C ASP D 442 31.08 6.85 -9.61
N MET D 443 29.86 7.33 -9.39
CA MET D 443 29.41 8.60 -9.96
C MET D 443 30.23 9.79 -9.53
N ARG D 444 30.85 9.80 -8.34
CA ARG D 444 31.41 11.04 -7.79
C ARG D 444 32.69 11.49 -8.50
N ASP D 445 33.30 10.66 -9.34
CA ASP D 445 34.32 11.12 -10.26
C ASP D 445 33.78 12.03 -11.36
N ASN D 446 32.47 12.05 -11.62
CA ASN D 446 31.86 13.13 -12.37
C ASN D 446 32.02 14.46 -11.59
N TRP D 447 31.61 14.52 -10.33
CA TRP D 447 31.66 15.74 -9.51
C TRP D 447 33.08 16.27 -9.30
N ARG D 448 34.07 15.39 -9.05
CA ARG D 448 35.48 15.78 -8.92
C ARG D 448 36.00 16.58 -10.10
N SER D 449 35.54 16.31 -11.31
CA SER D 449 36.03 17.05 -12.47
C SER D 449 35.61 18.53 -12.46
N GLU D 450 34.55 18.89 -11.74
CA GLU D 450 34.16 20.29 -11.52
C GLU D 450 34.71 20.86 -10.20
N LEU D 451 34.64 20.08 -9.12
CA LEU D 451 34.99 20.51 -7.76
C LEU D 451 36.49 20.48 -7.46
N TYR D 452 37.37 20.13 -8.39
CA TYR D 452 38.81 20.06 -8.12
C TYR D 452 39.43 21.39 -7.66
N LYS D 453 38.97 22.53 -8.20
CA LYS D 453 39.53 23.85 -7.91
C LYS D 453 38.98 24.54 -6.66
N TYR D 454 38.07 23.93 -5.90
CA TYR D 454 37.40 24.59 -4.77
C TYR D 454 37.74 24.01 -3.41
N LYS D 455 37.79 24.89 -2.39
CA LYS D 455 38.05 24.55 -0.99
C LYS D 455 37.14 25.38 -0.07
N VAL D 456 36.72 24.83 1.06
CA VAL D 456 35.84 25.52 2.02
C VAL D 456 36.60 25.82 3.31
N VAL D 457 36.57 27.07 3.77
CA VAL D 457 37.26 27.49 4.98
C VAL D 457 36.32 28.25 5.91
N LYS D 458 36.52 28.15 7.22
CA LYS D 458 35.79 28.95 8.20
C LYS D 458 36.65 30.10 8.69
N ILE D 459 36.06 31.28 8.78
CA ILE D 459 36.76 32.48 9.25
C ILE D 459 36.92 32.38 10.77
N GLU D 460 38.08 32.79 11.30
CA GLU D 460 38.36 32.85 12.74
C GLU D 460 38.69 34.28 13.15
N PRO D 461 37.69 35.17 13.28
CA PRO D 461 37.89 36.62 13.21
C PRO D 461 38.53 37.27 14.42
N LEU D 462 38.71 36.58 15.55
CA LEU D 462 39.42 37.10 16.73
C LEU D 462 40.91 36.82 16.62
N GLY D 463 41.72 37.84 16.86
CA GLY D 463 43.16 37.70 16.98
C GLY D 463 43.72 38.53 18.13
N VAL D 464 44.87 38.11 18.65
CA VAL D 464 45.58 38.75 19.74
C VAL D 464 47.03 38.99 19.35
N ALA D 465 47.61 40.14 19.69
CA ALA D 465 48.98 40.47 19.32
C ALA D 465 49.59 41.49 20.28
N PRO D 466 50.92 41.57 20.44
CA PRO D 466 51.55 42.49 21.36
C PRO D 466 51.62 43.88 20.79
N THR D 467 51.35 44.89 21.60
CA THR D 467 51.69 46.29 21.30
C THR D 467 51.74 47.08 22.60
N ARG D 468 52.29 48.30 22.60
CA ARG D 468 52.56 49.09 23.81
C ARG D 468 51.36 49.90 24.33
N CYS D 469 50.15 49.53 23.93
CA CYS D 469 48.90 50.12 24.39
C CYS D 469 48.43 49.46 25.69
N LYS D 470 48.89 49.93 26.86
CA LYS D 470 48.26 49.53 28.13
C LYS D 470 46.89 50.19 28.22
N ARG D 471 45.86 49.47 28.68
CA ARG D 471 44.53 50.07 28.93
C ARG D 471 44.63 51.23 29.91
N ARG D 472 43.80 52.26 29.75
CA ARG D 472 43.65 53.39 30.68
C ARG D 472 44.98 54.05 31.05
N GLU E 2 24.59 76.35 8.89
CA GLU E 2 24.85 75.88 10.28
C GLU E 2 25.74 74.63 10.28
N ASN E 3 26.54 74.43 11.33
CA ASN E 3 27.26 73.17 11.55
C ASN E 3 26.32 72.11 12.10
N LEU E 4 26.22 70.96 11.44
CA LEU E 4 25.31 69.86 11.78
C LEU E 4 25.97 68.53 11.48
N TRP E 5 25.63 67.49 12.23
CA TRP E 5 26.18 66.15 12.03
C TRP E 5 25.09 65.09 12.01
N VAL E 6 25.34 64.05 11.21
CA VAL E 6 24.53 62.84 11.23
C VAL E 6 24.40 62.35 12.66
N THR E 7 23.20 62.03 13.10
CA THR E 7 22.93 61.48 14.43
C THR E 7 22.02 60.29 14.27
N VAL E 8 22.30 59.22 14.98
CA VAL E 8 21.63 57.92 14.84
C VAL E 8 20.66 57.73 15.99
N TYR E 9 19.42 57.35 15.68
CA TYR E 9 18.37 57.02 16.64
C TYR E 9 17.93 55.58 16.39
N TYR E 10 17.74 54.80 17.44
CA TYR E 10 17.34 53.40 17.34
C TYR E 10 16.03 53.14 18.09
N GLY E 11 15.09 52.42 17.47
CA GLY E 11 13.73 52.28 17.97
C GLY E 11 12.80 53.42 17.53
N VAL E 12 13.08 54.10 16.43
CA VAL E 12 12.16 55.09 15.86
C VAL E 12 10.92 54.40 15.31
N PRO E 13 9.69 54.91 15.51
CA PRO E 13 8.47 54.30 14.98
C PRO E 13 8.33 54.55 13.48
N VAL E 14 8.73 53.58 12.65
CA VAL E 14 8.55 53.59 11.20
C VAL E 14 8.55 52.17 10.64
N TRP E 15 7.89 51.93 9.51
CA TRP E 15 7.65 50.60 8.97
C TRP E 15 7.52 50.59 7.44
N LYS E 16 7.70 49.41 6.84
CA LYS E 16 7.54 49.13 5.40
C LYS E 16 6.63 47.93 5.18
N ASP E 17 5.83 47.96 4.12
CA ASP E 17 4.94 46.87 3.74
C ASP E 17 5.74 45.61 3.40
N ALA E 18 5.29 44.44 3.84
CA ALA E 18 6.11 43.23 3.80
C ALA E 18 5.30 41.93 3.71
N GLU E 19 5.98 40.84 3.35
CA GLU E 19 5.46 39.47 3.34
C GLU E 19 6.26 38.61 4.33
N THR E 20 5.59 37.91 5.24
CA THR E 20 6.25 37.12 6.30
C THR E 20 5.38 35.95 6.73
N THR E 21 5.97 34.86 7.23
CA THR E 21 5.21 33.65 7.58
C THR E 21 4.46 33.82 8.90
N LEU E 22 3.18 34.20 8.82
CA LEU E 22 2.30 34.38 9.97
C LEU E 22 1.96 33.03 10.60
N PHE E 23 1.87 32.99 11.92
CA PHE E 23 1.54 31.77 12.67
C PHE E 23 0.18 31.87 13.37
N CYS E 24 -0.49 30.73 13.57
CA CYS E 24 -1.76 30.64 14.27
C CYS E 24 -1.59 30.76 15.79
N ALA E 25 -2.53 31.43 16.45
CA ALA E 25 -2.80 31.28 17.86
C ALA E 25 -4.27 30.89 18.09
N SER E 26 -4.54 29.99 19.04
CA SER E 26 -5.88 29.50 19.35
C SER E 26 -5.91 28.76 20.69
N ASP E 27 -7.07 28.55 21.30
CA ASP E 27 -7.18 28.14 22.72
C ASP E 27 -7.93 26.81 22.91
N ALA E 28 -7.47 26.00 23.88
CA ALA E 28 -8.15 24.78 24.33
C ALA E 28 -9.47 25.07 25.07
N LYS E 35 -11.99 16.34 21.54
CA LYS E 35 -11.70 15.88 20.17
C LYS E 35 -10.70 16.79 19.44
N HIS E 36 -9.86 16.19 18.61
CA HIS E 36 -9.09 16.89 17.59
C HIS E 36 -10.02 17.44 16.49
N ASN E 37 -9.69 18.60 15.92
CA ASN E 37 -10.32 19.13 14.71
C ASN E 37 -9.33 19.16 13.55
N VAL E 38 -9.82 19.12 12.32
CA VAL E 38 -8.99 19.06 11.10
C VAL E 38 -7.97 20.20 11.02
N TRP E 39 -8.30 21.42 11.49
CA TRP E 39 -7.40 22.58 11.50
C TRP E 39 -6.28 22.51 12.54
N ALA E 40 -6.24 21.43 13.33
CA ALA E 40 -5.18 21.06 14.24
C ALA E 40 -4.89 22.13 15.31
N THR E 41 -5.91 22.88 15.73
CA THR E 41 -5.74 24.03 16.63
C THR E 41 -5.15 23.67 18.00
N HIS E 42 -5.11 22.38 18.38
CA HIS E 42 -4.36 21.92 19.56
C HIS E 42 -2.86 22.19 19.46
N ALA E 43 -2.29 22.27 18.24
CA ALA E 43 -0.89 22.56 17.98
C ALA E 43 -0.56 24.07 17.84
N CYS E 44 -1.53 24.97 17.78
CA CYS E 44 -1.27 26.42 17.78
C CYS E 44 -0.83 26.92 19.17
N VAL E 45 -0.05 28.00 19.23
CA VAL E 45 0.28 28.66 20.51
C VAL E 45 -1.00 29.20 21.19
N PRO E 46 -1.18 29.10 22.52
CA PRO E 46 -2.31 29.70 23.21
C PRO E 46 -2.33 31.20 22.99
N THR E 47 -3.50 31.78 22.69
CA THR E 47 -3.64 33.23 22.49
C THR E 47 -3.38 33.98 23.79
N ASP E 48 -2.91 35.22 23.71
CA ASP E 48 -2.95 36.16 24.82
C ASP E 48 -4.41 36.31 25.34
N PRO E 49 -4.70 36.08 26.64
CA PRO E 49 -6.04 36.21 27.20
C PRO E 49 -6.56 37.66 27.28
N ASN E 50 -5.71 38.67 27.10
CA ASN E 50 -6.07 40.09 27.04
C ASN E 50 -5.37 40.78 25.85
N PRO E 51 -5.70 40.42 24.59
CA PRO E 51 -4.96 40.88 23.42
C PRO E 51 -5.04 42.39 23.29
N GLN E 52 -3.94 43.00 22.87
CA GLN E 52 -3.71 44.44 22.96
C GLN E 52 -3.88 45.11 21.59
N GLU E 53 -4.72 46.14 21.54
CA GLU E 53 -4.82 47.05 20.41
C GLU E 53 -4.36 48.45 20.83
N ILE E 54 -3.38 48.99 20.11
CA ILE E 54 -2.85 50.34 20.35
C ILE E 54 -3.32 51.27 19.23
N HIS E 55 -3.99 52.37 19.56
CA HIS E 55 -4.48 53.32 18.57
C HIS E 55 -3.35 54.21 18.05
N LEU E 56 -3.09 54.19 16.74
CA LEU E 56 -2.00 54.94 16.12
C LEU E 56 -2.49 56.33 15.71
N GLU E 57 -2.45 57.27 16.64
CA GLU E 57 -2.97 58.62 16.45
C GLU E 57 -2.34 59.34 15.24
N ASN E 58 -3.12 60.17 14.55
CA ASN E 58 -2.81 60.86 13.28
C ASN E 58 -2.38 59.98 12.08
N VAL E 59 -2.14 58.68 12.25
CA VAL E 59 -1.64 57.82 11.15
C VAL E 59 -2.67 57.66 10.04
N THR E 60 -2.21 57.71 8.79
CA THR E 60 -2.94 57.28 7.59
C THR E 60 -2.14 56.19 6.88
N GLU E 61 -2.80 55.14 6.39
CA GLU E 61 -2.16 54.03 5.70
C GLU E 61 -3.01 53.56 4.52
N GLU E 62 -2.37 53.10 3.45
CA GLU E 62 -3.09 52.59 2.28
C GLU E 62 -3.26 51.08 2.36
N PHE E 63 -4.47 50.65 2.69
CA PHE E 63 -4.85 49.24 2.66
C PHE E 63 -5.25 48.84 1.23
N ASN E 64 -5.19 47.55 0.92
CA ASN E 64 -5.76 46.98 -0.28
C ASN E 64 -6.15 45.54 -0.01
N MET E 65 -7.45 45.24 0.05
CA MET E 65 -7.93 43.90 0.38
C MET E 65 -7.76 42.87 -0.75
N TRP E 66 -7.42 43.30 -1.96
CA TRP E 66 -7.45 42.45 -3.16
C TRP E 66 -6.12 41.79 -3.48
N LYS E 67 -5.02 42.56 -3.46
CA LYS E 67 -3.65 42.05 -3.62
C LYS E 67 -2.96 41.73 -2.28
N ASN E 68 -3.74 41.54 -1.23
CA ASN E 68 -3.28 41.15 0.10
C ASN E 68 -2.64 39.77 0.10
N ASN E 69 -1.46 39.61 0.70
CA ASN E 69 -0.80 38.30 0.78
C ASN E 69 -1.43 37.36 1.83
N MET E 70 -2.09 37.87 2.87
CA MET E 70 -2.56 37.05 4.00
C MET E 70 -3.54 35.96 3.56
N VAL E 71 -4.41 36.24 2.60
CA VAL E 71 -5.38 35.27 2.08
C VAL E 71 -4.68 34.10 1.37
N GLU E 72 -3.54 34.32 0.71
CA GLU E 72 -2.76 33.24 0.11
C GLU E 72 -2.08 32.36 1.17
N GLN E 73 -1.64 32.96 2.28
CA GLN E 73 -1.17 32.15 3.40
C GLN E 73 -2.30 31.34 4.02
N MET E 74 -3.47 31.93 4.24
CA MET E 74 -4.58 31.18 4.79
C MET E 74 -5.01 30.06 3.86
N HIS E 75 -5.07 30.31 2.55
CA HIS E 75 -5.50 29.30 1.60
C HIS E 75 -4.51 28.13 1.52
N THR E 76 -3.21 28.38 1.49
CA THR E 76 -2.22 27.30 1.55
C THR E 76 -2.20 26.61 2.91
N ASP E 77 -2.48 27.29 4.02
CA ASP E 77 -2.59 26.65 5.33
C ASP E 77 -3.78 25.69 5.39
N ILE E 78 -4.97 26.12 5.00
CA ILE E 78 -6.18 25.30 5.04
C ILE E 78 -6.00 24.03 4.20
N ILE E 79 -5.50 24.13 2.96
CA ILE E 79 -5.20 22.94 2.15
C ILE E 79 -4.18 22.04 2.85
N SER E 80 -3.12 22.59 3.41
CA SER E 80 -2.10 21.78 4.09
C SER E 80 -2.66 21.06 5.31
N LEU E 81 -3.59 21.67 6.04
CA LEU E 81 -4.21 21.07 7.21
C LEU E 81 -5.14 19.92 6.83
N TRP E 82 -5.87 20.00 5.72
CA TRP E 82 -6.60 18.85 5.20
C TRP E 82 -5.68 17.67 4.94
N ASP E 83 -4.61 17.88 4.18
CA ASP E 83 -3.73 16.77 3.80
C ASP E 83 -3.06 16.15 5.02
N GLN E 84 -2.53 16.98 5.93
CA GLN E 84 -1.95 16.53 7.19
C GLN E 84 -2.97 15.73 7.99
N SER E 85 -4.24 16.15 8.04
CA SER E 85 -5.28 15.47 8.78
C SER E 85 -5.75 14.16 8.14
N LEU E 86 -5.80 14.04 6.82
CA LEU E 86 -6.27 12.80 6.17
C LEU E 86 -5.22 11.68 6.12
N LYS E 87 -3.92 11.99 6.02
CA LYS E 87 -2.85 10.99 5.83
C LYS E 87 -2.98 9.68 6.61
N PRO E 88 -3.21 9.66 7.94
CA PRO E 88 -3.29 8.41 8.69
C PRO E 88 -4.54 7.55 8.43
N CYS E 89 -5.62 8.11 7.85
CA CYS E 89 -6.92 7.45 7.75
C CYS E 89 -7.01 6.35 6.68
N VAL E 90 -8.03 5.49 6.79
CA VAL E 90 -8.27 4.28 5.97
C VAL E 90 -8.38 4.59 4.48
N LYS E 91 -7.60 3.92 3.64
CA LYS E 91 -7.68 4.03 2.18
C LYS E 91 -8.75 3.08 1.66
N LEU E 92 -9.78 3.58 0.98
CA LEU E 92 -10.97 2.81 0.60
C LEU E 92 -10.94 2.27 -0.84
N THR E 93 -9.78 2.06 -1.46
CA THR E 93 -9.72 1.50 -2.81
C THR E 93 -10.42 0.13 -2.95
N PRO E 94 -10.59 -0.69 -1.91
CA PRO E 94 -11.58 -1.76 -1.92
C PRO E 94 -13.05 -1.60 -2.30
N LEU E 95 -13.59 -0.37 -2.32
CA LEU E 95 -14.96 -0.08 -2.75
C LEU E 95 -15.08 0.10 -4.27
N CYS E 96 -13.97 0.34 -4.98
CA CYS E 96 -14.01 0.38 -6.43
C CYS E 96 -14.15 -1.04 -6.97
N VAL E 97 -15.39 -1.51 -7.04
CA VAL E 97 -15.84 -2.86 -7.42
C VAL E 97 -17.22 -2.73 -8.04
N THR E 98 -17.69 -3.68 -8.85
CA THR E 98 -19.05 -3.60 -9.39
C THR E 98 -20.11 -3.69 -8.28
N LEU E 99 -20.96 -2.68 -8.15
CA LEU E 99 -22.10 -2.66 -7.25
C LEU E 99 -23.35 -3.16 -7.98
N GLN E 100 -24.20 -3.94 -7.33
CA GLN E 100 -25.57 -4.18 -7.79
C GLN E 100 -26.51 -3.33 -6.94
N CYS E 101 -27.33 -2.46 -7.53
CA CYS E 101 -28.15 -1.53 -6.75
C CYS E 101 -29.62 -1.56 -7.13
N THR E 102 -30.51 -1.57 -6.14
CA THR E 102 -31.93 -1.21 -6.30
C THR E 102 -32.12 0.26 -5.92
N ASN E 103 -33.23 0.90 -6.26
CA ASN E 103 -33.67 2.06 -5.48
C ASN E 103 -33.92 1.63 -4.04
N VAL E 104 -33.86 2.55 -3.05
CA VAL E 104 -34.40 2.21 -1.71
C VAL E 104 -35.85 1.75 -1.87
N THR E 105 -36.32 0.83 -1.04
CA THR E 105 -37.63 0.17 -1.20
C THR E 105 -38.78 1.19 -1.30
N ASN E 106 -39.26 1.47 -2.53
CA ASN E 106 -40.02 2.67 -2.86
C ASN E 106 -40.67 2.57 -4.26
N ALA E 107 -41.86 3.17 -4.43
CA ALA E 107 -42.55 3.35 -5.72
C ALA E 107 -43.22 4.74 -5.87
N ILE E 108 -42.72 5.77 -5.17
CA ILE E 108 -43.25 7.15 -5.12
C ILE E 108 -42.94 7.96 -6.40
N THR E 109 -43.08 9.30 -6.35
CA THR E 109 -42.85 10.24 -7.47
C THR E 109 -41.46 10.13 -8.11
N ASP E 110 -41.38 10.45 -9.40
CA ASP E 110 -40.19 10.19 -10.22
C ASP E 110 -38.97 11.01 -9.76
N ASP E 111 -37.78 10.42 -9.91
CA ASP E 111 -36.48 10.85 -9.37
C ASP E 111 -36.39 10.93 -7.83
N MET E 112 -37.48 11.11 -7.08
CA MET E 112 -37.43 10.92 -5.62
C MET E 112 -37.19 9.44 -5.27
N ARG E 113 -37.74 8.51 -6.08
CA ARG E 113 -37.37 7.08 -6.00
C ARG E 113 -35.87 6.86 -6.11
N GLY E 114 -35.25 7.54 -7.08
CA GLY E 114 -33.84 7.38 -7.42
C GLY E 114 -32.87 8.12 -6.50
N GLU E 115 -33.33 8.99 -5.58
CA GLU E 115 -32.43 9.87 -4.82
C GLU E 115 -31.40 9.14 -3.96
N LEU E 116 -31.75 7.98 -3.39
CA LEU E 116 -30.78 7.09 -2.76
C LEU E 116 -30.99 5.63 -3.12
N LYS E 117 -29.88 4.97 -3.47
CA LYS E 117 -29.79 3.58 -3.87
C LYS E 117 -29.53 2.70 -2.66
N ASN E 118 -29.90 1.43 -2.77
CA ASN E 118 -29.50 0.37 -1.85
C ASN E 118 -28.57 -0.56 -2.63
N CYS E 119 -27.27 -0.50 -2.36
CA CYS E 119 -26.24 -1.15 -3.15
C CYS E 119 -25.59 -2.31 -2.41
N SER E 120 -25.44 -3.45 -3.06
CA SER E 120 -24.80 -4.64 -2.50
C SER E 120 -23.69 -5.18 -3.38
N PHE E 121 -22.67 -5.78 -2.76
CA PHE E 121 -21.41 -6.13 -3.39
C PHE E 121 -20.65 -7.16 -2.55
N ASN E 122 -19.65 -7.81 -3.15
CA ASN E 122 -18.69 -8.63 -2.42
C ASN E 122 -17.51 -7.75 -1.98
N MET E 123 -16.91 -8.07 -0.86
CA MET E 123 -15.85 -7.27 -0.22
C MET E 123 -14.88 -8.20 0.51
N THR E 124 -13.63 -7.80 0.72
CA THR E 124 -12.65 -8.60 1.46
C THR E 124 -12.94 -8.62 2.96
N THR E 125 -12.83 -9.77 3.60
CA THR E 125 -12.82 -9.87 5.07
C THR E 125 -11.42 -9.56 5.62
N GLU E 126 -11.23 -9.72 6.93
CA GLU E 126 -9.91 -9.75 7.58
C GLU E 126 -9.04 -10.90 7.05
N LEU E 127 -9.62 -11.99 6.53
CA LEU E 127 -8.88 -13.10 5.93
C LEU E 127 -8.76 -12.93 4.41
N ARG E 128 -7.53 -12.93 3.92
CA ARG E 128 -7.14 -12.65 2.55
C ARG E 128 -7.77 -13.62 1.54
N ASP E 129 -8.10 -14.83 1.98
CA ASP E 129 -8.73 -15.86 1.15
C ASP E 129 -10.27 -15.79 1.11
N LYS E 130 -10.95 -14.95 1.92
CA LYS E 130 -12.43 -14.97 2.02
C LYS E 130 -13.11 -13.64 1.71
N LYS E 131 -14.08 -13.69 0.80
CA LYS E 131 -15.06 -12.63 0.52
C LYS E 131 -16.22 -12.67 1.51
N GLN E 132 -16.87 -11.53 1.67
CA GLN E 132 -18.14 -11.34 2.37
C GLN E 132 -19.09 -10.58 1.43
N LYS E 133 -20.36 -10.98 1.35
CA LYS E 133 -21.39 -10.20 0.66
C LYS E 133 -22.02 -9.22 1.65
N VAL E 134 -22.07 -7.95 1.29
CA VAL E 134 -22.49 -6.84 2.17
C VAL E 134 -23.34 -5.84 1.39
N TYR E 135 -24.04 -4.96 2.09
CA TYR E 135 -24.84 -3.90 1.47
C TYR E 135 -24.72 -2.58 2.24
N SER E 136 -24.91 -1.45 1.55
CA SER E 136 -25.07 -0.12 2.13
C SER E 136 -25.99 0.73 1.30
N LEU E 137 -26.67 1.69 1.92
CA LEU E 137 -27.34 2.76 1.18
C LEU E 137 -26.30 3.77 0.67
N PHE E 138 -26.53 4.41 -0.48
CA PHE E 138 -25.69 5.46 -1.07
C PHE E 138 -26.57 6.51 -1.74
N TYR E 139 -26.19 7.79 -1.72
CA TYR E 139 -26.94 8.82 -2.44
C TYR E 139 -26.64 8.76 -3.93
N ARG E 140 -27.57 9.15 -4.79
CA ARG E 140 -27.39 9.01 -6.24
C ARG E 140 -26.17 9.75 -6.78
N LEU E 141 -25.76 10.84 -6.14
CA LEU E 141 -24.58 11.60 -6.53
C LEU E 141 -23.24 10.89 -6.21
N ASP E 142 -23.23 9.89 -5.33
CA ASP E 142 -22.03 9.10 -5.03
C ASP E 142 -21.74 8.01 -6.09
N VAL E 143 -22.69 7.67 -6.98
CA VAL E 143 -22.58 6.51 -7.90
C VAL E 143 -22.91 6.86 -9.36
N VAL E 144 -22.42 6.05 -10.30
CA VAL E 144 -22.74 6.11 -11.74
C VAL E 144 -22.94 4.72 -12.34
N GLN E 145 -23.77 4.61 -13.37
CA GLN E 145 -24.17 3.31 -13.96
C GLN E 145 -23.15 2.80 -14.99
N ILE E 146 -23.01 1.48 -15.09
CA ILE E 146 -22.03 0.80 -15.93
C ILE E 146 -22.57 0.43 -17.34
N ASN E 147 -23.87 0.15 -17.49
CA ASN E 147 -24.47 -0.44 -18.70
C ASN E 147 -23.77 -1.74 -19.11
N ASN E 158 -28.30 -1.50 -17.36
CA ASN E 158 -28.54 -2.54 -16.35
C ASN E 158 -28.35 -1.99 -14.92
N LYS E 159 -28.77 -2.74 -13.89
CA LYS E 159 -28.70 -2.36 -12.46
C LYS E 159 -27.31 -2.39 -11.81
N GLU E 160 -26.26 -2.21 -12.60
CA GLU E 160 -24.86 -2.26 -12.17
C GLU E 160 -24.25 -0.86 -12.10
N TYR E 161 -23.58 -0.56 -11.00
CA TYR E 161 -23.04 0.75 -10.68
C TYR E 161 -21.60 0.66 -10.19
N ARG E 162 -20.91 1.81 -10.16
CA ARG E 162 -19.60 2.03 -9.54
C ARG E 162 -19.61 3.37 -8.82
N LEU E 163 -18.67 3.59 -7.90
CA LEU E 163 -18.52 4.90 -7.29
C LEU E 163 -18.13 5.96 -8.31
N ILE E 164 -18.45 7.22 -8.02
CA ILE E 164 -18.11 8.34 -8.89
C ILE E 164 -16.60 8.45 -9.18
N ASN E 165 -15.73 8.13 -8.21
CA ASN E 165 -14.30 8.45 -8.31
C ASN E 165 -13.44 7.40 -9.04
N CYS E 166 -13.90 6.16 -9.28
CA CYS E 166 -12.98 5.08 -9.66
C CYS E 166 -12.22 5.30 -10.97
N ASN E 167 -12.66 6.20 -11.85
CA ASN E 167 -11.95 6.56 -13.09
C ASN E 167 -11.18 7.88 -13.01
N THR E 168 -11.11 8.54 -11.86
CA THR E 168 -10.34 9.79 -11.68
C THR E 168 -9.37 9.74 -10.50
N SER E 169 -9.75 9.12 -9.38
CA SER E 169 -9.10 9.40 -8.09
C SER E 169 -9.12 8.21 -7.15
N ALA E 170 -8.08 8.07 -6.34
CA ALA E 170 -8.15 7.25 -5.13
C ALA E 170 -9.05 7.94 -4.09
N ILE E 171 -9.42 7.22 -3.04
CA ILE E 171 -10.36 7.72 -2.03
C ILE E 171 -9.97 7.32 -0.62
N THR E 172 -10.07 8.27 0.31
CA THR E 172 -9.73 8.10 1.73
C THR E 172 -10.96 8.34 2.59
N GLN E 173 -11.24 7.47 3.55
CA GLN E 173 -12.27 7.74 4.56
C GLN E 173 -11.78 8.85 5.48
N ALA E 174 -12.54 9.90 5.72
CA ALA E 174 -12.18 10.82 6.80
C ALA E 174 -12.39 10.13 8.15
N CYS E 175 -11.40 10.11 9.03
CA CYS E 175 -11.52 9.41 10.30
C CYS E 175 -12.74 9.92 11.10
N PRO E 176 -13.54 9.07 11.75
CA PRO E 176 -14.80 9.50 12.37
C PRO E 176 -14.59 10.43 13.57
N LYS E 177 -13.42 10.38 14.23
CA LYS E 177 -13.11 11.15 15.43
C LYS E 177 -12.76 12.61 15.14
N VAL E 178 -11.96 12.88 14.09
CA VAL E 178 -11.51 14.24 13.77
C VAL E 178 -12.67 15.10 13.33
N SER E 179 -12.89 16.23 13.99
CA SER E 179 -14.00 17.12 13.70
C SER E 179 -13.73 18.07 12.53
N PHE E 180 -14.71 18.29 11.67
CA PHE E 180 -14.68 19.33 10.64
C PHE E 180 -15.12 20.70 11.15
N GLU E 181 -15.48 20.82 12.42
CA GLU E 181 -16.02 22.06 12.97
C GLU E 181 -15.04 23.24 12.79
N PRO E 182 -15.45 24.37 12.20
CA PRO E 182 -14.60 25.55 12.14
C PRO E 182 -14.39 26.14 13.55
N ILE E 183 -13.14 26.16 14.00
CA ILE E 183 -12.69 26.70 15.29
C ILE E 183 -11.95 28.02 15.04
N PRO E 184 -12.14 29.08 15.85
CA PRO E 184 -11.44 30.35 15.68
C PRO E 184 -9.91 30.23 15.69
N ILE E 185 -9.28 30.72 14.63
CA ILE E 185 -7.84 30.90 14.46
C ILE E 185 -7.54 32.40 14.48
N HIS E 186 -6.61 32.82 15.33
CA HIS E 186 -6.04 34.16 15.26
C HIS E 186 -4.73 34.07 14.48
N TYR E 187 -4.52 34.87 13.45
CA TYR E 187 -3.20 34.94 12.79
C TYR E 187 -2.35 36.01 13.45
N CYS E 188 -1.09 35.70 13.74
CA CYS E 188 -0.18 36.58 14.45
C CYS E 188 1.11 36.81 13.65
N ALA E 189 1.66 38.02 13.73
CA ALA E 189 2.92 38.36 13.09
C ALA E 189 4.13 38.05 14.00
N PRO E 190 5.30 37.65 13.47
CA PRO E 190 6.52 37.46 14.24
C PRO E 190 6.98 38.72 14.94
N ALA E 191 7.85 38.61 15.94
CA ALA E 191 8.45 39.80 16.56
C ALA E 191 9.21 40.64 15.51
N GLY E 192 9.21 41.96 15.67
CA GLY E 192 9.77 42.87 14.66
C GLY E 192 8.88 43.10 13.43
N PHE E 193 7.71 42.45 13.33
CA PHE E 193 6.63 42.79 12.40
C PHE E 193 5.37 43.17 13.17
N ALA E 194 4.42 43.83 12.54
CA ALA E 194 3.17 44.23 13.17
C ALA E 194 1.97 44.05 12.24
N ILE E 195 0.82 43.66 12.78
CA ILE E 195 -0.46 43.78 12.08
C ILE E 195 -1.01 45.19 12.31
N LEU E 196 -1.53 45.81 11.26
CA LEU E 196 -2.33 47.03 11.36
C LEU E 196 -3.80 46.73 11.03
N LYS E 197 -4.73 47.32 11.78
CA LYS E 197 -6.18 47.20 11.57
C LYS E 197 -6.71 48.53 11.07
N CYS E 198 -7.39 48.57 9.92
CA CYS E 198 -8.14 49.74 9.50
C CYS E 198 -9.41 49.91 10.34
N LYS E 199 -9.62 51.09 10.92
CA LYS E 199 -10.72 51.37 11.87
C LYS E 199 -11.87 52.17 11.25
N ASP E 200 -11.71 52.65 10.02
CA ASP E 200 -12.71 53.44 9.33
C ASP E 200 -13.93 52.59 8.95
N LYS E 201 -15.09 52.88 9.54
CA LYS E 201 -16.33 52.13 9.32
C LYS E 201 -16.81 52.09 7.87
N LYS E 202 -16.43 53.06 7.06
CA LYS E 202 -16.84 53.19 5.64
C LYS E 202 -15.70 52.91 4.67
N PHE E 203 -14.59 52.35 5.17
CA PHE E 203 -13.53 51.83 4.33
C PHE E 203 -14.10 50.80 3.35
N ASN E 204 -13.74 50.93 2.08
CA ASN E 204 -14.38 50.25 0.95
C ASN E 204 -13.36 49.43 0.12
N GLY E 205 -12.35 48.88 0.78
CA GLY E 205 -11.45 47.85 0.24
C GLY E 205 -10.10 48.32 -0.26
N THR E 206 -9.95 49.58 -0.68
CA THR E 206 -8.68 50.16 -1.16
C THR E 206 -8.53 51.63 -0.76
N GLY E 207 -7.32 52.18 -0.89
CA GLY E 207 -7.06 53.60 -0.66
C GLY E 207 -6.89 53.98 0.81
N PRO E 208 -6.62 55.26 1.10
CA PRO E 208 -6.14 55.70 2.41
C PRO E 208 -7.19 55.52 3.52
N CYS E 209 -6.93 54.60 4.46
CA CYS E 209 -7.74 54.47 5.67
C CYS E 209 -7.26 55.51 6.70
N PRO E 210 -8.03 56.56 7.02
CA PRO E 210 -7.56 57.68 7.83
C PRO E 210 -7.57 57.41 9.34
N SER E 211 -7.82 56.16 9.77
CA SER E 211 -7.84 55.80 11.19
C SER E 211 -7.41 54.35 11.37
N VAL E 212 -6.38 54.13 12.18
CA VAL E 212 -5.60 52.89 12.17
C VAL E 212 -5.18 52.54 13.59
N SER E 213 -5.06 51.26 13.88
CA SER E 213 -4.48 50.76 15.11
C SER E 213 -3.59 49.56 14.82
N THR E 214 -2.79 49.14 15.79
CA THR E 214 -1.93 47.97 15.65
C THR E 214 -2.27 46.92 16.69
N VAL E 215 -2.12 45.66 16.33
CA VAL E 215 -2.48 44.49 17.14
C VAL E 215 -1.41 43.40 17.01
N GLN E 216 -1.29 42.53 18.02
CA GLN E 216 -0.39 41.37 17.97
C GLN E 216 -0.88 40.33 16.94
N CYS E 217 -2.20 40.15 16.88
CA CYS E 217 -2.91 39.11 16.12
C CYS E 217 -4.27 39.62 15.63
N THR E 218 -4.83 39.01 14.60
CA THR E 218 -6.21 39.27 14.15
C THR E 218 -7.24 38.91 15.23
N HIS E 219 -8.50 39.31 15.05
CA HIS E 219 -9.63 38.66 15.73
C HIS E 219 -9.72 37.17 15.37
N GLY E 220 -10.63 36.43 16.01
CA GLY E 220 -10.81 35.00 15.77
C GLY E 220 -11.50 34.70 14.45
N ILE E 221 -10.74 34.49 13.39
CA ILE E 221 -11.26 34.11 12.07
C ILE E 221 -11.69 32.65 12.11
N LYS E 222 -12.85 32.30 11.53
CA LYS E 222 -13.32 30.91 11.41
C LYS E 222 -13.09 30.42 9.98
N PRO E 223 -12.49 29.24 9.77
CA PRO E 223 -12.25 28.70 8.44
C PRO E 223 -13.53 28.09 7.81
N VAL E 224 -14.63 28.83 7.80
CA VAL E 224 -15.91 28.40 7.22
C VAL E 224 -15.80 28.33 5.70
N VAL E 225 -16.07 27.17 5.10
CA VAL E 225 -16.14 26.99 3.65
C VAL E 225 -17.58 26.87 3.21
N SER E 226 -18.03 27.79 2.35
CA SER E 226 -19.35 27.78 1.71
C SER E 226 -19.32 28.58 0.42
N THR E 227 -20.11 28.17 -0.57
CA THR E 227 -20.25 28.88 -1.86
C THR E 227 -21.50 29.76 -1.86
N GLN E 228 -21.55 30.77 -2.73
CA GLN E 228 -22.66 31.69 -2.97
C GLN E 228 -23.04 32.63 -1.82
N LEU E 229 -23.21 32.10 -0.62
CA LEU E 229 -23.54 32.83 0.59
C LEU E 229 -22.42 32.61 1.61
N LEU E 230 -22.19 33.60 2.46
CA LEU E 230 -21.17 33.58 3.50
C LEU E 230 -21.84 33.40 4.86
N LEU E 231 -21.39 32.40 5.63
CA LEU E 231 -22.04 31.99 6.88
C LEU E 231 -21.16 32.29 8.09
N ASN E 232 -21.79 32.66 9.20
CA ASN E 232 -21.17 32.93 10.51
C ASN E 232 -20.02 33.95 10.47
N GLY E 233 -19.98 34.84 9.48
CA GLY E 233 -18.89 35.82 9.30
C GLY E 233 -19.03 37.06 10.18
N SER E 234 -18.07 37.99 10.05
CA SER E 234 -18.12 39.29 10.72
C SER E 234 -19.03 40.26 9.99
N LEU E 235 -19.99 40.84 10.70
CA LEU E 235 -20.97 41.79 10.16
C LEU E 235 -20.31 43.14 9.79
N ALA E 236 -20.81 43.82 8.77
CA ALA E 236 -20.36 45.15 8.40
C ALA E 236 -20.61 46.16 9.53
N GLU E 237 -19.77 47.19 9.61
CA GLU E 237 -19.78 48.14 10.74
C GLU E 237 -21.07 48.96 10.78
N GLU E 238 -21.44 49.56 9.66
CA GLU E 238 -22.78 50.09 9.39
C GLU E 238 -23.00 50.22 7.88
N GLU E 239 -24.27 50.22 7.43
CA GLU E 239 -24.69 49.98 6.04
C GLU E 239 -24.32 48.58 5.53
N VAL E 240 -25.09 48.03 4.60
CA VAL E 240 -24.72 46.78 3.93
C VAL E 240 -23.66 47.06 2.85
N MET E 241 -22.40 47.01 3.25
CA MET E 241 -21.25 47.48 2.48
C MET E 241 -20.97 46.61 1.24
N ILE E 242 -20.57 47.22 0.12
CA ILE E 242 -20.33 46.53 -1.16
C ILE E 242 -18.86 46.69 -1.54
N ARG E 243 -18.20 45.60 -1.92
CA ARG E 243 -16.75 45.57 -2.17
C ARG E 243 -16.44 44.81 -3.47
N SER E 244 -15.60 45.35 -4.34
CA SER E 244 -15.05 44.65 -5.51
C SER E 244 -13.78 45.36 -5.98
N GLU E 245 -12.89 44.70 -6.73
CA GLU E 245 -11.63 45.35 -7.14
C GLU E 245 -11.76 46.24 -8.40
N ASN E 246 -12.81 46.06 -9.21
CA ASN E 246 -13.19 46.97 -10.32
C ASN E 246 -14.65 46.72 -10.76
N ILE E 247 -15.64 47.38 -10.13
CA ILE E 247 -17.07 47.16 -10.43
C ILE E 247 -17.39 47.44 -11.91
N THR E 248 -16.69 48.40 -12.51
CA THR E 248 -16.91 48.82 -13.91
C THR E 248 -16.52 47.74 -14.93
N ASN E 249 -15.97 46.62 -14.48
CA ASN E 249 -15.81 45.39 -15.21
C ASN E 249 -16.76 44.32 -14.64
N ASN E 250 -17.70 43.80 -15.42
CA ASN E 250 -18.68 42.82 -14.90
C ASN E 250 -18.06 41.43 -14.62
N ALA E 251 -16.84 41.16 -15.09
CA ALA E 251 -16.17 39.88 -14.89
C ALA E 251 -15.60 39.66 -13.47
N LYS E 252 -15.48 40.71 -12.64
CA LYS E 252 -15.07 40.60 -11.23
C LYS E 252 -16.24 40.17 -10.34
N ASN E 253 -15.97 39.36 -9.31
CA ASN E 253 -16.95 39.08 -8.27
C ASN E 253 -17.26 40.34 -7.47
N ILE E 254 -18.44 40.40 -6.86
CA ILE E 254 -18.83 41.45 -5.93
C ILE E 254 -19.10 40.78 -4.59
N LEU E 255 -18.46 41.22 -3.52
CA LEU E 255 -18.73 40.76 -2.17
C LEU E 255 -19.65 41.79 -1.53
N VAL E 256 -20.73 41.37 -0.88
CA VAL E 256 -21.60 42.27 -0.10
C VAL E 256 -21.69 41.77 1.32
N GLN E 257 -21.76 42.66 2.31
CA GLN E 257 -21.61 42.28 3.71
C GLN E 257 -22.67 42.95 4.57
N PHE E 258 -23.50 42.17 5.25
CA PHE E 258 -24.67 42.68 5.95
C PHE E 258 -24.28 43.36 7.26
N ASN E 259 -24.95 44.46 7.62
CA ASN E 259 -24.79 45.09 8.94
C ASN E 259 -25.52 44.30 10.04
N THR E 260 -26.56 43.53 9.69
CA THR E 260 -27.32 42.68 10.61
C THR E 260 -27.61 41.32 9.95
N PRO E 261 -27.50 40.18 10.67
CA PRO E 261 -27.55 38.87 10.05
C PRO E 261 -28.96 38.50 9.60
N VAL E 262 -29.08 37.59 8.65
CA VAL E 262 -30.35 36.88 8.40
C VAL E 262 -30.16 35.38 8.59
N GLN E 263 -30.92 34.81 9.52
CA GLN E 263 -30.74 33.46 10.03
C GLN E 263 -31.21 32.41 9.03
N ILE E 264 -30.50 31.29 8.90
CA ILE E 264 -30.89 30.16 8.04
C ILE E 264 -30.77 28.84 8.81
N ASN E 265 -31.78 27.98 8.72
CA ASN E 265 -31.90 26.73 9.47
C ASN E 265 -31.85 25.54 8.52
N CYS E 266 -30.82 24.71 8.59
CA CYS E 266 -30.62 23.59 7.68
C CYS E 266 -30.73 22.27 8.43
N THR E 267 -31.34 21.27 7.79
CA THR E 267 -31.59 19.99 8.41
C THR E 267 -31.65 18.84 7.41
N ARG E 268 -31.30 17.63 7.88
CA ARG E 268 -31.54 16.35 7.19
C ARG E 268 -32.53 15.53 8.04
N PRO E 269 -33.82 15.50 7.72
CA PRO E 269 -34.81 14.84 8.57
C PRO E 269 -34.69 13.31 8.64
N ASN E 270 -34.09 12.68 7.64
CA ASN E 270 -33.85 11.23 7.63
C ASN E 270 -32.97 10.81 8.81
N ASN E 271 -33.36 9.73 9.47
CA ASN E 271 -32.69 9.22 10.64
C ASN E 271 -31.82 8.00 10.25
N ASN E 272 -30.67 8.26 9.63
CA ASN E 272 -29.74 7.23 9.17
C ASN E 272 -29.06 6.51 10.34
N THR E 273 -28.71 5.24 10.17
CA THR E 273 -27.84 4.50 11.08
C THR E 273 -26.45 4.28 10.50
N ARG E 274 -25.42 4.49 11.32
CA ARG E 274 -24.04 4.05 11.10
C ARG E 274 -23.99 2.52 11.08
N LYS E 275 -23.07 1.93 10.32
CA LYS E 275 -22.72 0.51 10.40
C LYS E 275 -21.24 0.32 10.10
N SER E 276 -20.57 -0.59 10.77
CA SER E 276 -19.13 -0.82 10.60
C SER E 276 -18.85 -2.14 9.90
N ILE E 277 -18.13 -2.12 8.79
CA ILE E 277 -17.71 -3.29 8.02
C ILE E 277 -16.18 -3.40 8.14
N ARG E 278 -15.61 -4.50 8.65
CA ARG E 278 -14.16 -4.71 8.54
C ARG E 278 -13.82 -5.06 7.09
N ILE E 279 -12.82 -4.38 6.51
CA ILE E 279 -12.38 -4.59 5.12
C ILE E 279 -10.94 -5.10 5.00
N GLY E 280 -10.18 -5.07 6.09
CA GLY E 280 -8.84 -5.61 6.26
C GLY E 280 -8.53 -5.71 7.76
N PRO E 281 -7.33 -6.16 8.17
CA PRO E 281 -7.04 -6.31 9.58
C PRO E 281 -6.95 -4.94 10.26
N GLY E 282 -7.86 -4.66 11.18
CA GLY E 282 -7.95 -3.37 11.86
C GLY E 282 -8.38 -2.18 10.98
N GLN E 283 -8.95 -2.43 9.80
CA GLN E 283 -9.47 -1.38 8.91
C GLN E 283 -10.98 -1.50 8.75
N ALA E 284 -11.73 -0.47 9.15
CA ALA E 284 -13.18 -0.47 9.15
C ALA E 284 -13.76 0.63 8.26
N PHE E 285 -14.76 0.26 7.47
CA PHE E 285 -15.50 1.13 6.57
C PHE E 285 -16.88 1.41 7.16
N TYR E 286 -17.28 2.67 7.22
CA TYR E 286 -18.56 3.06 7.79
C TYR E 286 -19.65 3.19 6.73
N ALA E 287 -20.42 2.12 6.57
CA ALA E 287 -21.59 2.05 5.72
C ALA E 287 -22.80 2.74 6.37
N THR E 288 -23.86 2.97 5.60
CA THR E 288 -25.16 3.39 6.14
C THR E 288 -26.06 2.17 6.24
N GLY E 289 -26.52 1.82 7.43
CA GLY E 289 -27.22 0.56 7.67
C GLY E 289 -28.64 0.56 7.14
N ASP E 290 -29.45 1.47 7.66
CA ASP E 290 -30.86 1.65 7.32
C ASP E 290 -31.35 3.03 7.78
N ILE E 291 -32.58 3.37 7.41
CA ILE E 291 -33.26 4.62 7.80
C ILE E 291 -34.42 4.27 8.72
N ILE E 292 -34.43 4.80 9.94
CA ILE E 292 -35.61 4.69 10.82
C ILE E 292 -36.72 5.62 10.29
N GLY E 293 -37.94 5.11 10.20
CA GLY E 293 -39.12 5.94 10.02
C GLY E 293 -39.26 6.56 8.63
N ASP E 294 -39.86 7.75 8.57
CA ASP E 294 -40.28 8.39 7.32
C ASP E 294 -39.09 8.99 6.55
N ILE E 295 -39.07 8.88 5.23
CA ILE E 295 -38.12 9.61 4.38
C ILE E 295 -38.69 10.99 4.03
N ARG E 296 -37.92 12.06 4.23
CA ARG E 296 -38.26 13.47 3.90
C ARG E 296 -37.03 14.19 3.37
N GLN E 297 -37.20 15.23 2.56
CA GLN E 297 -36.05 15.86 1.89
C GLN E 297 -35.22 16.71 2.86
N ALA E 298 -33.90 16.73 2.70
CA ALA E 298 -33.04 17.65 3.41
C ALA E 298 -33.21 19.08 2.87
N HIS E 299 -33.25 20.08 3.73
CA HIS E 299 -33.69 21.41 3.32
C HIS E 299 -33.17 22.51 4.24
N CYS E 300 -33.22 23.75 3.77
CA CYS E 300 -32.81 24.93 4.52
C CYS E 300 -33.89 26.01 4.47
N ASN E 301 -34.12 26.73 5.56
CA ASN E 301 -35.14 27.79 5.63
C ASN E 301 -34.57 29.13 6.06
N VAL E 302 -35.01 30.20 5.40
CA VAL E 302 -34.73 31.59 5.75
C VAL E 302 -36.03 32.37 5.77
N SER E 303 -36.24 33.27 6.73
CA SER E 303 -37.53 33.99 6.83
C SER E 303 -37.75 34.92 5.64
N LYS E 304 -38.93 34.89 5.02
CA LYS E 304 -39.17 35.63 3.78
C LYS E 304 -39.12 37.13 4.02
N ALA E 305 -39.77 37.62 5.08
CA ALA E 305 -39.78 39.05 5.38
C ALA E 305 -38.35 39.61 5.53
N THR E 306 -37.52 38.98 6.38
CA THR E 306 -36.14 39.43 6.62
C THR E 306 -35.26 39.29 5.38
N TRP E 307 -35.38 38.22 4.59
CA TRP E 307 -34.63 38.13 3.34
C TRP E 307 -35.08 39.18 2.34
N ASN E 308 -36.38 39.43 2.21
CA ASN E 308 -36.88 40.44 1.29
C ASN E 308 -36.40 41.85 1.66
N GLU E 309 -36.48 42.20 2.93
CA GLU E 309 -35.95 43.45 3.47
C GLU E 309 -34.43 43.57 3.27
N THR E 310 -33.66 42.53 3.59
CA THR E 310 -32.21 42.55 3.45
C THR E 310 -31.77 42.69 2.00
N LEU E 311 -32.46 42.04 1.07
CA LEU E 311 -32.25 42.25 -0.34
C LEU E 311 -32.62 43.70 -0.73
N GLY E 312 -33.68 44.27 -0.14
CA GLY E 312 -34.01 45.70 -0.31
C GLY E 312 -32.88 46.64 0.13
N LYS E 313 -32.27 46.40 1.29
CA LYS E 313 -31.10 47.15 1.77
C LYS E 313 -29.94 47.05 0.79
N VAL E 314 -29.66 45.87 0.21
CA VAL E 314 -28.62 45.73 -0.82
C VAL E 314 -28.95 46.51 -2.07
N VAL E 315 -30.20 46.49 -2.54
CA VAL E 315 -30.59 47.24 -3.75
C VAL E 315 -30.31 48.74 -3.56
N LYS E 316 -30.71 49.28 -2.41
CA LYS E 316 -30.50 50.69 -2.06
C LYS E 316 -29.02 51.08 -1.96
N GLN E 317 -28.10 50.12 -1.82
CA GLN E 317 -26.65 50.35 -1.90
C GLN E 317 -26.11 50.19 -3.32
N LEU E 318 -26.52 49.19 -4.11
CA LEU E 318 -26.13 49.09 -5.53
C LEU E 318 -26.58 50.33 -6.32
N ARG E 319 -27.68 50.96 -5.90
CA ARG E 319 -28.17 52.23 -6.46
C ARG E 319 -27.18 53.40 -6.33
N LYS E 320 -26.16 53.33 -5.47
CA LYS E 320 -25.05 54.29 -5.47
C LYS E 320 -24.12 54.08 -6.67
N HIS E 321 -23.61 52.87 -6.87
CA HIS E 321 -22.61 52.58 -7.91
C HIS E 321 -23.22 52.51 -9.32
N PHE E 322 -24.54 52.29 -9.46
CA PHE E 322 -25.26 52.21 -10.74
C PHE E 322 -26.29 53.32 -11.02
N GLY E 323 -26.56 54.24 -10.08
CA GLY E 323 -27.53 55.33 -10.25
C GLY E 323 -28.99 54.90 -10.08
N ASN E 324 -29.92 55.87 -10.00
CA ASN E 324 -31.33 55.59 -9.64
C ASN E 324 -32.25 55.26 -10.81
N ASN E 325 -31.85 55.53 -12.06
CA ASN E 325 -32.71 55.28 -13.23
C ASN E 325 -32.87 53.80 -13.60
N THR E 326 -32.06 52.91 -13.02
CA THR E 326 -32.05 51.49 -13.37
C THR E 326 -32.87 50.64 -12.39
N ILE E 327 -33.87 49.94 -12.92
CA ILE E 327 -34.48 48.77 -12.26
C ILE E 327 -33.43 47.65 -12.26
N ILE E 328 -33.13 47.09 -11.09
CA ILE E 328 -32.16 45.99 -10.98
C ILE E 328 -32.83 44.70 -10.53
N ARG E 329 -32.29 43.61 -11.04
CA ARG E 329 -32.93 42.30 -11.02
C ARG E 329 -31.98 41.27 -10.44
N PHE E 330 -32.49 40.34 -9.65
CA PHE E 330 -31.74 39.19 -9.21
C PHE E 330 -32.17 37.95 -9.99
N ALA E 331 -31.21 37.15 -10.41
CA ALA E 331 -31.45 35.87 -11.06
C ALA E 331 -30.71 34.76 -10.32
N ASN E 332 -31.20 33.52 -10.42
CA ASN E 332 -30.46 32.35 -9.99
C ASN E 332 -29.19 32.12 -10.83
N SER E 333 -28.33 31.21 -10.37
CA SER E 333 -27.12 30.84 -11.12
C SER E 333 -27.46 30.28 -12.49
N SER E 334 -26.65 30.58 -13.51
CA SER E 334 -26.97 30.28 -14.91
C SER E 334 -26.61 28.86 -15.36
N GLY E 335 -25.63 28.22 -14.73
CA GLY E 335 -25.12 26.90 -15.11
C GLY E 335 -23.67 26.70 -14.66
N GLY E 336 -23.21 25.44 -14.69
CA GLY E 336 -21.90 25.03 -14.17
C GLY E 336 -21.97 23.73 -13.38
N ASP E 337 -20.89 23.40 -12.67
CA ASP E 337 -20.86 22.24 -11.77
C ASP E 337 -21.69 22.45 -10.49
N LEU E 338 -21.99 21.36 -9.78
CA LEU E 338 -22.88 21.38 -8.64
C LEU E 338 -22.39 22.31 -7.52
N GLU E 339 -21.09 22.33 -7.27
CA GLU E 339 -20.47 23.11 -6.19
C GLU E 339 -20.66 24.61 -6.38
N VAL E 340 -20.64 25.10 -7.62
CA VAL E 340 -20.77 26.52 -7.96
C VAL E 340 -22.21 26.93 -8.25
N THR E 341 -23.02 26.05 -8.85
CA THR E 341 -24.43 26.32 -9.15
C THR E 341 -25.33 26.29 -7.91
N THR E 342 -24.87 25.75 -6.78
CA THR E 342 -25.62 25.64 -5.53
C THR E 342 -24.85 26.21 -4.36
N HIS E 343 -25.52 26.50 -3.26
CA HIS E 343 -24.89 26.91 -2.00
C HIS E 343 -24.20 25.72 -1.33
N SER E 344 -23.15 25.20 -1.94
CA SER E 344 -22.41 24.05 -1.38
C SER E 344 -21.78 24.43 -0.05
N PHE E 345 -22.00 23.63 0.99
CA PHE E 345 -21.49 23.89 2.34
C PHE E 345 -21.53 22.66 3.24
N ASN E 346 -20.90 22.71 4.41
CA ASN E 346 -20.91 21.65 5.42
C ASN E 346 -21.78 22.01 6.63
N CYS E 347 -22.62 21.09 7.12
CA CYS E 347 -23.42 21.28 8.33
C CYS E 347 -23.38 20.02 9.18
N GLY E 348 -23.03 20.12 10.46
CA GLY E 348 -23.00 19.00 11.41
C GLY E 348 -22.10 17.82 11.00
N GLY E 349 -21.25 17.98 9.98
CA GLY E 349 -20.42 16.92 9.41
C GLY E 349 -20.97 16.26 8.14
N GLU E 350 -22.09 16.71 7.57
CA GLU E 350 -22.59 16.34 6.24
C GLU E 350 -22.40 17.49 5.24
N PHE E 351 -22.18 17.18 3.96
CA PHE E 351 -22.03 18.17 2.90
C PHE E 351 -23.33 18.31 2.10
N PHE E 352 -23.83 19.53 1.98
CA PHE E 352 -25.13 19.86 1.38
C PHE E 352 -24.97 20.72 0.13
N TYR E 353 -25.94 20.67 -0.79
CA TYR E 353 -25.89 21.35 -2.08
C TYR E 353 -27.20 22.08 -2.40
N CYS E 354 -27.59 23.03 -1.57
CA CYS E 354 -28.92 23.63 -1.64
C CYS E 354 -29.14 24.51 -2.86
N ASN E 355 -30.27 24.33 -3.52
CA ASN E 355 -30.71 25.14 -4.65
C ASN E 355 -31.23 26.49 -4.17
N THR E 356 -30.43 27.55 -4.34
CA THR E 356 -30.75 28.94 -3.95
C THR E 356 -31.73 29.66 -4.87
N SER E 357 -32.35 29.02 -5.87
CA SER E 357 -33.23 29.73 -6.82
C SER E 357 -34.46 30.37 -6.18
N GLY E 358 -34.86 29.95 -4.98
CA GLY E 358 -35.89 30.62 -4.18
C GLY E 358 -35.50 32.01 -3.67
N LEU E 359 -34.19 32.27 -3.49
CA LEU E 359 -33.66 33.53 -2.95
C LEU E 359 -33.59 34.65 -4.00
N PHE E 360 -33.09 34.32 -5.18
CA PHE E 360 -32.69 35.25 -6.23
C PHE E 360 -33.65 35.20 -7.41
N ASN E 361 -34.85 35.74 -7.23
CA ASN E 361 -35.89 35.75 -8.24
C ASN E 361 -36.85 36.93 -8.05
N SER E 362 -36.33 38.15 -8.17
CA SER E 362 -37.09 39.40 -8.00
C SER E 362 -36.51 40.55 -8.84
N THR E 363 -37.36 41.49 -9.24
CA THR E 363 -37.03 42.70 -10.02
C THR E 363 -37.46 43.95 -9.26
N TRP E 364 -36.54 44.89 -8.98
CA TRP E 364 -36.77 45.97 -8.02
C TRP E 364 -36.92 47.35 -8.67
N ILE E 365 -38.05 47.99 -8.41
CA ILE E 365 -38.52 49.23 -9.05
C ILE E 365 -37.60 50.42 -8.74
N SER E 366 -37.62 51.46 -9.58
CA SER E 366 -36.98 52.76 -9.32
C SER E 366 -37.49 53.43 -8.03
N ASN E 367 -38.80 53.34 -7.75
CA ASN E 367 -39.43 53.83 -6.52
C ASN E 367 -38.89 53.08 -5.28
N GLY E 377 -50.32 37.35 8.83
CA GLY E 377 -49.61 37.24 7.56
C GLY E 377 -48.08 37.27 7.68
N SER E 378 -47.39 37.06 6.55
CA SER E 378 -45.93 37.19 6.36
C SER E 378 -45.02 36.31 7.23
N ASN E 379 -45.56 35.45 8.10
CA ASN E 379 -44.82 34.53 8.96
C ASN E 379 -44.22 33.31 8.20
N ASP E 380 -44.63 33.10 6.95
CA ASP E 380 -44.12 32.05 6.07
C ASP E 380 -42.63 32.23 5.75
N SER E 381 -41.88 31.13 5.65
CA SER E 381 -40.46 31.14 5.31
C SER E 381 -40.19 30.35 4.05
N ILE E 382 -39.37 30.89 3.16
CA ILE E 382 -38.97 30.19 1.93
C ILE E 382 -38.02 29.06 2.26
N THR E 383 -38.11 27.97 1.50
CA THR E 383 -37.39 26.74 1.79
C THR E 383 -36.64 26.24 0.57
N LEU E 384 -35.40 25.83 0.78
CA LEU E 384 -34.47 25.45 -0.28
C LEU E 384 -34.29 23.93 -0.23
N PRO E 385 -34.56 23.18 -1.31
CA PRO E 385 -34.27 21.76 -1.33
C PRO E 385 -32.78 21.51 -1.47
N CYS E 386 -32.21 20.65 -0.64
CA CYS E 386 -30.79 20.31 -0.65
C CYS E 386 -30.56 18.85 -1.01
N ARG E 387 -29.77 18.58 -2.04
CA ARG E 387 -29.14 17.27 -2.20
C ARG E 387 -27.96 17.15 -1.24
N ILE E 388 -27.44 15.94 -1.04
CA ILE E 388 -26.34 15.59 -0.14
C ILE E 388 -25.37 14.68 -0.87
N LYS E 389 -24.09 14.69 -0.49
CA LYS E 389 -23.05 13.79 -1.02
C LYS E 389 -22.21 13.22 0.11
N GLN E 390 -21.58 12.07 -0.11
CA GLN E 390 -20.54 11.56 0.78
C GLN E 390 -19.17 11.60 0.13
N ILE E 391 -19.07 11.41 -1.19
CA ILE E 391 -17.79 11.40 -1.90
C ILE E 391 -17.50 12.79 -2.47
N ILE E 392 -16.43 13.44 -2.01
CA ILE E 392 -16.16 14.85 -2.34
C ILE E 392 -14.68 15.12 -2.65
N ASN E 393 -14.40 16.23 -3.33
CA ASN E 393 -13.06 16.77 -3.61
C ASN E 393 -12.95 18.19 -3.06
N MET E 394 -11.79 18.61 -2.57
CA MET E 394 -11.59 20.03 -2.24
C MET E 394 -11.57 20.87 -3.53
N TRP E 395 -12.41 21.90 -3.63
CA TRP E 395 -12.75 22.50 -4.93
C TRP E 395 -11.56 23.08 -5.72
N GLN E 396 -10.47 23.45 -5.04
CA GLN E 396 -9.22 23.92 -5.65
C GLN E 396 -8.23 22.76 -5.96
N ARG E 397 -8.74 21.53 -6.16
CA ARG E 397 -7.99 20.30 -6.46
C ARG E 397 -8.81 19.31 -7.31
N ILE E 398 -8.09 18.39 -7.95
CA ILE E 398 -8.60 17.12 -8.48
C ILE E 398 -7.54 16.02 -8.27
N GLY E 399 -7.95 14.76 -8.10
CA GLY E 399 -7.04 13.60 -7.95
C GLY E 399 -6.99 12.91 -6.57
N GLN E 400 -7.66 13.44 -5.55
CA GLN E 400 -7.76 12.81 -4.22
C GLN E 400 -9.15 13.07 -3.62
N ALA E 401 -10.04 12.08 -3.70
CA ALA E 401 -11.38 12.18 -3.15
C ALA E 401 -11.41 11.81 -1.67
N MET E 402 -12.38 12.32 -0.93
CA MET E 402 -12.64 11.97 0.46
C MET E 402 -14.01 11.31 0.55
N TYR E 403 -14.17 10.26 1.37
CA TYR E 403 -15.49 9.73 1.72
C TYR E 403 -15.81 10.16 3.14
N ALA E 404 -16.91 10.90 3.31
CA ALA E 404 -17.36 11.35 4.61
C ALA E 404 -18.24 10.27 5.27
N PRO E 405 -17.87 9.68 6.42
CA PRO E 405 -18.65 8.61 7.00
C PRO E 405 -20.03 9.11 7.44
N PRO E 406 -21.07 8.27 7.42
CA PRO E 406 -22.42 8.68 7.70
C PRO E 406 -22.62 9.06 9.15
N ILE E 407 -23.51 10.02 9.39
CA ILE E 407 -23.79 10.59 10.71
C ILE E 407 -25.11 10.05 11.26
N GLN E 408 -25.09 9.60 12.51
CA GLN E 408 -26.23 9.08 13.27
C GLN E 408 -27.35 10.14 13.44
N GLY E 409 -28.59 9.69 13.65
CA GLY E 409 -29.67 10.55 14.15
C GLY E 409 -30.22 11.57 13.14
N VAL E 410 -30.82 12.63 13.65
CA VAL E 410 -31.32 13.77 12.87
C VAL E 410 -30.35 14.94 13.00
N ILE E 411 -30.05 15.64 11.91
CA ILE E 411 -29.14 16.79 11.90
C ILE E 411 -29.90 18.09 11.81
N ARG E 412 -29.54 19.07 12.63
CA ARG E 412 -29.90 20.48 12.45
C ARG E 412 -28.71 21.36 12.78
N CYS E 413 -28.48 22.41 11.98
CA CYS E 413 -27.60 23.51 12.33
C CYS E 413 -28.30 24.84 11.99
N VAL E 414 -28.13 25.82 12.86
CA VAL E 414 -28.64 27.18 12.74
C VAL E 414 -27.47 28.11 12.51
N SER E 415 -27.57 29.05 11.59
CA SER E 415 -26.43 29.89 11.22
C SER E 415 -26.87 31.26 10.74
N ASN E 416 -25.94 32.22 10.74
CA ASN E 416 -26.21 33.56 10.23
C ASN E 416 -25.67 33.64 8.81
N ILE E 417 -26.48 34.02 7.82
CA ILE E 417 -25.92 34.56 6.59
C ILE E 417 -25.45 35.97 6.91
N THR E 418 -24.22 36.30 6.53
CA THR E 418 -23.61 37.62 6.80
C THR E 418 -23.10 38.29 5.55
N GLY E 419 -23.18 37.66 4.39
CA GLY E 419 -22.78 38.27 3.11
C GLY E 419 -22.98 37.35 1.92
N LEU E 420 -22.79 37.87 0.71
CA LEU E 420 -23.10 37.20 -0.56
C LEU E 420 -21.92 37.36 -1.52
N ILE E 421 -21.67 36.38 -2.38
CA ILE E 421 -20.75 36.53 -3.51
C ILE E 421 -21.55 36.64 -4.80
N LEU E 422 -21.80 37.86 -5.25
CA LEU E 422 -22.54 38.17 -6.46
C LEU E 422 -21.62 38.29 -7.69
N THR E 423 -22.24 38.36 -8.86
CA THR E 423 -21.65 38.58 -10.18
C THR E 423 -22.70 39.31 -11.01
N ARG E 424 -22.32 40.01 -12.09
CA ARG E 424 -23.22 40.88 -12.85
C ARG E 424 -23.26 40.50 -14.33
N ASP E 425 -24.44 40.58 -14.92
CA ASP E 425 -24.67 40.26 -16.34
C ASP E 425 -24.18 41.33 -17.33
N GLY E 426 -24.12 42.60 -16.91
CA GLY E 426 -23.92 43.75 -17.80
C GLY E 426 -25.24 44.35 -18.29
N THR E 433 -31.34 48.47 -17.39
CA THR E 433 -31.40 47.51 -16.28
C THR E 433 -30.04 46.84 -16.06
N GLU E 434 -29.77 46.39 -14.83
CA GLU E 434 -28.64 45.49 -14.50
C GLU E 434 -29.17 44.29 -13.73
N THR E 435 -28.55 43.12 -13.95
CA THR E 435 -28.97 41.86 -13.34
C THR E 435 -27.81 41.14 -12.66
N PHE E 436 -28.06 40.69 -11.45
CA PHE E 436 -27.09 40.22 -10.47
C PHE E 436 -27.42 38.79 -10.05
N ARG E 437 -26.41 37.95 -9.86
CA ARG E 437 -26.61 36.53 -9.54
C ARG E 437 -25.47 35.96 -8.69
N PRO E 438 -25.67 34.89 -7.92
CA PRO E 438 -24.62 34.35 -7.08
C PRO E 438 -23.57 33.56 -7.86
N GLY E 439 -22.37 33.40 -7.30
CA GLY E 439 -21.30 32.59 -7.91
C GLY E 439 -20.22 32.19 -6.89
N GLY E 440 -18.95 32.33 -7.25
CA GLY E 440 -17.84 32.33 -6.30
C GLY E 440 -17.24 30.98 -5.94
N GLY E 441 -16.86 30.17 -6.93
CA GLY E 441 -16.28 28.83 -6.72
C GLY E 441 -14.91 28.79 -6.03
N ASP E 442 -14.10 29.85 -6.10
CA ASP E 442 -12.84 29.94 -5.36
C ASP E 442 -13.08 30.27 -3.88
N MET E 443 -12.48 29.50 -2.97
CA MET E 443 -12.69 29.67 -1.54
C MET E 443 -12.11 30.97 -0.97
N ARG E 444 -11.07 31.58 -1.56
CA ARG E 444 -10.40 32.69 -0.87
C ARG E 444 -11.22 33.97 -0.80
N ASP E 445 -12.29 34.07 -1.56
CA ASP E 445 -13.33 35.08 -1.37
C ASP E 445 -14.06 34.94 -0.02
N ASN E 446 -14.09 33.77 0.61
CA ASN E 446 -14.54 33.68 2.00
C ASN E 446 -13.53 34.38 2.92
N TRP E 447 -12.23 34.04 2.79
CA TRP E 447 -11.15 34.60 3.62
C TRP E 447 -11.09 36.14 3.51
N ARG E 448 -11.23 36.69 2.30
CA ARG E 448 -11.23 38.14 2.06
C ARG E 448 -12.25 38.89 2.88
N SER E 449 -13.43 38.33 3.14
CA SER E 449 -14.44 39.02 3.93
C SER E 449 -14.00 39.30 5.37
N GLU E 450 -13.10 38.49 5.93
CA GLU E 450 -12.54 38.68 7.27
C GLU E 450 -11.23 39.47 7.28
N LEU E 451 -10.35 39.18 6.31
CA LEU E 451 -8.99 39.73 6.22
C LEU E 451 -8.91 41.08 5.49
N TYR E 452 -10.03 41.69 5.10
CA TYR E 452 -10.00 42.97 4.36
C TYR E 452 -9.40 44.13 5.16
N LYS E 453 -9.60 44.17 6.48
CA LYS E 453 -9.17 45.28 7.34
C LYS E 453 -7.77 45.12 7.92
N TYR E 454 -6.99 44.11 7.54
CA TYR E 454 -5.66 43.86 8.09
C TYR E 454 -4.56 43.99 7.06
N LYS E 455 -3.40 44.48 7.50
CA LYS E 455 -2.17 44.66 6.71
C LYS E 455 -0.94 44.32 7.55
N VAL E 456 0.11 43.82 6.91
CA VAL E 456 1.33 43.34 7.57
C VAL E 456 2.51 44.24 7.24
N VAL E 457 3.24 44.70 8.26
CA VAL E 457 4.38 45.60 8.07
C VAL E 457 5.58 45.14 8.87
N LYS E 458 6.78 45.36 8.33
CA LYS E 458 8.05 45.13 9.03
C LYS E 458 8.56 46.46 9.57
N ILE E 459 9.01 46.47 10.82
CA ILE E 459 9.50 47.69 11.48
C ILE E 459 10.91 47.98 10.99
N GLU E 460 11.28 49.26 10.83
CA GLU E 460 12.60 49.67 10.35
C GLU E 460 13.27 50.58 11.39
N PRO E 461 13.80 50.00 12.48
CA PRO E 461 14.06 50.70 13.73
C PRO E 461 15.27 51.62 13.71
N LEU E 462 16.10 51.65 12.67
CA LEU E 462 17.24 52.56 12.58
C LEU E 462 16.86 53.82 11.81
N GLY E 463 17.20 54.98 12.36
CA GLY E 463 16.97 56.27 11.72
C GLY E 463 18.17 57.19 11.86
N VAL E 464 18.37 58.09 10.91
CA VAL E 464 19.46 59.06 10.92
C VAL E 464 18.95 60.44 10.56
N ALA E 465 19.36 61.47 11.27
CA ALA E 465 18.86 62.84 11.07
C ALA E 465 19.90 63.88 11.53
N PRO E 466 19.87 65.12 11.02
CA PRO E 466 20.86 66.12 11.39
C PRO E 466 20.55 66.77 12.72
N THR E 467 21.57 66.98 13.54
CA THR E 467 21.52 67.90 14.68
C THR E 467 22.94 68.34 15.05
N ARG E 468 23.11 69.37 15.88
CA ARG E 468 24.42 69.99 16.15
C ARG E 468 25.30 69.23 17.16
N CYS E 469 24.87 68.05 17.61
CA CYS E 469 25.69 67.18 18.46
C CYS E 469 26.84 66.51 17.66
N LYS E 470 28.02 67.11 17.60
CA LYS E 470 29.24 66.42 17.14
C LYS E 470 29.72 65.46 18.23
N ARG E 471 30.12 64.24 17.89
CA ARG E 471 30.69 63.28 18.87
C ARG E 471 31.95 63.86 19.54
N ARG E 472 32.15 63.62 20.84
CA ARG E 472 33.32 64.06 21.64
C ARG E 472 33.64 65.54 21.40
N GLU F 1 -63.53 15.82 -2.40
CA GLU F 1 -63.58 15.38 -0.98
C GLU F 1 -63.13 13.92 -0.86
N VAL F 2 -62.42 13.57 0.22
CA VAL F 2 -61.83 12.22 0.43
C VAL F 2 -62.90 11.13 0.53
N GLN F 3 -62.68 9.99 -0.11
CA GLN F 3 -63.46 8.79 0.11
C GLN F 3 -62.61 7.52 0.01
N LEU F 4 -62.83 6.60 0.96
CA LEU F 4 -62.27 5.25 0.98
C LEU F 4 -63.39 4.22 0.76
N ALA F 5 -63.12 3.14 0.04
CA ALA F 5 -64.08 2.05 -0.16
C ALA F 5 -63.41 0.68 -0.11
N GLU F 6 -64.09 -0.32 0.45
CA GLU F 6 -63.52 -1.66 0.68
C GLU F 6 -64.29 -2.77 -0.03
N SER F 7 -63.58 -3.83 -0.42
CA SER F 7 -64.08 -4.99 -1.16
C SER F 7 -63.29 -6.25 -0.80
N GLY F 8 -63.87 -7.43 -1.02
CA GLY F 8 -63.28 -8.72 -0.58
C GLY F 8 -63.94 -9.36 0.66
N GLY F 9 -65.03 -8.78 1.18
CA GLY F 9 -65.80 -9.38 2.29
C GLY F 9 -66.48 -10.70 1.91
N GLY F 10 -66.74 -11.57 2.89
CA GLY F 10 -67.39 -12.87 2.65
C GLY F 10 -67.22 -13.90 3.77
N LEU F 11 -67.40 -15.17 3.41
CA LEU F 11 -67.44 -16.34 4.30
C LEU F 11 -66.27 -17.30 4.07
N THR F 12 -65.79 -17.94 5.14
CA THR F 12 -64.91 -19.10 5.05
C THR F 12 -65.08 -20.06 6.23
N LYS F 13 -64.71 -21.34 6.06
CA LYS F 13 -64.37 -22.26 7.15
C LYS F 13 -63.11 -21.81 7.92
N PRO F 14 -62.90 -22.24 9.18
CA PRO F 14 -61.66 -22.00 9.93
C PRO F 14 -60.42 -22.51 9.19
N GLY F 15 -59.25 -21.94 9.48
CA GLY F 15 -57.99 -22.26 8.82
C GLY F 15 -57.86 -21.70 7.39
N GLY F 16 -58.92 -21.14 6.81
CA GLY F 16 -58.89 -20.54 5.47
C GLY F 16 -58.10 -19.23 5.37
N SER F 17 -58.08 -18.71 4.14
CA SER F 17 -57.48 -17.42 3.78
C SER F 17 -58.46 -16.53 3.03
N LEU F 18 -58.41 -15.22 3.29
CA LEU F 18 -59.16 -14.19 2.56
C LEU F 18 -58.29 -12.95 2.37
N ARG F 19 -58.42 -12.27 1.23
CA ARG F 19 -57.75 -10.99 0.95
C ARG F 19 -58.79 -9.87 0.84
N LEU F 20 -58.62 -8.81 1.64
CA LEU F 20 -59.41 -7.59 1.57
C LEU F 20 -58.67 -6.55 0.75
N SER F 21 -59.42 -5.72 0.03
CA SER F 21 -58.93 -4.52 -0.64
C SER F 21 -59.65 -3.29 -0.10
N CYS F 22 -58.93 -2.19 0.01
CA CYS F 22 -59.44 -0.86 0.29
C CYS F 22 -58.80 0.08 -0.74
N ALA F 23 -59.60 0.94 -1.34
CA ALA F 23 -59.19 1.81 -2.44
C ALA F 23 -59.42 3.28 -2.08
N ALA F 24 -58.43 4.12 -2.37
CA ALA F 24 -58.38 5.51 -1.95
C ALA F 24 -58.68 6.49 -3.09
N SER F 25 -59.53 7.48 -2.83
CA SER F 25 -59.89 8.54 -3.79
C SER F 25 -59.94 9.90 -3.12
N GLY F 26 -59.48 10.95 -3.82
CA GLY F 26 -59.56 12.33 -3.34
C GLY F 26 -58.33 12.85 -2.57
N PHE F 27 -57.21 12.12 -2.55
CA PHE F 27 -55.95 12.58 -1.97
C PHE F 27 -54.75 11.81 -2.54
N THR F 28 -53.53 12.32 -2.36
CA THR F 28 -52.31 11.59 -2.77
C THR F 28 -52.05 10.44 -1.82
N PHE F 29 -52.50 9.24 -2.16
CA PHE F 29 -52.44 8.09 -1.27
C PHE F 29 -51.03 7.75 -0.76
N SER F 30 -49.98 8.00 -1.54
CA SER F 30 -48.60 7.74 -1.11
C SER F 30 -48.03 8.75 -0.11
N ASP F 31 -48.80 9.76 0.35
CA ASP F 31 -48.42 10.65 1.45
C ASP F 31 -48.95 10.20 2.82
N PHE F 32 -49.77 9.17 2.91
CA PHE F 32 -50.42 8.78 4.16
C PHE F 32 -50.05 7.37 4.60
N TYR F 33 -49.86 7.19 5.90
CA TYR F 33 -50.01 5.88 6.52
C TYR F 33 -51.47 5.44 6.40
N MET F 34 -51.72 4.14 6.42
CA MET F 34 -53.08 3.60 6.42
C MET F 34 -53.23 2.49 7.47
N ASP F 35 -54.42 2.34 8.02
CA ASP F 35 -54.74 1.38 9.06
C ASP F 35 -55.91 0.49 8.69
N TRP F 36 -55.91 -0.73 9.23
CA TRP F 36 -57.06 -1.63 9.29
C TRP F 36 -57.56 -1.70 10.73
N VAL F 37 -58.86 -1.56 10.93
CA VAL F 37 -59.52 -1.56 12.23
C VAL F 37 -60.82 -2.34 12.11
N ARG F 38 -61.17 -3.20 13.07
CA ARG F 38 -62.33 -4.08 12.96
C ARG F 38 -63.30 -3.91 14.09
N GLN F 39 -64.58 -4.13 13.82
CA GLN F 39 -65.63 -4.10 14.83
C GLN F 39 -66.19 -5.49 15.02
N THR F 40 -65.96 -6.06 16.18
CA THR F 40 -66.55 -7.32 16.61
C THR F 40 -67.75 -7.00 17.50
N PRO F 41 -68.99 -7.41 17.18
CA PRO F 41 -70.20 -6.96 17.85
C PRO F 41 -70.21 -7.00 19.39
N GLY F 42 -69.51 -7.95 20.02
CA GLY F 42 -69.34 -8.01 21.47
C GLY F 42 -68.32 -6.98 21.99
N LYS F 43 -67.03 -7.23 21.76
CA LYS F 43 -65.89 -6.40 22.21
C LYS F 43 -65.89 -4.95 21.69
N GLY F 44 -66.69 -4.63 20.67
CA GLY F 44 -66.69 -3.32 20.03
C GLY F 44 -65.50 -3.16 19.08
N LEU F 45 -64.85 -1.99 19.08
CA LEU F 45 -63.75 -1.66 18.17
C LEU F 45 -62.41 -2.28 18.62
N GLU F 46 -61.64 -2.79 17.68
CA GLU F 46 -60.30 -3.35 17.88
C GLU F 46 -59.37 -2.94 16.74
N TRP F 47 -58.17 -2.44 17.06
CA TRP F 47 -57.17 -2.14 16.04
C TRP F 47 -56.54 -3.41 15.47
N VAL F 48 -56.28 -3.47 14.17
CA VAL F 48 -55.75 -4.68 13.52
C VAL F 48 -54.34 -4.45 12.96
N SER F 49 -54.09 -3.39 12.20
CA SER F 49 -52.78 -3.16 11.58
C SER F 49 -52.53 -1.74 11.10
N ARG F 50 -51.26 -1.35 10.92
CA ARG F 50 -50.79 -0.08 10.33
C ARG F 50 -49.71 -0.33 9.29
N ILE F 51 -49.69 0.42 8.19
CA ILE F 51 -48.61 0.43 7.20
C ILE F 51 -48.17 1.87 6.92
N ASN F 52 -46.86 2.14 6.89
CA ASN F 52 -46.36 3.48 6.60
C ASN F 52 -46.54 3.84 5.10
N ASN F 53 -46.20 5.06 4.71
CA ASN F 53 -46.60 5.59 3.40
C ASN F 53 -45.94 4.88 2.22
N ASP F 54 -44.68 4.43 2.34
CA ASP F 54 -43.96 3.70 1.29
C ASP F 54 -44.01 2.17 1.45
N GLY F 55 -44.50 1.65 2.58
CA GLY F 55 -44.62 0.23 2.88
C GLY F 55 -43.39 -0.44 3.49
N ARG F 56 -42.30 0.29 3.75
CA ARG F 56 -41.13 -0.28 4.46
C ARG F 56 -41.45 -0.74 5.88
N ASN F 57 -42.39 -0.10 6.57
CA ASN F 57 -42.72 -0.40 7.96
C ASN F 57 -44.17 -0.83 8.12
N LYS F 58 -44.42 -1.90 8.86
CA LYS F 58 -45.75 -2.48 9.09
C LYS F 58 -45.89 -2.91 10.56
N TRP F 59 -47.08 -2.80 11.12
CA TRP F 59 -47.37 -3.18 12.50
C TRP F 59 -48.69 -3.94 12.64
N TYR F 60 -48.80 -4.74 13.70
CA TYR F 60 -49.92 -5.64 13.96
C TYR F 60 -50.33 -5.67 15.44
N ALA F 61 -51.60 -5.94 15.71
CA ALA F 61 -52.07 -6.35 17.03
C ALA F 61 -51.68 -7.80 17.30
N ASP F 62 -51.53 -8.18 18.58
CA ASP F 62 -51.07 -9.53 18.94
C ASP F 62 -51.99 -10.65 18.46
N SER F 63 -53.30 -10.40 18.41
CA SER F 63 -54.30 -11.37 17.94
C SER F 63 -54.19 -11.70 16.45
N VAL F 64 -53.39 -10.96 15.68
CA VAL F 64 -53.27 -11.11 14.22
C VAL F 64 -51.84 -11.14 13.69
N ARG F 65 -50.82 -10.91 14.53
CA ARG F 65 -49.42 -10.93 14.09
C ARG F 65 -49.06 -12.31 13.54
N GLY F 66 -48.26 -12.35 12.47
CA GLY F 66 -47.90 -13.57 11.74
C GLY F 66 -49.02 -14.10 10.86
N ARG F 67 -50.24 -14.23 11.38
CA ARG F 67 -51.42 -14.70 10.61
C ARG F 67 -51.78 -13.77 9.46
N PHE F 68 -51.77 -12.47 9.69
CA PHE F 68 -52.20 -11.46 8.72
C PHE F 68 -50.99 -10.68 8.22
N THR F 69 -50.96 -10.30 6.94
CA THR F 69 -50.05 -9.26 6.46
C THR F 69 -50.78 -8.15 5.73
N VAL F 70 -50.34 -6.92 5.96
CA VAL F 70 -50.85 -5.70 5.33
C VAL F 70 -49.90 -5.26 4.22
N SER F 71 -50.41 -4.79 3.09
CA SER F 71 -49.58 -4.29 1.99
C SER F 71 -50.31 -3.25 1.16
N ARG F 72 -49.58 -2.49 0.34
CA ARG F 72 -50.13 -1.38 -0.45
C ARG F 72 -49.49 -1.30 -1.83
N GLU F 73 -50.24 -0.77 -2.78
CA GLU F 73 -49.78 -0.48 -4.13
C GLU F 73 -50.04 1.00 -4.42
N ASN F 74 -49.01 1.82 -4.19
CA ASN F 74 -49.09 3.26 -4.34
C ASN F 74 -49.41 3.70 -5.76
N ALA F 75 -48.94 2.98 -6.77
CA ALA F 75 -49.26 3.23 -8.18
C ALA F 75 -50.77 3.06 -8.49
N LYS F 76 -51.49 2.30 -7.66
CA LYS F 76 -52.92 1.97 -7.82
C LYS F 76 -53.81 2.60 -6.75
N ASN F 77 -53.28 3.44 -5.86
CA ASN F 77 -54.00 3.99 -4.72
C ASN F 77 -54.76 2.93 -3.88
N THR F 78 -54.16 1.76 -3.66
CA THR F 78 -54.87 0.59 -3.09
C THR F 78 -54.11 -0.07 -1.93
N LEU F 79 -54.85 -0.47 -0.89
CA LEU F 79 -54.41 -1.11 0.35
C LEU F 79 -55.01 -2.52 0.45
N TYR F 80 -54.23 -3.52 0.86
CA TYR F 80 -54.70 -4.90 1.04
C TYR F 80 -54.42 -5.43 2.44
N LEU F 81 -55.34 -6.22 2.99
CA LEU F 81 -55.08 -7.09 4.14
C LEU F 81 -55.18 -8.53 3.66
N GLN F 82 -54.08 -9.27 3.75
CA GLN F 82 -54.01 -10.70 3.48
C GLN F 82 -54.17 -11.46 4.80
N MET F 83 -55.31 -12.12 4.99
CA MET F 83 -55.57 -12.92 6.17
C MET F 83 -55.37 -14.38 5.83
N ASP F 84 -54.58 -15.06 6.64
CA ASP F 84 -54.36 -16.51 6.60
C ASP F 84 -54.63 -17.12 7.97
N SER F 85 -54.92 -18.42 8.04
CA SER F 85 -55.22 -19.11 9.31
C SER F 85 -56.36 -18.44 10.09
N LEU F 86 -57.44 -18.11 9.39
CA LEU F 86 -58.63 -17.48 9.96
C LEU F 86 -59.29 -18.34 11.05
N ARG F 87 -59.88 -17.70 12.05
CA ARG F 87 -60.52 -18.33 13.22
C ARG F 87 -61.91 -17.72 13.43
N ALA F 88 -62.83 -18.38 14.14
CA ALA F 88 -64.20 -17.87 14.32
C ALA F 88 -64.23 -16.44 14.89
N GLU F 89 -63.30 -16.12 15.80
CA GLU F 89 -63.12 -14.80 16.42
C GLU F 89 -62.71 -13.69 15.45
N ASP F 90 -62.24 -13.99 14.24
CA ASP F 90 -61.99 -12.98 13.21
C ASP F 90 -63.28 -12.46 12.58
N THR F 91 -64.43 -13.08 12.86
CA THR F 91 -65.74 -12.65 12.38
C THR F 91 -66.05 -11.24 12.88
N ALA F 92 -66.16 -10.29 11.96
CA ALA F 92 -66.21 -8.86 12.26
C ALA F 92 -66.64 -8.08 11.01
N VAL F 93 -66.94 -6.79 11.15
CA VAL F 93 -66.71 -5.87 10.02
C VAL F 93 -65.27 -5.38 10.08
N TYR F 94 -64.57 -5.31 8.94
CA TYR F 94 -63.29 -4.63 8.82
C TYR F 94 -63.48 -3.30 8.11
N TYR F 95 -62.91 -2.24 8.68
CA TYR F 95 -62.83 -0.91 8.10
C TYR F 95 -61.38 -0.56 7.83
N CYS F 96 -61.10 0.12 6.74
CA CYS F 96 -59.83 0.83 6.58
C CYS F 96 -60.00 2.28 7.00
N ALA F 97 -58.98 2.88 7.60
CA ALA F 97 -59.00 4.26 8.00
C ALA F 97 -57.64 4.91 7.74
N ARG F 98 -57.62 6.19 7.41
CA ARG F 98 -56.41 6.93 7.00
C ARG F 98 -55.70 7.58 8.17
N ASP F 99 -54.37 7.51 8.22
CA ASP F 99 -53.58 7.89 9.40
C ASP F 99 -52.58 9.03 9.11
N ARG F 100 -51.31 8.88 9.50
CA ARG F 100 -50.31 9.94 9.60
C ARG F 100 -50.00 10.55 8.25
N PRO F 101 -50.18 11.85 8.03
CA PRO F 101 -49.72 12.51 6.82
C PRO F 101 -48.20 12.74 6.82
N VAL F 102 -47.57 12.63 5.66
CA VAL F 102 -46.12 12.74 5.47
C VAL F 102 -45.79 13.57 4.22
N TYR F 103 -45.87 14.90 4.36
CA TYR F 103 -45.54 15.86 3.30
C TYR F 103 -44.02 15.98 3.12
N ARG F 104 -43.54 16.67 2.07
CA ARG F 104 -42.13 16.55 1.65
C ARG F 104 -41.09 16.91 2.71
N TYR F 105 -41.39 17.88 3.58
CA TYR F 105 -40.49 18.35 4.63
C TYR F 105 -40.94 18.01 6.05
N TRP F 106 -42.15 17.48 6.26
CA TRP F 106 -42.74 17.36 7.60
C TRP F 106 -43.74 16.21 7.72
N SER F 107 -43.76 15.55 8.87
CA SER F 107 -44.73 14.50 9.24
C SER F 107 -45.66 14.97 10.35
N GLY F 108 -46.95 14.70 10.22
CA GLY F 108 -47.95 15.08 11.22
C GLY F 108 -48.08 14.10 12.39
N GLY F 109 -49.12 14.28 13.19
CA GLY F 109 -49.50 13.34 14.22
C GLY F 109 -50.21 12.10 13.69
N TYR F 110 -50.53 11.16 14.57
CA TYR F 110 -51.33 9.97 14.26
C TYR F 110 -52.83 10.24 14.28
N HIS F 111 -53.61 9.57 13.44
CA HIS F 111 -55.04 9.80 13.20
C HIS F 111 -55.74 8.52 12.72
N LEU F 112 -57.07 8.47 12.78
CA LEU F 112 -57.87 7.48 12.05
C LEU F 112 -59.04 8.22 11.41
N ASP F 113 -58.83 8.89 10.27
CA ASP F 113 -59.87 9.71 9.66
C ASP F 113 -59.59 10.01 8.18
N PRO F 114 -60.52 9.75 7.25
CA PRO F 114 -61.81 9.09 7.44
C PRO F 114 -61.70 7.57 7.46
N TRP F 115 -62.83 6.94 7.78
CA TRP F 115 -63.03 5.48 7.80
C TRP F 115 -63.85 5.08 6.58
N GLY F 116 -63.52 3.95 5.98
CA GLY F 116 -64.25 3.40 4.84
C GLY F 116 -65.69 2.98 5.15
N GLN F 117 -66.38 2.43 4.14
CA GLN F 117 -67.75 1.96 4.29
C GLN F 117 -67.81 0.59 5.02
N GLY F 118 -66.74 -0.19 4.94
CA GLY F 118 -66.55 -1.46 5.63
C GLY F 118 -66.99 -2.70 4.86
N VAL F 119 -66.36 -3.83 5.17
CA VAL F 119 -66.68 -5.15 4.61
C VAL F 119 -66.85 -6.18 5.71
N VAL F 120 -67.85 -7.05 5.56
CA VAL F 120 -68.08 -8.19 6.48
C VAL F 120 -67.07 -9.29 6.23
N VAL F 121 -66.51 -9.87 7.29
CA VAL F 121 -65.80 -11.14 7.25
C VAL F 121 -66.47 -12.10 8.22
N THR F 122 -66.71 -13.33 7.80
CA THR F 122 -67.35 -14.37 8.62
C THR F 122 -66.57 -15.67 8.57
N VAL F 123 -66.30 -16.28 9.73
CA VAL F 123 -65.55 -17.53 9.81
C VAL F 123 -66.37 -18.57 10.56
N SER F 124 -66.84 -19.61 9.86
CA SER F 124 -67.69 -20.67 10.42
C SER F 124 -67.63 -21.96 9.59
N SER F 125 -67.75 -23.12 10.24
CA SER F 125 -67.80 -24.42 9.57
C SER F 125 -69.22 -24.86 9.15
N ALA F 126 -70.27 -24.08 9.46
CA ALA F 126 -71.65 -24.42 9.09
C ALA F 126 -71.87 -24.47 7.56
N SER F 127 -72.92 -25.17 7.13
CA SER F 127 -73.31 -25.29 5.71
C SER F 127 -74.13 -24.08 5.24
N THR F 128 -74.22 -23.85 3.93
CA THR F 128 -75.10 -22.79 3.37
C THR F 128 -76.58 -23.22 3.43
N LYS F 129 -77.15 -23.16 4.63
CA LYS F 129 -78.39 -23.83 5.02
C LYS F 129 -79.61 -22.91 4.93
N GLY F 130 -80.68 -23.40 4.32
CA GLY F 130 -81.96 -22.70 4.21
C GLY F 130 -82.77 -22.67 5.51
N PRO F 131 -83.63 -21.65 5.72
CA PRO F 131 -84.40 -21.51 6.95
C PRO F 131 -85.50 -22.55 7.05
N SER F 132 -85.62 -23.13 8.26
CA SER F 132 -86.89 -23.62 8.77
C SER F 132 -87.80 -22.42 9.06
N VAL F 133 -89.11 -22.56 8.93
CA VAL F 133 -90.06 -21.44 9.12
C VAL F 133 -91.25 -21.91 9.94
N PHE F 134 -91.20 -21.62 11.25
CA PHE F 134 -92.16 -22.14 12.22
C PHE F 134 -93.15 -21.04 12.67
N PRO F 135 -94.47 -21.19 12.45
CA PRO F 135 -95.46 -20.22 12.91
C PRO F 135 -95.48 -20.02 14.42
N LEU F 136 -95.58 -18.76 14.84
CA LEU F 136 -95.93 -18.36 16.20
C LEU F 136 -97.37 -17.81 16.18
N ALA F 137 -98.35 -18.71 16.07
CA ALA F 137 -99.79 -18.37 16.03
C ALA F 137 -100.21 -17.40 17.17
N PRO F 138 -101.28 -16.61 17.00
CA PRO F 138 -101.84 -15.88 18.14
C PRO F 138 -102.38 -16.86 19.20
N SER F 139 -102.13 -16.59 20.50
CA SER F 139 -102.73 -17.35 21.60
C SER F 139 -104.27 -17.36 21.53
N SER F 140 -104.88 -18.49 21.91
CA SER F 140 -106.34 -18.66 22.03
C SER F 140 -106.95 -17.64 23.00
N ARG F 141 -106.25 -17.35 24.11
CA ARG F 141 -106.63 -16.30 25.05
C ARG F 141 -106.48 -14.91 24.43
N SER F 142 -105.32 -14.61 23.83
CA SER F 142 -105.07 -13.29 23.24
C SER F 142 -106.07 -12.96 22.12
N THR F 143 -106.45 -13.96 21.33
CA THR F 143 -107.48 -13.88 20.28
C THR F 143 -108.86 -13.43 20.80
N SER F 144 -109.16 -13.62 22.10
CA SER F 144 -110.41 -13.10 22.72
C SER F 144 -110.37 -11.59 23.00
N GLU F 145 -109.18 -11.00 23.11
CA GLU F 145 -108.95 -9.58 23.41
C GLU F 145 -109.19 -8.70 22.18
N SER F 146 -109.29 -7.38 22.33
CA SER F 146 -109.47 -6.46 21.20
C SER F 146 -108.25 -6.41 20.24
N THR F 147 -107.04 -6.70 20.73
CA THR F 147 -105.80 -6.75 19.93
C THR F 147 -105.03 -8.04 20.21
N ALA F 148 -104.40 -8.60 19.17
CA ALA F 148 -103.59 -9.80 19.19
C ALA F 148 -102.20 -9.52 18.58
N ALA F 149 -101.26 -10.42 18.82
CA ALA F 149 -100.00 -10.49 18.10
C ALA F 149 -99.77 -11.92 17.62
N LEU F 150 -98.95 -12.07 16.60
CA LEU F 150 -98.56 -13.34 16.01
C LEU F 150 -97.20 -13.18 15.34
N GLY F 151 -96.50 -14.27 15.10
CA GLY F 151 -95.13 -14.24 14.62
C GLY F 151 -94.65 -15.48 13.87
N CYS F 152 -93.35 -15.54 13.66
CA CYS F 152 -92.74 -16.46 12.73
C CYS F 152 -91.29 -16.67 13.16
N LEU F 153 -90.99 -17.85 13.68
CA LEU F 153 -89.66 -18.23 14.13
C LEU F 153 -88.89 -18.84 12.95
N VAL F 154 -88.20 -17.96 12.24
CA VAL F 154 -87.36 -18.30 11.10
C VAL F 154 -86.04 -18.81 11.67
N LYS F 155 -85.64 -20.05 11.36
CA LYS F 155 -84.71 -20.80 12.21
C LYS F 155 -83.72 -21.67 11.45
N ASP F 156 -82.55 -21.84 12.06
CA ASP F 156 -81.46 -22.72 11.67
C ASP F 156 -80.91 -22.49 10.25
N TYR F 157 -80.96 -21.25 9.77
CA TYR F 157 -80.33 -20.88 8.50
C TYR F 157 -78.89 -20.41 8.74
N PHE F 158 -78.04 -20.55 7.71
CA PHE F 158 -76.70 -19.97 7.70
C PHE F 158 -76.24 -19.71 6.26
N PRO F 159 -75.40 -18.69 5.98
CA PRO F 159 -75.14 -17.52 6.83
C PRO F 159 -76.38 -16.60 6.90
N GLU F 160 -76.29 -15.51 7.65
CA GLU F 160 -77.22 -14.36 7.53
C GLU F 160 -77.00 -13.62 6.19
N PRO F 161 -78.00 -12.93 5.64
CA PRO F 161 -79.30 -12.61 6.25
C PRO F 161 -80.44 -13.49 5.74
N VAL F 162 -81.54 -13.50 6.51
CA VAL F 162 -82.90 -13.73 5.98
C VAL F 162 -83.62 -12.38 5.91
N THR F 163 -84.34 -12.14 4.82
CA THR F 163 -85.24 -10.98 4.71
C THR F 163 -86.67 -11.44 4.98
N VAL F 164 -87.40 -10.75 5.85
CA VAL F 164 -88.72 -11.19 6.34
C VAL F 164 -89.70 -10.04 6.41
N SER F 165 -90.97 -10.29 6.08
CA SER F 165 -92.05 -9.29 6.09
C SER F 165 -93.43 -9.96 6.18
N TRP F 166 -94.48 -9.19 6.48
CA TRP F 166 -95.83 -9.72 6.76
C TRP F 166 -96.85 -9.44 5.66
N ASN F 167 -97.66 -10.45 5.36
CA ASN F 167 -98.84 -10.42 4.49
C ASN F 167 -98.51 -9.85 3.11
N SER F 168 -97.75 -10.63 2.34
CA SER F 168 -97.14 -10.23 1.06
C SER F 168 -96.20 -9.03 1.22
N GLY F 169 -95.59 -8.91 2.42
CA GLY F 169 -94.78 -7.77 2.85
C GLY F 169 -95.50 -6.42 2.93
N SER F 170 -96.83 -6.40 2.84
CA SER F 170 -97.62 -5.16 2.85
C SER F 170 -97.97 -4.67 4.27
N LEU F 171 -98.06 -5.58 5.25
CA LEU F 171 -98.47 -5.21 6.60
C LEU F 171 -97.31 -4.60 7.39
N THR F 172 -97.57 -3.47 8.04
CA THR F 172 -96.58 -2.66 8.80
C THR F 172 -96.93 -2.49 10.29
N SER F 173 -98.15 -2.86 10.72
CA SER F 173 -98.70 -2.60 12.07
C SER F 173 -97.93 -3.29 13.20
N GLY F 174 -97.00 -2.56 13.81
CA GLY F 174 -96.16 -3.08 14.90
C GLY F 174 -95.30 -4.27 14.47
N VAL F 175 -94.77 -4.26 13.25
CA VAL F 175 -93.85 -5.31 12.80
C VAL F 175 -92.52 -5.17 13.55
N HIS F 176 -92.13 -6.20 14.30
CA HIS F 176 -90.81 -6.31 14.91
C HIS F 176 -90.12 -7.58 14.38
N THR F 177 -89.43 -7.46 13.25
CA THR F 177 -88.39 -8.43 12.86
C THR F 177 -87.18 -8.22 13.77
N PHE F 178 -87.00 -9.09 14.75
CA PHE F 178 -85.93 -8.97 15.74
C PHE F 178 -84.53 -9.23 15.16
N PRO F 179 -83.47 -8.78 15.85
CA PRO F 179 -82.10 -9.26 15.61
C PRO F 179 -82.00 -10.77 15.83
N ALA F 180 -81.24 -11.45 14.98
CA ALA F 180 -81.08 -12.90 15.03
C ALA F 180 -80.24 -13.35 16.24
N VAL F 181 -80.67 -14.43 16.89
CA VAL F 181 -79.87 -15.21 17.84
C VAL F 181 -78.92 -16.10 17.04
N LEU F 182 -77.62 -15.99 17.26
CA LEU F 182 -76.63 -16.96 16.78
C LEU F 182 -76.60 -18.10 17.80
N GLN F 183 -77.28 -19.20 17.49
CA GLN F 183 -77.47 -20.34 18.39
C GLN F 183 -76.19 -21.16 18.54
N SER F 184 -76.09 -21.97 19.60
CA SER F 184 -74.94 -22.86 19.84
C SER F 184 -74.75 -23.91 18.73
N SER F 185 -75.80 -24.20 17.94
CA SER F 185 -75.72 -24.99 16.70
C SER F 185 -74.82 -24.37 15.61
N GLY F 186 -74.41 -23.11 15.75
CA GLY F 186 -73.68 -22.36 14.72
C GLY F 186 -74.56 -21.91 13.56
N LEU F 187 -75.88 -21.92 13.77
CA LEU F 187 -76.92 -21.51 12.83
C LEU F 187 -77.74 -20.38 13.44
N TYR F 188 -78.21 -19.46 12.61
CA TYR F 188 -78.97 -18.30 13.05
C TYR F 188 -80.47 -18.60 13.12
N SER F 189 -81.15 -17.89 14.02
CA SER F 189 -82.61 -17.84 14.05
C SER F 189 -83.09 -16.46 14.48
N LEU F 190 -84.26 -16.03 14.00
CA LEU F 190 -84.93 -14.83 14.48
C LEU F 190 -86.43 -15.08 14.63
N SER F 191 -87.09 -14.25 15.43
CA SER F 191 -88.54 -14.09 15.37
C SER F 191 -88.88 -12.81 14.60
N SER F 192 -89.84 -12.89 13.70
CA SER F 192 -90.60 -11.72 13.27
C SER F 192 -91.99 -11.79 13.87
N VAL F 193 -92.53 -10.67 14.33
CA VAL F 193 -93.88 -10.59 14.93
C VAL F 193 -94.61 -9.36 14.40
N VAL F 194 -95.93 -9.39 14.44
CA VAL F 194 -96.81 -8.28 14.02
C VAL F 194 -98.05 -8.23 14.90
N THR F 195 -98.69 -7.06 15.00
CA THR F 195 -99.74 -6.80 15.99
C THR F 195 -100.97 -6.19 15.34
N VAL F 196 -102.16 -6.74 15.59
CA VAL F 196 -103.39 -6.39 14.86
C VAL F 196 -104.66 -6.50 15.71
N PRO F 197 -105.72 -5.74 15.40
CA PRO F 197 -107.05 -5.93 15.96
C PRO F 197 -107.54 -7.37 15.76
N SER F 198 -108.02 -8.04 16.81
CA SER F 198 -108.24 -9.50 16.78
C SER F 198 -109.32 -9.96 15.81
N SER F 199 -110.30 -9.08 15.51
CA SER F 199 -111.31 -9.31 14.47
C SER F 199 -110.68 -9.56 13.07
N SER F 200 -109.49 -9.02 12.83
CA SER F 200 -108.76 -9.18 11.57
C SER F 200 -108.29 -10.62 11.33
N LEU F 201 -108.12 -11.45 12.36
CA LEU F 201 -107.54 -12.79 12.23
C LEU F 201 -108.40 -13.70 11.34
N GLY F 202 -107.87 -14.07 10.16
CA GLY F 202 -108.58 -14.82 9.13
C GLY F 202 -109.44 -13.96 8.20
N THR F 203 -109.91 -12.81 8.69
CA THR F 203 -110.53 -11.73 7.87
C THR F 203 -109.49 -11.11 6.93
N GLN F 204 -108.24 -11.03 7.41
CA GLN F 204 -107.00 -10.98 6.66
C GLN F 204 -106.22 -12.28 6.91
N THR F 205 -105.58 -12.85 5.89
CA THR F 205 -104.73 -14.05 6.05
C THR F 205 -103.33 -13.69 6.52
N TYR F 206 -102.91 -14.17 7.68
CA TYR F 206 -101.62 -13.83 8.28
C TYR F 206 -100.52 -14.75 7.77
N VAL F 207 -99.59 -14.18 7.02
CA VAL F 207 -98.50 -14.89 6.34
C VAL F 207 -97.18 -14.19 6.62
N CYS F 208 -96.17 -14.92 7.10
CA CYS F 208 -94.81 -14.42 7.08
C CYS F 208 -94.15 -14.85 5.77
N ASN F 209 -93.59 -13.87 5.07
CA ASN F 209 -92.92 -14.02 3.79
C ASN F 209 -91.41 -13.95 4.02
N VAL F 210 -90.68 -14.97 3.57
CA VAL F 210 -89.29 -15.22 3.95
C VAL F 210 -88.45 -15.49 2.71
N ASN F 211 -87.26 -14.92 2.62
CA ASN F 211 -86.27 -15.22 1.59
C ASN F 211 -84.85 -15.27 2.18
N HIS F 212 -84.02 -16.19 1.70
CA HIS F 212 -82.64 -16.43 2.16
C HIS F 212 -81.66 -16.38 0.99
N LYS F 213 -81.12 -15.19 0.71
CA LYS F 213 -80.24 -14.90 -0.43
C LYS F 213 -79.12 -15.93 -0.66
N PRO F 214 -78.37 -16.41 0.36
CA PRO F 214 -77.26 -17.33 0.13
C PRO F 214 -77.61 -18.69 -0.50
N SER F 215 -78.89 -19.11 -0.45
CA SER F 215 -79.38 -20.38 -1.04
C SER F 215 -80.60 -20.20 -1.96
N ASN F 216 -81.06 -18.96 -2.19
CA ASN F 216 -82.29 -18.62 -2.93
C ASN F 216 -83.56 -19.33 -2.40
N THR F 217 -83.58 -19.77 -1.14
CA THR F 217 -84.75 -20.39 -0.50
C THR F 217 -85.81 -19.33 -0.17
N LYS F 218 -87.08 -19.59 -0.48
CA LYS F 218 -88.21 -18.74 -0.08
C LYS F 218 -89.38 -19.56 0.48
N VAL F 219 -90.16 -18.95 1.38
CA VAL F 219 -91.33 -19.54 2.03
C VAL F 219 -92.38 -18.44 2.28
N ASP F 220 -93.66 -18.79 2.13
CA ASP F 220 -94.80 -17.92 2.44
C ASP F 220 -95.76 -18.68 3.38
N LYS F 221 -95.47 -18.61 4.69
CA LYS F 221 -96.01 -19.51 5.72
C LYS F 221 -97.13 -18.83 6.51
N ARG F 222 -98.28 -19.49 6.67
CA ARG F 222 -99.45 -18.95 7.39
C ARG F 222 -99.34 -19.12 8.91
N VAL F 223 -99.92 -18.19 9.66
CA VAL F 223 -99.73 -18.04 11.12
C VAL F 223 -101.05 -17.76 11.84
N GLU F 224 -101.91 -18.78 11.93
CA GLU F 224 -103.27 -18.68 12.50
C GLU F 224 -103.64 -19.93 13.34
N ILE F 225 -104.67 -19.83 14.20
CA ILE F 225 -105.12 -20.93 15.05
C ILE F 225 -105.60 -22.13 14.21
N TYR G 1 -49.91 -2.34 26.74
CA TYR G 1 -51.26 -1.87 26.38
C TYR G 1 -51.68 -0.66 27.22
N VAL G 2 -52.59 0.18 26.71
CA VAL G 2 -53.30 1.22 27.49
C VAL G 2 -54.80 0.97 27.43
N VAL G 3 -55.43 0.77 28.59
CA VAL G 3 -56.89 0.61 28.72
C VAL G 3 -57.57 1.96 28.64
N MET G 4 -58.77 1.98 28.04
CA MET G 4 -59.68 3.12 28.03
C MET G 4 -61.03 2.71 28.65
N THR G 5 -61.74 3.60 29.34
CA THR G 5 -63.15 3.40 29.72
C THR G 5 -63.91 4.72 29.83
N GLN G 6 -65.22 4.69 29.59
CA GLN G 6 -66.13 5.82 29.65
C GLN G 6 -67.14 5.67 30.79
N SER G 7 -67.51 6.76 31.47
CA SER G 7 -68.24 6.65 32.74
C SER G 7 -69.72 6.28 32.60
N PRO G 8 -70.59 7.03 31.88
CA PRO G 8 -71.93 6.56 31.58
C PRO G 8 -71.88 5.55 30.43
N LEU G 9 -72.42 4.34 30.61
CA LEU G 9 -72.62 3.41 29.49
C LEU G 9 -73.83 3.81 28.64
N SER G 10 -74.85 4.38 29.27
CA SER G 10 -76.11 4.75 28.63
C SER G 10 -76.58 6.13 29.07
N LEU G 11 -77.13 6.88 28.11
CA LEU G 11 -77.56 8.26 28.23
C LEU G 11 -78.98 8.40 27.65
N PRO G 12 -80.03 8.05 28.40
CA PRO G 12 -81.38 8.48 28.10
C PRO G 12 -81.46 9.98 28.32
N ILE G 13 -81.63 10.75 27.25
CA ILE G 13 -81.66 12.21 27.33
C ILE G 13 -82.87 12.75 26.54
N THR G 14 -83.55 13.74 27.11
CA THR G 14 -84.64 14.45 26.43
C THR G 14 -84.06 15.33 25.32
N PRO G 15 -84.64 15.38 24.11
CA PRO G 15 -84.14 16.23 23.03
C PRO G 15 -83.96 17.69 23.45
N GLY G 16 -82.84 18.29 23.06
CA GLY G 16 -82.50 19.67 23.38
C GLY G 16 -81.80 19.88 24.72
N GLN G 17 -81.67 18.84 25.56
CA GLN G 17 -80.89 18.89 26.80
C GLN G 17 -79.39 18.59 26.55
N PRO G 18 -78.46 19.12 27.35
CA PRO G 18 -77.05 18.77 27.25
C PRO G 18 -76.77 17.31 27.58
N ALA G 19 -75.63 16.82 27.11
CA ALA G 19 -75.05 15.52 27.44
C ALA G 19 -73.56 15.69 27.75
N SER G 20 -72.99 14.86 28.62
CA SER G 20 -71.53 14.72 28.67
C SER G 20 -71.10 13.30 28.99
N ILE G 21 -69.95 12.91 28.44
CA ILE G 21 -69.32 11.61 28.67
C ILE G 21 -67.90 11.89 29.14
N SER G 22 -67.50 11.41 30.31
CA SER G 22 -66.09 11.34 30.67
C SER G 22 -65.48 10.03 30.20
N CYS G 23 -64.19 10.07 29.92
CA CYS G 23 -63.34 9.00 29.44
C CYS G 23 -62.02 9.03 30.24
N ARG G 24 -61.54 7.87 30.68
CA ARG G 24 -60.30 7.73 31.43
C ARG G 24 -59.41 6.62 30.90
N SER G 25 -58.12 6.89 30.89
CA SER G 25 -57.08 5.98 30.41
C SER G 25 -56.24 5.44 31.57
N SER G 26 -55.68 4.24 31.41
CA SER G 26 -54.83 3.63 32.44
C SER G 26 -53.43 4.27 32.56
N GLN G 27 -53.04 5.06 31.57
CA GLN G 27 -51.75 5.76 31.46
C GLN G 27 -51.96 7.08 30.71
N ARG G 28 -51.07 8.07 30.87
CA ARG G 28 -51.20 9.36 30.18
C ARG G 28 -51.15 9.21 28.66
N LEU G 29 -51.87 10.08 27.95
CA LEU G 29 -51.96 10.03 26.48
C LEU G 29 -51.12 11.10 25.76
N LEU G 30 -50.39 11.94 26.51
CA LEU G 30 -49.46 12.91 25.93
C LEU G 30 -48.27 12.20 25.27
N HIS G 31 -48.07 12.41 23.96
CA HIS G 31 -46.99 11.82 23.19
C HIS G 31 -45.66 12.57 23.35
N SER G 32 -44.57 11.96 22.93
CA SER G 32 -43.21 12.55 22.94
C SER G 32 -43.14 13.89 22.21
N ASP G 33 -43.96 14.12 21.18
CA ASP G 33 -43.99 15.39 20.43
C ASP G 33 -44.76 16.52 21.13
N GLY G 34 -45.46 16.24 22.23
CA GLY G 34 -46.17 17.23 23.04
C GLY G 34 -47.67 17.33 22.79
N ASN G 35 -48.21 16.73 21.72
CA ASN G 35 -49.67 16.62 21.56
C ASN G 35 -50.22 15.47 22.40
N THR G 36 -51.52 15.48 22.67
CA THR G 36 -52.23 14.36 23.29
C THR G 36 -53.19 13.74 22.29
N TYR G 37 -52.85 12.59 21.71
CA TYR G 37 -53.63 11.99 20.63
C TYR G 37 -54.83 11.19 21.14
N LEU G 38 -55.66 11.80 21.97
CA LEU G 38 -57.01 11.33 22.22
C LEU G 38 -57.93 11.82 21.10
N ALA G 39 -58.93 11.02 20.76
CA ALA G 39 -59.98 11.37 19.83
C ALA G 39 -61.33 10.85 20.30
N TRP G 40 -62.41 11.41 19.79
CA TRP G 40 -63.77 10.90 19.99
C TRP G 40 -64.41 10.61 18.64
N TYR G 41 -64.99 9.41 18.50
CA TYR G 41 -65.72 8.97 17.34
C TYR G 41 -67.17 8.74 17.73
N GLN G 42 -68.11 8.92 16.81
CA GLN G 42 -69.50 8.55 17.02
C GLN G 42 -70.02 7.70 15.88
N GLN G 43 -71.01 6.87 16.17
CA GLN G 43 -71.50 5.85 15.26
C GLN G 43 -73.02 5.76 15.38
N ARG G 44 -73.71 6.34 14.41
CA ARG G 44 -75.17 6.20 14.26
C ARG G 44 -75.49 4.77 13.81
N PRO G 45 -76.70 4.25 14.04
CA PRO G 45 -77.00 2.85 13.76
C PRO G 45 -76.81 2.50 12.28
N GLY G 46 -76.07 1.42 12.00
CA GLY G 46 -75.80 0.97 10.63
C GLY G 46 -74.85 1.86 9.82
N GLN G 47 -73.86 2.48 10.45
CA GLN G 47 -72.84 3.30 9.79
C GLN G 47 -71.44 3.05 10.39
N PRO G 48 -70.34 3.31 9.68
CA PRO G 48 -68.99 3.27 10.25
C PRO G 48 -68.80 4.33 11.34
N PRO G 49 -67.79 4.21 12.21
CA PRO G 49 -67.44 5.26 13.16
C PRO G 49 -66.95 6.51 12.43
N ARG G 50 -67.47 7.67 12.83
CA ARG G 50 -67.20 9.01 12.31
C ARG G 50 -66.38 9.76 13.34
N ARG G 51 -65.18 10.26 13.02
CA ARG G 51 -64.41 11.05 14.01
C ARG G 51 -65.02 12.44 14.16
N LEU G 52 -65.09 12.96 15.38
CA LEU G 52 -65.60 14.31 15.68
C LEU G 52 -64.50 15.21 16.25
N ILE G 53 -63.81 14.74 17.28
CA ILE G 53 -62.87 15.52 18.07
C ILE G 53 -61.52 14.83 18.05
N TYR G 54 -60.44 15.57 17.90
CA TYR G 54 -59.10 15.03 17.79
C TYR G 54 -58.06 15.92 18.45
N GLU G 55 -56.93 15.35 18.84
CA GLU G 55 -55.93 16.03 19.67
C GLU G 55 -56.61 16.67 20.90
N VAL G 56 -57.46 15.90 21.59
CA VAL G 56 -58.31 16.29 22.75
C VAL G 56 -59.44 17.27 22.45
N SER G 57 -59.27 18.26 21.57
CA SER G 57 -60.20 19.40 21.48
C SER G 57 -60.49 19.98 20.10
N LYS G 58 -59.70 19.67 19.06
CA LYS G 58 -59.93 20.22 17.71
C LYS G 58 -61.11 19.53 17.04
N LEU G 59 -61.92 20.26 16.27
CA LEU G 59 -63.07 19.67 15.56
C LEU G 59 -62.69 19.11 14.18
N ASP G 60 -63.34 18.03 13.80
CA ASP G 60 -63.38 17.58 12.42
C ASP G 60 -64.26 18.49 11.55
N SER G 61 -63.86 18.62 10.30
CA SER G 61 -64.50 19.45 9.28
C SER G 61 -65.93 18.97 9.03
N GLY G 62 -66.91 19.82 9.30
CA GLY G 62 -68.34 19.51 9.19
C GLY G 62 -69.03 19.14 10.50
N VAL G 63 -68.30 19.03 11.60
CA VAL G 63 -68.87 18.70 12.93
C VAL G 63 -69.68 19.88 13.47
N PRO G 64 -70.92 19.67 13.97
CA PRO G 64 -71.71 20.70 14.62
C PRO G 64 -71.07 21.27 15.88
N ASP G 65 -71.11 22.59 16.01
CA ASP G 65 -70.45 23.34 17.08
C ASP G 65 -70.95 23.01 18.51
N ARG G 66 -72.09 22.33 18.65
CA ARG G 66 -72.58 21.81 19.94
C ARG G 66 -71.63 20.78 20.56
N PHE G 67 -70.86 20.06 19.74
CA PHE G 67 -69.80 19.17 20.19
C PHE G 67 -68.61 19.97 20.69
N SER G 68 -68.03 19.54 21.80
CA SER G 68 -66.87 20.16 22.43
C SER G 68 -66.14 19.13 23.26
N GLY G 69 -64.87 19.33 23.55
CA GLY G 69 -64.08 18.38 24.33
C GLY G 69 -62.92 18.99 25.09
N SER G 70 -62.51 18.31 26.16
CA SER G 70 -61.56 18.83 27.14
C SER G 70 -60.91 17.72 27.95
N GLY G 71 -59.80 18.01 28.61
CA GLY G 71 -59.10 17.06 29.49
C GLY G 71 -57.58 17.21 29.49
N ALA G 72 -56.91 16.47 30.38
CA ALA G 72 -55.46 16.37 30.46
C ALA G 72 -55.02 15.10 31.20
N GLY G 73 -53.76 14.71 31.04
CA GLY G 73 -53.17 13.55 31.72
C GLY G 73 -53.85 12.23 31.33
N THR G 74 -54.75 11.76 32.19
CA THR G 74 -55.56 10.55 31.99
C THR G 74 -57.06 10.79 31.89
N ASP G 75 -57.55 12.02 32.10
CA ASP G 75 -58.98 12.28 32.29
C ASP G 75 -59.50 13.31 31.29
N PHE G 76 -60.54 12.92 30.55
CA PHE G 76 -61.04 13.65 29.39
C PHE G 76 -62.56 13.56 29.28
N THR G 77 -63.17 14.49 28.56
CA THR G 77 -64.63 14.60 28.42
C THR G 77 -65.02 15.11 27.05
N LEU G 78 -66.04 14.49 26.46
CA LEU G 78 -66.86 15.05 25.39
C LEU G 78 -68.08 15.70 26.04
N LYS G 79 -68.50 16.85 25.55
CA LYS G 79 -69.75 17.49 25.97
C LYS G 79 -70.54 17.97 24.75
N ILE G 80 -71.83 17.67 24.76
CA ILE G 80 -72.80 18.17 23.78
C ILE G 80 -73.71 19.17 24.47
N SER G 81 -73.78 20.41 23.96
CA SER G 81 -74.54 21.50 24.58
C SER G 81 -76.07 21.27 24.58
N ARG G 82 -76.60 20.61 23.54
CA ARG G 82 -77.99 20.20 23.36
C ARG G 82 -78.01 18.96 22.47
N VAL G 83 -78.52 17.81 22.89
CA VAL G 83 -78.62 16.67 21.97
C VAL G 83 -79.71 16.90 20.93
N GLU G 84 -79.33 16.81 19.66
CA GLU G 84 -80.27 16.73 18.54
C GLU G 84 -80.75 15.29 18.30
N ALA G 85 -81.83 15.10 17.54
CA ALA G 85 -82.29 13.75 17.19
C ALA G 85 -81.24 12.95 16.39
N GLU G 86 -80.34 13.62 15.66
CA GLU G 86 -79.21 12.99 14.96
C GLU G 86 -78.04 12.59 15.90
N ASP G 87 -78.10 12.91 17.19
CA ASP G 87 -77.06 12.53 18.16
C ASP G 87 -77.29 11.14 18.78
N VAL G 88 -78.41 10.48 18.45
CA VAL G 88 -78.73 9.09 18.80
C VAL G 88 -77.75 8.14 18.12
N GLY G 89 -76.90 7.49 18.92
CA GLY G 89 -75.83 6.61 18.46
C GLY G 89 -74.83 6.27 19.57
N VAL G 90 -73.73 5.62 19.23
CA VAL G 90 -72.68 5.23 20.19
C VAL G 90 -71.43 6.07 20.02
N TYR G 91 -70.90 6.61 21.12
CA TYR G 91 -69.70 7.42 21.14
C TYR G 91 -68.56 6.63 21.76
N TYR G 92 -67.42 6.53 21.08
CA TYR G 92 -66.22 5.88 21.61
C TYR G 92 -65.12 6.93 21.73
N CYS G 93 -64.55 7.10 22.93
CA CYS G 93 -63.25 7.74 23.01
C CYS G 93 -62.19 6.74 22.58
N GLY G 94 -61.10 7.20 21.99
CA GLY G 94 -59.98 6.34 21.62
C GLY G 94 -58.67 7.10 21.63
N GLN G 95 -57.57 6.37 21.62
CA GLN G 95 -56.23 6.95 21.71
C GLN G 95 -55.34 6.42 20.60
N ASN G 96 -54.50 7.29 20.05
CA ASN G 96 -53.57 6.96 18.97
C ASN G 96 -52.09 7.14 19.36
N THR G 97 -51.80 7.49 20.61
CA THR G 97 -50.43 7.74 21.07
C THR G 97 -49.59 6.47 21.15
N TYR G 98 -50.09 5.42 21.80
CA TYR G 98 -49.35 4.18 22.01
C TYR G 98 -49.97 3.02 21.24
N LEU G 99 -49.13 2.25 20.54
CA LEU G 99 -49.56 1.05 19.84
C LEU G 99 -49.84 -0.08 20.83
N PRO G 100 -50.89 -0.89 20.63
CA PRO G 100 -51.94 -0.70 19.65
C PRO G 100 -52.87 0.46 20.02
N TYR G 101 -53.35 1.21 19.02
CA TYR G 101 -54.43 2.17 19.21
C TYR G 101 -55.62 1.48 19.89
N SER G 102 -56.29 2.15 20.82
CA SER G 102 -57.27 1.50 21.69
C SER G 102 -58.47 2.39 22.00
N PHE G 103 -59.59 1.78 22.37
CA PHE G 103 -60.90 2.42 22.43
C PHE G 103 -61.63 2.11 23.73
N GLY G 104 -62.42 3.05 24.24
CA GLY G 104 -63.35 2.82 25.35
C GLY G 104 -64.47 1.85 24.96
N GLN G 105 -65.28 1.42 25.92
CA GLN G 105 -66.37 0.47 25.66
C GLN G 105 -67.52 1.10 24.85
N GLY G 106 -67.53 2.43 24.73
CA GLY G 106 -68.60 3.18 24.09
C GLY G 106 -69.69 3.60 25.07
N SER G 107 -70.43 4.65 24.72
CA SER G 107 -71.61 5.12 25.46
C SER G 107 -72.75 5.34 24.48
N LYS G 108 -73.97 4.91 24.78
CA LYS G 108 -75.12 5.06 23.87
C LYS G 108 -76.06 6.18 24.27
N VAL G 109 -76.44 7.01 23.32
CA VAL G 109 -77.44 8.08 23.47
C VAL G 109 -78.80 7.60 22.96
N GLU G 110 -79.84 7.74 23.76
CA GLU G 110 -81.23 7.36 23.42
C GLU G 110 -82.20 8.49 23.82
N ILE G 111 -83.33 8.60 23.13
CA ILE G 111 -84.35 9.60 23.44
C ILE G 111 -85.17 9.15 24.64
N LYS G 112 -85.12 9.92 25.73
CA LYS G 112 -85.90 9.68 26.96
C LYS G 112 -87.37 10.10 26.80
N ARG G 113 -88.11 9.35 25.99
CA ARG G 113 -89.59 9.35 26.01
C ARG G 113 -90.15 8.92 27.37
N ALA G 114 -91.44 9.13 27.59
CA ALA G 114 -92.13 8.70 28.81
C ALA G 114 -92.07 7.17 29.03
N VAL G 115 -92.03 6.75 30.30
CA VAL G 115 -92.13 5.33 30.71
C VAL G 115 -93.43 4.73 30.17
N ALA G 116 -93.35 3.51 29.65
CA ALA G 116 -94.49 2.80 29.06
C ALA G 116 -94.38 1.29 29.31
N ALA G 117 -95.36 0.72 30.01
CA ALA G 117 -95.47 -0.72 30.22
C ALA G 117 -95.68 -1.47 28.89
N PRO G 118 -95.08 -2.65 28.70
CA PRO G 118 -95.29 -3.46 27.51
C PRO G 118 -96.72 -3.98 27.38
N SER G 119 -97.25 -3.92 26.16
CA SER G 119 -98.29 -4.85 25.75
C SER G 119 -97.67 -6.25 25.64
N VAL G 120 -98.25 -7.24 26.34
CA VAL G 120 -97.68 -8.59 26.52
C VAL G 120 -98.45 -9.63 25.72
N PHE G 121 -97.72 -10.47 24.99
CA PHE G 121 -98.28 -11.52 24.14
C PHE G 121 -97.45 -12.83 24.24
N ILE G 122 -98.04 -13.96 23.85
CA ILE G 122 -97.42 -15.29 23.87
C ILE G 122 -98.00 -16.15 22.73
N PHE G 123 -97.23 -17.11 22.22
CA PHE G 123 -97.61 -17.86 21.02
C PHE G 123 -97.53 -19.39 21.23
N PRO G 124 -98.60 -20.16 20.97
CA PRO G 124 -98.54 -21.62 20.98
C PRO G 124 -97.65 -22.12 19.84
N PRO G 125 -96.66 -23.00 20.10
CA PRO G 125 -95.80 -23.55 19.07
C PRO G 125 -96.56 -24.28 17.97
N SER G 126 -96.17 -24.07 16.71
CA SER G 126 -96.75 -24.73 15.54
C SER G 126 -96.56 -26.25 15.55
N GLU G 127 -97.35 -26.97 14.75
CA GLU G 127 -97.23 -28.43 14.62
C GLU G 127 -95.84 -28.89 14.16
N ASP G 128 -95.13 -28.11 13.33
CA ASP G 128 -93.74 -28.40 12.96
C ASP G 128 -92.72 -28.04 14.07
N GLN G 129 -93.03 -27.15 15.03
CA GLN G 129 -92.28 -27.14 16.30
C GLN G 129 -92.61 -28.37 17.14
N VAL G 130 -93.88 -28.75 17.28
CA VAL G 130 -94.34 -29.85 18.14
C VAL G 130 -93.67 -31.19 17.79
N LYS G 131 -93.28 -31.41 16.52
CA LYS G 131 -92.47 -32.57 16.08
C LYS G 131 -90.95 -32.37 16.15
N SER G 132 -90.46 -31.13 16.24
CA SER G 132 -89.03 -30.79 16.26
C SER G 132 -88.34 -31.17 17.58
N GLY G 133 -87.06 -31.55 17.53
CA GLY G 133 -86.29 -32.04 18.70
C GLY G 133 -86.16 -31.05 19.87
N THR G 134 -86.27 -29.75 19.60
CA THR G 134 -86.43 -28.69 20.61
C THR G 134 -87.62 -27.79 20.25
N VAL G 135 -88.34 -27.32 21.25
CA VAL G 135 -89.51 -26.46 21.11
C VAL G 135 -89.21 -25.11 21.73
N SER G 136 -88.98 -24.12 20.87
CA SER G 136 -88.84 -22.71 21.21
C SER G 136 -90.23 -22.11 21.47
N VAL G 137 -90.68 -22.13 22.72
CA VAL G 137 -91.88 -21.40 23.15
C VAL G 137 -91.57 -19.90 23.17
N VAL G 138 -92.44 -19.02 22.62
CA VAL G 138 -92.09 -17.59 22.46
C VAL G 138 -93.11 -16.65 23.12
N CYS G 139 -92.58 -15.60 23.75
CA CYS G 139 -93.28 -14.53 24.46
C CYS G 139 -92.80 -13.15 23.95
N LEU G 140 -93.67 -12.15 23.95
CA LEU G 140 -93.42 -10.83 23.36
C LEU G 140 -93.81 -9.68 24.30
N LEU G 141 -92.93 -8.70 24.40
CA LEU G 141 -93.21 -7.33 24.85
C LEU G 141 -93.21 -6.43 23.62
N ASN G 142 -94.31 -5.72 23.39
CA ASN G 142 -94.47 -4.82 22.24
C ASN G 142 -94.60 -3.37 22.70
N ASN G 143 -93.75 -2.51 22.16
CA ASN G 143 -93.77 -1.05 22.29
C ASN G 143 -93.82 -0.55 23.75
N PHE G 144 -92.68 -0.64 24.45
CA PHE G 144 -92.50 -0.29 25.86
C PHE G 144 -91.30 0.65 26.08
N TYR G 145 -91.16 1.22 27.27
CA TYR G 145 -90.00 2.00 27.69
C TYR G 145 -89.86 1.99 29.22
N PRO G 146 -88.65 2.08 29.80
CA PRO G 146 -87.33 1.99 29.16
C PRO G 146 -86.99 0.55 28.74
N ARG G 147 -85.81 0.34 28.15
CA ARG G 147 -85.33 -0.90 27.50
C ARG G 147 -85.36 -2.14 28.42
N GLU G 148 -85.15 -1.93 29.72
CA GLU G 148 -84.87 -2.97 30.70
C GLU G 148 -86.06 -3.89 31.04
N ALA G 149 -85.99 -5.14 30.54
CA ALA G 149 -86.97 -6.19 30.82
C ALA G 149 -86.38 -7.61 30.64
N SER G 150 -87.09 -8.62 31.18
CA SER G 150 -86.88 -10.04 30.91
C SER G 150 -88.16 -10.83 31.23
N VAL G 151 -88.27 -12.07 30.75
CA VAL G 151 -89.47 -12.89 30.93
C VAL G 151 -89.17 -14.10 31.80
N LYS G 152 -89.90 -14.23 32.92
CA LYS G 152 -89.95 -15.49 33.69
C LYS G 152 -90.86 -16.47 32.96
N TRP G 153 -90.49 -17.74 32.93
CA TRP G 153 -91.24 -18.77 32.21
C TRP G 153 -91.86 -19.79 33.16
N LYS G 154 -93.16 -20.02 32.98
CA LYS G 154 -93.98 -20.96 33.75
C LYS G 154 -94.87 -21.75 32.79
N VAL G 155 -95.31 -22.94 33.21
CA VAL G 155 -96.28 -23.76 32.46
C VAL G 155 -97.00 -24.70 33.42
N ASP G 156 -98.32 -24.84 33.31
CA ASP G 156 -99.12 -25.65 34.25
C ASP G 156 -98.88 -25.29 35.75
N GLY G 157 -98.49 -24.03 36.02
CA GLY G 157 -98.06 -23.56 37.34
C GLY G 157 -96.64 -23.97 37.76
N VAL G 158 -95.91 -24.73 36.93
CA VAL G 158 -94.51 -25.16 37.15
C VAL G 158 -93.55 -24.06 36.72
N LEU G 159 -92.59 -23.69 37.56
CA LEU G 159 -91.53 -22.74 37.20
C LEU G 159 -90.54 -23.43 36.25
N LYS G 160 -90.44 -22.92 35.02
CA LYS G 160 -89.83 -23.61 33.86
C LYS G 160 -88.57 -22.90 33.35
N THR G 161 -88.00 -22.00 34.16
CA THR G 161 -86.83 -21.17 33.79
C THR G 161 -85.56 -21.98 33.57
N GLY G 162 -84.74 -21.55 32.61
CA GLY G 162 -83.43 -22.16 32.29
C GLY G 162 -83.12 -22.35 30.80
N ASN G 163 -84.06 -22.03 29.90
CA ASN G 163 -83.94 -22.24 28.44
C ASN G 163 -84.32 -21.00 27.59
N SER G 164 -84.43 -19.82 28.20
CA SER G 164 -84.82 -18.57 27.52
C SER G 164 -83.65 -17.91 26.77
N GLN G 165 -83.70 -17.90 25.43
CA GLN G 165 -82.97 -16.91 24.62
C GLN G 165 -83.82 -15.64 24.48
N GLU G 166 -83.24 -14.45 24.53
CA GLU G 166 -83.98 -13.19 24.50
C GLU G 166 -83.36 -12.19 23.51
N SER G 167 -84.20 -11.49 22.75
CA SER G 167 -83.77 -10.55 21.69
C SER G 167 -84.62 -9.26 21.74
N VAL G 168 -84.01 -8.11 21.42
CA VAL G 168 -84.61 -6.78 21.59
C VAL G 168 -84.52 -5.98 20.30
N THR G 169 -85.51 -5.15 19.99
CA THR G 169 -85.31 -4.07 19.02
C THR G 169 -84.36 -3.04 19.61
N GLU G 170 -83.68 -2.27 18.77
CA GLU G 170 -83.15 -0.97 19.22
C GLU G 170 -84.30 0.03 19.43
N GLN G 171 -83.99 1.26 19.85
CA GLN G 171 -85.04 2.26 20.07
C GLN G 171 -85.79 2.54 18.77
N ASP G 172 -87.11 2.61 18.85
CA ASP G 172 -87.99 2.88 17.72
C ASP G 172 -87.82 4.32 17.21
N SER G 173 -87.49 4.53 15.94
CA SER G 173 -87.30 5.88 15.39
C SER G 173 -88.59 6.72 15.29
N LYS G 174 -89.78 6.12 15.37
CA LYS G 174 -91.09 6.77 15.15
C LYS G 174 -91.82 7.09 16.45
N ASP G 175 -91.68 6.24 17.47
CA ASP G 175 -92.35 6.39 18.78
C ASP G 175 -91.40 6.19 19.98
N ASN G 176 -90.15 5.85 19.72
CA ASN G 176 -89.08 5.73 20.71
C ASN G 176 -89.30 4.67 21.79
N THR G 177 -90.22 3.73 21.59
CA THR G 177 -90.31 2.52 22.40
C THR G 177 -89.24 1.48 22.05
N TYR G 178 -89.32 0.33 22.73
CA TYR G 178 -88.61 -0.91 22.47
C TYR G 178 -89.64 -2.04 22.32
N SER G 179 -89.26 -3.13 21.66
CA SER G 179 -89.93 -4.42 21.77
C SER G 179 -88.90 -5.51 22.09
N LEU G 180 -89.31 -6.55 22.81
CA LEU G 180 -88.46 -7.63 23.32
C LEU G 180 -89.17 -8.96 23.09
N SER G 181 -88.46 -9.97 22.63
CA SER G 181 -88.96 -11.34 22.52
C SER G 181 -88.14 -12.26 23.43
N SER G 182 -88.82 -13.22 24.05
CA SER G 182 -88.22 -14.26 24.89
C SER G 182 -88.60 -15.64 24.34
N THR G 183 -87.64 -16.57 24.32
CA THR G 183 -87.68 -17.78 23.50
C THR G 183 -87.22 -18.97 24.37
N LEU G 184 -88.16 -19.59 25.08
CA LEU G 184 -87.92 -20.74 25.92
C LEU G 184 -87.76 -22.00 25.06
N THR G 185 -86.52 -22.30 24.67
CA THR G 185 -86.20 -23.47 23.84
C THR G 185 -85.99 -24.73 24.69
N LEU G 186 -87.10 -25.36 25.08
CA LEU G 186 -87.14 -26.66 25.75
C LEU G 186 -86.70 -27.80 24.83
N SER G 187 -86.29 -28.94 25.39
CA SER G 187 -86.26 -30.20 24.63
C SER G 187 -87.69 -30.64 24.30
N ASN G 188 -87.90 -31.44 23.25
CA ASN G 188 -89.25 -31.90 22.91
C ASN G 188 -89.90 -32.64 24.09
N THR G 189 -89.14 -33.47 24.81
CA THR G 189 -89.62 -34.18 26.00
C THR G 189 -90.07 -33.21 27.12
N ASP G 190 -89.22 -32.23 27.45
CA ASP G 190 -89.53 -31.27 28.51
C ASP G 190 -90.67 -30.30 28.11
N TYR G 191 -90.87 -30.04 26.82
CA TYR G 191 -92.08 -29.40 26.31
C TYR G 191 -93.32 -30.30 26.47
N GLN G 192 -93.27 -31.53 25.96
CA GLN G 192 -94.40 -32.46 26.00
C GLN G 192 -94.88 -32.75 27.42
N SER G 193 -93.98 -32.67 28.40
CA SER G 193 -94.28 -32.79 29.82
C SER G 193 -95.31 -31.76 30.34
N HIS G 194 -95.47 -30.59 29.72
CA HIS G 194 -96.36 -29.52 30.24
C HIS G 194 -97.05 -28.67 29.16
N ASN G 195 -98.24 -28.12 29.45
CA ASN G 195 -99.28 -27.84 28.45
C ASN G 195 -99.72 -26.37 28.36
N VAL G 196 -100.03 -25.72 29.48
CA VAL G 196 -100.60 -24.38 29.53
C VAL G 196 -99.49 -23.40 29.87
N TYR G 197 -98.79 -22.93 28.84
CA TYR G 197 -97.65 -22.03 29.02
C TYR G 197 -98.12 -20.66 29.45
N ALA G 198 -97.33 -20.04 30.32
CA ALA G 198 -97.63 -18.77 30.96
C ALA G 198 -96.32 -17.98 31.09
N CYS G 199 -96.10 -17.07 30.13
CA CYS G 199 -94.92 -16.23 30.13
C CYS G 199 -95.19 -15.00 31.01
N GLU G 200 -94.26 -14.71 31.91
CA GLU G 200 -94.45 -13.81 33.04
C GLU G 200 -93.44 -12.66 32.98
N VAL G 201 -93.86 -11.61 32.29
CA VAL G 201 -93.01 -10.48 31.91
C VAL G 201 -92.65 -9.63 33.12
N THR G 202 -91.35 -9.40 33.31
CA THR G 202 -90.77 -8.42 34.23
C THR G 202 -90.18 -7.25 33.44
N HIS G 203 -90.52 -6.00 33.80
CA HIS G 203 -90.07 -4.78 33.11
C HIS G 203 -89.90 -3.64 34.11
N GLN G 204 -88.98 -2.70 33.85
CA GLN G 204 -88.75 -1.56 34.73
C GLN G 204 -89.99 -0.67 34.94
N GLY G 205 -90.80 -0.46 33.91
CA GLY G 205 -92.04 0.33 33.98
C GLY G 205 -93.23 -0.40 34.60
N LEU G 206 -93.15 -1.73 34.77
CA LEU G 206 -94.17 -2.50 35.50
C LEU G 206 -93.96 -2.41 37.02
N SER G 207 -95.03 -2.13 37.76
CA SER G 207 -95.07 -2.19 39.22
C SER G 207 -95.25 -3.63 39.75
N SER G 208 -95.85 -4.51 38.95
CA SER G 208 -95.94 -5.96 39.17
C SER G 208 -95.92 -6.70 37.83
N PRO G 209 -95.38 -7.92 37.74
CA PRO G 209 -95.18 -8.61 36.47
C PRO G 209 -96.51 -8.99 35.80
N VAL G 210 -96.53 -9.01 34.48
CA VAL G 210 -97.73 -9.31 33.68
C VAL G 210 -97.59 -10.69 33.03
N THR G 211 -98.56 -11.57 33.29
CA THR G 211 -98.51 -12.99 32.92
C THR G 211 -99.62 -13.32 31.91
N LYS G 212 -99.24 -13.86 30.75
CA LYS G 212 -100.16 -14.22 29.65
C LYS G 212 -99.88 -15.64 29.16
N SER G 213 -100.90 -16.34 28.65
CA SER G 213 -100.87 -17.80 28.48
C SER G 213 -101.44 -18.32 27.15
N PHE G 214 -101.12 -19.58 26.84
CA PHE G 214 -101.79 -20.38 25.81
C PHE G 214 -102.00 -21.82 26.30
N ASN G 215 -102.94 -22.54 25.70
CA ASN G 215 -103.30 -23.92 26.03
C ASN G 215 -102.93 -24.85 24.85
N ARG G 216 -102.00 -25.79 25.04
CA ARG G 216 -101.46 -26.65 23.97
C ARG G 216 -102.53 -27.53 23.30
N GLY G 217 -102.49 -27.62 21.97
CA GLY G 217 -103.30 -28.54 21.17
C GLY G 217 -103.05 -28.43 19.66
N ALA H 6 6.70 56.59 33.46
CA ALA H 6 6.55 56.90 32.02
C ALA H 6 5.08 57.15 31.67
N VAL H 7 4.78 57.97 30.64
CA VAL H 7 3.41 58.19 30.15
C VAL H 7 2.85 56.92 29.47
N PHE H 8 3.72 56.16 28.80
CA PHE H 8 3.44 54.93 28.04
C PHE H 8 2.31 55.07 27.00
N LEU H 9 2.69 55.41 25.77
CA LEU H 9 1.77 55.47 24.63
C LEU H 9 1.52 54.09 23.99
N GLY H 10 2.34 53.08 24.33
CA GLY H 10 2.28 51.73 23.77
C GLY H 10 3.19 51.54 22.55
N PHE H 11 3.42 50.28 22.19
CA PHE H 11 4.20 49.92 21.00
C PHE H 11 3.70 50.68 19.78
N LEU H 12 4.59 51.38 19.08
CA LEU H 12 4.28 52.26 17.92
C LEU H 12 3.34 53.44 18.20
N GLY H 13 2.84 53.63 19.41
CA GLY H 13 1.74 54.57 19.69
C GLY H 13 2.04 56.03 19.37
N ALA H 14 3.32 56.39 19.30
CA ALA H 14 3.78 57.74 18.96
C ALA H 14 3.97 58.00 17.46
N ALA H 15 3.59 57.08 16.56
CA ALA H 15 3.96 57.16 15.15
C ALA H 15 3.49 58.43 14.41
N GLY H 16 2.40 59.05 14.84
CA GLY H 16 1.95 60.35 14.31
C GLY H 16 2.57 61.59 14.98
N SER H 17 3.30 61.43 16.09
CA SER H 17 3.97 62.52 16.79
C SER H 17 5.24 62.97 16.07
N THR H 18 5.64 64.23 16.23
CA THR H 18 6.79 64.76 15.47
C THR H 18 8.11 64.19 15.98
N MET H 19 9.16 64.21 15.15
CA MET H 19 10.40 63.49 15.42
C MET H 19 11.06 63.83 16.75
N GLY H 20 10.93 65.06 17.23
CA GLY H 20 11.44 65.47 18.54
C GLY H 20 10.59 65.04 19.75
N ALA H 21 9.31 64.73 19.54
CA ALA H 21 8.44 64.15 20.55
C ALA H 21 8.55 62.63 20.59
N ALA H 22 8.52 61.96 19.44
CA ALA H 22 8.64 60.50 19.33
C ALA H 22 10.02 60.00 19.82
N SER H 23 11.02 60.88 19.85
CA SER H 23 12.35 60.62 20.41
C SER H 23 12.37 60.38 21.93
N MET H 24 11.29 60.63 22.67
CA MET H 24 11.24 60.34 24.12
C MET H 24 10.83 58.90 24.44
N THR H 25 10.35 58.13 23.45
CA THR H 25 9.74 56.82 23.68
C THR H 25 10.32 55.78 22.72
N LEU H 26 11.64 55.76 22.60
CA LEU H 26 12.37 54.81 21.76
C LEU H 26 12.37 53.40 22.34
N THR H 27 12.49 53.25 23.66
CA THR H 27 12.64 51.93 24.30
C THR H 27 11.43 51.04 24.12
N VAL H 28 10.24 51.64 24.00
CA VAL H 28 8.97 50.92 23.83
C VAL H 28 8.92 50.15 22.51
N GLN H 29 9.53 50.69 21.44
CA GLN H 29 9.81 49.91 20.24
C GLN H 29 10.95 48.94 20.51
N ALA H 30 12.09 49.43 21.02
CA ALA H 30 13.33 48.64 21.07
C ALA H 30 13.18 47.32 21.80
N ARG H 31 12.45 47.28 22.92
CA ARG H 31 12.19 46.05 23.70
C ARG H 31 11.15 45.10 23.10
N ASN H 32 10.47 45.50 22.02
CA ASN H 32 9.50 44.66 21.29
C ASN H 32 10.09 44.02 20.02
N LEU H 33 11.36 44.24 19.69
CA LEU H 33 12.00 43.74 18.46
C LEU H 33 12.49 42.29 18.53
N LEU H 34 12.20 41.55 19.61
CA LEU H 34 12.82 40.24 19.88
C LEU H 34 11.85 39.18 20.42
N SER H 35 11.02 39.53 21.40
CA SER H 35 10.24 38.56 22.18
C SER H 35 9.06 37.93 21.41
N GLY H 36 7.94 38.64 21.27
CA GLY H 36 6.67 38.10 20.73
C GLY H 36 5.99 37.07 21.65
N ILE H 37 4.83 36.53 21.22
CA ILE H 37 4.08 35.55 22.04
C ILE H 37 4.65 34.13 21.97
N VAL H 38 5.53 33.84 21.01
CA VAL H 38 6.23 32.55 20.83
C VAL H 38 7.39 32.42 21.80
N HIS H 53 0.66 22.45 21.88
CA HIS H 53 1.74 23.01 21.08
C HIS H 53 3.08 22.31 21.31
N LEU H 54 3.02 21.01 21.63
CA LEU H 54 4.14 20.08 21.75
C LEU H 54 4.91 19.94 20.42
N LEU H 55 6.14 19.43 20.51
CA LEU H 55 7.10 19.35 19.41
C LEU H 55 6.78 18.24 18.39
N LYS H 56 6.30 18.61 17.20
CA LYS H 56 6.12 17.74 16.02
C LYS H 56 6.11 18.58 14.73
N LEU H 57 6.40 17.99 13.58
CA LEU H 57 6.50 18.67 12.27
C LEU H 57 5.13 18.96 11.62
N THR H 58 4.17 19.43 12.40
CA THR H 58 2.89 19.94 11.89
C THR H 58 3.11 21.28 11.17
N VAL H 59 2.15 21.70 10.34
CA VAL H 59 2.28 22.97 9.60
C VAL H 59 2.50 24.17 10.54
N TRP H 60 1.78 24.23 11.67
CA TRP H 60 1.98 25.27 12.67
C TRP H 60 3.33 25.18 13.38
N GLY H 61 3.86 23.97 13.58
CA GLY H 61 5.18 23.76 14.17
C GLY H 61 6.31 24.26 13.27
N ILE H 62 6.24 23.95 11.97
CA ILE H 62 7.22 24.39 10.98
C ILE H 62 7.23 25.92 10.86
N LYS H 63 6.04 26.53 10.80
CA LYS H 63 5.88 27.99 10.77
C LYS H 63 6.44 28.69 12.00
N GLN H 64 6.07 28.25 13.20
CA GLN H 64 6.56 28.85 14.44
C GLN H 64 8.09 28.75 14.56
N LEU H 65 8.70 27.63 14.18
CA LEU H 65 10.15 27.52 14.14
C LEU H 65 10.79 28.49 13.14
N GLN H 66 10.20 28.63 11.96
CA GLN H 66 10.72 29.52 10.93
C GLN H 66 10.62 31.01 11.34
N ALA H 67 9.53 31.39 12.00
CA ALA H 67 9.31 32.75 12.49
C ALA H 67 10.34 33.17 13.54
N ARG H 68 10.71 32.25 14.44
CA ARG H 68 11.65 32.50 15.53
C ARG H 68 13.03 32.88 15.02
N VAL H 69 13.57 32.12 14.06
CA VAL H 69 14.87 32.40 13.47
C VAL H 69 14.88 33.73 12.71
N LEU H 70 13.81 34.03 11.96
CA LEU H 70 13.72 35.30 11.22
C LEU H 70 13.82 36.52 12.15
N ALA H 71 13.24 36.45 13.35
CA ALA H 71 13.31 37.54 14.31
C ALA H 71 14.73 37.79 14.82
N VAL H 72 15.47 36.75 15.23
CA VAL H 72 16.83 36.97 15.79
C VAL H 72 17.84 37.38 14.73
N GLU H 73 17.74 36.91 13.49
CA GLU H 73 18.57 37.43 12.40
C GLU H 73 18.35 38.93 12.18
N ARG H 74 17.09 39.36 12.07
CA ARG H 74 16.75 40.77 11.87
C ARG H 74 17.27 41.63 13.02
N TYR H 75 17.06 41.20 14.27
CA TYR H 75 17.58 41.93 15.42
C TYR H 75 19.10 42.02 15.41
N LEU H 76 19.81 40.90 15.23
CA LEU H 76 21.26 40.89 15.22
C LEU H 76 21.85 41.77 14.13
N ARG H 77 21.25 41.81 12.93
CA ARG H 77 21.74 42.67 11.85
C ARG H 77 21.58 44.14 12.21
N ASP H 78 20.47 44.55 12.78
CA ASP H 78 20.28 45.94 13.22
C ASP H 78 21.21 46.30 14.40
N GLN H 79 21.51 45.38 15.31
CA GLN H 79 22.53 45.59 16.34
C GLN H 79 23.93 45.70 15.73
N GLN H 80 24.27 44.87 14.76
CA GLN H 80 25.61 44.85 14.20
C GLN H 80 26.02 46.20 13.62
N LEU H 81 25.15 46.89 12.89
CA LEU H 81 25.51 48.20 12.32
C LEU H 81 25.83 49.22 13.41
N LEU H 82 25.08 49.24 14.51
CA LEU H 82 25.41 50.11 15.64
C LEU H 82 26.75 49.75 16.27
N GLY H 83 27.14 48.47 16.22
CA GLY H 83 28.49 48.02 16.57
C GLY H 83 29.55 48.69 15.71
N ILE H 84 29.47 48.53 14.39
CA ILE H 84 30.52 49.04 13.49
C ILE H 84 30.49 50.57 13.32
N TRP H 85 29.44 51.30 13.72
CA TRP H 85 29.45 52.77 13.80
C TRP H 85 29.94 53.31 15.14
N GLY H 86 30.16 52.48 16.15
CA GLY H 86 30.57 52.91 17.50
C GLY H 86 29.43 53.33 18.44
N CYS H 87 28.17 53.13 18.04
CA CYS H 87 26.98 53.44 18.83
C CYS H 87 26.52 52.29 19.74
N SER H 88 27.22 51.16 19.84
CA SER H 88 26.68 49.98 20.52
C SER H 88 26.37 50.25 21.99
N GLY H 89 25.15 49.91 22.42
CA GLY H 89 24.63 50.20 23.75
C GLY H 89 23.87 51.53 23.87
N LYS H 90 23.78 52.34 22.81
CA LYS H 90 23.14 53.66 22.80
C LYS H 90 21.80 53.64 22.05
N LEU H 91 20.78 54.27 22.62
CA LEU H 91 19.50 54.53 21.99
C LEU H 91 19.60 55.78 21.09
N ILE H 92 20.30 56.81 21.57
CA ILE H 92 20.59 58.05 20.83
C ILE H 92 22.10 58.21 20.71
N CYS H 93 22.64 58.35 19.50
CA CYS H 93 24.09 58.35 19.26
C CYS H 93 24.54 59.48 18.33
N CYS H 94 25.48 60.32 18.76
CA CYS H 94 26.08 61.36 17.93
C CYS H 94 27.27 60.83 17.13
N THR H 95 27.66 61.50 16.03
CA THR H 95 28.70 61.00 15.13
C THR H 95 29.62 62.12 14.64
N ASN H 96 30.75 61.77 14.02
CA ASN H 96 31.67 62.74 13.41
C ASN H 96 31.31 63.12 11.97
N VAL H 97 30.42 62.39 11.29
CA VAL H 97 30.11 62.59 9.87
C VAL H 97 29.33 63.89 9.68
N PRO H 98 29.89 64.94 9.03
CA PRO H 98 29.19 66.20 8.92
C PRO H 98 28.03 66.08 7.94
N TRP H 99 26.89 66.67 8.30
CA TRP H 99 25.70 66.63 7.46
C TRP H 99 25.98 67.29 6.11
N ASN H 100 25.45 66.72 5.03
CA ASN H 100 25.55 67.26 3.68
C ASN H 100 24.17 67.65 3.18
N SER H 101 23.97 68.95 2.92
CA SER H 101 22.66 69.52 2.64
C SER H 101 21.96 68.92 1.42
N SER H 102 22.70 68.30 0.50
CA SER H 102 22.10 67.63 -0.66
C SER H 102 21.20 66.44 -0.27
N TRP H 103 21.45 65.81 0.88
CA TRP H 103 20.62 64.73 1.41
C TRP H 103 19.24 65.23 1.83
N SER H 104 19.19 66.32 2.61
CA SER H 104 18.03 67.20 2.73
C SER H 104 18.43 68.54 3.34
N ASN H 105 17.98 69.63 2.71
CA ASN H 105 18.34 71.01 3.03
C ASN H 105 17.22 71.65 3.85
N ARG H 106 17.35 71.66 5.18
CA ARG H 106 16.30 72.11 6.10
C ARG H 106 16.82 72.86 7.30
N ASN H 107 15.97 73.74 7.83
CA ASN H 107 16.03 74.23 9.20
C ASN H 107 15.72 73.08 10.20
N LEU H 108 16.19 73.14 11.44
CA LEU H 108 15.97 72.04 12.39
C LEU H 108 14.51 71.93 12.86
N SER H 109 13.79 73.04 13.05
CA SER H 109 12.41 72.99 13.53
C SER H 109 11.47 72.34 12.51
N GLU H 110 11.67 72.60 11.22
CA GLU H 110 10.91 71.91 10.17
C GLU H 110 11.20 70.41 10.09
N ILE H 111 12.20 69.88 10.80
CA ILE H 111 12.34 68.45 11.06
C ILE H 111 11.66 68.13 12.40
N TRP H 112 12.32 68.44 13.52
CA TRP H 112 11.98 67.96 14.87
C TRP H 112 10.58 68.34 15.35
N ASP H 113 10.12 69.55 15.05
CA ASP H 113 8.86 70.10 15.54
C ASP H 113 7.70 69.91 14.55
N ASN H 114 7.89 69.14 13.47
CA ASN H 114 7.04 69.23 12.29
C ASN H 114 6.76 67.89 11.60
N MET H 115 7.79 67.18 11.16
CA MET H 115 7.62 65.88 10.49
C MET H 115 7.44 64.76 11.50
N THR H 116 6.79 63.68 11.09
CA THR H 116 6.92 62.36 11.72
C THR H 116 8.12 61.61 11.16
N TRP H 117 8.62 60.59 11.88
CA TRP H 117 9.70 59.73 11.38
C TRP H 117 9.38 59.05 10.05
N LEU H 118 8.11 58.77 9.74
CA LEU H 118 7.76 58.09 8.50
C LEU H 118 8.01 58.97 7.27
N GLN H 119 7.59 60.24 7.30
CA GLN H 119 7.83 61.11 6.16
C GLN H 119 9.28 61.61 6.10
N TRP H 120 10.01 61.58 7.21
CA TRP H 120 11.45 61.78 7.16
C TRP H 120 12.15 60.63 6.44
N ASP H 121 11.88 59.40 6.86
CA ASP H 121 12.42 58.21 6.23
C ASP H 121 12.13 58.17 4.72
N LYS H 122 10.94 58.63 4.32
CA LYS H 122 10.55 58.78 2.93
C LYS H 122 11.50 59.73 2.18
N GLU H 123 11.71 60.95 2.67
CA GLU H 123 12.49 61.95 1.93
C GLU H 123 14.02 61.82 2.04
N ILE H 124 14.56 61.14 3.05
CA ILE H 124 16.01 60.81 3.09
C ILE H 124 16.32 59.50 2.33
N SER H 125 15.30 58.75 1.90
CA SER H 125 15.38 57.31 1.60
C SER H 125 16.53 56.83 0.72
N ASN H 126 16.93 57.56 -0.33
CA ASN H 126 18.00 57.10 -1.24
C ASN H 126 19.40 57.15 -0.60
N TYR H 127 19.66 58.14 0.25
CA TYR H 127 21.03 58.48 0.65
C TYR H 127 21.62 57.53 1.71
N THR H 128 20.83 56.59 2.23
CA THR H 128 21.21 55.82 3.42
C THR H 128 22.45 54.96 3.22
N GLN H 129 22.71 54.46 2.02
CA GLN H 129 23.93 53.67 1.77
C GLN H 129 25.19 54.53 1.83
N ILE H 130 25.11 55.80 1.43
CA ILE H 130 26.20 56.74 1.56
C ILE H 130 26.44 57.00 3.04
N ILE H 131 25.40 57.40 3.77
CA ILE H 131 25.51 57.77 5.17
C ILE H 131 26.10 56.63 5.99
N TYR H 132 25.67 55.38 5.77
CA TYR H 132 26.25 54.23 6.47
C TYR H 132 27.72 54.01 6.13
N GLY H 133 28.12 54.16 4.87
CA GLY H 133 29.51 54.00 4.45
C GLY H 133 30.42 54.99 5.17
N LEU H 134 30.01 56.26 5.21
CA LEU H 134 30.72 57.33 5.90
C LEU H 134 30.84 57.06 7.40
N LEU H 135 29.76 56.61 8.07
CA LEU H 135 29.79 56.26 9.48
C LEU H 135 30.77 55.13 9.78
N GLU H 136 30.75 54.06 8.99
CA GLU H 136 31.56 52.87 9.23
C GLU H 136 33.07 53.17 9.13
N GLU H 137 33.52 53.89 8.11
CA GLU H 137 34.92 54.26 8.00
C GLU H 137 35.33 55.32 9.05
N SER H 138 34.42 56.21 9.46
CA SER H 138 34.70 57.18 10.51
C SER H 138 35.02 56.49 11.84
N GLN H 139 34.35 55.36 12.13
CA GLN H 139 34.65 54.59 13.33
C GLN H 139 36.06 54.03 13.31
N ASN H 140 36.46 53.33 12.25
CA ASN H 140 37.74 52.65 12.22
C ASN H 140 38.90 53.67 12.24
N GLN H 141 38.71 54.85 11.66
CA GLN H 141 39.66 55.96 11.81
C GLN H 141 39.82 56.35 13.29
N GLN H 142 38.71 56.53 14.00
CA GLN H 142 38.72 56.96 15.40
C GLN H 142 39.44 55.96 16.31
N GLU H 143 39.23 54.66 16.13
CA GLU H 143 39.81 53.65 17.03
C GLU H 143 41.34 53.55 16.93
N LYS H 144 41.93 53.58 15.73
CA LYS H 144 43.39 53.58 15.64
C LYS H 144 43.98 54.88 16.20
N ASN H 145 43.31 56.02 16.06
CA ASN H 145 43.76 57.25 16.72
C ASN H 145 43.75 57.12 18.26
N GLU H 146 42.79 56.41 18.84
CA GLU H 146 42.77 56.13 20.28
C GLU H 146 43.91 55.17 20.70
N GLN H 147 44.17 54.11 19.92
CA GLN H 147 45.26 53.18 20.21
C GLN H 147 46.61 53.91 20.16
N ASP H 148 46.84 54.69 19.10
CA ASP H 148 48.07 55.45 18.89
C ASP H 148 48.21 56.68 19.81
N LEU H 149 47.26 56.87 20.72
CA LEU H 149 47.33 57.83 21.82
C LEU H 149 47.59 57.10 23.14
N LEU H 150 46.86 56.01 23.41
CA LEU H 150 47.15 55.13 24.56
C LEU H 150 48.55 54.51 24.50
N ALA H 151 49.15 54.43 23.30
CA ALA H 151 50.52 53.99 23.08
C ALA H 151 51.59 54.96 23.65
N LEU H 152 51.25 56.21 23.95
CA LEU H 152 52.22 57.19 24.47
C LEU H 152 52.67 56.84 25.90
N GLU I 2 19.96 55.28 54.66
CA GLU I 2 21.18 55.52 53.84
C GLU I 2 20.81 55.89 52.40
N ASN I 3 21.68 56.65 51.73
CA ASN I 3 21.59 56.84 50.28
C ASN I 3 22.11 55.57 49.59
N LEU I 4 21.22 54.85 48.90
CA LEU I 4 21.49 53.55 48.27
C LEU I 4 20.78 53.49 46.93
N TRP I 5 21.33 52.74 45.98
CA TRP I 5 20.80 52.67 44.62
C TRP I 5 20.73 51.23 44.13
N VAL I 6 19.72 50.94 43.32
CA VAL I 6 19.64 49.68 42.59
C VAL I 6 20.95 49.47 41.83
N THR I 7 21.54 48.28 41.91
CA THR I 7 22.77 47.90 41.24
C THR I 7 22.54 46.57 40.56
N VAL I 8 22.99 46.41 39.32
CA VAL I 8 22.65 45.28 38.46
C VAL I 8 23.86 44.34 38.34
N TYR I 9 23.66 43.06 38.59
CA TYR I 9 24.66 42.01 38.47
C TYR I 9 24.21 41.01 37.42
N TYR I 10 25.11 40.59 36.54
CA TYR I 10 24.82 39.60 35.52
C TYR I 10 25.74 38.38 35.65
N GLY I 11 25.20 37.18 35.53
CA GLY I 11 25.94 35.94 35.80
C GLY I 11 25.90 35.51 37.27
N VAL I 12 24.92 35.96 38.05
CA VAL I 12 24.73 35.50 39.42
C VAL I 12 24.30 34.03 39.44
N PRO I 13 24.75 33.20 40.40
CA PRO I 13 24.30 31.81 40.51
C PRO I 13 22.93 31.70 41.20
N VAL I 14 21.84 31.68 40.43
CA VAL I 14 20.47 31.41 40.91
C VAL I 14 19.63 30.80 39.79
N TRP I 15 18.63 30.00 40.14
CA TRP I 15 17.87 29.17 39.21
C TRP I 15 16.42 28.97 39.66
N LYS I 16 15.58 28.46 38.75
CA LYS I 16 14.15 28.17 38.94
C LYS I 16 13.82 26.80 38.36
N ASP I 17 12.87 26.08 38.93
CA ASP I 17 12.41 24.80 38.40
C ASP I 17 11.83 24.97 37.00
N ALA I 18 12.12 24.09 36.04
CA ALA I 18 11.78 24.32 34.63
C ALA I 18 11.57 23.04 33.83
N GLU I 19 10.96 23.17 32.65
CA GLU I 19 10.77 22.11 31.67
C GLU I 19 11.38 22.51 30.32
N THR I 20 12.11 21.60 29.68
CA THR I 20 12.90 21.91 28.48
C THR I 20 13.14 20.65 27.64
N THR I 21 13.40 20.75 26.35
CA THR I 21 13.55 19.58 25.46
C THR I 21 14.96 19.00 25.56
N LEU I 22 15.18 18.04 26.47
CA LEU I 22 16.48 17.37 26.65
C LEU I 22 16.83 16.51 25.44
N PHE I 23 18.12 16.41 25.11
CA PHE I 23 18.61 15.63 23.96
C PHE I 23 19.53 14.48 24.41
N CYS I 24 19.57 13.41 23.62
CA CYS I 24 20.43 12.27 23.84
C CYS I 24 21.89 12.60 23.55
N ALA I 25 22.81 12.04 24.34
CA ALA I 25 24.22 11.90 23.99
C ALA I 25 24.67 10.46 24.23
N SER I 26 25.43 9.88 23.31
CA SER I 26 25.82 8.46 23.36
C SER I 26 26.98 8.18 22.42
N ASP I 27 27.72 7.08 22.62
CA ASP I 27 29.00 6.82 21.95
C ASP I 27 28.96 5.58 21.06
N ALA I 28 29.64 5.67 19.91
CA ALA I 28 29.92 4.55 19.01
C ALA I 28 30.84 3.50 19.66
N LYS I 35 25.74 -3.25 13.23
CA LYS I 35 24.31 -2.93 13.10
C LYS I 35 23.95 -1.56 13.65
N HIS I 36 22.85 -0.99 13.16
CA HIS I 36 22.09 0.02 13.87
C HIS I 36 21.31 -0.59 15.04
N ASN I 37 20.90 0.23 16.00
CA ASN I 37 20.02 -0.15 17.10
C ASN I 37 18.71 0.64 17.04
N VAL I 38 17.63 0.08 17.58
CA VAL I 38 16.28 0.67 17.48
C VAL I 38 16.21 2.09 18.08
N TRP I 39 17.05 2.40 19.08
CA TRP I 39 17.16 3.73 19.72
C TRP I 39 17.96 4.74 18.90
N ALA I 40 18.45 4.35 17.72
CA ALA I 40 19.18 5.18 16.76
C ALA I 40 20.35 5.97 17.39
N THR I 41 21.07 5.39 18.36
CA THR I 41 22.09 6.14 19.11
C THR I 41 23.22 6.69 18.24
N HIS I 42 23.41 6.16 17.03
CA HIS I 42 24.35 6.68 16.03
C HIS I 42 24.01 8.11 15.56
N ALA I 43 22.78 8.59 15.78
CA ALA I 43 22.36 9.97 15.53
C ALA I 43 22.43 10.91 16.76
N CYS I 44 22.58 10.39 17.99
CA CYS I 44 22.82 11.26 19.16
C CYS I 44 24.15 12.02 19.02
N VAL I 45 24.29 13.17 19.68
CA VAL I 45 25.61 13.82 19.83
C VAL I 45 26.57 12.91 20.61
N PRO I 46 27.86 12.83 20.26
CA PRO I 46 28.81 12.03 21.04
C PRO I 46 28.99 12.62 22.44
N THR I 47 29.13 11.77 23.45
CA THR I 47 29.23 12.19 24.85
C THR I 47 30.58 12.83 25.14
N ASP I 48 30.62 13.73 26.12
CA ASP I 48 31.88 14.20 26.73
C ASP I 48 32.65 12.99 27.32
N PRO I 49 33.96 12.80 27.00
CA PRO I 49 34.75 11.70 27.56
C PRO I 49 35.07 11.86 29.06
N ASN I 50 34.88 13.04 29.64
CA ASN I 50 35.15 13.37 31.03
C ASN I 50 34.09 14.37 31.54
N PRO I 51 32.83 13.94 31.66
CA PRO I 51 31.74 14.81 32.04
C PRO I 51 31.98 15.43 33.42
N GLN I 52 31.73 16.73 33.51
CA GLN I 52 32.01 17.53 34.69
C GLN I 52 30.90 17.37 35.73
N GLU I 53 31.23 17.01 36.97
CA GLU I 53 30.31 17.12 38.10
C GLU I 53 30.86 18.14 39.09
N ILE I 54 30.10 19.21 39.33
CA ILE I 54 30.52 20.33 40.19
C ILE I 54 29.72 20.28 41.49
N HIS I 55 30.41 20.16 42.63
CA HIS I 55 29.75 20.04 43.92
C HIS I 55 29.24 21.39 44.40
N LEU I 56 27.93 21.50 44.66
CA LEU I 56 27.29 22.75 45.05
C LEU I 56 27.21 22.84 46.57
N GLU I 57 28.32 23.26 47.16
CA GLU I 57 28.50 23.34 48.60
C GLU I 57 27.41 24.16 49.31
N ASN I 58 27.03 23.77 50.52
CA ASN I 58 25.96 24.35 51.35
C ASN I 58 24.52 24.34 50.75
N VAL I 59 24.30 23.96 49.49
CA VAL I 59 22.97 24.00 48.83
C VAL I 59 22.02 22.90 49.33
N THR I 60 20.73 23.20 49.41
CA THR I 60 19.62 22.24 49.64
C THR I 60 18.54 22.42 48.59
N GLU I 61 17.97 21.34 48.04
CA GLU I 61 16.89 21.37 47.04
C GLU I 61 15.76 20.40 47.34
N GLU I 62 14.51 20.79 47.08
CA GLU I 62 13.38 19.87 47.09
C GLU I 62 13.32 19.06 45.78
N PHE I 63 13.80 17.82 45.82
CA PHE I 63 13.59 16.85 44.75
C PHE I 63 12.23 16.14 44.90
N ASN I 64 11.66 15.64 43.81
CA ASN I 64 10.52 14.73 43.84
C ASN I 64 10.57 13.81 42.61
N MET I 65 10.74 12.50 42.79
CA MET I 65 10.86 11.56 41.68
C MET I 65 9.54 11.27 40.95
N TRP I 66 8.39 11.58 41.55
CA TRP I 66 7.08 11.13 41.05
C TRP I 66 6.48 12.07 40.02
N LYS I 67 6.59 13.39 40.24
CA LYS I 67 6.18 14.44 39.28
C LYS I 67 7.34 15.06 38.50
N ASN I 68 8.40 14.28 38.32
CA ASN I 68 9.56 14.59 37.50
C ASN I 68 9.19 14.54 36.02
N ASN I 69 9.39 15.63 35.27
CA ASN I 69 9.07 15.66 33.85
C ASN I 69 9.98 14.73 33.00
N MET I 70 11.20 14.42 33.44
CA MET I 70 12.15 13.67 32.61
C MET I 70 11.63 12.29 32.21
N VAL I 71 10.87 11.61 33.08
CA VAL I 71 10.32 10.29 32.71
C VAL I 71 9.28 10.37 31.60
N GLU I 72 8.50 11.45 31.52
CA GLU I 72 7.55 11.64 30.41
C GLU I 72 8.26 11.95 29.10
N GLN I 73 9.35 12.71 29.14
CA GLN I 73 10.20 12.87 27.97
C GLN I 73 10.78 11.52 27.56
N MET I 74 11.34 10.75 28.49
CA MET I 74 11.93 9.46 28.14
C MET I 74 10.88 8.51 27.56
N HIS I 75 9.64 8.55 28.05
CA HIS I 75 8.58 7.70 27.56
C HIS I 75 8.12 8.09 26.15
N THR I 76 7.84 9.37 25.92
CA THR I 76 7.47 9.84 24.58
C THR I 76 8.62 9.70 23.59
N ASP I 77 9.87 9.86 24.00
CA ASP I 77 11.03 9.56 23.17
C ASP I 77 11.08 8.09 22.75
N ILE I 78 11.01 7.16 23.70
CA ILE I 78 11.16 5.74 23.38
C ILE I 78 10.03 5.25 22.48
N ILE I 79 8.77 5.63 22.71
CA ILE I 79 7.70 5.32 21.76
C ILE I 79 8.01 5.88 20.37
N SER I 80 8.49 7.12 20.29
CA SER I 80 8.80 7.75 19.00
C SER I 80 9.93 7.04 18.25
N LEU I 81 10.93 6.50 18.95
CA LEU I 81 12.04 5.76 18.35
C LEU I 81 11.60 4.41 17.78
N TRP I 82 10.73 3.68 18.47
CA TRP I 82 10.16 2.45 17.94
C TRP I 82 9.47 2.68 16.60
N ASP I 83 8.58 3.67 16.52
CA ASP I 83 7.88 3.97 15.29
C ASP I 83 8.83 4.38 14.16
N GLN I 84 9.78 5.30 14.42
CA GLN I 84 10.75 5.70 13.43
C GLN I 84 11.54 4.49 12.89
N SER I 85 11.82 3.49 13.72
CA SER I 85 12.59 2.32 13.33
C SER I 85 11.78 1.31 12.50
N LEU I 86 10.54 0.98 12.88
CA LEU I 86 9.73 0.00 12.13
C LEU I 86 9.27 0.52 10.77
N LYS I 87 9.21 1.84 10.55
CA LYS I 87 8.68 2.45 9.31
C LYS I 87 9.13 1.79 7.99
N PRO I 88 10.43 1.64 7.70
CA PRO I 88 10.89 0.99 6.46
C PRO I 88 10.59 -0.52 6.34
N CYS I 89 10.29 -1.23 7.43
CA CYS I 89 10.30 -2.70 7.44
C CYS I 89 9.07 -3.35 6.78
N VAL I 90 9.20 -4.60 6.34
CA VAL I 90 8.17 -5.36 5.59
C VAL I 90 6.83 -5.39 6.31
N LYS I 91 5.72 -5.17 5.60
CA LYS I 91 4.36 -5.21 6.17
C LYS I 91 3.77 -6.59 5.89
N LEU I 92 3.29 -7.29 6.92
CA LEU I 92 2.88 -8.70 6.85
C LEU I 92 1.37 -8.89 6.72
N THR I 93 0.69 -8.01 5.98
CA THR I 93 -0.52 -8.44 5.28
C THR I 93 -0.15 -9.53 4.24
N PRO I 94 -1.14 -10.16 3.59
CA PRO I 94 -0.98 -11.55 3.13
C PRO I 94 -0.49 -12.65 4.07
N LEU I 95 -0.24 -12.43 5.37
CA LEU I 95 -0.26 -13.53 6.35
C LEU I 95 -1.62 -13.73 7.04
N CYS I 96 -2.54 -12.77 6.98
CA CYS I 96 -3.90 -13.01 7.45
C CYS I 96 -4.65 -13.90 6.46
N VAL I 97 -4.35 -15.19 6.44
CA VAL I 97 -4.89 -16.22 5.56
C VAL I 97 -5.18 -17.45 6.39
N THR I 98 -6.22 -18.22 6.08
CA THR I 98 -6.59 -19.41 6.88
C THR I 98 -5.44 -20.42 6.94
N LEU I 99 -4.91 -20.70 8.13
CA LEU I 99 -3.81 -21.65 8.33
C LEU I 99 -4.37 -23.04 8.62
N GLN I 100 -3.77 -24.09 8.05
CA GLN I 100 -4.06 -25.47 8.47
C GLN I 100 -2.89 -25.92 9.36
N CYS I 101 -3.14 -26.30 10.61
CA CYS I 101 -2.07 -26.54 11.58
C CYS I 101 -2.17 -27.91 12.26
N THR I 102 -1.04 -28.61 12.41
CA THR I 102 -0.92 -29.75 13.33
C THR I 102 -0.14 -29.33 14.57
N ASN I 103 -0.15 -30.14 15.63
CA ASN I 103 0.90 -30.00 16.65
C ASN I 103 2.24 -30.43 16.03
N VAL I 104 3.36 -29.89 16.53
CA VAL I 104 4.64 -30.58 16.39
C VAL I 104 4.59 -31.86 17.24
N THR I 105 5.39 -32.88 16.95
CA THR I 105 5.18 -34.27 17.46
C THR I 105 5.45 -34.48 18.96
N ASN I 106 5.40 -33.42 19.78
CA ASN I 106 5.62 -33.46 21.23
C ASN I 106 4.63 -34.42 21.92
N ALA I 107 5.11 -35.13 22.94
CA ALA I 107 4.41 -36.21 23.64
C ALA I 107 4.31 -36.02 25.17
N ILE I 108 4.57 -34.79 25.66
CA ILE I 108 4.43 -34.39 27.07
C ILE I 108 2.95 -34.42 27.55
N THR I 109 2.67 -33.93 28.76
CA THR I 109 1.32 -33.77 29.31
C THR I 109 0.37 -32.99 28.37
N ASP I 110 -0.91 -33.37 28.36
CA ASP I 110 -1.91 -32.81 27.45
C ASP I 110 -2.08 -31.28 27.62
N ASP I 111 -2.54 -30.62 26.56
CA ASP I 111 -2.48 -29.17 26.33
C ASP I 111 -1.06 -28.58 26.22
N MET I 112 -0.10 -28.99 27.07
CA MET I 112 1.31 -28.60 26.94
C MET I 112 1.96 -29.16 25.66
N ARG I 113 1.48 -30.31 25.15
CA ARG I 113 1.84 -30.83 23.81
C ARG I 113 1.68 -29.79 22.70
N GLY I 114 0.63 -28.98 22.78
CA GLY I 114 0.24 -28.04 21.73
C GLY I 114 0.99 -26.70 21.74
N GLU I 115 2.02 -26.53 22.56
CA GLU I 115 2.70 -25.23 22.77
C GLU I 115 3.32 -24.63 21.50
N LEU I 116 3.66 -25.42 20.50
CA LEU I 116 4.01 -24.91 19.18
C LEU I 116 3.46 -25.79 18.06
N LYS I 117 3.04 -25.14 16.98
CA LYS I 117 2.24 -25.70 15.90
C LYS I 117 3.03 -25.69 14.61
N ASN I 118 2.78 -26.66 13.75
CA ASN I 118 3.33 -26.71 12.40
C ASN I 118 2.23 -26.31 11.44
N CYS I 119 2.22 -25.05 10.98
CA CYS I 119 1.15 -24.50 10.18
C CYS I 119 1.54 -24.32 8.73
N SER I 120 0.71 -24.79 7.80
CA SER I 120 0.91 -24.62 6.37
C SER I 120 -0.24 -23.86 5.72
N PHE I 121 0.08 -23.11 4.67
CA PHE I 121 -0.82 -22.14 4.05
C PHE I 121 -0.38 -21.80 2.62
N ASN I 122 -1.27 -21.22 1.83
CA ASN I 122 -0.97 -20.69 0.50
C ASN I 122 -0.65 -19.20 0.63
N MET I 123 0.31 -18.67 -0.13
CA MET I 123 0.51 -17.23 -0.24
C MET I 123 1.16 -16.83 -1.56
N THR I 124 1.24 -15.54 -1.86
CA THR I 124 1.80 -15.00 -3.11
C THR I 124 3.28 -15.31 -3.28
N THR I 125 3.69 -15.62 -4.52
CA THR I 125 5.09 -15.55 -4.94
C THR I 125 5.46 -14.10 -5.32
N GLU I 126 6.63 -13.88 -5.91
CA GLU I 126 7.02 -12.62 -6.54
C GLU I 126 6.16 -12.27 -7.77
N LEU I 127 5.46 -13.22 -8.38
CA LEU I 127 4.56 -13.01 -9.51
C LEU I 127 3.11 -13.00 -9.03
N ARG I 128 2.40 -11.92 -9.30
CA ARG I 128 1.02 -11.67 -8.90
C ARG I 128 0.08 -12.83 -9.25
N ASP I 129 0.27 -13.45 -10.40
CA ASP I 129 -0.59 -14.52 -10.87
C ASP I 129 -0.33 -15.89 -10.21
N LYS I 130 0.72 -16.08 -9.39
CA LYS I 130 1.13 -17.40 -8.88
C LYS I 130 1.23 -17.51 -7.36
N LYS I 131 0.51 -18.48 -6.79
CA LYS I 131 0.58 -18.92 -5.39
C LYS I 131 1.72 -19.91 -5.18
N GLN I 132 2.22 -19.96 -3.96
CA GLN I 132 3.09 -21.00 -3.42
C GLN I 132 2.46 -21.55 -2.13
N LYS I 133 2.56 -22.85 -1.90
CA LYS I 133 2.19 -23.46 -0.61
C LYS I 133 3.44 -23.59 0.24
N VAL I 134 3.36 -23.10 1.47
CA VAL I 134 4.49 -22.91 2.40
C VAL I 134 4.10 -23.37 3.79
N TYR I 135 5.07 -23.55 4.67
CA TYR I 135 4.82 -23.83 6.08
C TYR I 135 5.81 -23.11 7.00
N SER I 136 5.40 -22.89 8.25
CA SER I 136 6.22 -22.33 9.31
C SER I 136 5.82 -22.92 10.64
N LEU I 137 6.74 -23.02 11.59
CA LEU I 137 6.35 -23.25 12.97
C LEU I 137 5.89 -21.92 13.62
N PHE I 138 4.92 -21.96 14.53
CA PHE I 138 4.44 -20.82 15.32
C PHE I 138 4.15 -21.26 16.75
N TYR I 139 4.32 -20.40 17.75
CA TYR I 139 3.94 -20.72 19.12
C TYR I 139 2.45 -20.63 19.32
N ARG I 140 1.88 -21.35 20.29
CA ARG I 140 0.43 -21.33 20.53
C ARG I 140 -0.12 -19.94 20.82
N LEU I 141 0.68 -19.06 21.41
CA LEU I 141 0.29 -17.67 21.69
C LEU I 141 0.27 -16.75 20.45
N ASP I 142 0.84 -17.15 19.32
CA ASP I 142 0.79 -16.38 18.07
C ASP I 142 -0.49 -16.63 17.26
N VAL I 143 -1.25 -17.70 17.52
CA VAL I 143 -2.40 -18.14 16.69
C VAL I 143 -3.65 -18.44 17.52
N VAL I 144 -4.84 -18.40 16.90
CA VAL I 144 -6.13 -18.76 17.51
C VAL I 144 -7.02 -19.51 16.52
N GLN I 145 -7.85 -20.41 17.02
CA GLN I 145 -8.62 -21.33 16.18
C GLN I 145 -9.87 -20.67 15.60
N ILE I 146 -10.24 -21.00 14.37
CA ILE I 146 -11.36 -20.37 13.65
C ILE I 146 -12.71 -21.04 13.96
N ASN I 147 -12.74 -22.34 14.25
CA ASN I 147 -13.97 -23.15 14.36
C ASN I 147 -14.87 -23.06 13.12
N ASN I 158 -11.88 -27.18 14.75
CA ASN I 158 -11.17 -27.91 13.71
C ASN I 158 -9.67 -27.53 13.68
N LYS I 159 -8.90 -28.09 12.73
CA LYS I 159 -7.48 -27.78 12.50
C LYS I 159 -7.20 -26.42 11.83
N GLU I 160 -8.17 -25.52 11.77
CA GLU I 160 -8.04 -24.23 11.11
C GLU I 160 -7.81 -23.08 12.09
N TYR I 161 -6.78 -22.28 11.83
CA TYR I 161 -6.29 -21.21 12.70
C TYR I 161 -6.05 -19.93 11.92
N ARG I 162 -5.92 -18.82 12.63
CA ARG I 162 -5.48 -17.52 12.11
C ARG I 162 -4.50 -16.86 13.07
N LEU I 163 -3.74 -15.89 12.61
CA LEU I 163 -2.87 -15.12 13.50
C LEU I 163 -3.69 -14.33 14.52
N ILE I 164 -3.10 -14.06 15.69
CA ILE I 164 -3.80 -13.34 16.76
C ILE I 164 -4.24 -11.94 16.31
N ASN I 165 -3.45 -11.21 15.51
CA ASN I 165 -3.70 -9.79 15.22
C ASN I 165 -4.82 -9.52 14.21
N CYS I 166 -5.24 -10.50 13.41
CA CYS I 166 -6.00 -10.21 12.19
C CYS I 166 -7.34 -9.49 12.41
N ASN I 167 -7.93 -9.56 13.60
CA ASN I 167 -9.20 -8.89 13.92
C ASN I 167 -9.03 -7.62 14.79
N THR I 168 -7.82 -7.08 14.92
CA THR I 168 -7.56 -5.83 15.65
C THR I 168 -6.58 -4.91 14.95
N SER I 169 -5.51 -5.44 14.35
CA SER I 169 -4.34 -4.63 14.01
C SER I 169 -3.70 -5.08 12.71
N ALA I 170 -3.15 -4.14 11.95
CA ALA I 170 -2.15 -4.46 10.94
C ALA I 170 -0.84 -4.91 11.61
N ILE I 171 0.07 -5.52 10.85
CA ILE I 171 1.31 -6.09 11.42
C ILE I 171 2.55 -5.83 10.57
N THR I 172 3.66 -5.50 11.22
CA THR I 172 4.94 -5.16 10.59
C THR I 172 6.05 -6.09 11.06
N GLN I 173 6.84 -6.67 10.17
CA GLN I 173 8.03 -7.43 10.58
C GLN I 173 9.08 -6.49 11.14
N ALA I 174 9.74 -6.83 12.23
CA ALA I 174 10.88 -6.05 12.69
C ALA I 174 12.11 -6.37 11.84
N CYS I 175 12.73 -5.37 11.19
CA CYS I 175 13.89 -5.57 10.34
C CYS I 175 15.01 -6.33 11.08
N PRO I 176 15.56 -7.44 10.57
CA PRO I 176 16.61 -8.19 11.27
C PRO I 176 17.92 -7.40 11.43
N LYS I 177 18.14 -6.40 10.57
CA LYS I 177 19.31 -5.51 10.61
C LYS I 177 19.35 -4.51 11.76
N VAL I 178 18.26 -4.30 12.51
CA VAL I 178 18.26 -3.41 13.69
C VAL I 178 18.28 -4.24 14.96
N SER I 179 19.18 -3.92 15.89
CA SER I 179 19.22 -4.59 17.19
C SER I 179 18.28 -3.95 18.21
N PHE I 180 17.66 -4.75 19.08
CA PHE I 180 16.93 -4.27 20.26
C PHE I 180 17.82 -4.08 21.49
N GLU I 181 19.15 -4.21 21.36
CA GLU I 181 20.05 -4.10 22.51
C GLU I 181 19.87 -2.73 23.21
N PRO I 182 19.69 -2.68 24.53
CA PRO I 182 19.55 -1.42 25.26
C PRO I 182 20.92 -0.73 25.42
N ILE I 183 21.37 -0.03 24.38
CA ILE I 183 22.60 0.77 24.39
C ILE I 183 22.44 1.95 25.36
N PRO I 184 23.45 2.29 26.20
CA PRO I 184 23.35 3.42 27.12
C PRO I 184 23.13 4.76 26.43
N ILE I 185 22.23 5.55 26.99
CA ILE I 185 21.87 6.91 26.59
C ILE I 185 22.09 7.85 27.77
N HIS I 186 22.71 9.00 27.53
CA HIS I 186 22.77 10.10 28.47
C HIS I 186 21.77 11.16 28.03
N TYR I 187 20.93 11.69 28.91
CA TYR I 187 20.15 12.90 28.61
C TYR I 187 20.94 14.13 29.02
N CYS I 188 21.04 15.13 28.16
CA CYS I 188 21.78 16.36 28.40
C CYS I 188 20.86 17.58 28.33
N ALA I 189 21.16 18.62 29.10
CA ALA I 189 20.36 19.85 29.14
C ALA I 189 20.92 20.93 28.20
N PRO I 190 20.07 21.70 27.50
CA PRO I 190 20.47 22.86 26.71
C PRO I 190 21.25 23.91 27.49
N ALA I 191 22.03 24.74 26.81
CA ALA I 191 22.79 25.81 27.46
C ALA I 191 21.86 26.74 28.27
N GLY I 192 22.29 27.16 29.46
CA GLY I 192 21.47 27.99 30.35
C GLY I 192 20.41 27.25 31.16
N PHE I 193 20.28 25.93 31.01
CA PHE I 193 19.67 25.04 31.99
C PHE I 193 20.76 24.19 32.68
N ALA I 194 20.39 23.43 33.71
CA ALA I 194 21.31 22.50 34.35
C ALA I 194 20.59 21.26 34.88
N ILE I 195 21.32 20.15 35.00
CA ILE I 195 20.89 18.96 35.71
C ILE I 195 21.49 19.03 37.12
N LEU I 196 20.67 18.89 38.14
CA LEU I 196 21.11 18.73 39.52
C LEU I 196 20.96 17.26 39.92
N LYS I 197 21.99 16.68 40.55
CA LYS I 197 22.00 15.30 41.05
C LYS I 197 21.92 15.32 42.58
N CYS I 198 20.95 14.63 43.17
CA CYS I 198 20.88 14.45 44.61
C CYS I 198 21.92 13.40 45.05
N LYS I 199 22.86 13.78 45.91
CA LYS I 199 23.96 12.93 46.40
C LYS I 199 23.63 12.20 47.71
N ASP I 200 22.51 12.49 48.34
CA ASP I 200 22.12 11.88 49.62
C ASP I 200 21.88 10.36 49.46
N LYS I 201 22.72 9.53 50.08
CA LYS I 201 22.59 8.05 50.01
C LYS I 201 21.30 7.51 50.62
N LYS I 202 20.73 8.23 51.59
CA LYS I 202 19.46 7.88 52.25
C LYS I 202 18.30 8.71 51.72
N PHE I 203 18.41 9.18 50.47
CA PHE I 203 17.35 9.96 49.84
C PHE I 203 16.05 9.16 49.77
N ASN I 204 14.96 9.85 50.10
CA ASN I 204 13.66 9.31 50.48
C ASN I 204 12.67 9.27 49.31
N GLY I 205 13.10 9.63 48.09
CA GLY I 205 12.27 9.72 46.87
C GLY I 205 11.63 11.10 46.67
N THR I 206 11.29 11.78 47.76
CA THR I 206 10.88 13.19 47.79
C THR I 206 11.51 13.92 48.98
N GLY I 207 11.58 15.25 48.89
CA GLY I 207 11.92 16.13 50.00
C GLY I 207 13.35 16.68 49.95
N PRO I 208 13.74 17.51 50.93
CA PRO I 208 14.97 18.28 50.89
C PRO I 208 16.22 17.39 50.82
N CYS I 209 16.90 17.38 49.68
CA CYS I 209 18.19 16.73 49.53
C CYS I 209 19.30 17.72 49.94
N PRO I 210 19.99 17.51 51.07
CA PRO I 210 20.94 18.47 51.65
C PRO I 210 22.34 18.36 51.04
N SER I 211 22.54 17.45 50.09
CA SER I 211 23.81 17.28 49.36
C SER I 211 23.53 17.16 47.88
N VAL I 212 24.02 18.11 47.09
CA VAL I 212 23.61 18.30 45.71
C VAL I 212 24.82 18.69 44.87
N SER I 213 24.84 18.28 43.62
CA SER I 213 25.87 18.67 42.65
C SER I 213 25.25 18.83 41.29
N THR I 214 25.97 19.41 40.34
CA THR I 214 25.45 19.65 38.99
C THR I 214 26.29 18.98 37.92
N VAL I 215 25.64 18.54 36.85
CA VAL I 215 26.26 17.85 35.72
C VAL I 215 25.69 18.33 34.40
N GLN I 216 26.43 18.15 33.31
CA GLN I 216 25.93 18.39 31.94
C GLN I 216 24.77 17.46 31.57
N CYS I 217 24.92 16.18 31.91
CA CYS I 217 24.07 15.08 31.47
C CYS I 217 23.86 14.04 32.58
N THR I 218 22.83 13.22 32.46
CA THR I 218 22.63 12.04 33.33
C THR I 218 23.77 11.03 33.17
N HIS I 219 23.87 10.06 34.09
CA HIS I 219 24.66 8.85 33.88
C HIS I 219 24.14 8.06 32.67
N GLY I 220 24.85 7.01 32.28
CA GLY I 220 24.50 6.16 31.14
C GLY I 220 23.28 5.29 31.43
N ILE I 221 22.09 5.82 31.21
CA ILE I 221 20.83 5.11 31.42
C ILE I 221 20.63 4.08 30.32
N LYS I 222 20.21 2.86 30.66
CA LYS I 222 19.85 1.81 29.70
C LYS I 222 18.32 1.74 29.55
N PRO I 223 17.74 1.78 28.35
CA PRO I 223 16.30 1.68 28.15
C PRO I 223 15.79 0.23 28.22
N VAL I 224 16.12 -0.49 29.30
CA VAL I 224 15.63 -1.86 29.54
C VAL I 224 14.14 -1.84 29.84
N VAL I 225 13.34 -2.57 29.05
CA VAL I 225 11.91 -2.76 29.30
C VAL I 225 11.67 -4.16 29.88
N SER I 226 11.10 -4.24 31.07
CA SER I 226 10.72 -5.51 31.71
C SER I 226 9.71 -5.27 32.83
N THR I 227 8.74 -6.18 32.99
CA THR I 227 7.68 -6.08 34.01
C THR I 227 8.04 -6.87 35.26
N GLN I 228 7.43 -6.56 36.40
CA GLN I 228 7.59 -7.18 37.73
C GLN I 228 8.97 -7.07 38.37
N LEU I 229 10.04 -7.28 37.61
CA LEU I 229 11.44 -7.19 38.03
C LEU I 229 12.15 -6.14 37.18
N LEU I 230 13.12 -5.45 37.76
CA LEU I 230 13.94 -4.45 37.10
C LEU I 230 15.33 -5.05 36.85
N LEU I 231 15.79 -4.99 35.61
CA LEU I 231 16.98 -5.69 35.15
C LEU I 231 18.07 -4.73 34.74
N ASN I 232 19.32 -5.07 35.06
CA ASN I 232 20.53 -4.30 34.81
C ASN I 232 20.51 -2.84 35.28
N GLY I 233 19.59 -2.48 36.17
CA GLY I 233 19.44 -1.12 36.67
C GLY I 233 20.59 -0.69 37.58
N SER I 234 20.62 0.60 37.92
CA SER I 234 21.56 1.14 38.89
C SER I 234 21.16 0.73 40.31
N LEU I 235 22.12 0.23 41.09
CA LEU I 235 21.91 -0.30 42.44
C LEU I 235 21.72 0.84 43.45
N ALA I 236 20.98 0.57 44.54
CA ALA I 236 20.85 1.51 45.65
C ALA I 236 22.21 1.80 46.29
N GLU I 237 22.36 2.98 46.90
CA GLU I 237 23.65 3.45 47.40
C GLU I 237 24.10 2.65 48.65
N GLU I 238 23.19 2.47 49.62
CA GLU I 238 23.29 1.48 50.69
C GLU I 238 21.91 1.18 51.28
N GLU I 239 21.74 0.00 51.88
CA GLU I 239 20.45 -0.65 52.16
C GLU I 239 19.58 -0.89 50.92
N VAL I 240 18.70 -1.89 50.97
CA VAL I 240 17.69 -2.12 49.93
C VAL I 240 16.60 -1.05 50.01
N MET I 241 16.86 0.13 49.45
CA MET I 241 15.98 1.29 49.57
C MET I 241 14.59 1.05 48.99
N ILE I 242 13.56 1.65 49.57
CA ILE I 242 12.15 1.48 49.19
C ILE I 242 11.51 2.83 48.92
N ARG I 243 10.70 2.93 47.85
CA ARG I 243 10.16 4.20 47.35
C ARG I 243 8.69 4.06 46.93
N SER I 244 7.85 5.02 47.24
CA SER I 244 6.50 5.18 46.67
C SER I 244 6.01 6.61 46.90
N GLU I 245 4.98 7.08 46.19
CA GLU I 245 4.43 8.42 46.43
C GLU I 245 3.46 8.49 47.62
N ASN I 246 2.79 7.38 47.99
CA ASN I 246 1.93 7.30 49.19
C ASN I 246 1.75 5.84 49.67
N ILE I 247 2.66 5.30 50.49
CA ILE I 247 2.60 3.91 51.00
C ILE I 247 1.29 3.62 51.76
N THR I 248 0.74 4.65 52.42
CA THR I 248 -0.50 4.52 53.20
C THR I 248 -1.77 4.38 52.34
N ASN I 249 -1.65 4.49 51.01
CA ASN I 249 -2.69 4.06 50.08
C ASN I 249 -2.18 2.81 49.35
N ASN I 250 -2.83 1.66 49.54
CA ASN I 250 -2.34 0.39 48.99
C ASN I 250 -2.39 0.33 47.46
N ALA I 251 -3.12 1.24 46.81
CA ALA I 251 -3.25 1.30 45.35
C ALA I 251 -1.96 1.76 44.64
N LYS I 252 -1.08 2.51 45.32
CA LYS I 252 0.20 2.97 44.77
C LYS I 252 1.16 1.81 44.59
N ASN I 253 1.83 1.73 43.44
CA ASN I 253 2.97 0.85 43.27
C ASN I 253 4.06 1.19 44.30
N ILE I 254 4.90 0.22 44.63
CA ILE I 254 6.08 0.40 45.44
C ILE I 254 7.27 -0.06 44.61
N LEU I 255 8.32 0.74 44.49
CA LEU I 255 9.60 0.29 43.95
C LEU I 255 10.46 -0.16 45.12
N VAL I 256 11.21 -1.25 44.98
CA VAL I 256 12.35 -1.54 45.87
C VAL I 256 13.60 -1.68 45.04
N GLN I 257 14.75 -1.29 45.57
CA GLN I 257 15.99 -1.20 44.81
C GLN I 257 17.13 -1.85 45.59
N PHE I 258 17.76 -2.89 45.06
CA PHE I 258 18.75 -3.65 45.83
C PHE I 258 20.08 -2.91 45.91
N ASN I 259 20.78 -3.02 47.05
CA ASN I 259 22.15 -2.52 47.19
C ASN I 259 23.19 -3.48 46.57
N THR I 260 22.78 -4.70 46.22
CA THR I 260 23.60 -5.72 45.57
C THR I 260 22.73 -6.58 44.66
N PRO I 261 23.17 -6.96 43.45
CA PRO I 261 22.30 -7.61 42.49
C PRO I 261 22.09 -9.08 42.83
N VAL I 262 20.97 -9.65 42.38
CA VAL I 262 20.73 -11.09 42.40
C VAL I 262 20.59 -11.57 40.96
N GLN I 263 21.45 -12.50 40.55
CA GLN I 263 21.69 -12.82 39.15
C GLN I 263 20.65 -13.79 38.62
N ILE I 264 20.10 -13.53 37.42
CA ILE I 264 19.13 -14.40 36.75
C ILE I 264 19.65 -14.85 35.40
N ASN I 265 19.56 -16.14 35.11
CA ASN I 265 20.05 -16.75 33.86
C ASN I 265 18.87 -17.25 33.05
N CYS I 266 18.64 -16.71 31.86
CA CYS I 266 17.51 -17.10 31.01
C CYS I 266 17.98 -17.71 29.71
N THR I 267 17.24 -18.67 29.19
CA THR I 267 17.63 -19.42 28.00
C THR I 267 16.44 -19.96 27.22
N ARG I 268 16.60 -20.13 25.90
CA ARG I 268 15.70 -20.88 25.02
C ARG I 268 16.50 -22.08 24.47
N PRO I 269 16.35 -23.29 25.00
CA PRO I 269 17.22 -24.39 24.66
C PRO I 269 16.89 -25.06 23.31
N ASN I 270 15.73 -24.80 22.72
CA ASN I 270 15.42 -25.26 21.37
C ASN I 270 16.31 -24.55 20.35
N ASN I 271 16.92 -25.33 19.46
CA ASN I 271 17.78 -24.84 18.40
C ASN I 271 16.99 -24.63 17.09
N ASN I 272 16.30 -23.51 16.96
CA ASN I 272 15.48 -23.17 15.80
C ASN I 272 16.30 -22.83 14.56
N THR I 273 15.76 -23.06 13.36
CA THR I 273 16.29 -22.54 12.09
C THR I 273 15.47 -21.39 11.54
N ARG I 274 16.15 -20.31 11.15
CA ARG I 274 15.61 -19.21 10.34
C ARG I 274 15.29 -19.74 8.93
N LYS I 275 14.19 -19.33 8.34
CA LYS I 275 13.87 -19.61 6.93
C LYS I 275 13.28 -18.39 6.24
N SER I 276 13.68 -18.10 5.01
CA SER I 276 13.22 -16.93 4.26
C SER I 276 12.23 -17.31 3.16
N ILE I 277 11.11 -16.61 3.07
CA ILE I 277 10.08 -16.75 2.02
C ILE I 277 9.95 -15.42 1.29
N ARG I 278 10.14 -15.34 -0.04
CA ARG I 278 9.73 -14.15 -0.79
C ARG I 278 8.21 -14.11 -0.88
N ILE I 279 7.58 -13.03 -0.43
CA ILE I 279 6.12 -12.87 -0.39
C ILE I 279 5.59 -11.93 -1.47
N GLY I 280 6.47 -11.15 -2.10
CA GLY I 280 6.17 -10.19 -3.16
C GLY I 280 7.49 -9.70 -3.76
N PRO I 281 7.47 -8.78 -4.74
CA PRO I 281 8.67 -8.40 -5.47
C PRO I 281 9.67 -7.70 -4.54
N GLY I 282 10.74 -8.41 -4.19
CA GLY I 282 11.79 -7.89 -3.32
C GLY I 282 11.47 -7.88 -1.82
N GLN I 283 10.51 -8.68 -1.31
CA GLN I 283 10.15 -8.71 0.11
C GLN I 283 10.18 -10.10 0.74
N ALA I 284 10.83 -10.25 1.89
CA ALA I 284 11.02 -11.52 2.58
C ALA I 284 10.32 -11.59 3.94
N PHE I 285 9.61 -12.68 4.20
CA PHE I 285 9.05 -13.06 5.49
C PHE I 285 9.94 -14.13 6.12
N TYR I 286 10.35 -13.95 7.37
CA TYR I 286 11.22 -14.91 8.06
C TYR I 286 10.41 -15.90 8.92
N ALA I 287 10.11 -17.06 8.33
CA ALA I 287 9.49 -18.20 9.00
C ALA I 287 10.48 -18.93 9.90
N THR I 288 9.99 -19.82 10.78
CA THR I 288 10.85 -20.83 11.41
C THR I 288 10.79 -22.11 10.60
N GLY I 289 11.94 -22.63 10.18
CA GLY I 289 11.99 -23.80 9.31
C GLY I 289 11.74 -25.11 10.04
N ASP I 290 12.53 -25.37 11.07
CA ASP I 290 12.44 -26.55 11.94
C ASP I 290 13.33 -26.38 13.16
N ILE I 291 13.33 -27.39 14.04
CA ILE I 291 14.11 -27.46 15.26
C ILE I 291 15.09 -28.61 15.18
N ILE I 292 16.38 -28.35 15.40
CA ILE I 292 17.41 -29.39 15.49
C ILE I 292 17.31 -30.07 16.86
N GLY I 293 17.38 -31.39 16.90
CA GLY I 293 17.54 -32.14 18.13
C GLY I 293 16.37 -32.02 19.13
N ASP I 294 16.70 -32.14 20.41
CA ASP I 294 15.72 -32.32 21.49
C ASP I 294 14.88 -31.06 21.75
N ILE I 295 13.59 -31.23 22.03
CA ILE I 295 12.69 -30.14 22.46
C ILE I 295 12.67 -30.06 23.99
N ARG I 296 12.93 -28.87 24.56
CA ARG I 296 12.93 -28.58 26.00
C ARG I 296 12.38 -27.19 26.27
N GLN I 297 11.91 -26.90 27.47
CA GLN I 297 11.24 -25.62 27.74
C GLN I 297 12.20 -24.47 27.98
N ALA I 298 11.90 -23.28 27.45
CA ALA I 298 12.62 -22.06 27.79
C ALA I 298 12.38 -21.67 29.25
N HIS I 299 13.41 -21.22 29.96
CA HIS I 299 13.33 -21.07 31.41
C HIS I 299 14.33 -20.04 31.92
N CYS I 300 14.12 -19.57 33.14
CA CYS I 300 15.03 -18.68 33.85
C CYS I 300 15.37 -19.22 35.23
N ASN I 301 16.59 -19.07 35.69
CA ASN I 301 17.03 -19.56 37.00
C ASN I 301 17.57 -18.44 37.87
N VAL I 302 17.28 -18.46 39.17
CA VAL I 302 17.85 -17.55 40.16
C VAL I 302 18.27 -18.34 41.39
N SER I 303 19.40 -18.05 42.01
CA SER I 303 19.92 -18.90 43.09
C SER I 303 19.09 -18.76 44.38
N LYS I 304 18.66 -19.87 44.99
CA LYS I 304 17.69 -19.84 46.09
C LYS I 304 18.28 -19.20 47.33
N ALA I 305 19.54 -19.46 47.68
CA ALA I 305 20.18 -18.82 48.83
C ALA I 305 20.18 -17.29 48.72
N THR I 306 20.71 -16.75 47.62
CA THR I 306 20.76 -15.29 47.38
C THR I 306 19.38 -14.68 47.28
N TRP I 307 18.42 -15.33 46.64
CA TRP I 307 17.06 -14.79 46.59
C TRP I 307 16.38 -14.80 47.95
N ASN I 308 16.49 -15.87 48.73
CA ASN I 308 15.93 -15.92 50.08
C ASN I 308 16.50 -14.81 50.98
N GLU I 309 17.82 -14.63 50.93
CA GLU I 309 18.51 -13.54 51.63
C GLU I 309 18.00 -12.17 51.19
N THR I 310 17.93 -11.92 49.88
CA THR I 310 17.53 -10.62 49.32
C THR I 310 16.07 -10.29 49.62
N LEU I 311 15.16 -11.26 49.52
CA LEU I 311 13.79 -11.10 49.96
C LEU I 311 13.72 -10.87 51.48
N GLY I 312 14.61 -11.46 52.25
CA GLY I 312 14.72 -11.21 53.70
C GLY I 312 15.10 -9.77 54.04
N LYS I 313 16.08 -9.20 53.34
CA LYS I 313 16.44 -7.79 53.45
C LYS I 313 15.29 -6.87 53.09
N VAL I 314 14.57 -7.13 52.01
CA VAL I 314 13.36 -6.35 51.66
C VAL I 314 12.35 -6.37 52.80
N VAL I 315 12.12 -7.52 53.44
CA VAL I 315 11.23 -7.59 54.61
C VAL I 315 11.74 -6.72 55.74
N LYS I 316 13.03 -6.80 56.08
CA LYS I 316 13.60 -5.98 57.16
C LYS I 316 13.59 -4.46 56.90
N GLN I 317 13.26 -4.01 55.68
CA GLN I 317 12.91 -2.61 55.42
C GLN I 317 11.42 -2.35 55.51
N LEU I 318 10.55 -3.22 54.98
CA LEU I 318 9.10 -3.04 55.17
C LEU I 318 8.72 -3.08 56.65
N ARG I 319 9.49 -3.79 57.48
CA ARG I 319 9.40 -3.79 58.95
C ARG I 319 9.63 -2.40 59.59
N LYS I 320 10.18 -1.42 58.87
CA LYS I 320 10.18 -0.01 59.26
C LYS I 320 8.80 0.61 59.00
N HIS I 321 8.42 0.77 57.74
CA HIS I 321 7.19 1.46 57.33
C HIS I 321 5.90 0.79 57.83
N PHE I 322 5.93 -0.51 58.15
CA PHE I 322 4.77 -1.28 58.66
C PHE I 322 4.95 -1.80 60.10
N GLY I 323 6.09 -1.57 60.74
CA GLY I 323 6.36 -1.98 62.13
C GLY I 323 6.68 -3.47 62.30
N ASN I 324 7.05 -3.89 63.52
CA ASN I 324 7.54 -5.25 63.79
C ASN I 324 6.44 -6.30 64.05
N ASN I 325 5.24 -5.87 64.44
CA ASN I 325 4.17 -6.80 64.82
C ASN I 325 3.57 -7.58 63.65
N THR I 326 3.73 -7.08 62.42
CA THR I 326 3.13 -7.68 61.23
C THR I 326 3.98 -8.82 60.66
N ILE I 327 3.42 -10.04 60.66
CA ILE I 327 3.87 -11.12 59.78
C ILE I 327 3.52 -10.70 58.35
N ILE I 328 4.51 -10.69 57.46
CA ILE I 328 4.27 -10.25 56.07
C ILE I 328 4.57 -11.34 55.07
N ARG I 329 3.78 -11.35 54.01
CA ARG I 329 3.66 -12.47 53.10
C ARG I 329 3.78 -11.98 51.66
N PHE I 330 4.51 -12.71 50.85
CA PHE I 330 4.55 -12.48 49.40
C PHE I 330 3.60 -13.45 48.71
N ALA I 331 2.83 -12.95 47.76
CA ALA I 331 1.92 -13.75 46.96
C ALA I 331 2.20 -13.51 45.48
N ASN I 332 1.77 -14.43 44.61
CA ASN I 332 1.96 -14.30 43.18
C ASN I 332 0.98 -13.28 42.57
N SER I 333 1.16 -12.91 41.31
CA SER I 333 0.25 -11.97 40.64
C SER I 333 -1.17 -12.51 40.60
N SER I 334 -2.18 -11.69 40.89
CA SER I 334 -3.55 -12.20 41.11
C SER I 334 -4.26 -12.63 39.81
N GLY I 335 -3.92 -12.03 38.67
CA GLY I 335 -4.55 -12.34 37.38
C GLY I 335 -4.60 -11.15 36.42
N GLY I 336 -4.98 -11.42 35.18
CA GLY I 336 -5.03 -10.43 34.09
C GLY I 336 -4.19 -10.81 32.88
N ASP I 337 -3.75 -9.81 32.13
CA ASP I 337 -3.01 -9.98 30.88
C ASP I 337 -1.63 -10.61 31.08
N LEU I 338 -1.16 -11.36 30.08
CA LEU I 338 0.12 -12.07 30.12
C LEU I 338 1.29 -11.10 30.37
N GLU I 339 1.26 -9.92 29.75
CA GLU I 339 2.26 -8.87 29.87
C GLU I 339 2.47 -8.43 31.33
N VAL I 340 1.42 -8.41 32.16
CA VAL I 340 1.46 -7.94 33.55
C VAL I 340 1.46 -9.07 34.59
N THR I 341 0.80 -10.19 34.33
CA THR I 341 0.79 -11.34 35.24
C THR I 341 2.11 -12.09 35.28
N THR I 342 2.95 -11.96 34.26
CA THR I 342 4.27 -12.62 34.16
C THR I 342 5.39 -11.60 34.19
N HIS I 343 6.61 -12.02 34.48
CA HIS I 343 7.80 -11.19 34.30
C HIS I 343 8.15 -11.10 32.82
N SER I 344 7.40 -10.32 32.06
CA SER I 344 7.65 -10.16 30.63
C SER I 344 8.90 -9.34 30.38
N PHE I 345 9.71 -9.73 29.41
CA PHE I 345 10.95 -9.05 29.02
C PHE I 345 11.47 -9.52 27.66
N ASN I 346 12.61 -9.01 27.22
CA ASN I 346 13.28 -9.41 25.97
C ASN I 346 14.71 -9.90 26.24
N CYS I 347 15.18 -10.94 25.54
CA CYS I 347 16.52 -11.48 25.71
C CYS I 347 17.05 -12.04 24.39
N GLY I 348 18.22 -11.60 23.94
CA GLY I 348 18.83 -12.03 22.69
C GLY I 348 18.00 -11.75 21.41
N GLY I 349 16.89 -11.02 21.53
CA GLY I 349 15.94 -10.77 20.45
C GLY I 349 14.62 -11.54 20.53
N GLU I 350 14.48 -12.52 21.42
CA GLU I 350 13.18 -13.15 21.71
C GLU I 350 12.45 -12.47 22.86
N PHE I 351 11.12 -12.51 22.87
CA PHE I 351 10.28 -11.95 23.92
C PHE I 351 9.73 -13.06 24.80
N PHE I 352 9.99 -12.99 26.11
CA PHE I 352 9.76 -14.06 27.08
C PHE I 352 8.70 -13.65 28.11
N TYR I 353 7.97 -14.61 28.67
CA TYR I 353 6.85 -14.36 29.59
C TYR I 353 6.90 -15.25 30.83
N CYS I 354 8.00 -15.21 31.57
CA CYS I 354 8.28 -16.14 32.66
C CYS I 354 7.31 -16.05 33.85
N ASN I 355 6.90 -17.19 34.38
CA ASN I 355 6.00 -17.30 35.52
C ASN I 355 6.74 -17.08 36.84
N THR I 356 6.51 -15.96 37.51
CA THR I 356 7.14 -15.57 38.79
C THR I 356 6.59 -16.27 40.03
N SER I 357 5.59 -17.14 39.94
CA SER I 357 4.95 -17.74 41.12
C SER I 357 5.88 -18.55 42.02
N GLY I 358 7.04 -18.98 41.53
CA GLY I 358 8.06 -19.66 42.34
C GLY I 358 8.98 -18.72 43.14
N LEU I 359 9.00 -17.42 42.83
CA LEU I 359 9.74 -16.39 43.58
C LEU I 359 8.94 -15.82 44.76
N PHE I 360 7.69 -15.44 44.48
CA PHE I 360 6.80 -14.71 45.36
C PHE I 360 5.81 -15.64 46.04
N ASN I 361 6.31 -16.48 46.96
CA ASN I 361 5.50 -17.47 47.67
C ASN I 361 6.14 -17.83 49.01
N SER I 362 6.09 -16.90 49.98
CA SER I 362 6.68 -17.06 51.31
C SER I 362 5.96 -16.22 52.37
N THR I 363 6.00 -16.63 53.64
CA THR I 363 5.50 -15.85 54.79
C THR I 363 6.59 -15.68 55.84
N TRP I 364 6.81 -14.44 56.30
CA TRP I 364 7.92 -14.09 57.17
C TRP I 364 7.49 -13.72 58.59
N ILE I 365 8.02 -14.46 59.56
CA ILE I 365 7.77 -14.31 60.99
C ILE I 365 8.29 -12.97 61.50
N SER I 366 7.85 -12.50 62.66
CA SER I 366 8.41 -11.32 63.36
C SER I 366 9.80 -11.57 63.96
N ASN I 367 10.25 -12.84 64.04
CA ASN I 367 11.59 -13.27 64.43
C ASN I 367 12.64 -12.97 63.33
N GLY I 377 23.14 -25.76 52.53
CA GLY I 377 22.22 -26.09 51.44
C GLY I 377 21.77 -24.87 50.62
N SER I 378 20.59 -24.97 50.00
CA SER I 378 20.00 -23.96 49.10
C SER I 378 20.86 -23.57 47.89
N ASN I 379 21.77 -24.45 47.47
CA ASN I 379 22.55 -24.30 46.23
C ASN I 379 21.71 -24.58 44.97
N ASP I 380 20.60 -25.30 45.11
CA ASP I 380 19.62 -25.51 44.05
C ASP I 380 18.94 -24.20 43.67
N SER I 381 19.00 -23.82 42.40
CA SER I 381 18.30 -22.64 41.89
C SER I 381 16.80 -22.88 41.77
N ILE I 382 15.97 -21.96 42.24
CA ILE I 382 14.56 -21.94 41.83
C ILE I 382 14.50 -21.61 40.34
N THR I 383 13.57 -22.24 39.62
CA THR I 383 13.52 -22.20 38.15
C THR I 383 12.14 -21.88 37.63
N LEU I 384 12.08 -20.96 36.67
CA LEU I 384 10.85 -20.35 36.19
C LEU I 384 10.60 -20.83 34.76
N PRO I 385 9.44 -21.42 34.45
CA PRO I 385 9.10 -21.76 33.08
C PRO I 385 8.70 -20.51 32.31
N CYS I 386 9.04 -20.41 31.03
CA CYS I 386 8.71 -19.25 30.20
C CYS I 386 8.07 -19.66 28.88
N ARG I 387 6.99 -18.98 28.50
CA ARG I 387 6.47 -19.01 27.14
C ARG I 387 7.13 -17.92 26.31
N ILE I 388 7.08 -18.04 24.99
CA ILE I 388 7.62 -17.08 24.02
C ILE I 388 6.51 -16.66 23.06
N LYS I 389 6.59 -15.44 22.53
CA LYS I 389 5.71 -14.93 21.47
C LYS I 389 6.53 -14.32 20.35
N GLN I 390 5.96 -14.24 19.16
CA GLN I 390 6.56 -13.48 18.07
C GLN I 390 5.69 -12.31 17.68
N ILE I 391 4.37 -12.42 17.75
CA ILE I 391 3.44 -11.32 17.48
C ILE I 391 3.17 -10.54 18.76
N ILE I 392 3.58 -9.28 18.83
CA ILE I 392 3.51 -8.48 20.06
C ILE I 392 3.04 -7.05 19.81
N ASN I 393 2.43 -6.44 20.83
CA ASN I 393 2.06 -5.03 20.86
C ASN I 393 2.91 -4.29 21.90
N MET I 394 3.36 -3.07 21.62
CA MET I 394 3.94 -2.24 22.68
C MET I 394 2.85 -1.95 23.73
N TRP I 395 3.08 -2.27 25.00
CA TRP I 395 1.99 -2.45 25.97
C TRP I 395 1.15 -1.18 26.24
N GLN I 396 1.68 0.00 25.90
CA GLN I 396 1.00 1.29 25.94
C GLN I 396 0.15 1.58 24.66
N ARG I 397 -0.23 0.57 23.89
CA ARG I 397 -0.89 0.71 22.57
C ARG I 397 -1.73 -0.51 22.19
N ILE I 398 -2.66 -0.31 21.25
CA ILE I 398 -3.31 -1.32 20.40
C ILE I 398 -3.50 -0.72 18.98
N GLY I 399 -3.58 -1.55 17.94
CA GLY I 399 -3.81 -1.08 16.56
C GLY I 399 -2.58 -1.10 15.63
N GLN I 400 -1.39 -1.46 16.12
CA GLN I 400 -0.20 -1.71 15.30
C GLN I 400 0.69 -2.76 15.98
N ALA I 401 0.65 -3.99 15.48
CA ALA I 401 1.43 -5.11 16.03
C ALA I 401 2.77 -5.25 15.31
N MET I 402 3.74 -5.88 15.96
CA MET I 402 5.04 -6.23 15.39
C MET I 402 5.19 -7.75 15.33
N TYR I 403 5.79 -8.29 14.27
CA TYR I 403 6.27 -9.67 14.26
C TYR I 403 7.77 -9.66 14.47
N ALA I 404 8.24 -10.23 15.58
CA ALA I 404 9.67 -10.36 15.84
C ALA I 404 10.19 -11.58 15.08
N PRO I 405 11.12 -11.44 14.10
CA PRO I 405 11.60 -12.57 13.31
C PRO I 405 12.34 -13.59 14.20
N PRO I 406 12.35 -14.87 13.83
CA PRO I 406 12.93 -15.93 14.65
C PRO I 406 14.44 -15.85 14.73
N ILE I 407 15.01 -16.30 15.85
CA ILE I 407 16.46 -16.26 16.12
C ILE I 407 17.07 -17.66 16.00
N GLN I 408 18.17 -17.76 15.26
CA GLN I 408 18.95 -18.99 15.05
C GLN I 408 19.59 -19.53 16.33
N GLY I 409 19.97 -20.80 16.34
CA GLY I 409 20.81 -21.36 17.41
C GLY I 409 20.12 -21.43 18.77
N VAL I 410 20.90 -21.38 19.84
CA VAL I 410 20.42 -21.40 21.23
C VAL I 410 20.68 -20.07 21.89
N ILE I 411 19.70 -19.54 22.63
CA ILE I 411 19.81 -18.24 23.33
C ILE I 411 20.21 -18.46 24.78
N ARG I 412 21.09 -17.60 25.29
CA ARG I 412 21.32 -17.39 26.72
C ARG I 412 21.56 -15.91 26.98
N CYS I 413 21.03 -15.37 28.07
CA CYS I 413 21.49 -14.11 28.64
C CYS I 413 21.57 -14.21 30.16
N VAL I 414 22.63 -13.62 30.72
CA VAL I 414 22.93 -13.56 32.16
C VAL I 414 22.72 -12.12 32.58
N SER I 415 21.94 -11.83 33.62
CA SER I 415 21.58 -10.45 33.95
C SER I 415 21.41 -10.22 35.45
N ASN I 416 21.57 -8.98 35.90
CA ASN I 416 21.38 -8.61 37.29
C ASN I 416 19.93 -8.19 37.50
N ILE I 417 19.20 -8.80 38.43
CA ILE I 417 18.00 -8.16 38.97
C ILE I 417 18.45 -7.13 39.98
N THR I 418 17.89 -5.93 39.94
CA THR I 418 18.29 -4.81 40.81
C THR I 418 17.13 -4.15 41.52
N GLY I 419 15.91 -4.64 41.35
CA GLY I 419 14.73 -4.08 42.01
C GLY I 419 13.44 -4.72 41.56
N LEU I 420 12.35 -4.42 42.25
CA LEU I 420 11.04 -5.04 42.09
C LEU I 420 9.96 -3.97 41.96
N ILE I 421 8.88 -4.25 41.25
CA ILE I 421 7.66 -3.43 41.32
C ILE I 421 6.63 -4.21 42.12
N LEU I 422 6.45 -3.88 43.40
CA LEU I 422 5.44 -4.48 44.26
C LEU I 422 4.13 -3.70 44.25
N THR I 423 3.12 -4.31 44.84
CA THR I 423 1.77 -3.82 45.07
C THR I 423 1.28 -4.48 46.35
N ARG I 424 0.35 -3.86 47.08
CA ARG I 424 -0.06 -4.33 48.41
C ARG I 424 -1.56 -4.64 48.44
N ASP I 425 -1.96 -5.74 49.08
CA ASP I 425 -3.36 -6.15 49.20
C ASP I 425 -4.19 -5.32 50.19
N GLY I 426 -3.53 -4.61 51.10
CA GLY I 426 -4.13 -4.03 52.30
C GLY I 426 -4.06 -4.96 53.51
N THR I 433 -1.36 -8.76 59.70
CA THR I 433 -0.56 -9.13 58.53
C THR I 433 -0.72 -8.14 57.36
N GLU I 434 0.32 -8.01 56.55
CA GLU I 434 0.30 -7.32 55.24
C GLU I 434 0.82 -8.27 54.17
N THR I 435 0.24 -8.23 52.98
CA THR I 435 0.67 -9.07 51.85
C THR I 435 0.92 -8.27 50.58
N PHE I 436 1.99 -8.66 49.89
CA PHE I 436 2.65 -7.94 48.82
C PHE I 436 2.80 -8.84 47.60
N ARG I 437 2.57 -8.32 46.40
CA ARG I 437 2.63 -9.08 45.15
C ARG I 437 3.14 -8.23 44.00
N PRO I 438 3.73 -8.81 42.95
CA PRO I 438 4.32 -8.03 41.87
C PRO I 438 3.29 -7.35 40.97
N GLY I 439 3.71 -6.33 40.22
CA GLY I 439 2.87 -5.62 39.24
C GLY I 439 3.68 -4.93 38.13
N GLY I 440 3.21 -3.78 37.64
CA GLY I 440 4.02 -2.83 36.89
C GLY I 440 3.78 -2.71 35.39
N GLY I 441 2.52 -2.75 34.93
CA GLY I 441 2.19 -2.71 33.49
C GLY I 441 2.55 -1.40 32.75
N ASP I 442 2.68 -0.26 33.43
CA ASP I 442 3.23 0.95 32.84
C ASP I 442 4.75 0.90 32.78
N MET I 443 5.34 1.15 31.60
CA MET I 443 6.79 1.06 31.44
C MET I 443 7.55 2.15 32.21
N ARG I 444 6.96 3.32 32.51
CA ARG I 444 7.75 4.44 33.04
C ARG I 444 8.21 4.28 34.49
N ASP I 445 7.72 3.28 35.21
CA ASP I 445 8.34 2.89 36.48
C ASP I 445 9.72 2.25 36.31
N ASN I 446 10.06 1.75 35.12
CA ASN I 446 11.44 1.44 34.80
C ASN I 446 12.26 2.74 34.76
N TRP I 447 11.82 3.76 34.02
CA TRP I 447 12.53 5.05 33.91
C TRP I 447 12.67 5.75 35.27
N ARG I 448 11.61 5.77 36.10
CA ARG I 448 11.66 6.35 37.46
C ARG I 448 12.79 5.79 38.30
N SER I 449 13.08 4.49 38.23
CA SER I 449 14.16 3.92 39.04
C SER I 449 15.55 4.47 38.71
N GLU I 450 15.77 4.98 37.49
CA GLU I 450 17.05 5.59 37.08
C GLU I 450 17.04 7.12 37.27
N LEU I 451 15.93 7.77 36.96
CA LEU I 451 15.77 9.22 36.97
C LEU I 451 15.37 9.79 38.33
N TYR I 452 15.30 8.99 39.40
CA TYR I 452 14.83 9.45 40.71
C TYR I 452 15.66 10.59 41.31
N LYS I 453 16.98 10.56 41.13
CA LYS I 453 17.94 11.49 41.73
C LYS I 453 18.26 12.74 40.91
N TYR I 454 17.52 13.05 39.84
CA TYR I 454 17.82 14.20 38.98
C TYR I 454 16.70 15.23 38.91
N LYS I 455 17.07 16.49 38.76
CA LYS I 455 16.17 17.64 38.61
C LYS I 455 16.70 18.60 37.54
N VAL I 456 15.82 19.16 36.72
CA VAL I 456 16.18 20.11 35.66
C VAL I 456 15.82 21.54 36.10
N VAL I 457 16.76 22.46 36.08
CA VAL I 457 16.53 23.87 36.46
C VAL I 457 16.94 24.82 35.36
N LYS I 458 16.30 25.98 35.24
CA LYS I 458 16.72 27.07 34.35
C LYS I 458 17.47 28.12 35.14
N ILE I 459 18.60 28.58 34.63
CA ILE I 459 19.41 29.61 35.27
C ILE I 459 18.78 30.96 35.00
N GLU I 460 18.73 31.84 36.00
CA GLU I 460 18.17 33.19 35.86
C GLU I 460 19.24 34.25 36.18
N PRO I 461 20.12 34.54 35.22
CA PRO I 461 21.41 35.15 35.50
C PRO I 461 21.38 36.66 35.75
N LEU I 462 20.24 37.34 35.65
CA LEU I 462 20.12 38.75 36.02
C LEU I 462 19.65 38.90 37.45
N GLY I 463 20.31 39.75 38.22
CA GLY I 463 19.95 40.04 39.61
C GLY I 463 20.18 41.50 39.94
N VAL I 464 19.38 42.03 40.85
CA VAL I 464 19.51 43.42 41.31
C VAL I 464 19.51 43.51 42.82
N ALA I 465 20.36 44.35 43.36
CA ALA I 465 20.56 44.47 44.81
C ALA I 465 21.05 45.88 45.17
N PRO I 466 20.82 46.36 46.39
CA PRO I 466 21.22 47.69 46.81
C PRO I 466 22.71 47.76 47.06
N THR I 467 23.33 48.87 46.66
CA THR I 467 24.60 49.29 47.25
C THR I 467 24.79 50.80 47.06
N ARG I 468 25.76 51.41 47.72
CA ARG I 468 26.03 52.85 47.69
C ARG I 468 26.77 53.32 46.43
N CYS I 469 26.90 52.48 45.42
CA CYS I 469 27.39 52.88 44.10
C CYS I 469 26.33 53.64 43.29
N LYS I 470 26.26 54.97 43.41
CA LYS I 470 25.51 55.80 42.47
C LYS I 470 26.23 55.84 41.12
N ARG I 471 25.52 55.81 39.98
CA ARG I 471 26.15 56.03 38.66
C ARG I 471 26.66 57.47 38.53
N ARG I 472 27.78 57.65 37.80
CA ARG I 472 28.39 58.96 37.47
C ARG I 472 28.58 59.88 38.69
N GLU J 1 11.47 -50.93 39.91
CA GLU J 1 12.76 -51.00 39.17
C GLU J 1 12.50 -51.06 37.65
N VAL J 2 13.42 -50.53 36.84
CA VAL J 2 13.33 -50.51 35.36
C VAL J 2 13.38 -51.92 34.77
N GLN J 3 12.56 -52.20 33.76
CA GLN J 3 12.70 -53.40 32.94
C GLN J 3 12.22 -53.16 31.49
N LEU J 4 12.96 -53.73 30.53
CA LEU J 4 12.64 -53.78 29.10
C LEU J 4 12.41 -55.24 28.68
N ALA J 5 11.45 -55.49 27.78
CA ALA J 5 11.17 -56.86 27.32
C ALA J 5 10.70 -56.89 25.86
N GLU J 6 11.12 -57.90 25.09
CA GLU J 6 10.93 -57.96 23.64
C GLU J 6 10.13 -59.16 23.16
N SER J 7 9.37 -59.00 22.07
CA SER J 7 8.55 -60.01 21.39
C SER J 7 8.55 -59.82 19.86
N GLY J 8 8.15 -60.85 19.10
CA GLY J 8 8.14 -60.82 17.63
C GLY J 8 9.29 -61.56 16.95
N GLY J 9 10.08 -62.34 17.69
CA GLY J 9 11.13 -63.21 17.13
C GLY J 9 10.60 -64.36 16.28
N GLY J 10 11.49 -65.05 15.55
CA GLY J 10 11.10 -66.21 14.74
C GLY J 10 12.05 -66.58 13.59
N LEU J 11 11.56 -67.46 12.71
CA LEU J 11 12.17 -67.89 11.45
C LEU J 11 11.52 -67.17 10.26
N THR J 12 12.32 -66.82 9.25
CA THR J 12 11.83 -66.37 7.93
C THR J 12 12.78 -66.79 6.81
N LYS J 13 12.24 -66.95 5.59
CA LYS J 13 12.99 -66.99 4.34
C LYS J 13 13.63 -65.63 3.99
N PRO J 14 14.65 -65.59 3.13
CA PRO J 14 15.23 -64.34 2.61
C PRO J 14 14.19 -63.47 1.89
N GLY J 15 14.44 -62.17 1.79
CA GLY J 15 13.51 -61.18 1.24
C GLY J 15 12.27 -60.89 2.09
N GLY J 16 11.96 -61.74 3.07
CA GLY J 16 10.82 -61.57 3.98
C GLY J 16 10.89 -60.32 4.86
N SER J 17 9.78 -60.07 5.56
CA SER J 17 9.65 -59.03 6.59
C SER J 17 9.27 -59.61 7.96
N LEU J 18 9.70 -58.94 9.03
CA LEU J 18 9.36 -59.21 10.43
C LEU J 18 9.20 -57.88 11.16
N ARG J 19 8.31 -57.82 12.17
CA ARG J 19 8.24 -56.67 13.08
C ARG J 19 8.53 -57.11 14.51
N LEU J 20 9.58 -56.56 15.09
CA LEU J 20 9.95 -56.73 16.49
C LEU J 20 9.22 -55.70 17.36
N SER J 21 8.86 -56.08 18.58
CA SER J 21 8.34 -55.19 19.62
C SER J 21 9.24 -55.23 20.86
N CYS J 22 9.48 -54.09 21.48
CA CYS J 22 10.12 -53.93 22.78
C CYS J 22 9.19 -53.06 23.64
N ALA J 23 8.93 -53.48 24.87
CA ALA J 23 7.98 -52.86 25.79
C ALA J 23 8.69 -52.32 27.04
N ALA J 24 8.25 -51.16 27.53
CA ALA J 24 8.95 -50.38 28.55
C ALA J 24 8.19 -50.29 29.88
N SER J 25 8.84 -50.61 30.99
CA SER J 25 8.23 -50.59 32.33
C SER J 25 9.19 -50.06 33.39
N GLY J 26 8.66 -49.32 34.37
CA GLY J 26 9.44 -48.76 35.48
C GLY J 26 10.08 -47.39 35.22
N PHE J 27 9.76 -46.71 34.11
CA PHE J 27 10.22 -45.36 33.80
C PHE J 27 9.27 -44.62 32.85
N THR J 28 9.43 -43.30 32.71
CA THR J 28 8.64 -42.53 31.75
C THR J 28 9.21 -42.68 30.35
N PHE J 29 8.67 -43.57 29.55
CA PHE J 29 9.26 -43.93 28.26
C PHE J 29 9.36 -42.78 27.26
N SER J 30 8.47 -41.79 27.29
CA SER J 30 8.57 -40.61 26.42
C SER J 30 9.67 -39.61 26.81
N ASP J 31 10.45 -39.87 27.85
CA ASP J 31 11.62 -39.08 28.28
C ASP J 31 12.97 -39.67 27.84
N PHE J 32 13.00 -40.71 27.01
CA PHE J 32 14.24 -41.40 26.64
C PHE J 32 14.38 -41.66 25.15
N TYR J 33 15.58 -41.49 24.60
CA TYR J 33 15.99 -42.13 23.36
C TYR J 33 16.03 -43.64 23.54
N MET J 34 15.90 -44.42 22.48
CA MET J 34 15.96 -45.89 22.53
C MET J 34 16.73 -46.45 21.35
N ASP J 35 17.44 -47.56 21.56
CA ASP J 35 18.29 -48.21 20.58
C ASP J 35 17.94 -49.67 20.41
N TRP J 36 18.12 -50.18 19.19
CA TRP J 36 18.22 -51.62 18.90
C TRP J 36 19.67 -51.96 18.61
N VAL J 37 20.18 -52.99 19.26
CA VAL J 37 21.54 -53.50 19.10
C VAL J 37 21.45 -55.01 18.99
N ARG J 38 22.15 -55.65 18.05
CA ARG J 38 22.02 -57.08 17.79
C ARG J 38 23.31 -57.79 18.06
N GLN J 39 23.22 -59.04 18.47
CA GLN J 39 24.38 -59.88 18.66
C GLN J 39 24.35 -61.00 17.66
N THR J 40 25.38 -61.06 16.83
CA THR J 40 25.57 -62.16 15.89
C THR J 40 26.55 -63.14 16.54
N PRO J 41 26.26 -64.46 16.57
CA PRO J 41 27.16 -65.43 17.20
C PRO J 41 28.60 -65.46 16.65
N GLY J 42 28.84 -64.87 15.48
CA GLY J 42 30.17 -64.63 14.90
C GLY J 42 30.85 -63.41 15.51
N LYS J 43 30.68 -62.25 14.85
CA LYS J 43 31.29 -60.94 15.17
C LYS J 43 31.05 -60.45 16.61
N GLY J 44 30.01 -60.90 17.30
CA GLY J 44 29.54 -60.27 18.54
C GLY J 44 28.58 -59.12 18.25
N LEU J 45 28.67 -58.06 19.04
CA LEU J 45 27.71 -56.95 19.08
C LEU J 45 27.82 -56.03 17.85
N GLU J 46 26.67 -55.66 17.27
CA GLU J 46 26.54 -54.67 16.20
C GLU J 46 25.38 -53.74 16.52
N TRP J 47 25.59 -52.42 16.44
CA TRP J 47 24.52 -51.45 16.59
C TRP J 47 23.62 -51.41 15.37
N VAL J 48 22.30 -51.41 15.55
CA VAL J 48 21.33 -51.48 14.43
C VAL J 48 20.67 -50.15 14.18
N SER J 49 20.08 -49.52 15.20
CA SER J 49 19.30 -48.30 15.04
C SER J 49 19.08 -47.52 16.34
N ARG J 50 18.79 -46.21 16.24
CA ARG J 50 18.42 -45.31 17.34
C ARG J 50 17.21 -44.46 16.98
N ILE J 51 16.34 -44.15 17.94
CA ILE J 51 15.24 -43.20 17.79
C ILE J 51 15.20 -42.22 18.96
N ASN J 52 14.97 -40.94 18.72
CA ASN J 52 14.89 -39.96 19.81
C ASN J 52 13.57 -40.08 20.59
N ASN J 53 13.40 -39.31 21.67
CA ASN J 53 12.29 -39.52 22.61
C ASN J 53 10.92 -39.29 21.99
N ASP J 54 10.74 -38.28 21.14
CA ASP J 54 9.45 -38.01 20.47
C ASP J 54 9.30 -38.71 19.10
N GLY J 55 10.36 -39.38 18.62
CA GLY J 55 10.36 -40.09 17.35
C GLY J 55 10.48 -39.23 16.09
N ARG J 56 10.71 -37.92 16.20
CA ARG J 56 11.02 -37.08 15.03
C ARG J 56 12.33 -37.46 14.34
N ASN J 57 13.29 -38.06 15.03
CA ASN J 57 14.64 -38.32 14.52
C ASN J 57 15.03 -39.78 14.68
N LYS J 58 15.63 -40.36 13.64
CA LYS J 58 15.96 -41.79 13.57
C LYS J 58 17.32 -41.98 12.92
N TRP J 59 18.07 -42.99 13.35
CA TRP J 59 19.38 -43.34 12.81
C TRP J 59 19.51 -44.85 12.62
N TYR J 60 20.34 -45.27 11.66
CA TYR J 60 20.59 -46.67 11.35
C TYR J 60 22.06 -46.90 11.02
N ALA J 61 22.56 -48.12 11.23
CA ALA J 61 23.83 -48.51 10.66
C ALA J 61 23.71 -48.68 9.14
N ASP J 62 24.81 -48.48 8.42
CA ASP J 62 24.85 -48.61 6.96
C ASP J 62 24.34 -49.96 6.45
N SER J 63 24.60 -51.05 7.19
CA SER J 63 24.22 -52.41 6.82
C SER J 63 22.71 -52.68 6.83
N VAL J 64 21.91 -51.75 7.36
CA VAL J 64 20.46 -51.90 7.52
C VAL J 64 19.66 -50.67 7.09
N ARG J 65 20.33 -49.58 6.66
CA ARG J 65 19.65 -48.36 6.18
C ARG J 65 18.73 -48.72 5.00
N GLY J 66 17.56 -48.08 4.95
CA GLY J 66 16.51 -48.38 3.98
C GLY J 66 15.74 -49.67 4.27
N ARG J 67 16.43 -50.79 4.53
CA ARG J 67 15.80 -52.09 4.74
C ARG J 67 14.93 -52.15 6.00
N PHE J 68 15.41 -51.56 7.09
CA PHE J 68 14.70 -51.54 8.37
C PHE J 68 14.15 -50.15 8.66
N THR J 69 13.06 -50.05 9.40
CA THR J 69 12.62 -48.79 10.03
C THR J 69 12.35 -48.98 11.51
N VAL J 70 12.80 -48.05 12.34
CA VAL J 70 12.55 -48.02 13.78
C VAL J 70 11.42 -47.04 14.08
N SER J 71 10.49 -47.38 14.96
CA SER J 71 9.41 -46.45 15.32
C SER J 71 8.87 -46.74 16.70
N ARG J 72 8.17 -45.79 17.31
CA ARG J 72 7.73 -45.89 18.71
C ARG J 72 6.34 -45.33 18.91
N GLU J 73 5.61 -45.90 19.86
CA GLU J 73 4.30 -45.43 20.31
C GLU J 73 4.42 -45.09 21.79
N ASN J 74 4.67 -43.80 22.08
CA ASN J 74 4.89 -43.29 23.43
C ASN J 74 3.68 -43.50 24.34
N ALA J 75 2.47 -43.31 23.80
CA ALA J 75 1.21 -43.52 24.51
C ALA J 75 1.03 -44.97 25.02
N LYS J 76 1.77 -45.92 24.42
CA LYS J 76 1.67 -47.37 24.63
C LYS J 76 2.94 -47.97 25.26
N ASN J 77 3.89 -47.14 25.72
CA ASN J 77 5.20 -47.59 26.25
C ASN J 77 5.91 -48.62 25.35
N THR J 78 5.85 -48.48 24.03
CA THR J 78 6.31 -49.54 23.12
C THR J 78 7.12 -49.01 21.93
N LEU J 79 8.17 -49.75 21.58
CA LEU J 79 9.14 -49.49 20.52
C LEU J 79 9.12 -50.65 19.53
N TYR J 80 9.18 -50.39 18.22
CA TYR J 80 9.20 -51.39 17.17
C TYR J 80 10.39 -51.25 16.24
N LEU J 81 10.89 -52.37 15.74
CA LEU J 81 11.72 -52.41 14.54
C LEU J 81 10.96 -53.18 13.48
N GLN J 82 10.61 -52.53 12.39
CA GLN J 82 10.09 -53.17 11.18
C GLN J 82 11.26 -53.50 10.28
N MET J 83 11.47 -54.79 10.03
CA MET J 83 12.50 -55.28 9.14
C MET J 83 11.88 -55.73 7.84
N ASP J 84 12.43 -55.27 6.72
CA ASP J 84 12.08 -55.68 5.36
C ASP J 84 13.34 -56.13 4.61
N SER J 85 13.17 -56.91 3.55
CA SER J 85 14.29 -57.35 2.69
C SER J 85 15.39 -58.05 3.49
N LEU J 86 14.99 -58.96 4.38
CA LEU J 86 15.90 -59.69 5.26
C LEU J 86 16.86 -60.60 4.48
N ARG J 87 18.05 -60.79 5.03
CA ARG J 87 19.13 -61.62 4.46
C ARG J 87 19.67 -62.56 5.54
N ALA J 88 20.34 -63.65 5.18
CA ALA J 88 20.87 -64.59 6.18
C ALA J 88 21.79 -63.93 7.22
N GLU J 89 22.53 -62.89 6.83
CA GLU J 89 23.36 -62.05 7.69
C GLU J 89 22.60 -61.40 8.86
N ASP J 90 21.31 -61.10 8.70
CA ASP J 90 20.48 -60.55 9.77
C ASP J 90 20.15 -61.57 10.87
N THR J 91 20.50 -62.84 10.71
CA THR J 91 20.37 -63.84 11.78
C THR J 91 21.18 -63.43 13.00
N ALA J 92 20.51 -63.27 14.13
CA ALA J 92 21.07 -62.70 15.35
C ALA J 92 20.08 -62.83 16.51
N VAL J 93 20.53 -62.53 17.73
CA VAL J 93 19.62 -62.05 18.77
C VAL J 93 19.51 -60.54 18.61
N TYR J 94 18.33 -59.96 18.74
CA TYR J 94 18.15 -58.51 18.78
C TYR J 94 17.77 -58.10 20.21
N TYR J 95 18.48 -57.10 20.75
CA TYR J 95 18.24 -56.49 22.06
C TYR J 95 17.79 -55.06 21.87
N CYS J 96 16.80 -54.59 22.62
CA CYS J 96 16.60 -53.14 22.79
C CYS J 96 17.36 -52.65 24.03
N ALA J 97 17.78 -51.39 24.03
CA ALA J 97 18.40 -50.78 25.19
C ALA J 97 18.05 -49.29 25.29
N ARG J 98 18.01 -48.76 26.51
CA ARG J 98 17.65 -47.36 26.78
C ARG J 98 18.85 -46.42 26.65
N ASP J 99 18.66 -45.27 26.02
CA ASP J 99 19.74 -44.32 25.72
C ASP J 99 19.53 -42.97 26.45
N ARG J 100 19.86 -41.83 25.85
CA ARG J 100 19.89 -40.49 26.44
C ARG J 100 18.58 -40.16 27.14
N PRO J 101 18.58 -39.68 28.38
CA PRO J 101 17.41 -39.05 28.99
C PRO J 101 17.23 -37.60 28.55
N VAL J 102 15.98 -37.15 28.48
CA VAL J 102 15.58 -35.77 28.15
C VAL J 102 14.54 -35.24 29.15
N TYR J 103 15.00 -34.67 30.26
CA TYR J 103 14.16 -34.04 31.28
C TYR J 103 13.78 -32.60 30.88
N ARG J 104 12.82 -31.95 31.55
CA ARG J 104 12.13 -30.77 30.99
C ARG J 104 13.02 -29.57 30.66
N TYR J 105 14.16 -29.39 31.32
CA TYR J 105 15.09 -28.30 31.08
C TYR J 105 16.49 -28.76 30.62
N TRP J 106 16.77 -30.07 30.51
CA TRP J 106 18.12 -30.59 30.31
C TRP J 106 18.14 -31.96 29.64
N SER J 107 19.18 -32.24 28.86
CA SER J 107 19.44 -33.55 28.25
C SER J 107 20.81 -34.10 28.65
N GLY J 108 20.86 -35.37 29.03
CA GLY J 108 22.11 -36.02 29.43
C GLY J 108 22.94 -36.59 28.28
N GLY J 109 23.97 -37.34 28.63
CA GLY J 109 24.79 -38.01 27.65
C GLY J 109 24.16 -39.30 27.13
N TYR J 110 24.82 -39.92 26.15
CA TYR J 110 24.43 -41.17 25.53
C TYR J 110 24.71 -42.40 26.40
N HIS J 111 23.91 -43.45 26.26
CA HIS J 111 23.92 -44.66 27.08
C HIS J 111 23.36 -45.87 26.31
N LEU J 112 23.64 -47.08 26.78
CA LEU J 112 22.89 -48.28 26.44
C LEU J 112 22.65 -49.05 27.73
N ASP J 113 21.70 -48.63 28.56
CA ASP J 113 21.43 -49.31 29.83
C ASP J 113 20.06 -49.01 30.40
N PRO J 114 19.24 -50.01 30.79
CA PRO J 114 19.46 -51.44 30.64
C PRO J 114 19.11 -51.97 29.25
N TRP J 115 19.42 -53.25 29.05
CA TRP J 115 19.14 -54.04 27.85
C TRP J 115 18.00 -55.00 28.13
N GLY J 116 17.09 -55.19 27.19
CA GLY J 116 16.03 -56.19 27.34
C GLY J 116 16.52 -57.64 27.35
N GLN J 117 15.61 -58.60 27.49
CA GLN J 117 15.96 -60.02 27.51
C GLN J 117 16.40 -60.53 26.13
N GLY J 118 16.02 -59.82 25.06
CA GLY J 118 16.35 -60.11 23.67
C GLY J 118 15.45 -61.15 23.01
N VAL J 119 15.37 -61.08 21.68
CA VAL J 119 14.56 -61.96 20.83
C VAL J 119 15.42 -62.56 19.73
N VAL J 120 15.21 -63.83 19.41
CA VAL J 120 15.94 -64.56 18.36
C VAL J 120 15.34 -64.29 16.98
N VAL J 121 16.17 -64.05 15.98
CA VAL J 121 15.75 -63.93 14.58
C VAL J 121 16.62 -64.84 13.72
N THR J 122 16.01 -65.74 12.96
CA THR J 122 16.71 -66.64 12.02
C THR J 122 16.24 -66.39 10.61
N VAL J 123 17.16 -66.11 9.67
CA VAL J 123 16.82 -65.90 8.27
C VAL J 123 17.50 -66.99 7.43
N SER J 124 16.71 -67.89 6.82
CA SER J 124 17.22 -68.97 5.97
C SER J 124 16.11 -69.60 5.11
N SER J 125 16.48 -70.14 3.95
CA SER J 125 15.53 -70.71 2.98
C SER J 125 15.19 -72.20 3.22
N ALA J 126 15.85 -72.88 4.16
CA ALA J 126 15.64 -74.30 4.46
C ALA J 126 14.24 -74.62 5.04
N SER J 127 13.80 -75.87 4.88
CA SER J 127 12.50 -76.39 5.35
C SER J 127 12.45 -76.68 6.86
N THR J 128 11.25 -76.76 7.44
CA THR J 128 11.06 -77.25 8.81
C THR J 128 11.24 -78.77 8.84
N LYS J 129 12.47 -79.23 9.11
CA LYS J 129 12.95 -80.58 8.86
C LYS J 129 13.22 -81.36 10.15
N GLY J 130 12.66 -82.56 10.26
CA GLY J 130 12.91 -83.48 11.38
C GLY J 130 14.28 -84.15 11.30
N PRO J 131 14.95 -84.40 12.45
CA PRO J 131 16.31 -84.93 12.50
C PRO J 131 16.44 -86.38 12.01
N SER J 132 17.58 -86.67 11.37
CA SER J 132 18.18 -88.01 11.37
C SER J 132 18.84 -88.24 12.72
N VAL J 133 18.91 -89.48 13.20
CA VAL J 133 19.50 -89.81 14.50
C VAL J 133 20.38 -91.04 14.38
N PHE J 134 21.71 -90.81 14.38
CA PHE J 134 22.72 -91.83 14.17
C PHE J 134 23.40 -92.23 15.49
N PRO J 135 23.29 -93.49 15.94
CA PRO J 135 24.06 -93.98 17.08
C PRO J 135 25.56 -93.89 16.83
N LEU J 136 26.27 -93.15 17.67
CA LEU J 136 27.72 -93.20 17.74
C LEU J 136 28.07 -94.30 18.74
N ALA J 137 27.99 -95.55 18.28
CA ALA J 137 28.12 -96.70 19.17
C ALA J 137 29.48 -96.70 19.91
N PRO J 138 29.55 -97.24 21.15
CA PRO J 138 30.83 -97.44 21.82
C PRO J 138 31.77 -98.32 20.97
N SER J 139 33.05 -97.92 20.82
CA SER J 139 34.06 -98.79 20.19
C SER J 139 34.29 -100.04 21.04
N SER J 140 34.40 -101.23 20.45
CA SER J 140 34.71 -102.46 21.20
C SER J 140 36.09 -102.39 21.84
N ARG J 141 37.06 -101.75 21.18
CA ARG J 141 38.39 -101.48 21.76
C ARG J 141 38.27 -100.67 23.05
N SER J 142 37.57 -99.54 23.04
CA SER J 142 37.35 -98.76 24.27
C SER J 142 36.49 -99.53 25.29
N THR J 143 35.49 -100.30 24.83
CA THR J 143 34.65 -101.14 25.69
C THR J 143 35.45 -102.19 26.45
N SER J 144 36.60 -102.62 25.92
CA SER J 144 37.51 -103.53 26.64
C SER J 144 38.21 -102.87 27.86
N GLU J 145 38.29 -101.54 27.90
CA GLU J 145 38.89 -100.78 29.01
C GLU J 145 37.93 -100.64 30.20
N SER J 146 38.43 -100.21 31.36
CA SER J 146 37.64 -99.95 32.57
C SER J 146 36.47 -98.98 32.33
N THR J 147 36.72 -97.89 31.60
CA THR J 147 35.76 -96.83 31.28
C THR J 147 35.75 -96.54 29.78
N ALA J 148 34.55 -96.33 29.23
CA ALA J 148 34.29 -96.09 27.82
C ALA J 148 33.33 -94.89 27.62
N ALA J 149 33.09 -94.55 26.36
CA ALA J 149 32.11 -93.55 25.96
C ALA J 149 31.30 -94.02 24.75
N LEU J 150 30.20 -93.33 24.51
CA LEU J 150 29.31 -93.49 23.37
C LEU J 150 28.59 -92.17 23.09
N GLY J 151 27.92 -92.05 21.95
CA GLY J 151 27.21 -90.84 21.59
C GLY J 151 26.11 -91.03 20.57
N CYS J 152 25.56 -89.92 20.13
CA CYS J 152 24.39 -89.88 19.25
C CYS J 152 24.45 -88.61 18.42
N LEU J 153 24.62 -88.78 17.10
CA LEU J 153 24.74 -87.69 16.15
C LEU J 153 23.35 -87.39 15.57
N VAL J 154 22.78 -86.28 15.99
CA VAL J 154 21.44 -85.82 15.63
C VAL J 154 21.63 -84.78 14.55
N LYS J 155 21.03 -84.96 13.38
CA LYS J 155 21.59 -84.36 12.15
C LYS J 155 20.55 -83.94 11.12
N ASP J 156 20.88 -82.87 10.40
CA ASP J 156 20.13 -82.33 9.27
C ASP J 156 18.67 -82.00 9.62
N TYR J 157 18.45 -81.51 10.83
CA TYR J 157 17.19 -80.88 11.22
C TYR J 157 17.29 -79.37 11.00
N PHE J 158 16.13 -78.73 10.85
CA PHE J 158 16.04 -77.28 10.83
C PHE J 158 14.64 -76.81 11.26
N PRO J 159 14.50 -75.63 11.89
CA PRO J 159 15.55 -74.90 12.58
C PRO J 159 15.98 -75.65 13.87
N GLU J 160 16.93 -75.09 14.60
CA GLU J 160 17.13 -75.40 16.02
C GLU J 160 15.89 -75.05 16.87
N PRO J 161 15.71 -75.66 18.06
CA PRO J 161 16.63 -76.60 18.71
C PRO J 161 16.28 -78.08 18.51
N VAL J 162 17.27 -78.93 18.74
CA VAL J 162 17.02 -80.30 19.23
C VAL J 162 17.52 -80.39 20.66
N THR J 163 16.71 -80.94 21.55
CA THR J 163 17.11 -81.22 22.93
C THR J 163 17.41 -82.71 23.06
N VAL J 164 18.57 -83.07 23.60
CA VAL J 164 19.07 -84.46 23.62
C VAL J 164 19.56 -84.85 25.00
N SER J 165 19.22 -86.05 25.45
CA SER J 165 19.59 -86.59 26.77
C SER J 165 19.61 -88.12 26.78
N TRP J 166 20.22 -88.71 27.81
CA TRP J 166 20.55 -90.14 27.86
C TRP J 166 19.65 -90.97 28.76
N ASN J 167 19.28 -92.15 28.26
CA ASN J 167 18.68 -93.27 28.96
C ASN J 167 17.39 -92.87 29.71
N SER J 168 16.30 -92.77 28.95
CA SER J 168 15.02 -92.16 29.40
C SER J 168 15.16 -90.71 29.88
N GLY J 169 16.21 -90.01 29.44
CA GLY J 169 16.61 -88.68 29.92
C GLY J 169 17.09 -88.64 31.38
N SER J 170 17.41 -89.79 32.00
CA SER J 170 17.73 -89.90 33.42
C SER J 170 19.22 -89.85 33.76
N LEU J 171 20.13 -90.00 32.77
CA LEU J 171 21.57 -90.19 33.00
C LEU J 171 22.40 -88.92 32.74
N THR J 172 23.37 -88.63 33.62
CA THR J 172 24.17 -87.37 33.65
C THR J 172 25.69 -87.55 33.50
N SER J 173 26.21 -88.79 33.49
CA SER J 173 27.64 -89.14 33.59
C SER J 173 28.51 -88.63 32.43
N GLY J 174 29.28 -87.56 32.65
CA GLY J 174 30.09 -86.94 31.59
C GLY J 174 29.26 -86.55 30.36
N VAL J 175 28.00 -86.16 30.57
CA VAL J 175 27.09 -85.84 29.46
C VAL J 175 27.50 -84.53 28.80
N HIS J 176 27.76 -84.59 27.49
CA HIS J 176 28.03 -83.40 26.65
C HIS J 176 27.11 -83.44 25.43
N THR J 177 25.91 -82.88 25.57
CA THR J 177 25.10 -82.45 24.42
C THR J 177 25.74 -81.19 23.85
N PHE J 178 26.53 -81.35 22.79
CA PHE J 178 27.40 -80.30 22.25
C PHE J 178 26.62 -79.12 21.63
N PRO J 179 27.27 -77.95 21.47
CA PRO J 179 26.77 -76.89 20.60
C PRO J 179 26.65 -77.36 19.15
N ALA J 180 25.53 -77.06 18.50
CA ALA J 180 25.27 -77.52 17.14
C ALA J 180 26.13 -76.82 16.08
N VAL J 181 26.56 -77.59 15.08
CA VAL J 181 27.19 -77.11 13.83
C VAL J 181 26.08 -76.77 12.84
N LEU J 182 26.14 -75.59 12.21
CA LEU J 182 25.39 -75.31 10.99
C LEU J 182 26.19 -75.85 9.80
N GLN J 183 25.73 -76.98 9.26
CA GLN J 183 26.42 -77.71 8.20
C GLN J 183 26.21 -77.01 6.85
N SER J 184 27.05 -77.27 5.85
CA SER J 184 26.88 -76.72 4.49
C SER J 184 25.61 -77.21 3.78
N SER J 185 24.88 -78.17 4.36
CA SER J 185 23.50 -78.51 3.97
C SER J 185 22.49 -77.37 4.21
N GLY J 186 22.86 -76.33 4.96
CA GLY J 186 21.93 -75.28 5.42
C GLY J 186 21.08 -75.74 6.62
N LEU J 187 21.44 -76.87 7.22
CA LEU J 187 20.70 -77.56 8.29
C LEU J 187 21.62 -77.77 9.49
N TYR J 188 21.06 -77.86 10.68
CA TYR J 188 21.82 -78.04 11.91
C TYR J 188 22.08 -79.51 12.25
N SER J 189 23.16 -79.75 12.98
CA SER J 189 23.47 -81.03 13.59
C SER J 189 24.24 -80.86 14.90
N LEU J 190 24.06 -81.77 15.85
CA LEU J 190 24.88 -81.86 17.06
C LEU J 190 25.15 -83.32 17.41
N SER J 191 26.26 -83.57 18.09
CA SER J 191 26.44 -84.80 18.86
C SER J 191 25.96 -84.62 20.30
N SER J 192 25.48 -85.70 20.91
CA SER J 192 25.50 -85.87 22.36
C SER J 192 26.41 -87.05 22.71
N VAL J 193 27.00 -87.04 23.88
CA VAL J 193 27.83 -88.13 24.41
C VAL J 193 27.60 -88.35 25.90
N VAL J 194 27.97 -89.53 26.37
CA VAL J 194 27.95 -89.95 27.77
C VAL J 194 29.14 -90.89 28.03
N THR J 195 29.77 -90.79 29.20
CA THR J 195 30.99 -91.55 29.53
C THR J 195 30.80 -92.38 30.80
N VAL J 196 31.01 -93.70 30.74
CA VAL J 196 30.60 -94.63 31.81
C VAL J 196 31.57 -95.82 31.92
N PRO J 197 31.65 -96.51 33.08
CA PRO J 197 32.36 -97.77 33.20
C PRO J 197 31.82 -98.81 32.21
N SER J 198 32.69 -99.52 31.51
CA SER J 198 32.30 -100.24 30.28
C SER J 198 31.30 -101.38 30.51
N SER J 199 31.36 -102.03 31.68
CA SER J 199 30.41 -103.08 32.08
C SER J 199 28.98 -102.56 32.30
N SER J 200 28.78 -101.24 32.36
CA SER J 200 27.42 -100.66 32.39
C SER J 200 26.64 -100.95 31.11
N LEU J 201 27.33 -101.06 29.96
CA LEU J 201 26.71 -101.26 28.65
C LEU J 201 25.92 -102.59 28.60
N GLY J 202 24.61 -102.50 28.42
CA GLY J 202 23.67 -103.63 28.45
C GLY J 202 23.23 -104.04 29.86
N THR J 203 24.00 -103.69 30.90
CA THR J 203 23.52 -103.69 32.31
C THR J 203 22.55 -102.52 32.55
N GLN J 204 22.67 -101.45 31.76
CA GLN J 204 21.60 -100.53 31.37
C GLN J 204 21.53 -100.43 29.83
N THR J 205 20.35 -100.23 29.24
CA THR J 205 20.21 -99.99 27.80
C THR J 205 20.56 -98.54 27.46
N TYR J 206 21.56 -98.32 26.61
CA TYR J 206 22.03 -96.97 26.30
C TYR J 206 21.27 -96.39 25.12
N VAL J 207 20.63 -95.24 25.33
CA VAL J 207 19.66 -94.63 24.42
C VAL J 207 19.80 -93.12 24.43
N CYS J 208 19.81 -92.49 23.26
CA CYS J 208 19.60 -91.05 23.18
C CYS J 208 18.12 -90.75 22.93
N ASN J 209 17.53 -90.03 23.87
CA ASN J 209 16.21 -89.44 23.78
C ASN J 209 16.34 -88.07 23.11
N VAL J 210 15.51 -87.80 22.08
CA VAL J 210 15.64 -86.64 21.20
C VAL J 210 14.27 -86.01 20.97
N ASN J 211 14.17 -84.68 21.00
CA ASN J 211 13.00 -83.94 20.51
C ASN J 211 13.43 -82.78 19.60
N HIS J 212 12.72 -82.59 18.48
CA HIS J 212 12.82 -81.43 17.59
C HIS J 212 11.63 -80.50 17.79
N LYS J 213 11.69 -79.63 18.79
CA LYS J 213 10.60 -78.74 19.22
C LYS J 213 9.84 -78.00 18.11
N PRO J 214 10.46 -77.47 17.03
CA PRO J 214 9.76 -76.73 15.96
C PRO J 214 8.66 -77.54 15.24
N SER J 215 8.76 -78.87 15.22
CA SER J 215 7.73 -79.80 14.69
C SER J 215 7.25 -80.82 15.76
N ASN J 216 7.83 -80.78 16.96
CA ASN J 216 7.75 -81.79 18.03
C ASN J 216 7.92 -83.26 17.57
N THR J 217 8.67 -83.48 16.48
CA THR J 217 9.13 -84.81 16.06
C THR J 217 10.16 -85.33 17.06
N LYS J 218 9.99 -86.56 17.57
CA LYS J 218 10.81 -87.14 18.64
C LYS J 218 11.27 -88.57 18.35
N VAL J 219 12.44 -88.93 18.88
CA VAL J 219 13.16 -90.19 18.60
C VAL J 219 13.83 -90.72 19.87
N ASP J 220 13.86 -92.04 20.03
CA ASP J 220 14.44 -92.75 21.18
C ASP J 220 15.35 -93.89 20.68
N LYS J 221 16.59 -93.55 20.27
CA LYS J 221 17.47 -94.44 19.48
C LYS J 221 18.52 -95.11 20.36
N ARG J 222 18.66 -96.44 20.29
CA ARG J 222 19.62 -97.24 21.10
C ARG J 222 21.05 -97.20 20.55
N VAL J 223 22.05 -97.28 21.44
CA VAL J 223 23.46 -96.97 21.17
C VAL J 223 24.40 -97.97 21.87
N GLU J 224 24.50 -99.18 21.32
CA GLU J 224 25.29 -100.29 21.87
C GLU J 224 25.99 -101.10 20.77
N ILE J 225 27.03 -101.85 21.14
CA ILE J 225 27.65 -102.87 20.27
C ILE J 225 26.66 -104.02 20.01
N TYR K 1 33.89 -44.12 10.85
CA TYR K 1 33.72 -45.16 11.91
C TYR K 1 34.84 -45.05 12.93
N VAL K 2 34.57 -45.36 14.20
CA VAL K 2 35.61 -45.52 15.24
C VAL K 2 35.68 -46.99 15.64
N VAL K 3 36.84 -47.60 15.43
CA VAL K 3 37.11 -48.99 15.81
C VAL K 3 37.46 -49.04 17.29
N MET K 4 37.11 -50.15 17.94
CA MET K 4 37.50 -50.50 19.31
C MET K 4 38.14 -51.89 19.30
N THR K 5 39.12 -52.18 20.14
CA THR K 5 39.61 -53.56 20.38
C THR K 5 40.21 -53.74 21.77
N GLN K 6 40.04 -54.93 22.35
CA GLN K 6 40.65 -55.30 23.63
C GLN K 6 41.91 -56.12 23.42
N SER K 7 42.98 -55.83 24.17
CA SER K 7 44.28 -56.47 23.89
C SER K 7 44.31 -57.97 24.25
N PRO K 8 43.98 -58.42 25.47
CA PRO K 8 43.86 -59.85 25.75
C PRO K 8 42.55 -60.43 25.18
N LEU K 9 42.53 -61.74 24.93
CA LEU K 9 41.36 -62.50 24.50
C LEU K 9 40.91 -63.45 25.61
N SER K 10 41.44 -64.66 25.67
CA SER K 10 41.26 -65.55 26.81
C SER K 10 42.02 -65.04 28.04
N LEU K 11 41.38 -65.17 29.20
CA LEU K 11 41.88 -64.73 30.50
C LEU K 11 41.71 -65.88 31.51
N PRO K 12 42.60 -66.88 31.52
CA PRO K 12 42.64 -67.86 32.58
C PRO K 12 43.08 -67.16 33.86
N ILE K 13 42.19 -67.03 34.84
CA ILE K 13 42.47 -66.36 36.11
C ILE K 13 42.14 -67.31 37.25
N THR K 14 42.99 -67.36 38.28
CA THR K 14 42.71 -68.16 39.48
C THR K 14 41.70 -67.44 40.37
N PRO K 15 40.68 -68.12 40.94
CA PRO K 15 39.71 -67.48 41.83
C PRO K 15 40.34 -66.66 42.95
N GLY K 16 39.78 -65.48 43.22
CA GLY K 16 40.29 -64.54 44.23
C GLY K 16 41.44 -63.65 43.75
N GLN K 17 42.07 -63.93 42.60
CA GLN K 17 43.15 -63.08 42.06
C GLN K 17 42.62 -61.85 41.30
N PRO K 18 43.40 -60.75 41.22
CA PRO K 18 43.08 -59.62 40.38
C PRO K 18 43.12 -59.96 38.88
N ALA K 19 42.50 -59.10 38.08
CA ALA K 19 42.54 -59.13 36.63
C ALA K 19 42.44 -57.71 36.06
N SER K 20 43.02 -57.45 34.88
CA SER K 20 42.79 -56.20 34.14
C SER K 20 42.70 -56.45 32.65
N ILE K 21 41.97 -55.58 31.95
CA ILE K 21 41.77 -55.66 30.50
C ILE K 21 42.03 -54.27 29.93
N SER K 22 42.79 -54.17 28.86
CA SER K 22 43.01 -52.91 28.14
C SER K 22 42.14 -52.85 26.88
N CYS K 23 41.60 -51.68 26.59
CA CYS K 23 40.79 -51.35 25.43
C CYS K 23 41.42 -50.15 24.71
N ARG K 24 41.49 -50.21 23.39
CA ARG K 24 42.02 -49.14 22.53
C ARG K 24 41.13 -48.83 21.34
N SER K 25 41.17 -47.57 20.91
CA SER K 25 40.28 -47.00 19.91
C SER K 25 41.05 -46.37 18.74
N SER K 26 40.44 -46.33 17.57
CA SER K 26 41.04 -45.70 16.37
C SER K 26 41.03 -44.15 16.40
N GLN K 27 40.37 -43.52 17.38
CA GLN K 27 40.26 -42.07 17.52
C GLN K 27 39.95 -41.71 18.99
N ARG K 28 40.15 -40.46 19.42
CA ARG K 28 39.81 -39.99 20.78
C ARG K 28 38.29 -39.97 21.01
N LEU K 29 37.84 -40.49 22.15
CA LEU K 29 36.41 -40.62 22.46
C LEU K 29 35.81 -39.44 23.24
N LEU K 30 36.58 -38.39 23.55
CA LEU K 30 36.04 -37.22 24.23
C LEU K 30 35.02 -36.50 23.32
N HIS K 31 33.76 -36.45 23.75
CA HIS K 31 32.67 -35.83 23.01
C HIS K 31 32.70 -34.31 23.13
N SER K 32 31.99 -33.63 22.24
CA SER K 32 31.90 -32.17 22.17
C SER K 32 31.23 -31.48 23.36
N ASP K 33 30.67 -32.22 24.33
CA ASP K 33 30.21 -31.69 25.63
C ASP K 33 31.26 -31.79 26.75
N GLY K 34 32.38 -32.46 26.48
CA GLY K 34 33.51 -32.62 27.41
C GLY K 34 33.53 -33.93 28.20
N ASN K 35 32.44 -34.70 28.23
CA ASN K 35 32.51 -36.08 28.73
C ASN K 35 33.18 -36.99 27.69
N THR K 36 33.64 -38.16 28.13
CA THR K 36 34.08 -39.23 27.22
C THR K 36 33.15 -40.41 27.38
N TYR K 37 32.35 -40.74 26.35
CA TYR K 37 31.34 -41.78 26.46
C TYR K 37 31.90 -43.13 26.07
N LEU K 38 32.87 -43.61 26.84
CA LEU K 38 33.23 -45.02 26.85
C LEU K 38 32.48 -45.73 27.96
N ALA K 39 32.11 -46.98 27.75
CA ALA K 39 31.54 -47.85 28.75
C ALA K 39 32.07 -49.27 28.65
N TRP K 40 31.89 -50.07 29.70
CA TRP K 40 32.18 -51.50 29.69
C TRP K 40 30.95 -52.31 30.07
N TYR K 41 30.71 -53.39 29.36
CA TYR K 41 29.60 -54.32 29.54
C TYR K 41 30.16 -55.71 29.80
N GLN K 42 29.42 -56.57 30.49
CA GLN K 42 29.78 -57.98 30.59
C GLN K 42 28.59 -58.89 30.30
N GLN K 43 28.88 -60.15 30.03
CA GLN K 43 27.93 -61.16 29.57
C GLN K 43 28.32 -62.51 30.13
N ARG K 44 27.67 -62.94 31.20
CA ARG K 44 27.79 -64.33 31.70
C ARG K 44 27.18 -65.29 30.67
N PRO K 45 27.49 -66.60 30.71
CA PRO K 45 26.87 -67.57 29.81
C PRO K 45 25.33 -67.47 29.84
N GLY K 46 24.71 -67.43 28.66
CA GLY K 46 23.25 -67.46 28.51
C GLY K 46 22.49 -66.19 28.92
N GLN K 47 23.16 -65.04 29.10
CA GLN K 47 22.53 -63.81 29.56
C GLN K 47 22.77 -62.64 28.58
N PRO K 48 21.85 -61.67 28.46
CA PRO K 48 22.07 -60.45 27.69
C PRO K 48 23.26 -59.64 28.25
N PRO K 49 23.92 -58.80 27.44
CA PRO K 49 24.92 -57.87 27.94
C PRO K 49 24.38 -56.95 29.03
N ARG K 50 25.20 -56.76 30.07
CA ARG K 50 24.92 -56.03 31.32
C ARG K 50 25.95 -54.93 31.46
N ARG K 51 25.58 -53.66 31.60
CA ARG K 51 26.58 -52.57 31.70
C ARG K 51 27.15 -52.45 33.12
N LEU K 52 28.45 -52.25 33.26
CA LEU K 52 29.13 -52.10 34.55
C LEU K 52 29.69 -50.69 34.80
N ILE K 53 30.38 -50.13 33.80
CA ILE K 53 31.14 -48.88 33.93
C ILE K 53 30.69 -47.93 32.83
N TYR K 54 30.50 -46.65 33.11
CA TYR K 54 30.14 -45.66 32.09
C TYR K 54 30.83 -44.33 32.31
N GLU K 55 30.88 -43.50 31.27
CA GLU K 55 31.62 -42.24 31.27
C GLU K 55 33.06 -42.48 31.78
N VAL K 56 33.72 -43.47 31.20
CA VAL K 56 35.06 -44.02 31.54
C VAL K 56 35.14 -44.78 32.87
N SER K 57 34.55 -44.28 33.96
CA SER K 57 34.89 -44.72 35.31
C SER K 57 33.76 -44.72 36.34
N LYS K 58 32.59 -44.11 36.07
CA LYS K 58 31.44 -44.17 36.98
C LYS K 58 30.84 -45.57 37.00
N LEU K 59 30.40 -46.06 38.15
CA LEU K 59 29.79 -47.39 38.26
C LEU K 59 28.27 -47.38 37.97
N ASP K 60 27.79 -48.41 37.29
CA ASP K 60 26.37 -48.72 37.29
C ASP K 60 25.89 -49.16 38.68
N SER K 61 24.60 -48.98 38.93
CA SER K 61 23.92 -49.29 40.18
C SER K 61 23.99 -50.79 40.48
N GLY K 62 24.25 -51.15 41.73
CA GLY K 62 24.41 -52.55 42.16
C GLY K 62 25.69 -53.24 41.70
N VAL K 63 26.60 -52.56 41.00
CA VAL K 63 27.88 -53.13 40.55
C VAL K 63 28.80 -53.40 41.75
N PRO K 64 29.29 -54.63 41.97
CA PRO K 64 30.22 -54.94 43.04
C PRO K 64 31.50 -54.10 42.96
N ASP K 65 31.92 -53.53 44.07
CA ASP K 65 32.95 -52.47 44.09
C ASP K 65 34.36 -52.96 43.70
N ARG K 66 34.56 -54.28 43.56
CA ARG K 66 35.77 -54.87 42.96
C ARG K 66 35.98 -54.44 41.50
N PHE K 67 34.92 -54.12 40.77
CA PHE K 67 35.04 -53.51 39.45
C PHE K 67 35.48 -52.06 39.58
N SER K 68 36.45 -51.67 38.76
CA SER K 68 36.96 -50.33 38.64
C SER K 68 37.36 -50.08 37.19
N GLY K 69 37.35 -48.82 36.76
CA GLY K 69 37.62 -48.45 35.37
C GLY K 69 38.38 -47.15 35.29
N SER K 70 39.26 -47.02 34.29
CA SER K 70 40.14 -45.86 34.14
C SER K 70 40.56 -45.66 32.68
N GLY K 71 41.00 -44.46 32.32
CA GLY K 71 41.61 -44.18 31.01
C GLY K 71 41.67 -42.71 30.63
N ALA K 72 42.24 -42.44 29.46
CA ALA K 72 42.17 -41.14 28.78
C ALA K 72 42.36 -41.28 27.26
N GLY K 73 41.76 -40.35 26.50
CA GLY K 73 41.99 -40.17 25.06
C GLY K 73 41.58 -41.36 24.21
N THR K 74 42.49 -42.31 24.03
CA THR K 74 42.30 -43.57 23.29
C THR K 74 42.58 -44.83 24.10
N ASP K 75 43.20 -44.71 25.28
CA ASP K 75 43.69 -45.85 26.04
C ASP K 75 42.97 -45.97 27.38
N PHE K 76 42.29 -47.09 27.59
CA PHE K 76 41.35 -47.30 28.68
C PHE K 76 41.48 -48.71 29.23
N THR K 77 41.19 -48.92 30.51
CA THR K 77 41.28 -50.22 31.18
C THR K 77 40.14 -50.47 32.13
N LEU K 78 39.61 -51.69 32.10
CA LEU K 78 38.88 -52.30 33.21
C LEU K 78 39.90 -52.92 34.19
N LYS K 79 39.64 -52.90 35.49
CA LYS K 79 40.35 -53.74 36.45
C LYS K 79 39.36 -54.32 37.45
N ILE K 80 39.51 -55.61 37.71
CA ILE K 80 38.77 -56.33 38.75
C ILE K 80 39.78 -56.69 39.83
N SER K 81 39.57 -56.21 41.06
CA SER K 81 40.55 -56.36 42.15
C SER K 81 40.66 -57.80 42.69
N ARG K 82 39.60 -58.59 42.53
CA ARG K 82 39.48 -60.04 42.76
C ARG K 82 38.52 -60.60 41.71
N VAL K 83 38.59 -61.87 41.34
CA VAL K 83 37.53 -62.49 40.52
C VAL K 83 36.78 -63.56 41.30
N GLU K 84 35.46 -63.46 41.32
CA GLU K 84 34.53 -64.45 41.86
C GLU K 84 34.06 -65.44 40.77
N ALA K 85 33.45 -66.56 41.17
CA ALA K 85 32.80 -67.47 40.23
C ALA K 85 31.69 -66.80 39.39
N GLU K 86 31.09 -65.72 39.89
CA GLU K 86 30.11 -64.90 39.16
C GLU K 86 30.74 -63.92 38.15
N ASP K 87 32.08 -63.79 38.08
CA ASP K 87 32.78 -62.95 37.10
C ASP K 87 33.21 -63.72 35.83
N VAL K 88 32.96 -65.03 35.80
CA VAL K 88 33.14 -65.90 34.62
C VAL K 88 32.19 -65.48 33.48
N GLY K 89 32.74 -65.06 32.33
CA GLY K 89 31.95 -64.48 31.24
C GLY K 89 32.77 -63.67 30.23
N VAL K 90 32.11 -63.03 29.27
CA VAL K 90 32.73 -62.19 28.23
C VAL K 90 32.53 -60.71 28.54
N TYR K 91 33.58 -59.90 28.48
CA TYR K 91 33.55 -58.45 28.71
C TYR K 91 33.80 -57.69 27.42
N TYR K 92 33.01 -56.65 27.14
CA TYR K 92 33.12 -55.79 25.97
C TYR K 92 33.29 -54.33 26.40
N CYS K 93 34.30 -53.63 25.90
CA CYS K 93 34.29 -52.17 25.91
C CYS K 93 33.49 -51.67 24.72
N GLY K 94 32.85 -50.51 24.84
CA GLY K 94 32.16 -49.86 23.73
C GLY K 94 32.11 -48.36 23.88
N GLN K 95 31.85 -47.66 22.78
CA GLN K 95 31.87 -46.20 22.72
C GLN K 95 30.53 -45.69 22.20
N ASN K 96 30.05 -44.59 22.76
CA ASN K 96 28.80 -43.94 22.34
C ASN K 96 29.00 -42.53 21.76
N THR K 97 30.22 -42.02 21.74
CA THR K 97 30.51 -40.66 21.28
C THR K 97 30.20 -40.44 19.79
N TYR K 98 30.52 -41.41 18.91
CA TYR K 98 30.37 -41.25 17.47
C TYR K 98 29.49 -42.36 16.87
N LEU K 99 28.65 -42.03 15.89
CA LEU K 99 27.82 -43.01 15.20
C LEU K 99 28.58 -43.79 14.13
N PRO K 100 28.31 -45.09 13.93
CA PRO K 100 27.54 -45.93 14.84
C PRO K 100 28.28 -46.16 16.15
N TYR K 101 27.55 -46.28 17.27
CA TYR K 101 28.11 -46.81 18.50
C TYR K 101 28.77 -48.17 18.21
N SER K 102 29.91 -48.44 18.81
CA SER K 102 30.75 -49.57 18.40
C SER K 102 31.42 -50.24 19.59
N PHE K 103 31.83 -51.50 19.43
CA PHE K 103 32.23 -52.38 20.52
C PHE K 103 33.50 -53.13 20.15
N GLY K 104 34.33 -53.47 21.13
CA GLY K 104 35.48 -54.35 20.94
C GLY K 104 35.07 -55.78 20.64
N GLN K 105 36.00 -56.62 20.19
CA GLN K 105 35.76 -58.06 20.00
C GLN K 105 35.45 -58.80 21.31
N GLY K 106 35.80 -58.17 22.43
CA GLY K 106 35.60 -58.70 23.78
C GLY K 106 36.75 -59.57 24.26
N SER K 107 36.70 -59.97 25.54
CA SER K 107 37.67 -60.86 26.18
C SER K 107 36.94 -61.78 27.16
N LYS K 108 37.44 -62.99 27.41
CA LYS K 108 36.73 -64.02 28.19
C LYS K 108 37.45 -64.46 29.45
N VAL K 109 36.80 -64.29 30.59
CA VAL K 109 37.23 -64.81 31.91
C VAL K 109 36.88 -66.29 32.04
N GLU K 110 37.86 -67.10 32.43
CA GLU K 110 37.71 -68.53 32.70
C GLU K 110 38.53 -68.94 33.93
N ILE K 111 38.12 -70.00 34.63
CA ILE K 111 38.79 -70.45 35.85
C ILE K 111 40.07 -71.19 35.49
N LYS K 112 41.24 -70.69 35.90
CA LYS K 112 42.53 -71.35 35.67
C LYS K 112 42.76 -72.55 36.60
N ARG K 113 41.93 -73.58 36.43
CA ARG K 113 42.22 -74.94 36.93
C ARG K 113 43.45 -75.54 36.24
N ALA K 114 44.01 -76.60 36.82
CA ALA K 114 45.23 -77.23 36.33
C ALA K 114 45.08 -77.88 34.95
N VAL K 115 46.19 -77.97 34.20
CA VAL K 115 46.24 -78.68 32.91
C VAL K 115 45.89 -80.16 33.12
N ALA K 116 44.98 -80.68 32.30
CA ALA K 116 44.45 -82.04 32.41
C ALA K 116 44.26 -82.63 31.00
N ALA K 117 44.83 -83.79 30.72
CA ALA K 117 44.74 -84.43 29.41
C ALA K 117 43.32 -84.95 29.09
N PRO K 118 42.93 -84.99 27.81
CA PRO K 118 41.67 -85.60 27.39
C PRO K 118 41.70 -87.10 27.53
N SER K 119 40.67 -87.62 28.19
CA SER K 119 40.20 -88.98 27.93
C SER K 119 39.68 -89.05 26.48
N VAL K 120 40.13 -90.04 25.72
CA VAL K 120 39.93 -90.17 24.26
C VAL K 120 39.05 -91.38 23.93
N PHE K 121 38.06 -91.20 23.08
CA PHE K 121 37.17 -92.27 22.61
C PHE K 121 36.79 -92.08 21.14
N ILE K 122 36.35 -93.13 20.46
CA ILE K 122 35.98 -93.08 19.04
C ILE K 122 34.81 -94.03 18.80
N PHE K 123 33.97 -93.70 17.83
CA PHE K 123 32.67 -94.34 17.66
C PHE K 123 32.51 -94.95 16.27
N PRO K 124 32.46 -96.29 16.12
CA PRO K 124 32.17 -96.91 14.83
C PRO K 124 30.79 -96.45 14.33
N PRO K 125 30.67 -95.94 13.09
CA PRO K 125 29.41 -95.45 12.55
C PRO K 125 28.26 -96.47 12.56
N SER K 126 27.05 -95.98 12.79
CA SER K 126 25.81 -96.74 12.69
C SER K 126 25.52 -97.21 11.26
N GLU K 127 24.77 -98.28 11.09
CA GLU K 127 24.44 -98.89 9.79
C GLU K 127 23.77 -97.93 8.79
N ASP K 128 23.01 -96.95 9.28
CA ASP K 128 22.42 -95.88 8.48
C ASP K 128 23.42 -94.74 8.17
N GLN K 129 24.45 -94.49 9.00
CA GLN K 129 25.62 -93.73 8.58
C GLN K 129 26.42 -94.49 7.51
N VAL K 130 26.65 -95.79 7.68
CA VAL K 130 27.45 -96.64 6.77
C VAL K 130 26.93 -96.60 5.33
N LYS K 131 25.64 -96.29 5.14
CA LYS K 131 24.99 -96.08 3.83
C LYS K 131 24.44 -94.66 3.58
N SER K 132 24.84 -93.68 4.39
CA SER K 132 24.70 -92.24 4.08
C SER K 132 25.73 -91.81 3.04
N GLY K 133 25.39 -90.86 2.16
CA GLY K 133 26.27 -90.38 1.08
C GLY K 133 27.57 -89.71 1.56
N THR K 134 27.58 -89.20 2.80
CA THR K 134 28.80 -88.90 3.57
C THR K 134 28.75 -89.59 4.93
N VAL K 135 29.89 -90.07 5.41
CA VAL K 135 30.01 -90.72 6.72
C VAL K 135 30.81 -89.81 7.63
N SER K 136 30.14 -89.26 8.64
CA SER K 136 30.73 -88.51 9.74
C SER K 136 31.25 -89.48 10.79
N VAL K 137 32.51 -89.91 10.66
CA VAL K 137 33.21 -90.70 11.67
C VAL K 137 33.54 -89.80 12.87
N VAL K 138 33.24 -90.19 14.11
CA VAL K 138 33.30 -89.28 15.27
C VAL K 138 34.21 -89.80 16.40
N CYS K 139 34.88 -88.87 17.06
CA CYS K 139 35.79 -89.05 18.18
C CYS K 139 35.46 -88.05 19.31
N LEU K 140 35.68 -88.43 20.56
CA LEU K 140 35.43 -87.61 21.75
C LEU K 140 36.74 -87.37 22.50
N LEU K 141 37.01 -86.10 22.81
CA LEU K 141 37.90 -85.69 23.88
C LEU K 141 37.03 -85.25 25.05
N ASN K 142 37.18 -85.89 26.20
CA ASN K 142 36.33 -85.65 27.36
C ASN K 142 37.13 -85.16 28.57
N ASN K 143 36.63 -84.09 29.19
CA ASN K 143 37.04 -83.53 30.47
C ASN K 143 38.54 -83.27 30.56
N PHE K 144 38.99 -82.22 29.85
CA PHE K 144 40.38 -81.81 29.71
C PHE K 144 40.56 -80.31 29.92
N TYR K 145 41.80 -79.84 30.10
CA TYR K 145 42.13 -78.43 30.17
C TYR K 145 43.57 -78.19 29.71
N PRO K 146 43.91 -77.06 29.07
CA PRO K 146 43.04 -75.98 28.62
C PRO K 146 42.23 -76.38 27.38
N ARG K 147 41.52 -75.42 26.78
CA ARG K 147 40.61 -75.61 25.64
C ARG K 147 41.32 -76.14 24.39
N GLU K 148 42.59 -75.80 24.22
CA GLU K 148 43.36 -76.01 22.99
C GLU K 148 43.59 -77.49 22.65
N ALA K 149 42.80 -78.01 21.71
CA ALA K 149 42.91 -79.38 21.20
C ALA K 149 42.28 -79.55 19.81
N SER K 150 42.67 -80.62 19.11
CA SER K 150 42.10 -81.05 17.82
C SER K 150 42.51 -82.50 17.51
N VAL K 151 41.87 -83.15 16.56
CA VAL K 151 42.23 -84.51 16.12
C VAL K 151 43.03 -84.50 14.81
N LYS K 152 44.14 -85.23 14.79
CA LYS K 152 44.79 -85.71 13.56
C LYS K 152 44.07 -87.00 13.14
N TRP K 153 43.21 -86.90 12.12
CA TRP K 153 42.34 -88.01 11.69
C TRP K 153 43.08 -89.06 10.88
N LYS K 154 42.90 -90.35 11.19
CA LYS K 154 43.65 -91.47 10.60
C LYS K 154 42.77 -92.71 10.34
N VAL K 155 43.17 -93.57 9.42
CA VAL K 155 42.51 -94.87 9.17
C VAL K 155 43.40 -95.82 8.38
N ASP K 156 43.47 -97.09 8.75
CA ASP K 156 44.36 -98.10 8.10
C ASP K 156 45.83 -97.62 8.02
N GLY K 157 46.26 -96.77 8.95
CA GLY K 157 47.56 -96.08 8.99
C GLY K 157 47.69 -94.83 8.11
N VAL K 158 46.73 -94.58 7.22
CA VAL K 158 46.68 -93.40 6.33
C VAL K 158 46.33 -92.16 7.15
N LEU K 159 47.08 -91.06 7.01
CA LEU K 159 46.71 -89.77 7.57
C LEU K 159 45.61 -89.16 6.70
N LYS K 160 44.39 -89.11 7.25
CA LYS K 160 43.13 -88.90 6.50
C LYS K 160 42.62 -87.45 6.58
N THR K 161 43.44 -86.52 7.08
CA THR K 161 43.11 -85.10 7.27
C THR K 161 42.70 -84.38 5.97
N GLY K 162 41.94 -83.28 6.12
CA GLY K 162 41.36 -82.49 5.03
C GLY K 162 39.82 -82.42 4.99
N ASN K 163 39.13 -83.19 5.83
CA ASN K 163 37.65 -83.38 5.81
C ASN K 163 37.00 -83.27 7.21
N SER K 164 37.56 -82.46 8.11
CA SER K 164 37.27 -82.52 9.55
C SER K 164 36.44 -81.34 10.10
N GLN K 165 35.53 -81.66 11.03
CA GLN K 165 34.61 -80.73 11.72
C GLN K 165 34.65 -80.99 13.24
N GLU K 166 34.63 -79.97 14.09
CA GLU K 166 34.81 -80.12 15.54
C GLU K 166 33.90 -79.16 16.33
N SER K 167 33.45 -79.56 17.53
CA SER K 167 32.61 -78.74 18.41
C SER K 167 32.99 -78.89 19.90
N VAL K 168 32.92 -77.82 20.68
CA VAL K 168 33.54 -77.71 22.01
C VAL K 168 32.56 -77.17 23.03
N THR K 169 32.53 -77.73 24.26
CA THR K 169 31.73 -77.17 25.36
C THR K 169 32.35 -75.88 25.88
N GLU K 170 31.56 -75.03 26.54
CA GLU K 170 32.13 -74.02 27.44
C GLU K 170 32.62 -74.68 28.75
N GLN K 171 33.43 -73.97 29.53
CA GLN K 171 34.13 -74.57 30.65
C GLN K 171 33.16 -75.09 31.72
N ASP K 172 33.38 -76.30 32.20
CA ASP K 172 32.49 -77.04 33.10
C ASP K 172 32.31 -76.36 34.47
N SER K 173 31.08 -76.25 34.97
CA SER K 173 30.80 -75.57 36.23
C SER K 173 31.30 -76.32 37.48
N LYS K 174 31.45 -77.64 37.43
CA LYS K 174 31.80 -78.49 38.59
C LYS K 174 33.29 -78.79 38.66
N ASP K 175 33.87 -79.24 37.54
CA ASP K 175 35.28 -79.68 37.48
C ASP K 175 36.16 -78.76 36.63
N ASN K 176 35.55 -77.75 35.98
CA ASN K 176 36.23 -76.71 35.23
C ASN K 176 37.02 -77.22 34.01
N THR K 177 36.72 -78.42 33.51
CA THR K 177 37.27 -78.93 32.26
C THR K 177 36.44 -78.53 31.02
N TYR K 178 36.94 -78.92 29.85
CA TYR K 178 36.34 -78.84 28.54
C TYR K 178 36.10 -80.25 27.98
N SER K 179 35.14 -80.38 27.07
CA SER K 179 35.06 -81.52 26.15
C SER K 179 34.89 -81.04 24.71
N LEU K 180 35.38 -81.84 23.77
CA LEU K 180 35.35 -81.58 22.33
C LEU K 180 34.91 -82.86 21.62
N SER K 181 33.97 -82.75 20.69
CA SER K 181 33.74 -83.80 19.70
C SER K 181 34.46 -83.42 18.41
N SER K 182 35.15 -84.38 17.82
CA SER K 182 35.78 -84.26 16.53
C SER K 182 35.16 -85.23 15.55
N THR K 183 35.02 -84.79 14.30
CA THR K 183 34.35 -85.51 13.24
C THR K 183 35.22 -85.48 11.99
N LEU K 184 35.30 -86.59 11.28
CA LEU K 184 35.80 -86.68 9.91
C LEU K 184 34.63 -87.07 9.02
N THR K 185 34.23 -86.19 8.11
CA THR K 185 33.09 -86.42 7.23
C THR K 185 33.57 -86.77 5.82
N LEU K 186 33.84 -88.05 5.59
CA LEU K 186 34.23 -88.59 4.27
C LEU K 186 32.99 -88.76 3.37
N SER K 187 33.19 -88.91 2.06
CA SER K 187 32.17 -89.48 1.19
C SER K 187 31.94 -90.96 1.53
N ASN K 188 30.79 -91.53 1.16
CA ASN K 188 30.53 -92.95 1.36
C ASN K 188 31.64 -93.80 0.73
N THR K 189 32.09 -93.45 -0.47
CA THR K 189 33.15 -94.17 -1.18
C THR K 189 34.50 -94.06 -0.49
N ASP K 190 34.91 -92.86 -0.07
CA ASP K 190 36.20 -92.66 0.59
C ASP K 190 36.19 -93.21 2.03
N TYR K 191 35.03 -93.26 2.69
CA TYR K 191 34.83 -94.07 3.89
C TYR K 191 35.00 -95.57 3.61
N GLN K 192 34.27 -96.09 2.62
CA GLN K 192 34.33 -97.51 2.24
C GLN K 192 35.73 -97.94 1.76
N SER K 193 36.59 -97.00 1.35
CA SER K 193 37.99 -97.29 1.02
C SER K 193 38.85 -97.74 2.23
N HIS K 194 38.49 -97.44 3.48
CA HIS K 194 39.33 -97.74 4.65
C HIS K 194 38.55 -98.16 5.92
N ASN K 195 39.16 -98.90 6.84
CA ASN K 195 38.46 -99.82 7.74
C ASN K 195 38.78 -99.63 9.23
N VAL K 196 40.04 -99.65 9.63
CA VAL K 196 40.48 -99.46 11.02
C VAL K 196 40.71 -97.97 11.26
N TYR K 197 39.69 -97.25 11.69
CA TYR K 197 39.79 -95.81 11.94
C TYR K 197 40.47 -95.55 13.28
N ALA K 198 41.16 -94.41 13.36
CA ALA K 198 41.63 -93.87 14.63
C ALA K 198 41.63 -92.35 14.63
N CYS K 199 41.41 -91.75 15.79
CA CYS K 199 41.60 -90.33 16.00
C CYS K 199 42.86 -90.14 16.84
N GLU K 200 43.84 -89.44 16.30
CA GLU K 200 45.08 -89.12 17.00
C GLU K 200 44.94 -87.73 17.63
N VAL K 201 44.43 -87.72 18.85
CA VAL K 201 44.13 -86.51 19.62
C VAL K 201 45.40 -85.73 19.92
N THR K 202 45.40 -84.45 19.56
CA THR K 202 46.39 -83.44 19.95
C THR K 202 45.76 -82.50 20.95
N HIS K 203 46.42 -82.25 22.08
CA HIS K 203 45.99 -81.32 23.14
C HIS K 203 47.22 -80.69 23.80
N GLN K 204 47.07 -79.46 24.31
CA GLN K 204 48.16 -78.72 24.95
C GLN K 204 48.84 -79.48 26.11
N GLY K 205 48.07 -80.24 26.89
CA GLY K 205 48.54 -81.02 28.04
C GLY K 205 49.06 -82.42 27.72
N LEU K 206 49.16 -82.80 26.43
CA LEU K 206 49.73 -84.08 25.99
C LEU K 206 51.16 -83.91 25.47
N SER K 207 52.08 -84.77 25.95
CA SER K 207 53.49 -84.81 25.51
C SER K 207 53.71 -85.54 24.18
N SER K 208 52.75 -86.34 23.75
CA SER K 208 52.61 -86.97 22.43
C SER K 208 51.12 -87.17 22.15
N PRO K 209 50.66 -87.13 20.90
CA PRO K 209 49.23 -87.27 20.61
C PRO K 209 48.73 -88.69 20.96
N VAL K 210 47.46 -88.80 21.39
CA VAL K 210 46.87 -90.05 21.91
C VAL K 210 45.85 -90.63 20.95
N THR K 211 45.97 -91.91 20.64
CA THR K 211 45.24 -92.54 19.53
C THR K 211 44.39 -93.73 19.98
N LYS K 212 43.07 -93.65 19.74
CA LYS K 212 42.10 -94.75 19.96
C LYS K 212 41.35 -95.08 18.67
N SER K 213 40.90 -96.33 18.57
CA SER K 213 40.52 -96.94 17.28
C SER K 213 39.21 -97.73 17.30
N PHE K 214 38.68 -98.03 16.12
CA PHE K 214 37.64 -99.04 15.88
C PHE K 214 37.89 -99.77 14.55
N ASN K 215 37.28 -100.94 14.39
CA ASN K 215 37.34 -101.75 13.17
C ASN K 215 35.95 -101.76 12.47
N ARG K 216 35.87 -101.38 11.20
CA ARG K 216 34.61 -101.37 10.43
C ARG K 216 33.98 -102.77 10.32
N GLY K 217 32.66 -102.86 10.48
CA GLY K 217 31.90 -104.11 10.41
C GLY K 217 30.49 -104.00 11.04
N ALA L 6 42.69 32.54 38.99
CA ALA L 6 41.51 32.40 39.87
C ALA L 6 41.54 31.09 40.66
N VAL L 7 40.82 31.02 41.78
CA VAL L 7 40.66 29.80 42.60
C VAL L 7 39.81 28.73 41.89
N PHE L 8 38.81 29.18 41.12
CA PHE L 8 37.97 28.41 40.21
C PHE L 8 37.14 27.28 40.87
N LEU L 9 35.91 27.62 41.28
CA LEU L 9 34.95 26.68 41.86
C LEU L 9 34.15 25.88 40.81
N GLY L 10 34.24 26.23 39.52
CA GLY L 10 33.44 25.66 38.44
C GLY L 10 32.04 26.28 38.33
N PHE L 11 31.31 25.90 37.28
CA PHE L 11 29.98 26.45 37.00
C PHE L 11 29.02 26.27 38.17
N LEU L 12 28.42 27.37 38.65
CA LEU L 12 27.57 27.41 39.85
C LEU L 12 28.27 27.04 41.16
N GLY L 13 29.58 26.79 41.19
CA GLY L 13 30.29 26.33 42.38
C GLY L 13 30.08 27.21 43.61
N ALA L 14 29.87 28.50 43.39
CA ALA L 14 29.59 29.49 44.43
C ALA L 14 28.13 29.56 44.92
N ALA L 15 27.21 28.68 44.50
CA ALA L 15 25.78 28.89 44.73
C ALA L 15 25.37 28.96 46.22
N GLY L 16 26.11 28.32 47.11
CA GLY L 16 25.91 28.42 48.56
C GLY L 16 26.70 29.53 49.26
N SER L 17 27.58 30.25 48.56
CA SER L 17 28.42 31.31 49.11
C SER L 17 27.67 32.63 49.24
N THR L 18 28.13 33.51 50.14
CA THR L 18 27.43 34.76 50.44
C THR L 18 27.50 35.76 49.26
N MET L 19 26.55 36.69 49.15
CA MET L 19 26.42 37.50 47.92
C MET L 19 27.67 38.30 47.57
N GLY L 20 28.43 38.75 48.56
CA GLY L 20 29.72 39.40 48.33
C GLY L 20 30.81 38.44 47.85
N ALA L 21 30.82 37.22 48.36
CA ALA L 21 31.77 36.20 47.95
C ALA L 21 31.48 35.63 46.55
N ALA L 22 30.21 35.49 46.16
CA ALA L 22 29.85 35.02 44.81
C ALA L 22 30.07 36.08 43.74
N SER L 23 30.04 37.37 44.10
CA SER L 23 30.30 38.49 43.19
C SER L 23 31.71 38.46 42.57
N MET L 24 32.64 37.67 43.11
CA MET L 24 33.97 37.50 42.54
C MET L 24 33.98 36.62 41.28
N THR L 25 32.91 35.90 40.96
CA THR L 25 32.95 34.82 39.93
C THR L 25 31.73 34.84 39.00
N LEU L 26 31.33 36.01 38.53
CA LEU L 26 30.23 36.16 37.59
C LEU L 26 30.56 35.54 36.23
N THR L 27 31.81 35.61 35.76
CA THR L 27 32.19 35.13 34.42
C THR L 27 32.03 33.63 34.28
N VAL L 28 32.24 32.89 35.37
CA VAL L 28 32.15 31.42 35.40
C VAL L 28 30.75 30.93 35.03
N GLN L 29 29.69 31.63 35.45
CA GLN L 29 28.34 31.37 34.92
C GLN L 29 28.19 31.94 33.51
N ALA L 30 28.56 33.19 33.28
CA ALA L 30 28.27 33.90 32.04
C ALA L 30 28.78 33.18 30.80
N ARG L 31 30.00 32.63 30.83
CA ARG L 31 30.60 31.93 29.68
C ARG L 31 29.94 30.59 29.34
N ASN L 32 29.04 30.08 30.18
CA ASN L 32 28.29 28.83 29.95
C ASN L 32 26.83 29.06 29.54
N LEU L 33 26.39 30.30 29.34
CA LEU L 33 25.01 30.64 28.97
C LEU L 33 24.67 30.40 27.49
N LEU L 34 25.65 30.09 26.65
CA LEU L 34 25.48 30.09 25.19
C LEU L 34 25.99 28.80 24.51
N SER L 35 27.16 28.30 24.91
CA SER L 35 27.87 27.23 24.21
C SER L 35 27.21 25.84 24.31
N GLY L 36 27.26 25.22 25.50
CA GLY L 36 26.89 23.81 25.70
C GLY L 36 27.76 22.82 24.91
N ILE L 37 27.33 21.55 24.82
CA ILE L 37 28.04 20.50 24.04
C ILE L 37 27.55 20.42 22.58
N VAL L 38 26.40 21.02 22.26
CA VAL L 38 25.79 20.97 20.93
C VAL L 38 26.61 21.76 19.90
N HIS L 53 26.23 12.63 14.38
CA HIS L 53 25.09 13.55 14.45
C HIS L 53 24.77 14.19 13.09
N LEU L 54 24.91 13.40 12.02
CA LEU L 54 24.65 13.79 10.62
C LEU L 54 23.21 14.25 10.38
N LEU L 55 23.03 15.26 9.52
CA LEU L 55 21.78 15.99 9.30
C LEU L 55 20.66 15.14 8.65
N LYS L 56 19.60 14.84 9.42
CA LYS L 56 18.28 14.31 8.96
C LYS L 56 17.21 14.61 10.01
N LEU L 57 15.92 14.64 9.63
CA LEU L 57 14.78 14.88 10.52
C LEU L 57 14.41 13.68 11.42
N THR L 58 15.40 12.98 11.95
CA THR L 58 15.19 11.98 13.02
C THR L 58 14.83 12.67 14.33
N VAL L 59 14.24 11.95 15.28
CA VAL L 59 13.75 12.53 16.54
C VAL L 59 14.83 13.28 17.32
N TRP L 60 16.06 12.73 17.44
CA TRP L 60 17.18 13.43 18.08
C TRP L 60 17.61 14.68 17.33
N GLY L 61 17.53 14.68 15.99
CA GLY L 61 17.86 15.82 15.16
C GLY L 61 16.88 16.98 15.35
N ILE L 62 15.58 16.70 15.41
CA ILE L 62 14.56 17.72 15.70
C ILE L 62 14.78 18.29 17.11
N LYS L 63 15.05 17.44 18.10
CA LYS L 63 15.34 17.87 19.48
C LYS L 63 16.58 18.76 19.57
N GLN L 64 17.69 18.38 18.95
CA GLN L 64 18.91 19.17 18.95
C GLN L 64 18.70 20.53 18.26
N LEU L 65 18.00 20.57 17.12
CA LEU L 65 17.71 21.85 16.46
C LEU L 65 16.77 22.72 17.32
N GLN L 66 15.76 22.13 17.95
CA GLN L 66 14.86 22.86 18.82
C GLN L 66 15.60 23.48 20.02
N ALA L 67 16.51 22.75 20.66
CA ALA L 67 17.30 23.25 21.77
C ALA L 67 18.15 24.48 21.41
N ARG L 68 18.79 24.46 20.24
CA ARG L 68 19.72 25.53 19.81
C ARG L 68 19.02 26.87 19.64
N VAL L 69 17.83 26.88 19.05
CA VAL L 69 17.06 28.14 18.86
C VAL L 69 16.60 28.70 20.21
N LEU L 70 16.27 27.84 21.17
CA LEU L 70 15.85 28.26 22.49
C LEU L 70 16.98 28.90 23.30
N ALA L 71 18.20 28.35 23.22
CA ALA L 71 19.32 28.86 23.99
C ALA L 71 19.71 30.29 23.58
N VAL L 72 19.76 30.60 22.27
CA VAL L 72 20.04 31.96 21.81
C VAL L 72 18.92 32.95 22.10
N GLU L 73 17.66 32.53 22.14
CA GLU L 73 16.55 33.43 22.47
C GLU L 73 16.66 33.94 23.89
N ARG L 74 16.82 33.03 24.86
CA ARG L 74 16.98 33.39 26.27
C ARG L 74 18.18 34.30 26.46
N TYR L 75 19.31 33.96 25.84
CA TYR L 75 20.51 34.77 25.92
C TYR L 75 20.27 36.19 25.39
N LEU L 76 19.74 36.34 24.18
CA LEU L 76 19.47 37.66 23.61
C LEU L 76 18.50 38.45 24.47
N ARG L 77 17.46 37.85 25.04
CA ARG L 77 16.52 38.59 25.89
C ARG L 77 17.21 39.13 27.14
N ASP L 78 18.05 38.34 27.82
CA ASP L 78 18.82 38.84 28.96
C ASP L 78 19.83 39.91 28.56
N GLN L 79 20.46 39.81 27.39
CA GLN L 79 21.35 40.88 26.90
C GLN L 79 20.59 42.16 26.51
N GLN L 80 19.39 42.05 25.96
CA GLN L 80 18.59 43.20 25.55
C GLN L 80 18.24 44.10 26.74
N LEU L 81 17.87 43.53 27.90
CA LEU L 81 17.60 44.29 29.11
C LEU L 81 18.81 45.08 29.59
N LEU L 82 19.99 44.47 29.60
CA LEU L 82 21.22 45.16 29.97
C LEU L 82 21.52 46.30 29.00
N GLY L 83 21.15 46.17 27.72
CA GLY L 83 21.28 47.25 26.75
C GLY L 83 20.40 48.44 27.09
N ILE L 84 19.09 48.24 27.26
CA ILE L 84 18.15 49.34 27.52
C ILE L 84 18.31 49.96 28.92
N TRP L 85 19.04 49.36 29.85
CA TRP L 85 19.40 49.99 31.14
C TRP L 85 20.71 50.77 31.11
N GLY L 86 21.49 50.69 30.03
CA GLY L 86 22.83 51.30 29.93
C GLY L 86 23.99 50.44 30.43
N CYS L 87 23.73 49.21 30.85
CA CYS L 87 24.72 48.27 31.37
C CYS L 87 25.39 47.39 30.30
N SER L 88 25.27 47.69 29.01
CA SER L 88 25.76 46.79 27.95
C SER L 88 27.25 46.49 28.12
N GLY L 89 27.61 45.21 28.18
CA GLY L 89 28.99 44.75 28.39
C GLY L 89 29.51 44.86 29.82
N LYS L 90 28.67 45.14 30.83
CA LYS L 90 29.07 45.28 32.23
C LYS L 90 28.60 44.07 33.04
N LEU L 91 29.51 43.39 33.74
CA LEU L 91 29.17 42.30 34.63
C LEU L 91 28.54 42.85 35.91
N ILE L 92 29.08 43.96 36.42
CA ILE L 92 28.56 44.72 37.56
C ILE L 92 28.26 46.13 37.08
N CYS L 93 27.02 46.59 37.24
CA CYS L 93 26.58 47.88 36.73
C CYS L 93 25.90 48.71 37.82
N CYS L 94 26.36 49.94 38.01
CA CYS L 94 25.72 50.90 38.90
C CYS L 94 24.63 51.68 38.17
N THR L 95 23.65 52.22 38.91
CA THR L 95 22.51 52.90 38.31
C THR L 95 22.17 54.19 39.04
N ASN L 96 21.33 55.02 38.42
CA ASN L 96 20.92 56.30 38.95
C ASN L 96 19.52 56.24 39.61
N VAL L 97 19.00 55.03 39.88
CA VAL L 97 17.65 54.79 40.42
C VAL L 97 17.74 54.54 41.93
N PRO L 98 17.28 55.47 42.79
CA PRO L 98 17.42 55.32 44.24
C PRO L 98 16.60 54.16 44.80
N TRP L 99 17.11 53.52 45.84
CA TRP L 99 16.50 52.36 46.47
C TRP L 99 15.21 52.69 47.22
N ASN L 100 14.31 51.72 47.42
CA ASN L 100 13.10 51.86 48.21
C ASN L 100 13.04 50.79 49.30
N SER L 101 13.06 51.22 50.57
CA SER L 101 13.19 50.34 51.73
C SER L 101 12.09 49.30 51.88
N SER L 102 10.93 49.49 51.24
CA SER L 102 9.86 48.48 51.22
C SER L 102 10.30 47.19 50.51
N TRP L 103 11.17 47.27 49.50
CA TRP L 103 11.60 46.10 48.73
C TRP L 103 12.42 45.12 49.57
N SER L 104 13.33 45.63 50.41
CA SER L 104 13.81 44.95 51.63
C SER L 104 14.54 45.94 52.53
N ASN L 105 14.14 46.00 53.80
CA ASN L 105 14.64 46.97 54.76
C ASN L 105 15.83 46.40 55.54
N ARG L 106 17.06 46.64 55.05
CA ARG L 106 18.27 45.97 55.54
C ARG L 106 19.47 46.89 55.60
N ASN L 107 20.38 46.61 56.54
CA ASN L 107 21.77 47.06 56.45
C ASN L 107 22.46 46.31 55.29
N LEU L 108 23.44 46.90 54.60
CA LEU L 108 24.13 46.20 53.52
C LEU L 108 24.85 44.94 53.98
N SER L 109 25.38 44.90 55.21
CA SER L 109 26.12 43.73 55.70
C SER L 109 25.25 42.47 55.80
N GLU L 110 24.01 42.59 56.30
CA GLU L 110 23.10 41.45 56.39
C GLU L 110 22.60 40.96 55.02
N ILE L 111 22.87 41.70 53.94
CA ILE L 111 22.77 41.19 52.57
C ILE L 111 24.12 40.57 52.17
N TRP L 112 25.10 41.43 51.91
CA TRP L 112 26.32 41.07 51.20
C TRP L 112 27.21 40.08 51.93
N ASP L 113 27.29 40.14 53.26
CA ASP L 113 28.16 39.30 54.07
C ASP L 113 27.47 38.01 54.54
N ASN L 114 26.23 37.74 54.12
CA ASN L 114 25.33 36.80 54.79
C ASN L 114 24.55 35.87 53.85
N MET L 115 23.62 36.42 53.06
CA MET L 115 22.71 35.64 52.23
C MET L 115 23.42 35.01 51.04
N THR L 116 22.90 33.89 50.51
CA THR L 116 23.14 33.53 49.10
C THR L 116 22.31 34.38 48.15
N TRP L 117 22.68 34.40 46.87
CA TRP L 117 21.85 34.99 45.82
C TRP L 117 20.49 34.32 45.67
N LEU L 118 20.41 32.99 45.83
CA LEU L 118 19.14 32.25 45.81
C LEU L 118 18.15 32.81 46.83
N GLN L 119 18.56 32.94 48.09
CA GLN L 119 17.67 33.45 49.11
C GLN L 119 17.47 34.97 49.05
N TRP L 120 18.28 35.72 48.29
CA TRP L 120 17.92 37.09 47.96
C TRP L 120 16.80 37.16 46.92
N ASP L 121 16.96 36.43 45.82
CA ASP L 121 15.97 36.42 44.73
C ASP L 121 14.60 35.97 45.23
N LYS L 122 14.58 35.08 46.21
CA LYS L 122 13.40 34.71 47.01
C LYS L 122 12.69 35.94 47.57
N GLU L 123 13.35 36.68 48.47
CA GLU L 123 12.69 37.72 49.25
C GLU L 123 12.45 39.05 48.50
N ILE L 124 13.16 39.33 47.40
CA ILE L 124 12.86 40.49 46.54
C ILE L 124 11.76 40.21 45.49
N SER L 125 11.41 38.94 45.26
CA SER L 125 10.85 38.47 43.99
C SER L 125 9.74 39.30 43.33
N ASN L 126 8.76 39.81 44.07
CA ASN L 126 7.61 40.53 43.49
C ASN L 126 7.97 41.84 42.77
N TYR L 127 8.87 42.63 43.33
CA TYR L 127 9.12 44.01 42.86
C TYR L 127 9.89 44.09 41.54
N THR L 128 10.39 42.97 41.02
CA THR L 128 11.30 42.97 39.87
C THR L 128 10.71 43.64 38.65
N GLN L 129 9.40 43.51 38.40
CA GLN L 129 8.76 44.17 37.27
C GLN L 129 8.71 45.71 37.40
N ILE L 130 8.75 46.24 38.63
CA ILE L 130 8.78 47.68 38.89
C ILE L 130 10.16 48.22 38.55
N ILE L 131 11.18 47.58 39.12
CA ILE L 131 12.57 48.03 39.06
C ILE L 131 13.06 48.06 37.61
N TYR L 132 12.69 47.07 36.79
CA TYR L 132 13.08 47.03 35.39
C TYR L 132 12.53 48.22 34.59
N GLY L 133 11.27 48.60 34.81
CA GLY L 133 10.70 49.80 34.18
C GLY L 133 11.39 51.08 34.61
N LEU L 134 11.65 51.24 35.91
CA LEU L 134 12.38 52.39 36.46
C LEU L 134 13.75 52.58 35.81
N LEU L 135 14.53 51.51 35.74
CA LEU L 135 15.85 51.51 35.12
C LEU L 135 15.76 51.91 33.65
N GLU L 136 14.78 51.36 32.92
CA GLU L 136 14.65 51.59 31.50
C GLU L 136 14.38 53.06 31.18
N GLU L 137 13.41 53.69 31.84
CA GLU L 137 13.13 55.10 31.57
C GLU L 137 14.26 56.01 32.05
N SER L 138 14.92 55.66 33.17
CA SER L 138 16.01 56.46 33.70
C SER L 138 17.23 56.47 32.78
N GLN L 139 17.51 55.36 32.10
CA GLN L 139 18.54 55.34 31.06
C GLN L 139 18.20 56.30 29.95
N ASN L 140 16.97 56.24 29.41
CA ASN L 140 16.63 57.08 28.27
C ASN L 140 16.70 58.58 28.61
N GLN L 141 16.35 58.95 29.84
CA GLN L 141 16.58 60.30 30.32
C GLN L 141 18.06 60.68 30.26
N GLN L 142 18.95 59.84 30.82
CA GLN L 142 20.38 60.11 30.82
C GLN L 142 20.96 60.26 29.40
N GLU L 143 20.48 59.52 28.40
CA GLU L 143 20.92 59.67 27.01
C GLU L 143 20.44 60.96 26.33
N LYS L 144 19.19 61.38 26.55
CA LYS L 144 18.72 62.67 26.02
C LYS L 144 19.48 63.82 26.65
N ASN L 145 19.72 63.77 27.96
CA ASN L 145 20.51 64.78 28.65
C ASN L 145 21.93 64.89 28.08
N GLU L 146 22.60 63.77 27.79
CA GLU L 146 23.88 63.76 27.09
C GLU L 146 23.78 64.44 25.71
N GLN L 147 22.76 64.13 24.91
CA GLN L 147 22.65 64.69 23.56
C GLN L 147 22.35 66.20 23.55
N ASP L 148 21.64 66.72 24.56
CA ASP L 148 21.49 68.16 24.79
C ASP L 148 22.77 68.82 25.28
N LEU L 149 23.63 68.10 26.00
CA LEU L 149 24.87 68.65 26.56
C LEU L 149 25.97 68.76 25.50
N LEU L 150 26.18 67.71 24.70
CA LEU L 150 27.21 67.70 23.64
C LEU L 150 26.89 68.70 22.51
N ALA L 151 25.63 69.09 22.39
CA ALA L 151 25.17 70.11 21.46
C ALA L 151 25.62 71.55 21.82
N LEU L 152 26.11 71.81 23.04
CA LEU L 152 26.54 73.14 23.46
C LEU L 152 27.83 73.57 22.74
C1 NAG M . 26.28 8.23 -37.81
C2 NAG M . 25.14 8.90 -38.61
C3 NAG M . 24.58 7.91 -39.64
C4 NAG M . 25.70 7.34 -40.50
C5 NAG M . 26.81 6.72 -39.67
C6 NAG M . 28.00 6.33 -40.54
C7 NAG M . 24.15 10.57 -37.12
C8 NAG M . 23.18 10.83 -35.98
N2 NAG M . 24.10 9.36 -37.69
O3 NAG M . 23.66 8.59 -40.51
O4 NAG M . 25.12 6.27 -41.32
O5 NAG M . 27.29 7.71 -38.70
O6 NAG M . 29.00 5.72 -39.70
O7 NAG M . 24.97 11.41 -37.47
C1 NAG M . 25.40 6.43 -42.74
C2 NAG M . 24.95 5.19 -43.54
C3 NAG M . 25.26 5.45 -45.01
C4 NAG M . 24.47 6.68 -45.47
C5 NAG M . 24.89 7.89 -44.65
C6 NAG M . 24.14 9.17 -45.01
C7 NAG M . 24.96 3.04 -42.42
C8 NAG M . 25.69 1.72 -42.25
N2 NAG M . 25.61 3.99 -43.08
O3 NAG M . 24.92 4.28 -45.78
O4 NAG M . 24.76 6.99 -46.87
O5 NAG M . 24.65 7.58 -43.23
O6 NAG M . 24.85 10.28 -44.41
O7 NAG M . 23.83 3.21 -41.98
C1 BMA M . 24.09 6.16 -47.85
C2 BMA M . 23.66 7.01 -49.04
C3 BMA M . 23.14 6.10 -50.14
C4 BMA M . 24.16 5.03 -50.52
C5 BMA M . 24.40 4.23 -49.26
C6 BMA M . 25.25 3.00 -49.39
O2 BMA M . 24.81 7.73 -49.54
O3 BMA M . 22.81 6.91 -51.31
O4 BMA M . 23.58 4.18 -51.53
O5 BMA M . 25.02 5.14 -48.31
O6 BMA M . 25.74 2.70 -48.07
C1 MAN M . 21.58 6.47 -51.94
C2 MAN M . 21.76 6.60 -53.42
C3 MAN M . 21.88 8.05 -53.81
C4 MAN M . 20.58 8.77 -53.44
C5 MAN M . 20.36 8.67 -51.93
C6 MAN M . 19.02 9.20 -51.47
O2 MAN M . 20.58 6.01 -54.06
O3 MAN M . 22.12 8.10 -55.25
O4 MAN M . 20.78 10.14 -53.79
O5 MAN M . 20.45 7.26 -51.48
O6 MAN M . 17.97 8.43 -52.08
C1 MAN M . 21.00 4.92 -54.88
C2 MAN M . 19.94 4.64 -55.95
C3 MAN M . 18.88 3.60 -55.57
C4 MAN M . 19.45 2.43 -54.80
C5 MAN M . 20.15 3.00 -53.58
C6 MAN M . 20.64 1.90 -52.65
O2 MAN M . 20.56 4.32 -57.23
O3 MAN M . 18.32 3.07 -56.78
O4 MAN M . 18.36 1.62 -54.37
O5 MAN M . 21.31 3.75 -54.06
O6 MAN M . 21.42 2.49 -51.60
C1 MAN M . 21.72 3.49 -57.21
C2 MAN M . 22.76 4.11 -58.11
C3 MAN M . 22.26 4.16 -59.53
C4 MAN M . 22.00 2.72 -59.97
C5 MAN M . 20.99 2.02 -59.04
C6 MAN M . 20.92 0.52 -59.33
O2 MAN M . 23.93 3.27 -58.05
O3 MAN M . 23.29 4.80 -60.31
O4 MAN M . 21.42 2.71 -61.28
O5 MAN M . 21.38 2.15 -57.62
O6 MAN M . 19.76 0.03 -58.67
C1 MAN M . 26.18 1.33 -47.85
C2 MAN M . 26.89 1.34 -46.49
C3 MAN M . 28.10 2.28 -46.59
C4 MAN M . 29.09 1.86 -47.69
C5 MAN M . 28.34 1.77 -49.02
C6 MAN M . 29.11 1.24 -50.25
O2 MAN M . 27.29 -0.01 -46.16
O3 MAN M . 28.79 2.30 -45.30
O4 MAN M . 30.08 2.91 -47.77
O5 MAN M . 27.14 0.94 -48.90
O6 MAN M . 29.90 2.26 -50.94
C1 MAN M . 29.19 3.28 -51.73
C2 MAN M . 29.83 3.91 -52.99
C3 MAN M . 30.42 5.34 -52.73
C4 MAN M . 29.46 6.20 -51.89
C5 MAN M . 29.11 5.48 -50.57
C6 MAN M . 28.20 6.22 -49.59
O2 MAN M . 28.77 4.07 -54.01
O3 MAN M . 30.69 6.02 -53.99
O4 MAN M . 30.13 7.45 -51.60
O5 MAN M . 28.42 4.21 -50.90
O6 MAN M . 28.20 5.47 -48.35
C1 MAN M . 28.28 2.86 -54.65
C2 MAN M . 27.93 3.20 -56.13
C3 MAN M . 26.72 4.15 -56.22
C4 MAN M . 25.53 3.48 -55.52
C5 MAN M . 25.81 3.10 -54.06
C6 MAN M . 24.68 2.20 -53.57
O2 MAN M . 27.60 1.96 -56.82
O3 MAN M . 26.36 4.43 -57.60
O4 MAN M . 24.39 4.36 -55.58
O5 MAN M . 27.09 2.35 -53.93
O6 MAN M . 24.89 1.91 -52.18
C1 MAN M . 28.74 3.56 -44.53
C2 MAN M . 29.61 4.77 -44.87
C3 MAN M . 30.86 4.91 -43.96
C4 MAN M . 30.56 4.61 -42.47
C5 MAN M . 29.84 3.25 -42.33
C6 MAN M . 29.49 2.74 -40.92
O2 MAN M . 28.80 5.96 -44.65
O3 MAN M . 31.42 6.24 -44.11
O4 MAN M . 31.82 4.58 -41.77
O5 MAN M . 28.58 3.29 -43.10
O6 MAN M . 30.67 2.74 -40.09
C1 NAG N . 24.70 18.62 -23.05
C2 NAG N . 23.53 17.65 -22.77
C3 NAG N . 22.56 17.69 -23.96
C4 NAG N . 22.10 19.11 -24.28
C5 NAG N . 23.29 20.04 -24.49
C6 NAG N . 22.89 21.50 -24.71
C7 NAG N . 23.56 15.48 -21.66
C8 NAG N . 24.17 14.08 -21.64
N2 NAG N . 24.03 16.29 -22.59
O3 NAG N . 21.40 16.87 -23.68
O4 NAG N . 21.35 19.02 -25.54
O5 NAG N . 24.18 19.95 -23.31
O6 NAG N . 22.11 21.97 -23.60
O7 NAG N . 22.72 15.83 -20.84
C1 NAG N . 19.91 19.29 -25.45
C2 NAG N . 19.33 19.29 -26.89
C3 NAG N . 17.80 19.39 -26.89
C4 NAG N . 17.29 18.22 -26.04
C5 NAG N . 17.78 18.34 -24.60
C6 NAG N . 17.25 17.23 -23.68
C7 NAG N . 20.15 21.53 -27.51
C8 NAG N . 21.06 22.29 -28.47
N2 NAG N . 19.98 20.23 -27.78
O3 NAG N . 17.28 19.27 -28.25
O4 NAG N . 15.85 17.90 -26.16
O5 NAG N . 19.26 18.23 -24.67
O6 NAG N . 16.35 17.78 -22.73
O7 NAG N . 19.66 22.04 -26.52
C1 BMA N . 14.70 18.83 -26.17
C2 BMA N . 14.56 19.70 -24.91
C3 BMA N . 13.23 20.45 -25.00
C4 BMA N . 13.16 21.28 -26.30
C5 BMA N . 13.42 20.41 -27.54
C6 BMA N . 13.52 21.26 -28.81
O2 BMA N . 15.63 20.67 -24.83
O3 BMA N . 13.13 21.30 -23.84
O4 BMA N . 11.83 21.86 -26.40
O5 BMA N . 14.69 19.67 -27.37
O6 BMA N . 13.86 20.42 -29.93
C1 NAG O . 2.23 -6.46 -30.91
C2 NAG O . 2.19 -5.79 -32.28
C3 NAG O . 0.81 -5.16 -32.46
C4 NAG O . -0.30 -6.19 -32.29
C5 NAG O . -0.18 -6.87 -30.92
C6 NAG O . -1.14 -8.03 -30.70
C7 NAG O . 4.01 -4.64 -33.44
C8 NAG O . 4.82 -3.35 -33.53
N2 NAG O . 3.21 -4.74 -32.39
O3 NAG O . 0.69 -4.52 -33.74
O4 NAG O . -1.54 -5.39 -32.38
O5 NAG O . 1.17 -7.44 -30.81
O6 NAG O . -0.84 -9.07 -31.63
O7 NAG O . 4.08 -5.52 -34.28
C1 NAG O . -2.76 -5.84 -33.04
C2 NAG O . -2.61 -6.91 -34.14
C3 NAG O . -4.00 -7.09 -34.77
C4 NAG O . -5.10 -7.38 -33.74
C5 NAG O . -5.08 -6.42 -32.55
C6 NAG O . -5.97 -6.88 -31.40
C7 NAG O . -0.79 -7.24 -35.77
C8 NAG O . 0.16 -6.58 -36.79
N2 NAG O . -1.66 -6.44 -35.16
O3 NAG O . -4.00 -8.14 -35.77
O4 NAG O . -6.48 -7.42 -34.32
O5 NAG O . -3.69 -6.35 -32.04
O6 NAG O . -5.59 -6.16 -30.21
O7 NAG O . -0.71 -8.44 -35.50
C1 BMA O . -6.95 -6.57 -35.44
C2 BMA O . -7.20 -5.06 -35.17
C3 BMA O . -8.07 -4.54 -36.34
C4 BMA O . -7.55 -5.01 -37.72
C5 BMA O . -7.53 -6.55 -37.82
C6 BMA O . -6.99 -7.06 -39.14
O2 BMA O . -5.98 -4.24 -35.13
O3 BMA O . -8.12 -3.09 -36.31
O4 BMA O . -8.43 -4.48 -38.73
O5 BMA O . -6.65 -7.09 -36.77
O6 BMA O . -7.96 -6.89 -40.19
C1 NAG P . 6.30 9.91 -35.46
C2 NAG P . 6.20 10.82 -36.71
C3 NAG P . 4.94 11.71 -36.64
C4 NAG P . 3.68 10.87 -36.34
C5 NAG P . 3.90 9.97 -35.12
C6 NAG P . 2.71 9.07 -34.77
C7 NAG P . 8.50 11.17 -37.45
C8 NAG P . 9.69 12.14 -37.55
N2 NAG P . 7.41 11.64 -36.86
O3 NAG P . 4.80 12.40 -37.91
O4 NAG P . 2.53 11.73 -35.99
O5 NAG P . 5.07 9.13 -35.36
O6 NAG P . 1.76 9.81 -33.98
O7 NAG P . 8.55 10.02 -37.88
C1 NAG P . 1.86 12.48 -37.05
C2 NAG P . 0.52 11.81 -37.45
C3 NAG P . -0.24 12.69 -38.47
C4 NAG P . -0.41 14.11 -37.91
C5 NAG P . 0.95 14.71 -37.57
C6 NAG P . 0.90 16.14 -37.01
C7 NAG P . 1.43 10.09 -39.02
C8 NAG P . 1.38 8.62 -39.44
N2 NAG P . 0.69 10.44 -37.97
O3 NAG P . -1.55 12.12 -38.73
O4 NAG P . -1.05 14.90 -38.94
O5 NAG P . 1.58 13.83 -36.56
O6 NAG P . 0.61 17.05 -38.08
O7 NAG P . 2.12 10.92 -39.61
C1 NAG Q . 27.07 16.35 -35.05
C2 NAG Q . 28.04 16.17 -36.22
C3 NAG Q . 28.47 17.53 -36.76
C4 NAG Q . 27.30 18.49 -37.03
C5 NAG Q . 26.33 18.54 -35.83
C6 NAG Q . 25.05 19.34 -36.05
C7 NAG Q . 29.24 14.09 -35.86
C8 NAG Q . 30.48 13.40 -35.31
N2 NAG Q . 29.22 15.41 -35.79
O3 NAG Q . 29.22 17.29 -37.98
O4 NAG Q . 27.92 19.83 -37.20
O5 NAG Q . 25.96 17.15 -35.49
O6 NAG Q . 24.08 19.04 -35.02
O7 NAG Q . 28.30 13.45 -36.33
C1 NAG Q . 27.54 20.75 -38.28
C2 NAG Q . 27.69 20.17 -39.71
C3 NAG Q . 27.38 21.31 -40.72
C4 NAG Q . 26.02 21.98 -40.44
C5 NAG Q . 25.86 22.39 -38.97
C6 NAG Q . 24.47 22.91 -38.61
C7 NAG Q . 29.38 18.76 -40.82
C8 NAG Q . 30.78 18.15 -40.72
N2 NAG Q . 29.04 19.67 -39.91
O3 NAG Q . 27.36 20.81 -42.09
O4 NAG Q . 25.97 23.18 -41.26
O5 NAG Q . 26.18 21.24 -38.10
O6 NAG Q . 23.47 21.90 -38.87
O7 NAG Q . 28.60 18.44 -41.72
C1 NAG R . -39.16 24.02 6.36
C2 NAG R . -39.69 23.70 7.74
C3 NAG R . -40.95 22.86 7.60
C4 NAG R . -41.97 23.55 6.69
C5 NAG R . -41.39 24.11 5.39
C6 NAG R . -42.37 25.07 4.73
C7 NAG R . -37.72 23.71 9.15
C8 NAG R . -36.61 22.93 9.84
N2 NAG R . -38.66 23.02 8.52
O3 NAG R . -41.54 22.69 8.90
O4 NAG R . -42.91 22.52 6.25
O5 NAG R . -40.16 24.85 5.69
O6 NAG R . -41.80 25.58 3.53
O7 NAG R . -37.74 24.94 9.16
C1 NAG R . -44.29 22.76 6.63
C2 NAG R . -45.23 21.76 5.95
C3 NAG R . -46.66 22.00 6.46
C4 NAG R . -46.70 21.87 7.99
C5 NAG R . -45.73 22.87 8.61
C6 NAG R . -45.62 22.80 10.12
C7 NAG R . -44.53 21.06 3.73
C8 NAG R . -44.78 21.20 2.22
N2 NAG R . -45.20 21.91 4.51
O3 NAG R . -47.55 21.06 5.82
O4 NAG R . -48.01 22.19 8.55
O5 NAG R . -44.41 22.58 8.07
O6 NAG R . -44.52 23.63 10.52
O7 NAG R . -43.78 20.21 4.17
C1 BMA R . -49.04 21.19 8.31
C2 BMA R . -49.95 21.12 9.51
C3 BMA R . -51.12 20.21 9.17
C4 BMA R . -51.88 20.75 7.94
C5 BMA R . -50.86 20.66 6.84
C6 BMA R . -51.38 20.93 5.46
O2 BMA R . -50.45 22.43 9.81
O3 BMA R . -52.00 20.13 10.31
O4 BMA R . -53.00 19.91 7.63
O5 BMA R . -49.80 21.59 7.15
O6 BMA R . -50.26 21.28 4.62
C1 MAN R . -52.55 18.81 10.51
C2 MAN R . -53.91 19.03 11.11
C3 MAN R . -53.78 19.71 12.45
C4 MAN R . -52.98 18.84 13.39
C5 MAN R . -51.59 18.56 12.81
C6 MAN R . -50.82 17.53 13.64
O2 MAN R . -54.54 17.72 11.26
O3 MAN R . -55.11 19.93 12.98
O4 MAN R . -52.81 19.58 14.61
O5 MAN R . -51.70 18.05 11.42
O6 MAN R . -51.54 16.28 13.66
C1 MAN R . -55.56 17.57 10.28
C2 MAN R . -56.47 16.39 10.62
C3 MAN R . -56.08 15.05 10.02
C4 MAN R . -55.59 15.19 8.60
C5 MAN R . -54.42 16.15 8.58
C6 MAN R . -53.79 16.23 7.20
O2 MAN R . -57.85 16.72 10.37
O3 MAN R . -57.26 14.22 9.99
O4 MAN R . -55.14 13.91 8.16
O5 MAN R . -54.98 17.45 8.93
O6 MAN R . -52.73 17.21 7.22
C1 MAN R . -58.17 17.42 9.16
C2 MAN R . -59.08 18.58 9.52
C3 MAN R . -60.33 18.03 10.17
C4 MAN R . -61.02 17.11 9.14
C5 MAN R . -60.07 15.98 8.73
C6 MAN R . -60.62 15.08 7.62
O2 MAN R . -59.43 19.26 8.31
O3 MAN R . -61.12 19.17 10.55
O4 MAN R . -62.16 16.52 9.73
O5 MAN R . -58.79 16.51 8.24
O6 MAN R . -59.81 13.91 7.63
C1 MAN R . -50.51 20.99 3.21
C2 MAN R . -49.39 21.68 2.42
C3 MAN R . -49.55 23.19 2.57
C4 MAN R . -50.93 23.69 2.12
C5 MAN R . -52.01 22.97 2.94
C6 MAN R . -53.50 23.23 2.65
O2 MAN R . -49.46 21.31 1.02
O3 MAN R . -48.49 23.85 1.80
O4 MAN R . -50.98 25.11 2.39
O5 MAN R . -51.82 21.50 2.81
O6 MAN R . -54.03 24.42 3.33
C1 MAN R . -54.37 24.28 4.77
C2 MAN R . -55.45 25.20 5.40
C3 MAN R . -54.84 26.38 6.23
C4 MAN R . -53.66 25.89 7.10
C5 MAN R . -52.58 25.22 6.23
C6 MAN R . -51.34 24.74 6.96
O2 MAN R . -56.24 24.39 6.36
O3 MAN R . -55.84 27.01 7.06
O4 MAN R . -53.10 27.03 7.77
O5 MAN R . -53.21 24.01 5.62
O6 MAN R . -50.43 24.22 5.97
C1 MAN R . -57.21 23.48 5.79
C2 MAN R . -58.34 23.21 6.85
C3 MAN R . -57.84 22.27 7.97
C4 MAN R . -57.21 21.01 7.38
C5 MAN R . -56.05 21.32 6.43
C6 MAN R . -55.58 20.04 5.75
O2 MAN R . -59.48 22.58 6.20
O3 MAN R . -58.93 21.87 8.85
O4 MAN R . -56.76 20.20 8.47
O5 MAN R . -56.53 22.24 5.37
O6 MAN R . -54.27 20.30 5.21
C1 MAN R . -47.38 24.38 2.60
C2 MAN R . -47.61 25.58 3.55
C3 MAN R . -47.03 26.91 2.98
C4 MAN R . -45.66 26.74 2.31
C5 MAN R . -45.71 25.64 1.22
C6 MAN R . -44.42 25.41 0.42
O2 MAN R . -46.91 25.29 4.79
O3 MAN R . -46.94 27.88 4.07
O4 MAN R . -45.30 28.00 1.70
O5 MAN R . -46.10 24.37 1.89
O6 MAN R . -43.33 24.96 1.25
C1 NAG S . -31.31 -3.02 1.20
C2 NAG S . -32.55 -3.11 2.11
C3 NAG S . -32.36 -4.23 3.14
C4 NAG S . -31.95 -5.55 2.49
C5 NAG S . -30.72 -5.36 1.63
C6 NAG S . -30.25 -6.60 0.88
C7 NAG S . -33.75 -1.02 2.56
C8 NAG S . -33.95 0.12 3.56
N2 NAG S . -32.74 -1.84 2.81
O3 NAG S . -33.59 -4.43 3.89
O4 NAG S . -31.63 -6.47 3.58
O5 NAG S . -31.03 -4.33 0.62
O6 NAG S . -29.15 -6.20 0.05
O7 NAG S . -34.48 -1.14 1.57
C1 NAG S . -32.43 -7.70 3.60
C2 NAG S . -31.98 -8.60 4.78
C3 NAG S . -32.90 -9.84 4.85
C4 NAG S . -34.37 -9.42 4.92
C5 NAG S . -34.74 -8.52 3.74
C6 NAG S . -36.19 -8.04 3.78
C7 NAG S . -29.98 -9.62 3.74
C8 NAG S . -28.46 -9.84 3.88
N2 NAG S . -30.56 -8.94 4.73
O3 NAG S . -32.60 -10.66 6.01
O4 NAG S . -35.17 -10.65 4.89
O5 NAG S . -33.84 -7.34 3.79
O6 NAG S . -36.46 -7.26 2.60
O7 NAG S . -30.62 -10.02 2.77
C1 BMA S . -36.05 -10.85 6.05
C2 BMA S . -36.73 -12.23 5.96
C3 BMA S . -37.54 -12.50 7.25
C4 BMA S . -36.70 -12.32 8.51
C5 BMA S . -36.04 -10.93 8.53
C6 BMA S . -35.11 -10.65 9.71
O2 BMA S . -35.71 -13.25 5.83
O3 BMA S . -38.11 -13.83 7.20
O4 BMA S . -37.57 -12.46 9.66
O5 BMA S . -35.26 -10.78 7.28
O6 BMA S . -33.97 -11.54 9.64
C1 NAG T . -34.77 28.89 12.87
C2 NAG T . -36.11 29.57 12.56
C3 NAG T . -36.61 30.42 13.73
C4 NAG T . -36.49 29.69 15.09
C5 NAG T . -35.08 29.12 15.29
C6 NAG T . -34.93 28.32 16.57
C7 NAG T . -36.35 29.96 10.18
C8 NAG T . -36.14 30.92 9.02
N2 NAG T . -35.97 30.39 11.37
O3 NAG T . -38.00 30.75 13.48
O4 NAG T . -36.72 30.69 16.15
O5 NAG T . -34.82 28.21 14.16
O6 NAG T . -33.53 27.95 16.72
O7 NAG T . -36.82 28.84 10.00
C1 NAG T . -38.02 30.63 16.83
C2 NAG T . -38.00 31.57 18.07
C3 NAG T . -39.36 31.50 18.78
C4 NAG T . -40.46 31.92 17.81
C5 NAG T . -40.45 31.07 16.52
C6 NAG T . -41.42 31.55 15.44
C7 NAG T . -36.64 30.17 19.61
C8 NAG T . -35.34 30.09 20.39
N2 NAG T . -36.86 31.31 18.95
O3 NAG T . -39.39 32.39 19.93
O4 NAG T . -41.72 31.74 18.49
O5 NAG T . -39.09 31.08 15.94
O6 NAG T . -42.78 31.40 15.89
O7 NAG T . -37.45 29.24 19.56
C1 NAG U . -33.66 7.95 15.29
C2 NAG U . -34.71 8.20 16.39
C3 NAG U . -34.15 7.71 17.74
C4 NAG U . -33.67 6.25 17.64
C5 NAG U . -32.71 6.07 16.46
C6 NAG U . -32.20 4.63 16.28
C7 NAG U . -34.34 10.64 16.60
C8 NAG U . -35.03 12.02 16.65
N2 NAG U . -35.15 9.59 16.45
O3 NAG U . -35.15 7.82 18.78
O4 NAG U . -32.95 5.89 18.86
O5 NAG U . -33.38 6.52 15.24
O6 NAG U . -33.29 3.71 16.33
O7 NAG U . -33.12 10.51 16.69
C1 NAG U . -33.66 4.95 19.73
C2 NAG U . -32.68 4.35 20.77
C3 NAG U . -33.44 3.48 21.77
C4 NAG U . -34.63 4.23 22.40
C5 NAG U . -35.55 4.85 21.34
C6 NAG U . -36.65 5.74 21.93
C7 NAG U . -30.41 3.87 19.95
C8 NAG U . -29.53 2.89 19.16
N2 NAG U . -31.69 3.51 20.09
O3 NAG U . -32.56 3.04 22.84
O4 NAG U . -35.38 3.27 23.16
O5 NAG U . -34.73 5.67 20.41
O6 NAG U . -36.07 6.88 22.60
O7 NAG U . -29.98 4.92 20.42
C1 NAG V . -22.64 28.58 12.51
C2 NAG V . -22.33 27.12 12.11
C3 NAG V . -23.26 26.18 12.90
C4 NAG V . -23.19 26.43 14.40
C5 NAG V . -23.42 27.90 14.76
C6 NAG V . -23.19 28.17 16.25
C7 NAG V . -21.66 26.29 9.91
C8 NAG V . -21.99 26.23 8.42
N2 NAG V . -22.53 26.94 10.67
O3 NAG V . -22.90 24.79 12.68
O4 NAG V . -24.31 25.66 14.97
O5 NAG V . -22.53 28.74 13.96
O6 NAG V . -21.82 27.90 16.58
O7 NAG V . -20.64 25.79 10.37
C1 NAG V . -23.98 24.61 15.92
C2 NAG V . -25.33 24.07 16.45
C3 NAG V . -25.23 22.72 17.18
C4 NAG V . -24.49 21.79 16.22
C5 NAG V . -23.08 22.30 16.01
C6 NAG V . -22.19 21.34 15.20
C7 NAG V . -25.70 25.58 18.36
C8 NAG V . -26.62 26.64 18.96
N2 NAG V . -26.09 25.07 17.20
O3 NAG V . -26.56 22.23 17.47
O4 NAG V . -24.51 20.35 16.59
O5 NAG V . -23.22 23.55 15.23
O6 NAG V . -21.61 20.36 16.08
O7 NAG V . -24.66 25.22 18.91
C1 BMA V . -24.37 19.88 17.96
C2 BMA V . -24.21 18.34 17.83
C3 BMA V . -23.77 17.69 19.15
C4 BMA V . -22.50 18.37 19.66
C5 BMA V . -22.79 19.86 19.88
C6 BMA V . -21.57 20.62 20.40
O2 BMA V . -23.17 18.07 16.85
O3 BMA V . -23.50 16.29 18.90
O4 BMA V . -22.09 17.74 20.90
O5 BMA V . -23.17 20.44 18.58
O6 BMA V . -21.37 20.30 21.80
C1 NAG W . 18.09 -24.14 35.45
C2 NAG W . 19.22 -24.81 34.65
C3 NAG W . 18.88 -26.25 34.29
C4 NAG W . 18.45 -27.03 35.53
C5 NAG W . 17.32 -26.33 36.26
C6 NAG W . 17.01 -27.05 37.57
C7 NAG W . 20.46 -23.18 33.30
C8 NAG W . 20.43 -22.32 32.04
N2 NAG W . 19.46 -24.04 33.44
O3 NAG W . 20.06 -26.88 33.75
O4 NAG W . 17.92 -28.34 35.12
O5 NAG W . 17.73 -24.97 36.59
O6 NAG W . 16.18 -26.20 38.36
O7 NAG W . 21.34 -23.08 34.14
C1 NAG W . 18.53 -29.45 35.83
C2 NAG W . 17.78 -30.77 35.55
C3 NAG W . 18.52 -31.92 36.22
C4 NAG W . 19.96 -31.97 35.71
C5 NAG W . 20.66 -30.67 36.05
C6 NAG W . 22.12 -30.62 35.61
C7 NAG W . 15.37 -30.72 35.22
C8 NAG W . 14.01 -30.98 35.86
N2 NAG W . 16.40 -30.71 36.05
O3 NAG W . 17.81 -33.14 35.95
O4 NAG W . 20.74 -33.01 36.39
O5 NAG W . 19.90 -29.60 35.38
O6 NAG W . 22.51 -29.24 35.52
O7 NAG W . 15.49 -30.54 34.01
C1 BMA W . 20.49 -34.35 35.92
C2 BMA W . 21.79 -35.14 35.93
C3 BMA W . 21.50 -36.61 35.65
C4 BMA W . 20.51 -37.16 36.68
C5 BMA W . 19.25 -36.36 36.48
C6 BMA W . 18.04 -36.80 37.26
O2 BMA W . 22.39 -35.03 37.24
O3 BMA W . 22.74 -37.38 35.67
O4 BMA W . 20.26 -38.54 36.38
O5 BMA W . 19.55 -34.97 36.83
O6 BMA W . 17.16 -35.64 37.38
C1 MAN W . 22.76 -38.40 34.64
C2 MAN W . 23.47 -39.60 35.20
C3 MAN W . 24.91 -39.27 35.52
C4 MAN W . 25.61 -38.85 34.24
C5 MAN W . 24.92 -37.65 33.59
C6 MAN W . 25.47 -37.34 32.20
O2 MAN W . 23.43 -40.68 34.21
O3 MAN W . 25.54 -40.44 36.10
O4 MAN W . 26.93 -38.43 34.64
O5 MAN W . 23.46 -37.89 33.46
O6 MAN W . 25.23 -38.45 31.32
C1 MAN W . 22.76 -41.81 34.77
C2 MAN W . 23.10 -43.08 34.00
C3 MAN W . 22.16 -43.43 32.86
C4 MAN W . 20.70 -43.14 33.17
C5 MAN W . 20.58 -41.68 33.59
C6 MAN W . 19.14 -41.27 33.88
O2 MAN W . 23.24 -44.22 34.91
O3 MAN W . 22.27 -44.84 32.59
O4 MAN W . 19.95 -43.34 31.97
O5 MAN W . 21.31 -41.55 34.84
O6 MAN W . 19.12 -39.88 34.22
C1 MAN W . 22.23 -44.39 35.91
C2 MAN W . 22.91 -44.75 37.21
C3 MAN W . 23.62 -46.06 37.06
C4 MAN W . 22.55 -47.13 36.77
C5 MAN W . 21.78 -46.79 35.49
C6 MAN W . 20.53 -47.66 35.34
O2 MAN W . 21.90 -44.86 38.23
O3 MAN W . 24.33 -46.29 38.29
O4 MAN W . 23.18 -48.39 36.59
O5 MAN W . 21.29 -45.41 35.49
O6 MAN W . 20.09 -47.52 33.98
C1 MAN W . 15.78 -35.93 37.70
C2 MAN W . 15.12 -34.60 38.11
C3 MAN W . 15.82 -34.11 39.40
C4 MAN W . 15.81 -35.14 40.55
C5 MAN W . 16.36 -36.49 40.06
C6 MAN W . 16.31 -37.72 40.99
O2 MAN W . 13.71 -34.79 38.36
O3 MAN W . 15.24 -32.85 39.87
O4 MAN W . 16.72 -34.62 41.56
O5 MAN W . 15.69 -36.90 38.80
O6 MAN W . 17.40 -37.77 41.98
C1 MAN W . 18.78 -38.06 41.55
C2 MAN W . 19.79 -38.71 42.53
C3 MAN W . 20.79 -37.67 43.10
C4 MAN W . 21.31 -36.67 42.04
C5 MAN W . 20.11 -35.98 41.36
C6 MAN W . 20.45 -34.88 40.36
O2 MAN W . 20.58 -39.75 41.84
O3 MAN W . 21.92 -38.34 43.70
O4 MAN W . 22.10 -35.69 42.72
O5 MAN W . 19.34 -37.04 40.66
O6 MAN W . 19.22 -34.31 39.87
C1 MAN W . 19.92 -41.02 41.61
C2 MAN W . 20.96 -42.18 41.62
C3 MAN W . 21.86 -42.17 40.37
C4 MAN W . 21.00 -42.13 39.11
C5 MAN W . 20.04 -40.94 39.12
C6 MAN W . 19.10 -40.98 37.92
O2 MAN W . 20.25 -43.45 41.65
O3 MAN W . 22.71 -43.35 40.32
O4 MAN W . 21.88 -42.04 37.98
O5 MAN W . 19.20 -40.96 40.32
O6 MAN W . 18.37 -39.75 37.89
C1 MAN W . 16.00 -31.63 39.54
C2 MAN W . 17.21 -31.21 40.39
C3 MAN W . 16.91 -29.99 41.30
C4 MAN W . 16.05 -28.91 40.60
C5 MAN W . 14.75 -29.52 40.02
C6 MAN W . 13.77 -28.55 39.34
O2 MAN W . 18.23 -30.80 39.46
O3 MAN W . 18.16 -29.40 41.73
O4 MAN W . 15.77 -27.89 41.58
O5 MAN W . 15.14 -30.56 39.03
O6 MAN W . 13.39 -27.52 40.27
C1 NAG X . 6.01 -29.49 9.38
C2 NAG X . 7.14 -30.54 9.51
C3 NAG X . 7.78 -30.78 8.14
C4 NAG X . 6.75 -31.06 7.04
C5 NAG X . 5.68 -29.98 7.00
C6 NAG X . 4.56 -30.26 6.00
C7 NAG X . 8.12 -30.36 11.73
C8 NAG X . 9.33 -29.95 12.56
N2 NAG X . 8.16 -30.08 10.44
O3 NAG X . 8.69 -31.91 8.22
O4 NAG X . 7.51 -31.01 5.79
O5 NAG X . 5.07 -29.90 8.34
O6 NAG X . 3.65 -29.15 6.03
O7 NAG X . 7.14 -30.92 12.22
C1 NAG X . 7.55 -32.24 5.02
C2 NAG X . 8.40 -32.01 3.75
C3 NAG X . 8.51 -33.31 2.93
C4 NAG X . 9.04 -34.44 3.83
C5 NAG X . 8.23 -34.59 5.12
C6 NAG X . 8.80 -35.64 6.07
C7 NAG X . 6.67 -30.70 2.56
C8 NAG X . 6.31 -29.31 2.01
N2 NAG X . 7.93 -30.86 2.98
O3 NAG X . 9.42 -33.13 1.82
O4 NAG X . 8.95 -35.70 3.06
O5 NAG X . 8.19 -33.29 5.81
O6 NAG X . 10.13 -35.26 6.47
O7 NAG X . 5.85 -31.60 2.65
C1 BMA X . 10.22 -36.41 2.98
C2 BMA X . 10.05 -37.78 2.28
C3 BMA X . 11.42 -38.45 2.07
C4 BMA X . 12.42 -37.51 1.38
C5 BMA X . 12.53 -36.17 2.13
C6 BMA X . 13.44 -35.14 1.48
O2 BMA X . 9.40 -37.61 0.99
O3 BMA X . 11.25 -39.66 1.28
O4 BMA X . 13.73 -38.14 1.36
O5 BMA X . 11.18 -35.59 2.22
O6 BMA X . 14.81 -35.54 1.68
C1 NAG Y . 24.30 -18.23 35.97
C2 NAG Y . 24.44 -19.13 37.19
C3 NAG Y . 25.82 -18.94 37.85
C4 NAG Y . 27.00 -18.99 36.86
C5 NAG Y . 26.72 -18.16 35.60
C6 NAG Y . 27.78 -18.34 34.50
C7 NAG Y . 22.27 -19.55 38.24
C8 NAG Y . 21.17 -19.03 39.16
N2 NAG Y . 23.37 -18.82 38.16
O3 NAG Y . 25.96 -19.96 38.86
O4 NAG Y . 28.18 -18.43 37.57
O5 NAG Y . 25.40 -18.52 35.05
O6 NAG Y . 27.25 -17.96 33.21
O7 NAG Y . 22.12 -20.58 37.60
C1 NAG Y . 29.51 -19.08 37.54
C2 NAG Y . 29.51 -20.52 38.11
C3 NAG Y . 30.94 -21.11 38.04
C4 NAG Y . 31.54 -20.99 36.63
C5 NAG Y . 31.49 -19.54 36.12
C6 NAG Y . 32.00 -19.37 34.67
C7 NAG Y . 28.47 -21.51 40.12
C8 NAG Y . 27.82 -21.19 41.48
N2 NAG Y . 29.06 -20.49 39.50
O3 NAG Y . 30.94 -22.52 38.41
O4 NAG Y . 32.92 -21.40 36.73
O5 NAG Y . 30.09 -19.06 36.20
O6 NAG Y . 31.01 -19.82 33.73
O7 NAG Y . 28.46 -22.63 39.62
C1 NAG Z . 22.11 -25.96 16.33
C2 NAG Z . 23.38 -26.77 16.66
C3 NAG Z . 24.48 -26.38 15.67
C4 NAG Z . 24.01 -26.62 14.22
C5 NAG Z . 22.67 -25.91 13.96
C6 NAG Z . 22.06 -26.21 12.59
C7 NAG Z . 24.14 -25.49 18.63
C8 NAG Z . 24.63 -25.58 20.08
N2 NAG Z . 23.80 -26.63 18.06
O3 NAG Z . 25.68 -27.14 15.92
O4 NAG Z . 25.00 -26.00 13.33
O5 NAG Z . 21.70 -26.32 14.98
O6 NAG Z . 20.77 -25.59 12.57
O7 NAG Z . 24.07 -24.42 18.04
C1 NAG Z . 25.87 -26.90 12.57
C2 NAG Z . 26.73 -26.06 11.61
C3 NAG Z . 27.68 -26.98 10.82
C4 NAG Z . 28.57 -27.77 11.78
C5 NAG Z . 27.76 -28.52 12.86
C6 NAG Z . 28.61 -29.11 13.98
C7 NAG Z . 25.06 -25.61 9.83
C8 NAG Z . 24.25 -24.51 9.13
N2 NAG Z . 25.91 -25.19 10.76
O3 NAG Z . 28.53 -26.20 9.94
O4 NAG Z . 29.33 -28.73 11.00
O5 NAG Z . 26.76 -27.62 13.48
O6 NAG Z . 29.22 -28.06 14.74
O7 NAG Z . 24.91 -26.80 9.57
C1 NAG AA . 21.58 -7.27 30.98
C2 NAG AA . 20.85 -7.64 29.68
C3 NAG AA . 21.54 -8.85 29.04
C4 NAG AA . 23.06 -8.69 28.95
C5 NAG AA . 23.67 -8.28 30.28
C6 NAG AA . 25.18 -8.04 30.20
C7 NAG AA . 18.44 -7.49 29.31
C8 NAG AA . 17.04 -7.85 29.81
N2 NAG AA . 19.46 -7.98 30.00
O3 NAG AA . 21.03 -9.06 27.70
O4 NAG AA . 23.60 -10.01 28.62
O5 NAG AA . 22.99 -7.06 30.74
O6 NAG AA . 25.46 -6.94 29.32
O7 NAG AA . 18.60 -6.73 28.35
C1 NAG AA . 24.30 -10.05 27.35
C2 NAG AA . 25.01 -11.40 27.18
C3 NAG AA . 25.74 -11.44 25.83
C4 NAG AA . 24.78 -11.13 24.68
C5 NAG AA . 23.91 -9.89 24.92
C6 NAG AA . 22.76 -9.77 23.91
C7 NAG AA . 26.98 -11.08 28.64
C8 NAG AA . 27.82 -11.66 29.76
N2 NAG AA . 25.90 -11.77 28.28
O3 NAG AA . 26.32 -12.76 25.66
O4 NAG AA . 25.62 -10.80 23.51
O5 NAG AA . 23.31 -9.95 26.27
O6 NAG AA . 23.26 -9.38 22.63
O7 NAG AA . 27.27 -10.03 28.08
C1 BMA AA . 25.84 -11.76 22.41
C2 BMA AA . 26.92 -12.86 22.58
C3 BMA AA . 27.35 -13.26 21.17
C4 BMA AA . 26.12 -13.60 20.29
C5 BMA AA . 25.21 -12.37 20.17
C6 BMA AA . 24.00 -12.51 19.23
O2 BMA AA . 26.48 -14.06 23.27
O3 BMA AA . 28.30 -14.40 21.20
O4 BMA AA . 26.60 -13.97 18.98
O5 BMA AA . 24.74 -11.92 21.49
O6 BMA AA . 24.34 -12.02 17.88
C1 MAN AA . 29.58 -14.25 21.92
C2 MAN AA . 30.36 -13.00 21.46
C3 MAN AA . 30.73 -13.12 19.98
C4 MAN AA . 31.52 -14.42 19.69
C5 MAN AA . 30.77 -15.65 20.23
C6 MAN AA . 31.57 -16.96 20.13
O2 MAN AA . 31.58 -12.85 22.24
O3 MAN AA . 31.51 -11.97 19.60
O4 MAN AA . 31.65 -14.52 18.25
O5 MAN AA . 30.39 -15.45 21.66
O6 MAN AA . 32.70 -16.91 21.03
C1 MAN AA . 24.18 -10.58 17.67
C2 MAN AA . 24.20 -10.28 16.16
C3 MAN AA . 25.58 -10.53 15.56
C4 MAN AA . 26.71 -9.82 16.33
C5 MAN AA . 26.64 -10.15 17.82
C6 MAN AA . 27.67 -9.42 18.69
O2 MAN AA . 23.83 -8.89 15.92
O3 MAN AA . 25.56 -10.04 14.19
O4 MAN AA . 27.97 -10.28 15.79
O5 MAN AA . 25.27 -9.83 18.31
O6 MAN AA . 27.53 -9.84 20.08
C1 NAG BA . 55.54 33.11 30.94
C2 NAG BA . 55.12 32.98 32.43
C3 NAG BA . 55.86 31.81 33.07
C4 NAG BA . 55.54 30.53 32.29
C5 NAG BA . 55.95 30.64 30.82
C6 NAG BA . 55.51 29.44 29.98
C7 NAG BA . 54.55 35.26 33.14
C8 NAG BA . 55.01 36.55 33.82
N2 NAG BA . 55.41 34.24 33.14
O3 NAG BA . 55.44 31.62 34.46
O4 NAG BA . 56.28 29.44 32.90
O5 NAG BA . 55.31 31.84 30.24
O6 NAG BA . 56.02 29.58 28.64
O7 NAG BA . 53.46 35.17 32.57
C1 NAG CA . 59.16 38.38 9.55
C2 NAG CA . 60.60 38.50 10.13
C3 NAG CA . 61.16 37.12 10.50
C4 NAG CA . 60.19 36.37 11.42
C5 NAG CA . 58.82 36.21 10.76
C6 NAG CA . 57.76 35.63 11.71
C7 NAG CA . 61.96 40.37 9.29
C8 NAG CA . 62.83 40.89 8.13
N2 NAG CA . 61.46 39.14 9.15
O3 NAG CA . 62.43 37.28 11.19
O4 NAG CA . 60.74 35.05 11.66
O5 NAG CA . 58.31 37.53 10.39
O6 NAG CA . 58.09 34.28 12.09
O7 NAG CA . 61.71 41.06 10.29
C1 NAG DA . 52.44 23.47 19.31
C2 NAG DA . 53.65 23.75 18.42
C3 NAG DA . 53.98 22.47 17.61
C4 NAG DA . 54.22 21.29 18.56
C5 NAG DA . 53.04 21.08 19.53
C6 NAG DA . 53.34 20.04 20.63
C7 NAG DA . 53.74 26.13 17.77
C8 NAG DA . 53.41 27.17 16.69
N2 NAG DA . 53.39 24.87 17.52
O3 NAG DA . 55.18 22.67 16.80
O4 NAG DA . 54.38 20.11 17.74
O5 NAG DA . 52.72 22.35 20.21
O6 NAG DA . 53.51 18.75 20.03
O7 NAG DA . 54.30 26.45 18.83
C1 NAG EA . 12.77 -14.47 -31.69
C2 NAG EA . 12.58 -15.66 -32.64
C3 NAG EA . 13.43 -16.83 -32.12
C4 NAG EA . 14.91 -16.40 -32.05
C5 NAG EA . 15.12 -15.13 -31.21
C6 NAG EA . 16.53 -14.56 -31.35
C7 NAG EA . 10.35 -15.44 -33.59
C8 NAG EA . 8.86 -15.79 -33.46
N2 NAG EA . 11.17 -16.04 -32.74
O3 NAG EA . 13.32 -17.97 -33.02
O4 NAG EA . 15.64 -17.48 -31.44
O5 NAG EA . 14.18 -14.09 -31.65
O6 NAG EA . 16.79 -14.17 -32.71
O7 NAG EA . 10.75 -14.59 -34.39
C1 NAG FA . -5.22 -14.12 -18.93
C2 NAG FA . -4.18 -15.15 -19.44
C3 NAG FA . -4.87 -16.39 -20.00
C4 NAG FA . -5.87 -16.99 -19.03
C5 NAG FA . -6.89 -15.94 -18.56
C6 NAG FA . -7.81 -16.48 -17.46
C7 NAG FA . -2.13 -14.13 -20.35
C8 NAG FA . -1.52 -13.42 -21.57
N2 NAG FA . -3.38 -14.54 -20.50
O3 NAG FA . -3.90 -17.42 -20.33
O4 NAG FA . -6.56 -18.04 -19.72
O5 NAG FA . -6.16 -14.78 -18.01
O6 NAG FA . -8.74 -15.45 -17.07
O7 NAG FA . -1.50 -14.29 -19.30
C1 NAG GA . 17.12 -13.02 -9.90
C2 NAG GA . 18.29 -13.63 -9.09
C3 NAG GA . 19.56 -13.64 -9.95
C4 NAG GA . 19.33 -14.32 -11.30
C5 NAG GA . 18.13 -13.69 -12.04
C6 NAG GA . 17.74 -14.43 -13.33
C7 NAG GA . 17.92 -13.20 -6.71
C8 NAG GA . 18.21 -12.29 -5.51
N2 NAG GA . 18.49 -12.87 -7.86
O3 NAG GA . 20.64 -14.33 -9.26
O4 NAG GA . 20.53 -14.15 -12.09
O5 NAG GA . 16.96 -13.73 -11.17
O6 NAG GA . 18.83 -14.37 -14.26
O7 NAG GA . 17.18 -14.18 -6.61
C1 NAG HA . 50.91 17.37 -8.47
C2 NAG HA . 51.30 15.89 -8.39
C3 NAG HA . 51.82 15.61 -6.97
C4 NAG HA . 52.97 16.54 -6.61
C5 NAG HA . 52.60 18.03 -6.81
C6 NAG HA . 53.78 19.00 -6.64
C7 NAG HA . 49.87 14.69 -9.98
C8 NAG HA . 48.62 13.85 -10.17
N2 NAG HA . 50.16 15.04 -8.73
O3 NAG HA . 52.29 14.24 -6.85
O4 NAG HA . 53.31 16.31 -5.24
O5 NAG HA . 52.07 18.21 -8.17
O6 NAG HA . 54.37 18.85 -5.34
O7 NAG HA . 50.56 15.07 -10.93
C1 NAG IA . 51.46 4.88 -4.73
C2 NAG IA . 52.63 5.66 -4.08
C3 NAG IA . 53.80 4.70 -3.83
C4 NAG IA . 53.37 3.47 -3.04
C5 NAG IA . 52.20 2.76 -3.73
C6 NAG IA . 51.70 1.55 -2.95
C7 NAG IA . 52.80 8.02 -4.77
C8 NAG IA . 53.27 8.98 -5.87
N2 NAG IA . 53.09 6.73 -4.96
O3 NAG IA . 54.88 5.39 -3.12
O4 NAG IA . 54.51 2.58 -2.98
O5 NAG IA . 51.09 3.72 -3.91
O6 NAG IA . 50.56 1.03 -3.64
O7 NAG IA . 52.20 8.39 -3.77
C1 NAG JA . 60.46 13.89 -23.60
C2 NAG JA . 61.57 14.39 -22.64
C3 NAG JA . 61.31 15.86 -22.27
C4 NAG JA . 61.31 16.70 -23.55
C5 NAG JA . 60.25 16.21 -24.55
C6 NAG JA . 60.35 16.88 -25.92
C7 NAG JA . 62.47 12.49 -21.40
C8 NAG JA . 62.47 11.68 -20.09
N2 NAG JA . 61.66 13.55 -21.45
O3 NAG JA . 62.34 16.36 -21.38
O4 NAG JA . 61.00 18.06 -23.16
O5 NAG JA . 60.42 14.75 -24.79
O6 NAG JA . 59.31 16.34 -26.76
O7 NAG JA . 63.15 12.16 -22.36
C1 NAG KA . 36.57 -5.78 -26.49
C2 NAG KA . 35.29 -6.61 -26.28
C3 NAG KA . 35.59 -8.05 -26.72
C4 NAG KA . 36.07 -8.09 -28.17
C5 NAG KA . 37.26 -7.13 -28.43
C6 NAG KA . 37.57 -6.95 -29.93
C7 NAG KA . 33.84 -5.79 -24.49
C8 NAG KA . 33.51 -5.83 -22.99
N2 NAG KA . 34.85 -6.54 -24.90
O3 NAG KA . 34.39 -8.86 -26.59
O4 NAG KA . 36.48 -9.45 -28.45
O5 NAG KA . 36.93 -5.80 -27.90
O6 NAG KA . 37.99 -8.21 -30.47
O7 NAG KA . 33.20 -5.08 -25.27
C1 NAG LA . 31.45 -4.04 -29.01
C2 NAG LA . 30.96 -5.46 -28.76
C3 NAG LA . 32.01 -6.46 -29.25
C4 NAG LA . 32.39 -6.20 -30.71
C5 NAG LA . 32.90 -4.77 -30.87
C6 NAG LA . 33.23 -4.41 -32.31
C7 NAG LA . 29.56 -5.98 -26.82
C8 NAG LA . 29.42 -5.95 -25.29
N2 NAG LA . 30.74 -5.65 -27.33
O3 NAG LA . 31.51 -7.81 -29.11
O4 NAG LA . 33.45 -7.10 -31.06
O5 NAG LA . 31.85 -3.84 -30.40
O6 NAG LA . 33.52 -3.00 -32.34
O7 NAG LA . 28.61 -6.30 -27.55
C1 NAG MA . -35.52 3.82 -9.70
C2 NAG MA . -36.34 3.04 -10.74
C3 NAG MA . -35.94 3.61 -12.10
C4 NAG MA . -36.28 5.11 -12.17
C5 NAG MA . -35.66 5.90 -11.00
C6 NAG MA . -36.16 7.34 -10.88
C7 NAG MA . -36.95 0.75 -10.17
C8 NAG MA . -36.52 -0.73 -10.19
N2 NAG MA . -36.08 1.61 -10.68
O3 NAG MA . -36.65 2.94 -13.18
O4 NAG MA . -35.74 5.62 -13.41
O5 NAG MA . -35.94 5.21 -9.71
O6 NAG MA . -37.54 7.37 -10.53
O7 NAG MA . -38.02 1.11 -9.69
C1 NAG NA . -20.48 -11.93 -5.41
C2 NAG NA . -21.38 -11.40 -6.55
C3 NAG NA . -22.01 -12.53 -7.37
C4 NAG NA . -21.00 -13.62 -7.75
C5 NAG NA . -20.29 -14.15 -6.50
C6 NAG NA . -19.25 -15.22 -6.79
C7 NAG NA . -22.51 -9.26 -6.10
C8 NAG NA . -23.59 -8.57 -5.25
N2 NAG NA . -22.45 -10.58 -5.97
O3 NAG NA . -22.59 -12.00 -8.60
O4 NAG NA . -21.71 -14.70 -8.38
O5 NAG NA . -19.60 -13.00 -5.87
O6 NAG NA . -18.38 -15.35 -5.65
O7 NAG NA . -21.75 -8.63 -6.81
C1 NAG OA . -15.28 9.14 -15.66
C2 NAG OA . -14.84 9.99 -16.88
C3 NAG OA . -15.92 11.01 -17.23
C4 NAG OA . -17.27 10.32 -17.46
C5 NAG OA . -17.69 9.55 -16.21
C6 NAG OA . -18.99 8.74 -16.37
C7 NAG OA . -12.40 10.29 -16.88
C8 NAG OA . -11.25 11.28 -16.60
N2 NAG OA . -13.61 10.72 -16.56
O3 NAG OA . -15.56 11.76 -18.41
O4 NAG OA . -18.23 11.36 -17.75
O5 NAG OA . -16.62 8.58 -15.87
O6 NAG OA . -20.05 9.56 -16.90
O7 NAG OA . -12.20 9.18 -17.37
C1 NAG PA . -13.29 52.72 -2.74
C2 NAG PA . -13.58 52.42 -4.23
C3 NAG PA . -12.34 52.81 -5.03
C4 NAG PA . -11.93 54.28 -4.77
C5 NAG PA . -11.81 54.58 -3.26
C6 NAG PA . -11.63 56.06 -2.94
C7 NAG PA . -15.18 50.56 -4.24
C8 NAG PA . -15.44 49.07 -4.52
N2 NAG PA . -13.94 51.01 -4.41
O3 NAG PA . -12.58 52.65 -6.46
O4 NAG PA . -10.65 54.49 -5.38
O5 NAG PA . -13.06 54.15 -2.61
O6 NAG PA . -10.39 56.52 -3.52
O7 NAG PA . -16.08 51.30 -3.86
C1 NAG QA . -12.01 48.16 -15.06
C2 NAG QA . -11.27 49.51 -15.28
C3 NAG QA . -11.42 49.98 -16.75
C4 NAG QA . -11.08 48.87 -17.75
C5 NAG QA . -11.91 47.62 -17.47
C6 NAG QA . -11.56 46.48 -18.43
C7 NAG QA . -11.31 50.86 -13.24
C8 NAG QA . -12.10 51.87 -12.40
N2 NAG QA . -11.82 50.55 -14.42
O3 NAG QA . -10.57 51.12 -17.02
O4 NAG QA . -11.38 49.37 -19.07
O5 NAG QA . -11.64 47.18 -16.08
O6 NAG QA . -12.46 45.38 -18.19
O7 NAG QA . -10.26 50.36 -12.84
C1 NAG RA . -30.33 58.49 -5.89
C2 NAG RA . -29.63 59.84 -6.18
C3 NAG RA . -28.87 60.32 -4.92
C4 NAG RA . -29.85 60.44 -3.75
C5 NAG RA . -30.53 59.09 -3.47
C6 NAG RA . -31.56 59.20 -2.35
C7 NAG RA . -29.12 59.95 -8.58
C8 NAG RA . -28.03 59.90 -9.64
N2 NAG RA . -28.72 59.74 -7.32
O3 NAG RA . -28.24 61.60 -5.16
O4 NAG RA . -29.10 60.86 -2.60
O5 NAG RA . -31.20 58.61 -4.70
O6 NAG RA . -32.26 57.93 -2.25
O7 NAG RA . -30.30 60.16 -8.86
C1 NAG SA . -32.72 28.82 -12.66
C2 NAG SA . -32.40 27.31 -12.73
C3 NAG SA . -32.98 26.72 -14.02
C4 NAG SA . -34.47 27.03 -14.16
C5 NAG SA . -34.78 28.53 -14.03
C6 NAG SA . -36.28 28.82 -13.96
C7 NAG SA . -30.36 26.47 -11.66
C8 NAG SA . -28.85 26.21 -11.84
N2 NAG SA . -30.96 27.08 -12.68
O3 NAG SA . -32.83 25.28 -14.03
O4 NAG SA . -34.87 26.56 -15.46
O5 NAG SA . -34.18 29.02 -12.77
O6 NAG SA . -36.94 28.30 -15.14
O7 NAG SA . -30.97 26.14 -10.66
C1 NAG TA . -33.91 24.77 -8.41
C2 NAG TA . -33.76 23.71 -9.51
C3 NAG TA . -34.62 24.09 -10.73
C4 NAG TA . -36.06 24.37 -10.30
C5 NAG TA . -36.12 25.48 -9.24
C6 NAG TA . -37.54 25.76 -8.76
C7 NAG TA . -31.73 22.44 -10.03
C8 NAG TA . -30.21 22.51 -10.25
N2 NAG TA . -32.37 23.61 -9.91
O3 NAG TA . -34.61 23.01 -11.69
O4 NAG TA . -36.82 24.81 -11.45
O5 NAG TA . -35.30 25.04 -8.09
O6 NAG TA . -37.48 26.63 -7.62
O7 NAG TA . -32.34 21.38 -9.96
C1 NAG UA . 27.52 66.26 -0.73
C2 NAG UA . 29.00 66.07 -1.14
C3 NAG UA . 29.12 66.28 -2.65
C4 NAG UA . 28.21 65.28 -3.38
C5 NAG UA . 26.74 65.42 -2.94
C6 NAG UA . 25.84 64.32 -3.53
C7 NAG UA . 30.44 66.76 0.72
C8 NAG UA . 31.32 67.85 1.32
N2 NAG UA . 29.84 67.04 -0.44
O3 NAG UA . 30.48 66.10 -3.10
O4 NAG UA . 28.30 65.58 -4.79
O5 NAG UA . 26.68 65.32 -1.47
O6 NAG UA . 24.46 64.62 -3.26
O7 NAG UA . 30.29 65.67 1.27
C1 NAG VA . 7.33 70.33 7.60
C2 NAG VA . 7.65 71.69 6.92
C3 NAG VA . 7.65 71.58 5.40
C4 NAG VA . 8.63 70.48 4.98
C5 NAG VA . 8.19 69.12 5.54
C6 NAG VA . 9.18 68.00 5.24
C7 NAG VA . 6.99 73.58 8.36
C8 NAG VA . 5.95 74.65 8.65
N2 NAG VA . 6.72 72.72 7.37
O3 NAG VA . 8.06 72.82 4.78
O4 NAG VA . 8.63 70.41 3.54
O5 NAG VA . 8.10 69.24 6.99
O6 NAG VA . 9.33 67.80 3.83
O7 NAG VA . 8.05 73.50 8.99
C1 NAG WA . 15.15 58.15 -4.93
C2 NAG WA . 14.13 59.32 -4.88
C3 NAG WA . 12.95 59.04 -5.82
C4 NAG WA . 13.47 58.76 -7.23
C5 NAG WA . 14.55 57.65 -7.28
C6 NAG WA . 15.20 57.52 -8.65
C7 NAG WA . 14.30 60.39 -2.69
C8 NAG WA . 13.59 60.75 -1.39
N2 NAG WA . 13.66 59.56 -3.51
O3 NAG WA . 12.06 60.18 -5.87
O4 NAG WA . 12.34 58.33 -8.03
O5 NAG WA . 15.61 57.98 -6.30
O6 NAG WA . 14.27 56.92 -9.55
O7 NAG WA . 15.40 60.84 -2.98
C1 NAG XA . -2.81 -31.40 19.51
C2 NAG XA . -3.53 -32.76 19.50
C3 NAG XA . -4.93 -32.60 20.10
C4 NAG XA . -4.82 -32.06 21.54
C5 NAG XA . -4.01 -30.76 21.61
C6 NAG XA . -3.69 -30.35 23.05
C7 NAG XA . -2.78 -34.25 17.71
C8 NAG XA . -3.06 -34.83 16.32
N2 NAG XA . -3.62 -33.31 18.16
O3 NAG XA . -5.62 -33.88 20.13
O4 NAG XA . -6.16 -31.80 22.00
O5 NAG XA . -2.73 -30.92 20.89
O6 NAG XA . -2.84 -31.34 23.69
O7 NAG XA . -1.82 -34.61 18.39
C1 NAG YA . -4.29 -23.89 -1.14
C2 NAG YA . -5.24 -24.66 -0.21
C3 NAG YA . -5.96 -25.75 -1.01
C4 NAG YA . -6.66 -25.17 -2.24
C5 NAG YA . -5.67 -24.40 -3.13
C6 NAG YA . -6.33 -23.69 -4.32
C7 NAG YA . -4.37 -24.67 2.08
C8 NAG YA . -3.31 -25.26 3.00
N2 NAG YA . -4.49 -25.25 0.89
O3 NAG YA . -6.95 -26.41 -0.18
O4 NAG YA . -7.21 -26.26 -2.98
O5 NAG YA . -5.01 -23.37 -2.29
O6 NAG YA . -5.36 -22.79 -4.91
O7 NAG YA . -5.05 -23.69 2.40
C1 NAG ZA . -10.63 -10.90 18.14
C2 NAG ZA . -11.65 -10.13 19.00
C3 NAG ZA . -11.50 -10.58 20.46
C4 NAG ZA . -11.77 -12.08 20.56
C5 NAG ZA . -10.85 -12.91 19.63
C6 NAG ZA . -11.31 -14.36 19.46
C7 NAG ZA . -12.20 -7.92 18.13
C8 NAG ZA . -12.04 -6.40 18.29
N2 NAG ZA . -11.43 -8.69 18.89
O3 NAG ZA . -12.43 -9.87 21.31
O4 NAG ZA . -11.53 -12.48 21.93
O5 NAG ZA . -10.85 -12.34 18.27
O6 NAG ZA . -11.43 -15.00 20.74
O7 NAG ZA . -13.01 -8.40 17.34
C1 NAG AB . 9.78 11.48 52.25
C2 NAG AB . 8.83 10.30 52.60
C3 NAG AB . 7.48 10.94 52.95
C4 NAG AB . 7.64 11.93 54.11
C5 NAG AB . 8.71 13.01 53.83
C6 NAG AB . 9.09 13.89 55.04
C7 NAG AB . 8.77 8.07 51.57
C8 NAG AB . 8.72 7.27 50.25
N2 NAG AB . 8.71 9.39 51.45
O3 NAG AB . 6.51 9.93 53.32
O4 NAG AB . 6.35 12.59 54.28
O5 NAG AB . 9.95 12.33 53.41
O6 NAG AB . 7.90 14.38 55.70
O7 NAG AB . 8.86 7.50 52.65
C1 NAG BB . -2.55 8.55 51.05
C2 NAG BB . -2.47 9.77 52.00
C3 NAG BB . -3.60 9.67 53.03
C4 NAG BB . -4.96 9.58 52.33
C5 NAG BB . -4.99 8.40 51.35
C6 NAG BB . -6.31 8.28 50.58
C7 NAG BB . -0.25 10.71 52.45
C8 NAG BB . 1.11 10.47 53.12
N2 NAG BB . -1.19 9.80 52.69
O3 NAG BB . -3.60 10.84 53.90
O4 NAG BB . -5.95 9.37 53.37
O5 NAG BB . -3.86 8.55 50.39
O6 NAG BB . -6.29 7.09 49.80
O7 NAG BB . -0.46 11.69 51.73
C1 NAG CB . 10.97 -2.45 65.52
C2 NAG CB . 10.64 -1.33 66.54
C3 NAG CB . 11.68 -0.22 66.50
C4 NAG CB . 13.09 -0.79 66.68
C5 NAG CB . 13.39 -1.89 65.66
C6 NAG CB . 14.75 -2.56 65.93
C7 NAG CB . 8.20 -1.26 66.85
C8 NAG CB . 6.92 -0.46 66.60
N2 NAG CB . 9.30 -0.76 66.30
O3 NAG CB . 11.43 0.76 67.55
O4 NAG CB . 14.03 0.30 66.50
O5 NAG CB . 12.34 -2.93 65.74
O6 NAG CB . 14.87 -3.69 65.05
O7 NAG CB . 8.21 -2.30 67.49
C1 NAG DB . -0.87 -18.08 41.57
C2 NAG DB . -1.39 -18.36 40.14
C3 NAG DB . -2.65 -19.22 40.27
C4 NAG DB . -2.39 -20.50 41.08
C5 NAG DB . -1.69 -20.23 42.43
C6 NAG DB . -1.16 -21.50 43.09
C7 NAG DB . -1.04 -16.74 38.33
C8 NAG DB . -1.63 -15.52 37.60
N2 NAG DB . -1.68 -17.12 39.42
O3 NAG DB . -3.16 -19.61 38.97
O4 NAG DB . -3.67 -21.12 41.32
O5 NAG DB . -0.53 -19.35 42.20
O6 NAG DB . -2.25 -22.40 43.35
O7 NAG DB . -0.06 -17.34 37.90
C1 NAG EB . 2.70 -20.48 37.48
C2 NAG EB . 1.41 -20.99 36.81
C3 NAG EB . 0.54 -21.74 37.81
C4 NAG EB . 1.35 -22.83 38.53
C5 NAG EB . 2.54 -22.21 39.24
C6 NAG EB . 3.43 -23.24 39.94
C7 NAG EB . 0.11 -19.83 35.09
C8 NAG EB . -0.41 -18.49 34.57
N2 NAG EB . 0.68 -19.84 36.28
O3 NAG EB . -0.58 -22.35 37.14
O4 NAG EB . 0.49 -23.44 39.50
O5 NAG EB . 3.38 -21.54 38.23
O6 NAG EB . 4.62 -22.56 40.37
O7 NAG EB . -0.01 -20.87 34.43
C1 NAG FB . 8.23 52.62 47.64
C2 NAG FB . 7.55 53.71 46.78
C3 NAG FB . 6.05 53.79 47.09
C4 NAG FB . 5.40 52.40 46.94
C5 NAG FB . 6.09 51.34 47.82
C6 NAG FB . 5.57 49.93 47.53
C7 NAG FB . 9.28 55.40 46.36
C8 NAG FB . 9.91 56.72 46.82
N2 NAG FB . 8.19 55.01 47.03
O3 NAG FB . 5.40 54.72 46.19
O4 NAG FB . 4.02 52.51 47.36
O5 NAG FB . 7.54 51.35 47.52
O6 NAG FB . 6.19 48.99 48.42
O7 NAG FB . 9.75 54.72 45.46
C1 NAG GB . 20.89 36.96 56.84
C2 NAG GB . 20.59 37.82 58.09
C3 NAG GB . 19.14 37.61 58.54
C4 NAG GB . 18.18 37.97 57.40
C5 NAG GB . 18.44 37.11 56.16
C6 NAG GB . 17.67 37.62 54.94
C7 NAG GB . 22.70 38.07 59.34
C8 NAG GB . 23.52 37.58 60.56
N2 NAG GB . 21.51 37.49 59.18
O3 NAG GB . 18.83 38.43 59.69
O4 NAG GB . 16.84 37.72 57.86
O5 NAG GB . 19.87 37.18 55.80
O6 NAG GB . 16.26 37.51 55.17
O7 NAG GB . 23.13 38.90 58.56
C1 NAG HB . 4.70 38.31 46.66
C2 NAG HB . 5.12 37.91 48.10
C3 NAG HB . 4.20 36.80 48.60
C4 NAG HB . 2.73 37.23 48.52
C5 NAG HB . 2.33 37.74 47.11
C6 NAG HB . 0.96 38.43 47.06
C7 NAG HB . 7.51 38.26 48.57
C8 NAG HB . 8.91 37.66 48.53
N2 NAG HB . 6.53 37.49 48.11
O3 NAG HB . 4.52 36.46 49.98
O4 NAG HB . 1.92 36.07 48.83
O5 NAG HB . 3.31 38.74 46.66
O6 NAG HB . -0.08 37.51 47.45
O7 NAG HB . 7.30 39.39 48.98
#